data_5VTA
#
_entry.id   5VTA
#
_cell.length_a   120.325
_cell.length_b   123.229
_cell.length_c   129.018
_cell.angle_alpha   62.340
_cell.angle_beta   77.210
_cell.angle_gamma   75.910
#
_symmetry.space_group_name_H-M   'P 1'
#
loop_
_entity.id
_entity.type
_entity.pdbx_description
1 polymer 'Dipeptidyl peptidase 4'
2 polymer 'Fab light chain'
3 polymer 'Fab heavy chain'
4 non-polymer 2-acetamido-2-deoxy-beta-D-glucopyranose
5 non-polymer 'TETRAETHYLENE GLYCOL'
6 non-polymer DI(HYDROXYETHYL)ETHER
7 non-polymer 1,2-ETHANEDIOL
8 non-polymer 2-{4-[(3R)-3-amino-4-(2,4,5-trifluorophenyl)butanoyl]piperazin-1-yl}-N-(22-oxo-3,6,9,12,15,18-hexaoxa-21-azatricosan-1-yl)acetamide
9 water water
#
loop_
_entity_poly.entity_id
_entity_poly.type
_entity_poly.pdbx_seq_one_letter_code
_entity_poly.pdbx_strand_id
1 'polypeptide(L)'
;SRRTYTLADYLKNTFRVKSYSLRWVSDSEYLYKQENNILLFNAEHGNSSIFLENSTFEIFGDSISDYSVSPDRLFVLLEY
NYVKQWRHSYTASYSIYDLNKRQLITEEKIPNNTQWITWSQEGHKLAYVWKNDIYVKIEPHLPSHRITSTGKENVIFNGI
NDWVYEEEIFGAYSALWWSPNGTFLAYAQFNDTGVPLIEYSFYSDESLQYPKTVWIPYPKAGAVNPTVKFFIVNTDSLSS
TTTTIPMQITAPASVTTGDHYLCDVAWVSEDRISLQWLRRIQNYSVMAICDYDKTTLVWNCPTTQEHIETSATGWCGRFR
PAEPHFTSDGSSFYKIVSDKDGYKHICQFQKDRKPEQVCTFITKGAWEVISIEALTSDYLYYISNEYKEMPGGRNLYKIQ
LTDHTNKKCLSCDLNPERCQYYSVSLSKEAKYYQLGCRGPGLPLYTLHRSTDQKELRVLEDNSALDKMLQDVQMPSKKLD
FIVLNETRFWYQMILPPHFDKSKKYPLLIDVYAGPCSQKADAAFRLNWATYLASTENIIVASFDGRGSGYQGDKIMHAIN
KRLGTLEVEDQIEAARQFLKMGFVDSKRVAIWGWSYGGYVTSMVLGSGSGVFKCGIAVAPVSRWEYYDSVYTERYMGLPT
PEDNLDHYRNSTVMSRAENFKQVEYLLIHGTADDNVHFQQSAQISKALVDAGVDFQAMWYTDEDHGIASSTAHQHIYSHM
SHFLQQCFSLRHHHHHHHH
;
A,B,C,D
2 'polypeptide(L)'
;QIVLSQSPAILSASPGEKVTMTCRASSSVCNMHWYQQKPGSSPKPWLHGTSNLASGVPVRFSGSGSGTSFSLTISRVEAE
DAATYFCQQWSNHPPTFGGGTKLEIDRTVAAPSVFIFPPSDEQLKSGTASVVCLLNNFYPREAKVQWKVDNALQSGNSQE
SVTEQDSKDSTYSLSSTLTLSKADYEKHKVYACEVTHQGLSSPVTKSFNRGEC
;
L,E,G,J
3 'polypeptide(L)'
;EFQLQQSGPELVKPGASVKISCKASGYSFTDYNINWMKQSNGKSLEWIGVVIPKYGTTNYNQKFQGKATLTVDQSSSTAY
IQLNSLTSEDSAVYYCTRFRVFFDVWGTGTTVTVSSASTKGPSVFPLAPSSKSTSGGTAALGCLVKDYFPEPVTVSWNSG
ALTSGVHTFPAVLQSSGLYSLSSVVTVPSSSLGTQTYICNVNHKPSNTKVDKKVEPK
;
H,F,I,K
#
# COMPACT_ATOMS: atom_id res chain seq x y z
N ARG A 3 19.37 -50.65 -26.71
CA ARG A 3 20.78 -50.23 -27.03
C ARG A 3 20.80 -48.86 -27.75
N THR A 4 21.26 -47.83 -27.05
CA THR A 4 21.30 -46.45 -27.59
C THR A 4 22.73 -45.89 -27.58
N TYR A 5 23.07 -45.07 -28.59
CA TYR A 5 24.37 -44.39 -28.64
C TYR A 5 24.56 -43.54 -27.38
N THR A 6 25.39 -44.01 -26.45
CA THR A 6 25.54 -43.39 -25.12
C THR A 6 26.63 -42.35 -25.08
N LEU A 7 26.59 -41.53 -24.02
CA LEU A 7 27.66 -40.56 -23.74
C LEU A 7 28.99 -41.26 -23.75
N ALA A 8 29.04 -42.40 -23.08
CA ALA A 8 30.23 -43.24 -23.04
C ALA A 8 30.72 -43.57 -24.45
N ASP A 9 29.80 -43.86 -25.37
CA ASP A 9 30.18 -44.20 -26.74
C ASP A 9 30.80 -43.04 -27.47
N TYR A 10 30.16 -41.87 -27.39
CA TYR A 10 30.75 -40.64 -27.92
C TYR A 10 32.17 -40.49 -27.38
N LEU A 11 32.30 -40.50 -26.04
CA LEU A 11 33.53 -40.14 -25.36
C LEU A 11 34.67 -41.12 -25.54
N LYS A 12 34.36 -42.41 -25.53
CA LYS A 12 35.35 -43.50 -25.73
C LYS A 12 35.58 -43.91 -27.22
N ASN A 13 34.86 -43.29 -28.15
CA ASN A 13 35.01 -43.55 -29.59
C ASN A 13 34.77 -45.04 -29.95
N THR A 14 33.75 -45.67 -29.35
CA THR A 14 33.51 -47.11 -29.54
C THR A 14 33.07 -47.37 -30.95
N PHE A 15 32.19 -46.53 -31.46
CA PHE A 15 31.82 -46.56 -32.87
C PHE A 15 32.77 -45.62 -33.59
N ARG A 16 33.66 -46.19 -34.38
CA ARG A 16 34.73 -45.46 -35.07
C ARG A 16 34.37 -45.28 -36.55
N VAL A 17 34.34 -44.03 -37.01
CA VAL A 17 34.00 -43.68 -38.38
C VAL A 17 35.33 -43.62 -39.10
N LYS A 18 35.63 -44.62 -39.91
CA LYS A 18 36.93 -44.68 -40.60
C LYS A 18 36.90 -43.82 -41.86
N SER A 19 38.04 -43.19 -42.18
CA SER A 19 38.23 -42.48 -43.45
C SER A 19 39.49 -43.02 -44.12
N TYR A 20 39.75 -42.66 -45.39
CA TYR A 20 40.93 -43.22 -46.12
C TYR A 20 41.93 -42.12 -46.51
N SER A 21 43.02 -41.99 -45.75
CA SER A 21 44.09 -41.00 -46.02
C SER A 21 45.11 -41.56 -47.01
N LEU A 22 45.26 -40.89 -48.16
CA LEU A 22 46.32 -41.22 -49.12
C LEU A 22 47.03 -39.94 -49.54
N ARG A 23 48.32 -40.07 -49.87
CA ARG A 23 49.15 -38.95 -50.36
C ARG A 23 49.65 -39.22 -51.78
N TRP A 24 49.18 -38.47 -52.77
CA TRP A 24 49.71 -38.63 -54.14
C TRP A 24 51.23 -38.28 -54.23
N VAL A 25 52.03 -39.25 -54.69
CA VAL A 25 53.49 -39.11 -54.91
C VAL A 25 53.88 -39.05 -56.39
N SER A 26 52.89 -39.20 -57.27
CA SER A 26 53.07 -39.13 -58.73
C SER A 26 51.67 -39.07 -59.38
N ASP A 27 51.62 -39.11 -60.71
CA ASP A 27 50.33 -39.09 -61.42
C ASP A 27 49.57 -40.42 -61.37
N SER A 28 50.26 -41.51 -61.09
CA SER A 28 49.61 -42.82 -60.97
C SER A 28 49.73 -43.50 -59.59
N GLU A 29 50.53 -42.95 -58.67
CA GLU A 29 50.81 -43.62 -57.38
C GLU A 29 50.55 -42.76 -56.14
N TYR A 30 50.06 -43.41 -55.09
CA TYR A 30 49.81 -42.80 -53.80
C TYR A 30 50.36 -43.66 -52.67
N LEU A 31 50.75 -43.01 -51.57
CA LEU A 31 51.18 -43.71 -50.33
C LEU A 31 49.98 -43.79 -49.41
N TYR A 32 49.67 -44.99 -48.95
CA TYR A 32 48.57 -45.25 -48.01
C TYR A 32 49.22 -45.94 -46.85
N LYS A 33 48.60 -45.87 -45.67
CA LYS A 33 49.12 -46.54 -44.47
C LYS A 33 48.22 -47.74 -44.11
N GLN A 34 48.85 -48.86 -43.77
CA GLN A 34 48.16 -50.10 -43.43
C GLN A 34 48.91 -50.80 -42.29
N GLU A 35 48.20 -51.12 -41.21
CA GLU A 35 48.79 -51.77 -40.02
C GLU A 35 50.12 -51.09 -39.59
N ASN A 36 50.16 -49.76 -39.76
CA ASN A 36 51.32 -48.90 -39.45
C ASN A 36 52.54 -48.95 -40.41
N ASN A 37 52.37 -49.55 -41.59
CA ASN A 37 53.43 -49.63 -42.59
C ASN A 37 53.04 -48.74 -43.74
N ILE A 38 53.96 -47.91 -44.20
CA ILE A 38 53.66 -47.05 -45.34
C ILE A 38 53.84 -47.97 -46.56
N LEU A 39 52.78 -48.12 -47.37
CA LEU A 39 52.76 -48.92 -48.60
C LEU A 39 52.58 -48.01 -49.80
N LEU A 40 53.09 -48.43 -50.97
CA LEU A 40 52.98 -47.67 -52.22
C LEU A 40 52.09 -48.42 -53.20
N PHE A 41 51.00 -47.81 -53.63
CA PHE A 41 50.07 -48.45 -54.55
C PHE A 41 50.03 -47.73 -55.89
N ASN A 42 50.15 -48.49 -56.97
CA ASN A 42 50.04 -47.94 -58.32
C ASN A 42 48.63 -48.13 -58.87
N ALA A 43 47.94 -47.02 -59.12
CA ALA A 43 46.57 -47.03 -59.64
C ALA A 43 46.44 -47.50 -61.10
N GLU A 44 47.45 -47.22 -61.92
CA GLU A 44 47.47 -47.65 -63.33
C GLU A 44 47.36 -49.17 -63.48
N HIS A 45 48.12 -49.91 -62.67
CA HIS A 45 48.00 -51.37 -62.57
C HIS A 45 47.19 -51.68 -61.29
N GLY A 46 47.33 -52.86 -60.70
CA GLY A 46 46.65 -53.15 -59.41
C GLY A 46 47.60 -53.37 -58.24
N ASN A 47 48.90 -53.13 -58.44
CA ASN A 47 49.89 -53.64 -57.49
C ASN A 47 50.26 -52.69 -56.36
N SER A 48 50.63 -53.30 -55.25
CA SER A 48 51.02 -52.63 -54.02
C SER A 48 52.38 -53.17 -53.63
N SER A 49 53.25 -52.28 -53.16
CA SER A 49 54.57 -52.63 -52.63
C SER A 49 54.68 -52.08 -51.21
N ILE A 50 55.81 -52.31 -50.55
CA ILE A 50 56.03 -51.82 -49.19
C ILE A 50 57.04 -50.67 -49.29
N PHE A 51 56.66 -49.47 -48.83
CA PHE A 51 57.53 -48.27 -48.92
C PHE A 51 58.44 -48.10 -47.70
N LEU A 52 57.82 -48.08 -46.52
CA LEU A 52 58.52 -47.93 -45.25
C LEU A 52 57.85 -48.79 -44.16
N GLU A 53 58.59 -49.75 -43.61
CA GLU A 53 58.03 -50.73 -42.66
C GLU A 53 57.94 -50.11 -41.27
N ASN A 54 57.04 -50.63 -40.43
CA ASN A 54 56.83 -50.02 -39.11
C ASN A 54 58.06 -50.10 -38.18
N SER A 55 58.90 -51.10 -38.38
CA SER A 55 60.14 -51.23 -37.63
C SER A 55 61.00 -49.96 -37.69
N THR A 56 61.10 -49.35 -38.87
CA THR A 56 61.87 -48.11 -39.02
C THR A 56 61.30 -46.95 -38.18
N PHE A 57 59.96 -46.87 -38.07
CA PHE A 57 59.33 -45.93 -37.14
C PHE A 57 59.66 -46.31 -35.69
N GLU A 58 59.62 -47.61 -35.38
CA GLU A 58 59.90 -48.09 -34.00
C GLU A 58 61.35 -47.85 -33.50
N ILE A 59 62.29 -47.52 -34.39
CA ILE A 59 63.62 -47.11 -33.91
C ILE A 59 63.51 -45.86 -33.02
N PHE A 60 62.48 -45.02 -33.25
CA PHE A 60 62.09 -43.91 -32.36
C PHE A 60 60.86 -44.28 -31.54
N GLY A 61 60.76 -45.52 -31.05
CA GLY A 61 59.59 -45.97 -30.26
C GLY A 61 58.19 -45.54 -30.70
N ASP A 62 57.54 -44.73 -29.88
CA ASP A 62 56.21 -44.18 -30.17
C ASP A 62 56.22 -42.64 -30.23
N SER A 63 57.41 -42.05 -30.32
CA SER A 63 57.53 -40.59 -30.40
C SER A 63 57.23 -39.99 -31.76
N ILE A 64 57.06 -40.81 -32.79
CA ILE A 64 56.86 -40.34 -34.15
C ILE A 64 55.44 -39.85 -34.29
N SER A 65 55.27 -38.58 -34.67
CA SER A 65 53.94 -38.03 -35.00
C SER A 65 53.64 -37.96 -36.52
N ASP A 66 54.68 -37.84 -37.36
CA ASP A 66 54.51 -37.81 -38.82
C ASP A 66 55.81 -38.15 -39.58
N TYR A 67 55.65 -38.43 -40.88
CA TYR A 67 56.73 -38.66 -41.84
C TYR A 67 56.45 -37.74 -43.04
N SER A 68 57.45 -37.45 -43.86
CA SER A 68 57.25 -36.68 -45.10
C SER A 68 58.35 -37.02 -46.12
N VAL A 69 57.94 -37.39 -47.33
CA VAL A 69 58.85 -38.00 -48.30
C VAL A 69 59.33 -36.93 -49.31
N SER A 70 60.54 -37.09 -49.85
CA SER A 70 61.03 -36.18 -50.93
C SER A 70 60.31 -36.53 -52.23
N PRO A 71 59.97 -35.52 -53.05
CA PRO A 71 59.28 -35.82 -54.31
C PRO A 71 59.99 -36.87 -55.20
N ASP A 72 61.32 -36.84 -55.23
CA ASP A 72 62.14 -37.84 -55.95
C ASP A 72 62.29 -39.24 -55.29
N ARG A 73 61.87 -39.35 -54.03
CA ARG A 73 61.78 -40.62 -53.24
C ARG A 73 63.08 -41.26 -52.68
N LEU A 74 64.11 -40.44 -52.47
CA LEU A 74 65.41 -40.88 -51.92
C LEU A 74 65.57 -40.73 -50.38
N PHE A 75 64.84 -39.78 -49.78
CA PHE A 75 64.94 -39.43 -48.33
C PHE A 75 63.56 -39.18 -47.71
N VAL A 76 63.44 -39.49 -46.40
CA VAL A 76 62.21 -39.28 -45.61
C VAL A 76 62.55 -38.52 -44.32
N LEU A 77 61.75 -37.50 -44.00
CA LEU A 77 61.81 -36.81 -42.71
C LEU A 77 60.93 -37.55 -41.73
N LEU A 78 61.53 -38.19 -40.73
CA LEU A 78 60.77 -38.73 -39.61
C LEU A 78 60.66 -37.59 -38.60
N GLU A 79 59.42 -37.26 -38.22
CA GLU A 79 59.09 -36.22 -37.20
C GLU A 79 58.72 -36.89 -35.87
N TYR A 80 59.39 -36.49 -34.79
CA TYR A 80 59.18 -37.05 -33.47
C TYR A 80 59.15 -35.91 -32.44
N ASN A 81 58.64 -36.19 -31.25
CA ASN A 81 58.61 -35.21 -30.16
C ASN A 81 57.80 -33.96 -30.50
N TYR A 82 56.57 -34.18 -30.94
CA TYR A 82 55.64 -33.09 -31.30
C TYR A 82 55.09 -32.44 -30.03
N VAL A 83 55.26 -31.12 -29.96
CA VAL A 83 54.67 -30.31 -28.92
C VAL A 83 53.89 -29.17 -29.57
N LYS A 84 52.59 -29.19 -29.34
CA LYS A 84 51.69 -28.21 -29.89
C LYS A 84 51.90 -26.79 -29.34
N GLN A 85 51.57 -25.81 -30.18
CA GLN A 85 51.56 -24.41 -29.80
C GLN A 85 50.12 -23.93 -29.95
N TRP A 86 49.74 -23.34 -31.10
CA TRP A 86 48.37 -22.84 -31.35
C TRP A 86 47.61 -23.80 -32.29
N ARG A 87 46.63 -23.29 -33.03
CA ARG A 87 45.74 -24.12 -33.89
C ARG A 87 46.49 -24.96 -34.93
N HIS A 88 47.45 -24.34 -35.63
CA HIS A 88 48.33 -25.05 -36.56
C HIS A 88 49.76 -25.22 -36.09
N SER A 89 50.24 -24.31 -35.27
CA SER A 89 51.66 -24.25 -34.89
C SER A 89 52.09 -25.27 -33.84
N TYR A 90 53.36 -25.65 -33.95
CA TYR A 90 54.01 -26.63 -33.07
C TYR A 90 55.52 -26.65 -33.36
N THR A 91 56.32 -27.09 -32.38
CA THR A 91 57.73 -27.39 -32.59
C THR A 91 57.89 -28.90 -32.46
N ALA A 92 58.88 -29.45 -33.17
CA ALA A 92 59.18 -30.88 -33.24
C ALA A 92 60.67 -31.07 -33.58
N SER A 93 61.21 -32.26 -33.30
CA SER A 93 62.55 -32.69 -33.73
C SER A 93 62.39 -33.58 -34.96
N TYR A 94 63.34 -33.47 -35.88
CA TYR A 94 63.30 -34.20 -37.14
C TYR A 94 64.62 -34.94 -37.29
N SER A 95 64.58 -36.11 -37.96
CA SER A 95 65.79 -36.81 -38.43
C SER A 95 65.50 -37.41 -39.82
N ILE A 96 66.48 -37.35 -40.74
CA ILE A 96 66.29 -37.76 -42.14
C ILE A 96 66.72 -39.24 -42.33
N TYR A 97 65.74 -40.13 -42.61
CA TYR A 97 66.03 -41.54 -42.99
C TYR A 97 66.29 -41.58 -44.47
N ASP A 98 67.44 -42.14 -44.86
CA ASP A 98 67.85 -42.28 -46.27
C ASP A 98 67.43 -43.67 -46.75
N LEU A 99 66.42 -43.74 -47.62
CA LEU A 99 65.78 -45.02 -48.00
C LEU A 99 66.75 -46.03 -48.66
N ASN A 100 67.46 -45.58 -49.71
CA ASN A 100 68.51 -46.34 -50.41
C ASN A 100 69.46 -47.06 -49.42
N LYS A 101 70.14 -46.27 -48.58
CA LYS A 101 71.15 -46.73 -47.58
C LYS A 101 70.55 -47.55 -46.40
N ARG A 102 69.28 -47.26 -46.06
CA ARG A 102 68.57 -47.80 -44.88
C ARG A 102 69.21 -47.47 -43.51
N GLN A 103 69.68 -46.22 -43.35
CA GLN A 103 70.35 -45.71 -42.12
C GLN A 103 69.94 -44.24 -41.82
N LEU A 104 69.88 -43.85 -40.55
CA LEU A 104 69.70 -42.40 -40.23
C LEU A 104 70.91 -41.59 -40.70
N ILE A 105 70.64 -40.45 -41.34
CA ILE A 105 71.68 -39.47 -41.67
C ILE A 105 72.08 -38.74 -40.40
N THR A 106 73.22 -39.10 -39.83
CA THR A 106 73.65 -38.55 -38.55
C THR A 106 74.56 -37.30 -38.64
N GLU A 107 74.87 -36.81 -39.83
CA GLU A 107 75.79 -35.67 -39.98
C GLU A 107 75.00 -34.38 -40.27
N GLU A 108 75.32 -33.30 -39.58
CA GLU A 108 74.59 -32.02 -39.71
C GLU A 108 73.07 -32.19 -39.66
N LYS A 109 72.57 -32.49 -38.47
CA LYS A 109 71.20 -32.97 -38.29
C LYS A 109 70.26 -31.78 -38.13
N ILE A 110 68.96 -32.00 -38.34
CA ILE A 110 67.96 -30.90 -38.24
C ILE A 110 67.84 -30.57 -36.75
N PRO A 111 67.94 -29.26 -36.36
CA PRO A 111 67.97 -28.93 -34.91
C PRO A 111 66.69 -29.30 -34.17
N ASN A 112 66.78 -29.46 -32.85
CA ASN A 112 65.56 -29.70 -32.06
C ASN A 112 64.75 -28.39 -31.95
N ASN A 113 63.51 -28.50 -31.47
CA ASN A 113 62.59 -27.36 -31.47
C ASN A 113 62.44 -26.66 -32.83
N THR A 114 62.43 -27.42 -33.92
CA THR A 114 62.24 -26.84 -35.24
C THR A 114 60.73 -26.53 -35.42
N GLN A 115 60.44 -25.29 -35.81
CA GLN A 115 59.09 -24.72 -35.93
C GLN A 115 58.35 -25.09 -37.22
N TRP A 116 59.07 -25.20 -38.33
CA TRP A 116 58.48 -25.62 -39.58
C TRP A 116 59.56 -26.09 -40.58
N ILE A 117 59.53 -27.36 -40.99
CA ILE A 117 60.35 -27.92 -42.09
C ILE A 117 59.49 -28.43 -43.31
N THR A 118 59.93 -28.14 -44.54
CA THR A 118 59.25 -28.62 -45.77
C THR A 118 60.26 -28.85 -46.90
N TRP A 119 60.03 -29.88 -47.72
CA TRP A 119 60.90 -30.13 -48.90
C TRP A 119 60.55 -29.20 -50.10
N SER A 120 61.41 -29.17 -51.11
CA SER A 120 61.08 -28.50 -52.39
C SER A 120 59.97 -29.27 -53.13
N GLN A 121 59.29 -28.61 -54.05
CA GLN A 121 58.16 -29.23 -54.77
C GLN A 121 58.56 -30.46 -55.62
N GLU A 122 59.78 -30.41 -56.16
CA GLU A 122 60.52 -31.51 -56.82
C GLU A 122 61.78 -31.87 -55.99
N GLY A 123 62.40 -33.01 -56.27
CA GLY A 123 63.72 -33.31 -55.71
C GLY A 123 63.74 -33.57 -54.20
N HIS A 124 64.82 -33.13 -53.55
CA HIS A 124 65.09 -33.36 -52.08
C HIS A 124 65.78 -32.17 -51.31
N LYS A 125 65.61 -30.94 -51.79
CA LYS A 125 66.13 -29.77 -51.05
C LYS A 125 65.20 -29.50 -49.85
N LEU A 126 65.80 -29.19 -48.69
CA LEU A 126 65.04 -28.85 -47.47
C LEU A 126 65.10 -27.35 -47.15
N ALA A 127 63.99 -26.77 -46.68
CA ALA A 127 63.98 -25.44 -46.03
C ALA A 127 63.34 -25.61 -44.63
N TYR A 128 64.01 -25.12 -43.57
CA TYR A 128 63.44 -25.17 -42.19
C TYR A 128 63.38 -23.77 -41.52
N VAL A 129 62.54 -23.64 -40.47
CA VAL A 129 62.46 -22.43 -39.60
C VAL A 129 62.88 -22.86 -38.19
N TRP A 130 63.82 -22.14 -37.58
CA TRP A 130 64.31 -22.47 -36.22
C TRP A 130 64.70 -21.19 -35.53
N LYS A 131 64.22 -21.01 -34.29
CA LYS A 131 64.31 -19.73 -33.58
C LYS A 131 64.06 -18.56 -34.54
N ASN A 132 62.95 -18.67 -35.26
CA ASN A 132 62.38 -17.59 -36.07
C ASN A 132 63.18 -17.17 -37.34
N ASP A 133 64.21 -17.94 -37.69
CA ASP A 133 65.08 -17.68 -38.85
C ASP A 133 64.91 -18.85 -39.85
N ILE A 134 64.95 -18.54 -41.15
CA ILE A 134 64.84 -19.55 -42.21
C ILE A 134 66.24 -20.06 -42.53
N TYR A 135 66.39 -21.39 -42.57
CA TYR A 135 67.60 -22.06 -43.01
C TYR A 135 67.19 -22.95 -44.23
N VAL A 136 68.18 -23.43 -45.00
CA VAL A 136 67.99 -24.27 -46.22
C VAL A 136 69.14 -25.25 -46.44
N LYS A 137 68.87 -26.55 -46.53
CA LYS A 137 69.92 -27.53 -46.83
C LYS A 137 69.76 -28.05 -48.27
N ILE A 138 70.79 -27.89 -49.11
CA ILE A 138 70.69 -28.32 -50.53
C ILE A 138 70.55 -29.85 -50.64
N GLU A 139 71.33 -30.58 -49.85
CA GLU A 139 71.21 -32.03 -49.71
C GLU A 139 71.17 -32.29 -48.19
N PRO A 140 70.54 -33.42 -47.76
CA PRO A 140 70.54 -33.80 -46.34
C PRO A 140 71.90 -33.83 -45.64
N HIS A 141 72.92 -34.42 -46.26
CA HIS A 141 74.25 -34.49 -45.62
C HIS A 141 74.93 -33.11 -45.49
N LEU A 142 74.77 -32.25 -46.51
CA LEU A 142 75.39 -30.90 -46.52
C LEU A 142 75.01 -30.08 -45.28
N PRO A 143 75.90 -29.16 -44.85
CA PRO A 143 75.58 -28.33 -43.70
C PRO A 143 74.54 -27.27 -44.10
N SER A 144 73.71 -26.87 -43.15
CA SER A 144 72.64 -25.90 -43.41
C SER A 144 73.14 -24.48 -43.79
N HIS A 145 72.31 -23.72 -44.52
CA HIS A 145 72.60 -22.36 -44.98
C HIS A 145 71.60 -21.40 -44.35
N ARG A 146 72.05 -20.44 -43.54
CA ARG A 146 71.13 -19.54 -42.82
C ARG A 146 70.67 -18.42 -43.76
N ILE A 147 69.40 -18.48 -44.19
CA ILE A 147 68.84 -17.49 -45.12
C ILE A 147 68.69 -16.12 -44.46
N THR A 148 68.03 -16.08 -43.30
CA THR A 148 67.80 -14.82 -42.54
C THR A 148 68.37 -14.89 -41.14
N SER A 149 68.69 -13.73 -40.56
CA SER A 149 69.15 -13.64 -39.15
C SER A 149 68.45 -12.56 -38.29
N THR A 150 67.30 -12.05 -38.74
CA THR A 150 66.50 -11.06 -38.01
C THR A 150 65.54 -11.67 -36.96
N GLY A 151 65.62 -12.98 -36.73
CA GLY A 151 64.61 -13.68 -35.94
C GLY A 151 64.70 -13.35 -34.46
N LYS A 152 63.53 -13.11 -33.85
CA LYS A 152 63.37 -12.96 -32.40
C LYS A 152 62.07 -13.62 -31.93
N GLU A 153 62.09 -14.19 -30.73
CA GLU A 153 60.91 -14.80 -30.10
C GLU A 153 59.84 -13.71 -29.91
N ASN A 154 58.66 -13.95 -30.49
CA ASN A 154 57.48 -13.08 -30.34
C ASN A 154 57.58 -11.66 -30.90
N VAL A 155 58.60 -11.36 -31.70
CA VAL A 155 58.78 -10.00 -32.26
C VAL A 155 58.95 -10.02 -33.79
N ILE A 156 59.89 -10.82 -34.29
CA ILE A 156 60.15 -10.94 -35.75
C ILE A 156 60.07 -12.38 -36.21
N PHE A 157 59.18 -12.63 -37.16
CA PHE A 157 58.87 -13.97 -37.66
C PHE A 157 59.25 -14.05 -39.14
N ASN A 158 60.15 -14.94 -39.50
CA ASN A 158 60.45 -15.27 -40.91
C ASN A 158 60.00 -16.67 -41.23
N GLY A 159 59.29 -16.85 -42.33
CA GLY A 159 58.91 -18.20 -42.76
C GLY A 159 57.78 -18.81 -41.93
N ILE A 160 57.63 -18.36 -40.68
CA ILE A 160 56.52 -18.73 -39.78
C ILE A 160 55.66 -17.49 -39.62
N ASN A 161 54.42 -17.71 -39.14
CA ASN A 161 53.35 -16.70 -39.03
C ASN A 161 53.18 -16.17 -37.61
N ASP A 162 52.59 -14.98 -37.51
CA ASP A 162 52.15 -14.36 -36.23
C ASP A 162 50.91 -15.08 -35.67
N TRP A 163 50.56 -14.86 -34.41
CA TRP A 163 49.32 -15.43 -33.89
C TRP A 163 48.11 -15.17 -34.79
N VAL A 164 47.93 -13.93 -35.23
CA VAL A 164 46.73 -13.51 -36.01
C VAL A 164 46.81 -13.88 -37.51
N TYR A 165 48.02 -13.94 -38.08
CA TYR A 165 48.17 -14.40 -39.46
C TYR A 165 47.89 -15.89 -39.54
N GLU A 166 48.48 -16.66 -38.64
CA GLU A 166 48.23 -18.09 -38.54
C GLU A 166 46.75 -18.35 -38.43
N GLU A 167 46.13 -17.74 -37.44
CA GLU A 167 44.75 -18.03 -37.11
C GLU A 167 43.82 -17.61 -38.22
N GLU A 168 43.98 -16.35 -38.68
CA GLU A 168 42.93 -15.63 -39.44
C GLU A 168 43.09 -15.41 -40.93
N ILE A 169 44.30 -15.56 -41.45
CA ILE A 169 44.54 -15.38 -42.87
C ILE A 169 45.07 -16.63 -43.58
N PHE A 170 46.06 -17.32 -43.05
CA PHE A 170 46.68 -18.43 -43.78
C PHE A 170 46.20 -19.84 -43.39
N GLY A 171 45.78 -20.00 -42.15
CA GLY A 171 45.39 -21.28 -41.62
C GLY A 171 46.58 -22.21 -41.49
N ALA A 172 47.74 -21.67 -41.13
CA ALA A 172 48.98 -22.45 -41.05
C ALA A 172 50.11 -21.69 -40.38
N TYR A 173 51.04 -22.40 -39.77
CA TYR A 173 52.24 -21.78 -39.23
C TYR A 173 53.16 -21.32 -40.37
N SER A 174 53.12 -22.04 -41.49
CA SER A 174 54.00 -21.73 -42.63
C SER A 174 53.66 -20.43 -43.34
N ALA A 175 54.67 -19.58 -43.42
CA ALA A 175 54.74 -18.48 -44.38
C ALA A 175 56.06 -18.54 -45.21
N LEU A 176 56.49 -19.76 -45.60
CA LEU A 176 57.50 -19.94 -46.66
C LEU A 176 57.06 -20.94 -47.77
N TRP A 177 57.24 -20.53 -49.02
CA TRP A 177 56.80 -21.25 -50.22
C TRP A 177 57.95 -21.47 -51.20
N TRP A 178 58.21 -22.73 -51.52
CA TRP A 178 59.26 -23.12 -52.48
C TRP A 178 58.80 -22.81 -53.91
N SER A 179 59.76 -22.53 -54.78
CA SER A 179 59.53 -22.37 -56.22
C SER A 179 59.15 -23.72 -56.89
N PRO A 180 58.52 -23.67 -58.08
CA PRO A 180 58.18 -24.91 -58.74
C PRO A 180 59.35 -25.85 -59.03
N ASN A 181 60.51 -25.31 -59.43
CA ASN A 181 61.67 -26.17 -59.69
C ASN A 181 62.83 -25.91 -58.73
N GLY A 182 62.56 -25.20 -57.63
CA GLY A 182 63.54 -25.04 -56.55
C GLY A 182 64.59 -23.95 -56.68
N THR A 183 64.42 -23.02 -57.63
CA THR A 183 65.41 -21.94 -57.80
C THR A 183 65.34 -20.93 -56.65
N PHE A 184 64.13 -20.53 -56.32
CA PHE A 184 63.87 -19.49 -55.33
C PHE A 184 63.11 -20.00 -54.10
N LEU A 185 63.26 -19.28 -52.98
CA LEU A 185 62.49 -19.55 -51.75
C LEU A 185 61.78 -18.28 -51.32
N ALA A 186 60.50 -18.15 -51.66
CA ALA A 186 59.70 -17.02 -51.21
C ALA A 186 59.28 -17.24 -49.77
N TYR A 187 59.16 -16.13 -49.02
CA TYR A 187 58.77 -16.13 -47.61
C TYR A 187 58.27 -14.77 -47.14
N ALA A 188 57.44 -14.75 -46.10
CA ALA A 188 56.96 -13.49 -45.50
C ALA A 188 57.63 -13.23 -44.16
N GLN A 189 57.81 -11.95 -43.82
CA GLN A 189 58.37 -11.51 -42.55
C GLN A 189 57.31 -10.68 -41.89
N PHE A 190 57.09 -10.91 -40.59
CA PHE A 190 56.10 -10.15 -39.82
C PHE A 190 56.79 -9.48 -38.61
N ASN A 191 56.54 -8.20 -38.41
CA ASN A 191 57.13 -7.41 -37.32
C ASN A 191 56.03 -7.18 -36.31
N ASP A 192 56.26 -7.55 -35.06
CA ASP A 192 55.21 -7.48 -34.03
C ASP A 192 55.44 -6.39 -32.99
N THR A 193 56.53 -5.65 -33.13
CA THR A 193 56.83 -4.51 -32.28
C THR A 193 55.64 -3.58 -32.28
N GLY A 194 55.11 -3.33 -31.09
CA GLY A 194 53.96 -2.43 -30.94
C GLY A 194 52.61 -3.10 -30.84
N VAL A 195 52.53 -4.40 -31.11
CA VAL A 195 51.25 -5.11 -31.02
C VAL A 195 51.13 -5.44 -29.57
N PRO A 196 50.00 -5.04 -28.93
CA PRO A 196 49.85 -5.27 -27.47
C PRO A 196 49.72 -6.74 -27.10
N LEU A 197 50.14 -7.05 -25.88
CA LEU A 197 50.17 -8.42 -25.38
C LEU A 197 48.95 -8.79 -24.56
N ILE A 198 48.53 -10.04 -24.70
CA ILE A 198 47.48 -10.66 -23.89
C ILE A 198 48.20 -11.56 -22.91
N GLU A 199 48.24 -11.16 -21.64
CA GLU A 199 48.89 -11.98 -20.59
C GLU A 199 47.80 -12.84 -19.91
N TYR A 200 48.16 -14.07 -19.53
CA TYR A 200 47.23 -14.95 -18.78
C TYR A 200 47.99 -15.98 -17.94
N SER A 201 47.37 -16.54 -16.89
CA SER A 201 48.06 -17.49 -16.01
C SER A 201 48.07 -18.95 -16.51
N PHE A 202 49.23 -19.60 -16.40
CA PHE A 202 49.36 -21.03 -16.66
C PHE A 202 49.83 -21.80 -15.42
N TYR A 203 48.98 -22.70 -14.94
CA TYR A 203 49.16 -23.36 -13.68
C TYR A 203 50.00 -24.62 -13.76
N SER A 204 49.96 -25.32 -14.90
CA SER A 204 50.82 -26.48 -15.18
C SER A 204 50.58 -27.67 -14.23
N ASP A 205 51.63 -28.39 -13.85
CA ASP A 205 51.53 -29.54 -12.97
C ASP A 205 51.34 -29.10 -11.48
N GLU A 206 50.92 -30.04 -10.62
CA GLU A 206 50.92 -29.85 -9.14
C GLU A 206 52.25 -29.40 -8.58
N SER A 207 53.33 -29.94 -9.14
CA SER A 207 54.68 -29.66 -8.68
C SER A 207 55.15 -28.23 -8.92
N LEU A 208 54.51 -27.51 -9.84
CA LEU A 208 54.93 -26.13 -10.13
C LEU A 208 54.46 -25.20 -9.00
N GLN A 209 55.38 -24.81 -8.13
CA GLN A 209 55.05 -24.03 -6.93
C GLN A 209 54.40 -22.66 -7.23
N TYR A 210 54.84 -21.98 -8.28
CA TYR A 210 54.32 -20.64 -8.68
C TYR A 210 53.77 -20.67 -10.14
N PRO A 211 52.50 -20.20 -10.36
CA PRO A 211 52.02 -20.21 -11.74
C PRO A 211 52.88 -19.30 -12.62
N LYS A 212 52.97 -19.64 -13.91
CA LYS A 212 53.77 -18.88 -14.88
C LYS A 212 52.81 -18.02 -15.73
N THR A 213 53.15 -16.75 -16.00
CA THR A 213 52.33 -15.91 -16.86
C THR A 213 52.78 -16.17 -18.30
N VAL A 214 51.82 -16.53 -19.15
CA VAL A 214 52.03 -16.75 -20.60
C VAL A 214 51.65 -15.44 -21.25
N TRP A 215 52.42 -15.00 -22.26
CA TRP A 215 52.13 -13.78 -23.07
C TRP A 215 52.24 -14.07 -24.58
N ILE A 216 51.40 -13.40 -25.37
CA ILE A 216 51.33 -13.55 -26.86
C ILE A 216 51.07 -12.16 -27.42
N PRO A 217 51.81 -11.71 -28.45
CA PRO A 217 51.37 -10.47 -29.11
C PRO A 217 50.15 -10.75 -29.97
N TYR A 218 49.03 -10.13 -29.59
CA TYR A 218 47.71 -10.41 -30.12
C TYR A 218 46.99 -9.07 -30.29
N PRO A 219 46.61 -8.72 -31.53
CA PRO A 219 45.95 -7.46 -31.77
C PRO A 219 44.44 -7.60 -31.71
N LYS A 220 43.75 -6.74 -30.96
CA LYS A 220 42.29 -6.82 -30.82
C LYS A 220 41.66 -5.79 -31.72
N ALA A 221 40.33 -5.68 -31.74
CA ALA A 221 39.65 -4.68 -32.57
C ALA A 221 40.23 -3.27 -32.41
N GLY A 222 40.79 -2.73 -33.49
CA GLY A 222 41.34 -1.38 -33.47
C GLY A 222 42.78 -1.22 -33.03
N ALA A 223 43.37 -2.22 -32.41
CA ALA A 223 44.71 -2.07 -31.84
C ALA A 223 45.79 -1.98 -32.92
N VAL A 224 47.05 -1.82 -32.51
CA VAL A 224 48.16 -1.78 -33.46
C VAL A 224 48.36 -3.21 -33.99
N ASN A 225 48.11 -3.39 -35.29
CA ASN A 225 48.33 -4.67 -35.98
C ASN A 225 49.82 -4.91 -36.27
N PRO A 226 50.16 -6.16 -36.62
CA PRO A 226 51.50 -6.43 -37.13
C PRO A 226 51.74 -5.84 -38.54
N THR A 227 52.99 -5.84 -38.97
CA THR A 227 53.36 -5.38 -40.32
C THR A 227 54.03 -6.55 -41.05
N VAL A 228 53.94 -6.53 -42.38
CA VAL A 228 54.40 -7.63 -43.24
C VAL A 228 55.38 -7.17 -44.33
N LYS A 229 56.30 -8.07 -44.67
CA LYS A 229 57.27 -7.84 -45.73
C LYS A 229 57.43 -9.18 -46.45
N PHE A 230 57.29 -9.18 -47.77
CA PHE A 230 57.44 -10.41 -48.55
C PHE A 230 58.78 -10.38 -49.29
N PHE A 231 59.64 -11.38 -49.06
CA PHE A 231 60.93 -11.55 -49.75
C PHE A 231 60.95 -12.77 -50.69
N ILE A 232 61.99 -12.83 -51.54
CA ILE A 232 62.36 -14.04 -52.33
C ILE A 232 63.89 -14.11 -52.35
N VAL A 233 64.44 -15.30 -52.18
CA VAL A 233 65.88 -15.53 -52.15
C VAL A 233 66.21 -16.64 -53.13
N ASN A 234 67.36 -16.55 -53.80
CA ASN A 234 67.81 -17.58 -54.73
C ASN A 234 68.63 -18.63 -53.99
N THR A 235 68.17 -19.87 -53.98
CA THR A 235 68.87 -20.94 -53.29
C THR A 235 69.87 -21.71 -54.17
N ASP A 236 69.85 -21.50 -55.48
CA ASP A 236 70.83 -22.14 -56.37
C ASP A 236 72.18 -21.45 -56.31
N SER A 237 72.15 -20.17 -55.93
CA SER A 237 73.35 -19.39 -55.63
C SER A 237 73.72 -19.38 -54.14
N LEU A 238 73.31 -20.40 -53.39
CA LEU A 238 73.66 -20.52 -51.97
C LEU A 238 75.12 -20.98 -51.80
N SER A 239 75.93 -20.16 -51.14
CA SER A 239 77.36 -20.42 -50.98
C SER A 239 77.93 -19.80 -49.67
N SER A 240 78.82 -20.51 -48.97
CA SER A 240 79.52 -19.87 -47.82
C SER A 240 80.56 -18.83 -48.30
N THR A 241 81.00 -18.94 -49.56
CA THR A 241 81.89 -17.93 -50.17
C THR A 241 81.26 -16.55 -50.49
N THR A 242 79.97 -16.54 -50.87
CA THR A 242 79.26 -15.31 -51.25
C THR A 242 78.04 -15.05 -50.37
N THR A 243 77.80 -13.80 -49.96
CA THR A 243 76.71 -13.50 -49.03
C THR A 243 75.35 -13.52 -49.74
N THR A 244 74.40 -14.24 -49.16
CA THR A 244 73.06 -14.40 -49.74
C THR A 244 72.23 -13.13 -49.55
N ILE A 245 71.63 -12.64 -50.65
CA ILE A 245 70.79 -11.43 -50.65
C ILE A 245 69.35 -11.81 -51.03
N PRO A 246 68.43 -11.75 -50.05
CA PRO A 246 67.01 -11.83 -50.37
C PRO A 246 66.51 -10.57 -51.07
N MET A 247 65.48 -10.73 -51.89
CA MET A 247 64.92 -9.64 -52.66
C MET A 247 63.55 -9.40 -52.12
N GLN A 248 63.23 -8.14 -51.84
CA GLN A 248 61.92 -7.74 -51.31
C GLN A 248 60.98 -7.25 -52.41
N ILE A 249 60.00 -8.08 -52.80
CA ILE A 249 58.82 -7.57 -53.54
C ILE A 249 58.07 -6.62 -52.58
N THR A 250 57.82 -5.39 -53.03
CA THR A 250 57.11 -4.38 -52.22
C THR A 250 55.64 -4.48 -52.54
N ALA A 251 54.78 -4.02 -51.63
CA ALA A 251 53.33 -4.06 -51.87
C ALA A 251 52.87 -2.98 -52.88
N PRO A 252 51.67 -3.17 -53.46
CA PRO A 252 51.00 -2.14 -54.28
C PRO A 252 50.79 -0.77 -53.60
N ALA A 253 50.75 0.29 -54.39
CA ALA A 253 50.54 1.64 -53.90
C ALA A 253 49.16 1.76 -53.28
N SER A 254 48.19 1.09 -53.91
CA SER A 254 46.80 1.01 -53.43
C SER A 254 46.62 0.49 -51.98
N VAL A 255 47.47 -0.44 -51.58
CA VAL A 255 47.40 -1.09 -50.27
C VAL A 255 48.39 -0.41 -49.27
N THR A 256 49.55 0.09 -49.74
CA THR A 256 50.52 0.79 -48.86
C THR A 256 50.09 2.15 -48.25
N THR A 257 49.03 2.76 -48.76
CA THR A 257 48.50 4.02 -48.20
C THR A 257 48.20 3.97 -46.69
N GLY A 258 47.64 2.86 -46.20
CA GLY A 258 47.32 2.67 -44.77
C GLY A 258 47.74 1.29 -44.33
N ASP A 259 47.07 0.74 -43.31
CA ASP A 259 47.37 -0.62 -42.83
C ASP A 259 46.83 -1.66 -43.79
N HIS A 260 47.52 -2.80 -43.87
CA HIS A 260 47.17 -3.85 -44.84
C HIS A 260 47.67 -5.22 -44.41
N TYR A 261 47.18 -6.26 -45.09
CA TYR A 261 47.58 -7.64 -44.85
C TYR A 261 48.09 -8.24 -46.17
N LEU A 262 49.07 -9.15 -46.09
CA LEU A 262 49.33 -10.11 -47.19
C LEU A 262 48.36 -11.30 -46.99
N CYS A 263 47.61 -11.70 -48.03
CA CYS A 263 46.63 -12.79 -47.88
C CYS A 263 46.64 -13.95 -48.91
N ASP A 264 47.66 -14.03 -49.77
CA ASP A 264 47.81 -15.16 -50.70
C ASP A 264 49.21 -15.17 -51.33
N VAL A 265 49.81 -16.34 -51.45
CA VAL A 265 51.07 -16.52 -52.17
C VAL A 265 50.92 -17.72 -53.14
N ALA A 266 51.17 -17.47 -54.43
CA ALA A 266 50.93 -18.46 -55.47
C ALA A 266 51.87 -18.34 -56.69
N TRP A 267 52.99 -19.07 -56.63
CA TRP A 267 53.83 -19.31 -57.80
C TRP A 267 52.98 -19.76 -58.98
N VAL A 268 53.22 -19.16 -60.15
CA VAL A 268 52.57 -19.58 -61.39
C VAL A 268 53.55 -20.37 -62.28
N SER A 269 54.82 -19.96 -62.28
CA SER A 269 55.92 -20.57 -63.05
C SER A 269 57.25 -20.28 -62.33
N GLU A 270 58.39 -20.62 -62.92
CA GLU A 270 59.70 -20.34 -62.31
C GLU A 270 59.99 -18.87 -62.07
N ASP A 271 59.71 -18.04 -63.07
CA ASP A 271 60.09 -16.63 -63.05
C ASP A 271 58.86 -15.72 -62.90
N ARG A 272 57.77 -16.23 -62.30
CA ARG A 272 56.55 -15.45 -61.98
C ARG A 272 55.85 -15.97 -60.73
N ILE A 273 55.43 -15.05 -59.86
CA ILE A 273 54.72 -15.36 -58.58
C ILE A 273 53.58 -14.33 -58.31
N SER A 274 52.40 -14.80 -57.87
CA SER A 274 51.26 -13.92 -57.57
C SER A 274 51.14 -13.71 -56.05
N LEU A 275 50.92 -12.45 -55.66
CA LEU A 275 50.73 -12.04 -54.27
C LEU A 275 49.44 -11.23 -54.18
N GLN A 276 48.40 -11.76 -53.54
CA GLN A 276 47.26 -10.91 -53.14
C GLN A 276 47.57 -10.22 -51.79
N TRP A 277 47.26 -8.91 -51.72
CA TRP A 277 47.31 -8.11 -50.49
C TRP A 277 45.93 -7.53 -50.29
N LEU A 278 45.61 -7.11 -49.06
CA LEU A 278 44.25 -6.70 -48.66
C LEU A 278 44.33 -5.47 -47.74
N ARG A 279 43.39 -4.53 -47.86
CA ARG A 279 43.35 -3.36 -46.99
C ARG A 279 42.83 -3.76 -45.63
N ARG A 280 43.07 -2.93 -44.61
CA ARG A 280 42.62 -3.27 -43.26
C ARG A 280 41.11 -3.16 -43.12
N ILE A 281 40.46 -2.40 -43.99
CA ILE A 281 38.99 -2.32 -44.02
C ILE A 281 38.31 -3.59 -44.55
N GLN A 282 39.04 -4.24 -45.47
CA GLN A 282 38.71 -5.55 -46.07
C GLN A 282 37.58 -5.56 -47.10
N ASN A 283 37.04 -4.41 -47.49
CA ASN A 283 36.11 -4.34 -48.63
C ASN A 283 36.80 -4.05 -49.96
N TYR A 284 38.14 -3.92 -49.94
CA TYR A 284 38.98 -3.74 -51.15
C TYR A 284 40.21 -4.64 -51.08
N SER A 285 40.52 -5.34 -52.18
CA SER A 285 41.69 -6.24 -52.30
C SER A 285 42.39 -6.12 -53.66
N VAL A 286 43.72 -6.12 -53.67
CA VAL A 286 44.51 -6.02 -54.90
C VAL A 286 45.29 -7.31 -55.12
N MET A 287 45.29 -7.85 -56.34
CA MET A 287 46.21 -8.96 -56.70
C MET A 287 47.37 -8.39 -57.48
N ALA A 288 48.60 -8.85 -57.19
CA ALA A 288 49.82 -8.40 -57.90
C ALA A 288 50.56 -9.57 -58.52
N ILE A 289 50.51 -9.70 -59.85
CA ILE A 289 51.36 -10.69 -60.56
C ILE A 289 52.74 -10.07 -60.78
N CYS A 290 53.79 -10.71 -60.31
CA CYS A 290 55.14 -10.12 -60.31
C CYS A 290 56.12 -10.98 -61.12
N ASP A 291 56.71 -10.42 -62.19
CA ASP A 291 57.68 -11.12 -63.05
C ASP A 291 59.13 -10.88 -62.61
N TYR A 292 59.97 -11.90 -62.73
CA TYR A 292 61.40 -11.81 -62.39
C TYR A 292 62.20 -11.32 -63.62
N ASP A 293 62.86 -10.18 -63.47
CA ASP A 293 63.75 -9.64 -64.49
C ASP A 293 65.14 -10.23 -64.25
N LYS A 294 65.58 -11.10 -65.17
CA LYS A 294 66.86 -11.81 -65.03
C LYS A 294 68.08 -10.87 -65.09
N THR A 295 68.04 -9.80 -65.90
CA THR A 295 69.21 -8.93 -66.12
C THR A 295 69.70 -8.21 -64.84
N THR A 296 68.74 -7.70 -64.05
CA THR A 296 69.02 -6.87 -62.85
C THR A 296 68.46 -7.53 -61.53
N LEU A 297 68.07 -8.80 -61.59
CA LEU A 297 67.67 -9.60 -60.41
C LEU A 297 66.63 -8.97 -59.47
N VAL A 298 65.74 -8.17 -60.02
CA VAL A 298 64.65 -7.54 -59.26
C VAL A 298 63.36 -8.22 -59.75
N TRP A 299 62.32 -8.19 -58.91
CA TRP A 299 60.99 -8.70 -59.26
C TRP A 299 60.09 -7.47 -59.51
N ASN A 300 59.47 -7.36 -60.70
CA ASN A 300 58.64 -6.18 -61.06
C ASN A 300 57.17 -6.50 -61.10
N CYS A 301 56.34 -5.62 -60.53
CA CYS A 301 54.89 -5.83 -60.47
C CYS A 301 54.16 -4.66 -61.18
N PRO A 302 53.96 -4.77 -62.51
CA PRO A 302 53.22 -3.74 -63.24
C PRO A 302 51.75 -3.60 -62.79
N THR A 303 51.21 -2.38 -62.90
CA THR A 303 49.78 -2.07 -62.65
C THR A 303 48.87 -2.52 -63.81
N THR A 304 49.47 -2.70 -64.98
CA THR A 304 48.84 -3.46 -66.08
C THR A 304 48.57 -4.89 -65.65
N GLN A 305 49.46 -5.44 -64.81
CA GLN A 305 49.32 -6.77 -64.19
C GLN A 305 48.62 -6.82 -62.79
N GLU A 306 48.04 -5.70 -62.32
CA GLU A 306 47.33 -5.64 -61.02
C GLU A 306 45.82 -5.66 -61.21
N HIS A 307 45.15 -6.60 -60.54
CA HIS A 307 43.70 -6.80 -60.66
C HIS A 307 43.07 -6.55 -59.30
N ILE A 308 41.98 -5.78 -59.27
CA ILE A 308 41.32 -5.31 -58.05
C ILE A 308 39.91 -5.93 -57.92
N GLU A 309 39.67 -6.72 -56.87
CA GLU A 309 38.31 -7.10 -56.48
C GLU A 309 37.91 -6.26 -55.29
N THR A 310 36.67 -5.76 -55.29
CA THR A 310 36.14 -4.97 -54.17
C THR A 310 34.74 -5.41 -53.86
N SER A 311 34.21 -4.89 -52.74
CA SER A 311 32.83 -5.14 -52.34
C SER A 311 32.16 -3.89 -51.80
N ALA A 312 30.96 -3.64 -52.28
CA ALA A 312 30.14 -2.56 -51.80
C ALA A 312 29.14 -3.07 -50.77
N THR A 313 28.70 -4.32 -50.88
CA THR A 313 27.72 -4.89 -49.98
C THR A 313 28.32 -5.30 -48.63
N GLY A 314 29.58 -5.74 -48.61
CA GLY A 314 30.30 -6.08 -47.35
C GLY A 314 31.83 -6.16 -47.39
N TRP A 315 32.37 -7.39 -47.46
CA TRP A 315 33.83 -7.63 -47.44
C TRP A 315 34.20 -8.60 -48.57
N CYS A 316 35.50 -8.80 -48.81
CA CYS A 316 35.99 -9.63 -49.90
C CYS A 316 36.19 -11.05 -49.48
N GLY A 317 35.64 -11.99 -50.26
CA GLY A 317 35.80 -13.42 -49.98
C GLY A 317 34.89 -13.98 -48.91
N ARG A 318 35.00 -15.28 -48.70
CA ARG A 318 34.35 -15.94 -47.58
C ARG A 318 35.05 -15.36 -46.36
N PHE A 319 36.35 -15.62 -46.27
CA PHE A 319 37.22 -15.16 -45.18
C PHE A 319 38.47 -14.42 -45.68
N ARG A 320 38.78 -14.58 -46.97
CA ARG A 320 39.74 -13.77 -47.70
C ARG A 320 39.52 -13.95 -49.21
N PRO A 321 40.20 -13.14 -50.04
CA PRO A 321 40.22 -13.34 -51.49
C PRO A 321 40.56 -14.78 -51.90
N ALA A 322 39.83 -15.32 -52.88
CA ALA A 322 40.00 -16.71 -53.29
C ALA A 322 41.34 -16.97 -53.96
N GLU A 323 41.70 -18.26 -53.95
CA GLU A 323 42.94 -18.80 -54.53
C GLU A 323 43.04 -18.63 -56.07
N PRO A 324 44.18 -18.10 -56.57
CA PRO A 324 44.42 -18.13 -58.01
C PRO A 324 44.94 -19.49 -58.54
N HIS A 325 44.25 -20.03 -59.54
CA HIS A 325 44.70 -21.19 -60.26
C HIS A 325 45.10 -20.73 -61.67
N PHE A 326 46.39 -20.75 -61.95
CA PHE A 326 46.95 -20.24 -63.21
C PHE A 326 47.07 -21.38 -64.25
N THR A 327 47.02 -21.03 -65.53
CA THR A 327 47.23 -21.97 -66.64
C THR A 327 48.71 -22.28 -66.78
N SER A 328 49.04 -23.32 -67.55
CA SER A 328 50.42 -23.81 -67.70
C SER A 328 51.45 -22.76 -68.18
N ASP A 329 51.05 -21.94 -69.15
CA ASP A 329 51.93 -20.87 -69.65
C ASP A 329 51.90 -19.55 -68.83
N GLY A 330 51.13 -19.50 -67.74
CA GLY A 330 51.01 -18.31 -66.90
C GLY A 330 50.27 -17.14 -67.53
N SER A 331 49.60 -17.39 -68.65
CA SER A 331 49.01 -16.33 -69.47
C SER A 331 47.63 -15.87 -68.97
N SER A 332 46.92 -16.76 -68.26
CA SER A 332 45.60 -16.48 -67.69
C SER A 332 45.44 -17.27 -66.40
N PHE A 333 44.47 -16.88 -65.58
CA PHE A 333 44.20 -17.59 -64.31
C PHE A 333 42.72 -17.61 -63.98
N TYR A 334 42.35 -18.55 -63.12
CA TYR A 334 40.96 -18.79 -62.73
C TYR A 334 40.85 -18.52 -61.21
N LYS A 335 39.65 -18.10 -60.75
CA LYS A 335 39.44 -17.65 -59.37
C LYS A 335 37.95 -17.57 -59.02
N ILE A 336 37.60 -17.84 -57.76
CA ILE A 336 36.22 -17.74 -57.31
C ILE A 336 35.99 -16.29 -56.82
N VAL A 337 35.17 -15.54 -57.56
CA VAL A 337 34.91 -14.09 -57.38
C VAL A 337 33.39 -13.89 -57.37
N SER A 338 32.88 -12.85 -56.70
CA SER A 338 31.42 -12.67 -56.54
C SER A 338 30.78 -12.11 -57.82
N ASP A 339 29.63 -12.66 -58.24
CA ASP A 339 29.01 -12.27 -59.53
C ASP A 339 27.99 -11.11 -59.33
N LYS A 340 27.34 -10.73 -60.43
CA LYS A 340 26.42 -9.59 -60.50
C LYS A 340 25.25 -9.70 -59.52
N ASP A 341 24.69 -10.90 -59.41
CA ASP A 341 23.60 -11.18 -58.46
C ASP A 341 24.11 -11.63 -57.06
N GLY A 342 25.42 -11.53 -56.81
CA GLY A 342 26.02 -11.90 -55.52
C GLY A 342 26.56 -13.32 -55.38
N TYR A 343 26.27 -14.20 -56.33
CA TYR A 343 26.70 -15.60 -56.20
C TYR A 343 28.16 -15.70 -56.64
N LYS A 344 28.97 -16.49 -55.90
CA LYS A 344 30.41 -16.62 -56.19
C LYS A 344 30.58 -17.77 -57.15
N HIS A 345 31.22 -17.51 -58.31
CA HIS A 345 31.45 -18.49 -59.37
C HIS A 345 32.84 -18.37 -59.89
N ILE A 346 33.25 -19.31 -60.75
CA ILE A 346 34.58 -19.27 -61.38
C ILE A 346 34.61 -18.15 -62.41
N CYS A 347 35.68 -17.35 -62.44
CA CYS A 347 35.87 -16.25 -63.41
C CYS A 347 37.23 -16.48 -64.08
N GLN A 348 37.33 -16.21 -65.37
CA GLN A 348 38.63 -16.26 -66.10
C GLN A 348 39.20 -14.85 -66.25
N PHE A 349 40.41 -14.63 -65.75
CA PHE A 349 41.11 -13.36 -65.90
C PHE A 349 42.22 -13.53 -66.91
N GLN A 350 42.89 -12.42 -67.26
CA GLN A 350 44.17 -12.41 -68.01
C GLN A 350 45.27 -11.75 -67.15
N LYS A 351 46.54 -12.04 -67.45
CA LYS A 351 47.65 -11.38 -66.72
C LYS A 351 47.50 -9.86 -66.89
N ASP A 352 47.32 -9.38 -68.13
CA ASP A 352 47.06 -7.95 -68.38
C ASP A 352 45.60 -7.56 -68.04
N ARG A 353 45.42 -6.35 -67.51
CA ARG A 353 44.15 -5.85 -66.97
C ARG A 353 43.48 -4.82 -67.91
N LYS A 354 42.74 -5.31 -68.90
CA LYS A 354 41.95 -4.42 -69.77
C LYS A 354 40.88 -3.68 -68.92
N PRO A 355 40.76 -2.33 -69.08
CA PRO A 355 39.93 -1.49 -68.18
C PRO A 355 38.43 -1.86 -68.09
N GLU A 356 37.76 -1.86 -69.23
CA GLU A 356 36.33 -2.21 -69.30
C GLU A 356 35.93 -3.56 -68.66
N GLN A 357 36.76 -4.61 -68.80
CA GLN A 357 36.38 -6.01 -68.45
C GLN A 357 37.28 -6.65 -67.36
N VAL A 358 36.71 -6.85 -66.16
CA VAL A 358 37.43 -7.45 -65.03
C VAL A 358 37.70 -8.95 -65.27
N CYS A 359 36.67 -9.69 -65.64
CA CYS A 359 36.76 -11.15 -65.82
C CYS A 359 35.56 -11.66 -66.60
N THR A 360 35.65 -12.91 -67.09
CA THR A 360 34.52 -13.61 -67.74
C THR A 360 34.04 -14.79 -66.86
N PHE A 361 32.76 -14.75 -66.45
CA PHE A 361 32.18 -15.77 -65.57
C PHE A 361 31.83 -17.03 -66.37
N ILE A 362 32.53 -18.14 -66.11
CA ILE A 362 32.32 -19.39 -66.88
C ILE A 362 31.20 -20.26 -66.29
N THR A 363 30.87 -20.02 -65.01
CA THR A 363 29.70 -20.64 -64.37
C THR A 363 28.80 -19.52 -63.82
N LYS A 364 27.53 -19.86 -63.59
CA LYS A 364 26.54 -18.91 -63.04
C LYS A 364 25.22 -19.60 -62.60
N GLY A 365 24.45 -18.94 -61.71
CA GLY A 365 23.18 -19.45 -61.19
C GLY A 365 22.98 -19.08 -59.72
N ALA A 366 21.83 -19.45 -59.15
CA ALA A 366 21.55 -19.21 -57.73
C ALA A 366 22.18 -20.34 -56.89
N TRP A 367 23.51 -20.37 -56.92
CA TRP A 367 24.31 -21.35 -56.17
C TRP A 367 25.78 -20.95 -56.26
N GLU A 368 26.62 -21.49 -55.37
CA GLU A 368 28.05 -21.06 -55.27
C GLU A 368 29.04 -22.20 -55.58
N VAL A 369 30.14 -21.85 -56.27
CA VAL A 369 31.31 -22.73 -56.41
C VAL A 369 32.06 -22.71 -55.06
N ILE A 370 32.16 -23.88 -54.42
CA ILE A 370 32.83 -23.99 -53.13
C ILE A 370 34.34 -23.90 -53.28
N SER A 371 34.90 -24.61 -54.27
CA SER A 371 36.34 -24.64 -54.52
C SER A 371 36.72 -25.08 -55.94
N ILE A 372 37.84 -24.57 -56.45
CA ILE A 372 38.48 -25.07 -57.67
C ILE A 372 39.47 -26.14 -57.20
N GLU A 373 39.35 -27.37 -57.71
CA GLU A 373 40.18 -28.52 -57.25
C GLU A 373 41.41 -28.85 -58.11
N ALA A 374 41.30 -28.74 -59.43
CA ALA A 374 42.44 -28.93 -60.36
C ALA A 374 42.25 -28.15 -61.66
N LEU A 375 43.35 -27.87 -62.35
CA LEU A 375 43.32 -27.19 -63.66
C LEU A 375 44.27 -27.80 -64.69
N THR A 376 43.68 -28.52 -65.65
CA THR A 376 44.37 -29.00 -66.86
C THR A 376 44.23 -28.01 -68.02
N SER A 377 44.99 -28.21 -69.09
CA SER A 377 44.81 -27.45 -70.34
C SER A 377 43.42 -27.72 -70.92
N ASP A 378 42.97 -28.98 -70.82
CA ASP A 378 41.64 -29.37 -71.33
C ASP A 378 40.46 -28.99 -70.41
N TYR A 379 40.57 -29.23 -69.10
CA TYR A 379 39.43 -29.04 -68.15
C TYR A 379 39.79 -28.44 -66.75
N LEU A 380 38.76 -27.98 -66.03
CA LEU A 380 38.82 -27.49 -64.62
C LEU A 380 37.83 -28.32 -63.75
N TYR A 381 38.30 -28.84 -62.61
CA TYR A 381 37.46 -29.57 -61.64
C TYR A 381 37.14 -28.67 -60.45
N TYR A 382 35.94 -28.81 -59.86
CA TYR A 382 35.47 -27.89 -58.80
C TYR A 382 34.29 -28.42 -57.94
N ILE A 383 34.35 -28.25 -56.61
CA ILE A 383 33.21 -28.57 -55.74
C ILE A 383 32.23 -27.40 -55.81
N SER A 384 30.94 -27.73 -55.98
CA SER A 384 29.84 -26.75 -55.97
C SER A 384 28.65 -27.34 -55.23
N ASN A 385 27.70 -26.48 -54.85
CA ASN A 385 26.47 -26.91 -54.17
C ASN A 385 25.21 -26.79 -55.04
N GLU A 386 25.39 -26.77 -56.36
CA GLU A 386 24.30 -26.59 -57.35
C GLU A 386 23.25 -27.70 -57.40
N TYR A 387 23.70 -28.96 -57.41
CA TYR A 387 22.79 -30.08 -57.53
C TYR A 387 21.65 -29.98 -56.50
N LYS A 388 20.41 -30.05 -56.99
CA LYS A 388 19.19 -30.14 -56.18
C LYS A 388 18.86 -28.90 -55.33
N GLU A 389 19.53 -27.78 -55.65
CA GLU A 389 19.40 -26.49 -54.95
C GLU A 389 19.56 -26.63 -53.41
N MET A 390 20.55 -27.43 -53.00
CA MET A 390 20.89 -27.64 -51.61
C MET A 390 22.24 -26.99 -51.33
N PRO A 391 22.26 -25.85 -50.59
CA PRO A 391 23.53 -25.19 -50.24
C PRO A 391 24.51 -26.06 -49.44
N GLY A 392 23.98 -26.80 -48.47
CA GLY A 392 24.74 -27.81 -47.73
C GLY A 392 24.76 -29.17 -48.41
N GLY A 393 25.20 -29.17 -49.68
CA GLY A 393 25.51 -30.37 -50.46
C GLY A 393 26.80 -30.01 -51.17
N ARG A 394 27.58 -31.03 -51.55
CA ARG A 394 28.85 -30.87 -52.27
C ARG A 394 28.91 -31.95 -53.36
N ASN A 395 29.21 -31.58 -54.60
CA ASN A 395 29.41 -32.53 -55.69
C ASN A 395 30.56 -32.10 -56.56
N LEU A 396 31.32 -33.08 -57.06
CA LEU A 396 32.40 -32.83 -58.02
C LEU A 396 31.78 -32.52 -59.40
N TYR A 397 32.24 -31.42 -60.01
CA TYR A 397 31.89 -31.06 -61.39
C TYR A 397 33.19 -30.89 -62.19
N LYS A 398 33.06 -30.88 -63.52
CA LYS A 398 34.19 -30.81 -64.48
C LYS A 398 33.75 -30.02 -65.69
N ILE A 399 34.22 -28.77 -65.78
CA ILE A 399 33.92 -27.88 -66.91
C ILE A 399 35.12 -27.93 -67.88
N GLN A 400 34.83 -28.07 -69.18
CA GLN A 400 35.87 -28.05 -70.22
C GLN A 400 36.25 -26.60 -70.50
N LEU A 401 37.53 -26.28 -70.44
CA LEU A 401 38.01 -24.93 -70.70
C LEU A 401 37.51 -24.36 -72.01
N THR A 402 37.53 -25.19 -73.07
CA THR A 402 37.02 -24.80 -74.40
C THR A 402 35.50 -24.52 -74.44
N ASP A 403 34.68 -25.58 -74.43
CA ASP A 403 33.23 -25.43 -74.49
C ASP A 403 32.58 -25.49 -73.11
N HIS A 404 32.23 -24.32 -72.56
CA HIS A 404 31.59 -24.23 -71.23
C HIS A 404 30.20 -24.87 -71.16
N THR A 405 29.59 -25.12 -72.33
CA THR A 405 28.42 -26.01 -72.46
C THR A 405 28.74 -27.41 -71.90
N ASN A 406 29.99 -27.87 -72.07
CA ASN A 406 30.39 -29.19 -71.57
C ASN A 406 30.72 -29.17 -70.06
N LYS A 407 29.66 -29.05 -69.27
CA LYS A 407 29.74 -29.04 -67.80
C LYS A 407 29.16 -30.37 -67.33
N LYS A 408 29.98 -31.22 -66.70
CA LYS A 408 29.56 -32.56 -66.28
C LYS A 408 29.73 -32.77 -64.78
N CYS A 409 28.67 -33.19 -64.09
CA CYS A 409 28.73 -33.50 -62.65
C CYS A 409 29.16 -34.95 -62.46
N LEU A 410 30.37 -35.17 -61.94
CA LEU A 410 30.93 -36.51 -61.84
C LEU A 410 30.36 -37.37 -60.72
N SER A 411 29.94 -36.76 -59.62
CA SER A 411 29.52 -37.50 -58.42
C SER A 411 28.03 -37.46 -58.07
N CYS A 412 27.21 -36.77 -58.87
CA CYS A 412 25.81 -36.49 -58.50
C CYS A 412 25.01 -37.78 -58.23
N ASP A 413 24.97 -38.72 -59.20
CA ASP A 413 24.05 -39.87 -59.17
C ASP A 413 24.66 -41.24 -58.85
N LEU A 414 25.89 -41.28 -58.34
CA LEU A 414 26.59 -42.55 -58.07
C LEU A 414 25.87 -43.36 -57.01
N ASN A 415 25.61 -42.73 -55.86
CA ASN A 415 24.73 -43.26 -54.83
C ASN A 415 23.86 -42.08 -54.37
N PRO A 416 22.72 -41.83 -55.03
CA PRO A 416 22.02 -40.59 -54.66
C PRO A 416 21.43 -40.61 -53.24
N GLU A 417 21.13 -41.80 -52.72
CA GLU A 417 20.57 -42.01 -51.37
C GLU A 417 21.63 -41.91 -50.26
N ARG A 418 22.78 -42.55 -50.49
CA ARG A 418 23.89 -42.54 -49.51
C ARG A 418 24.71 -41.24 -49.48
N CYS A 419 24.91 -40.61 -50.64
CA CYS A 419 25.94 -39.57 -50.83
C CYS A 419 25.47 -38.27 -51.51
N GLN A 420 25.38 -37.20 -50.71
CA GLN A 420 25.02 -35.86 -51.19
C GLN A 420 26.08 -34.79 -50.85
N TYR A 421 27.18 -35.19 -50.17
CA TYR A 421 28.29 -34.34 -49.68
C TYR A 421 29.64 -35.02 -50.05
N TYR A 422 30.26 -34.63 -51.16
CA TYR A 422 31.53 -35.23 -51.62
C TYR A 422 32.76 -34.31 -51.37
N SER A 423 33.92 -34.94 -51.24
CA SER A 423 35.20 -34.27 -51.41
C SER A 423 36.05 -35.10 -52.40
N VAL A 424 37.22 -34.58 -52.75
CA VAL A 424 38.01 -35.18 -53.82
C VAL A 424 39.50 -34.87 -53.61
N SER A 425 40.37 -35.78 -54.02
CA SER A 425 41.81 -35.52 -54.04
C SER A 425 42.41 -36.03 -55.32
N LEU A 426 42.70 -35.14 -56.28
CA LEU A 426 43.21 -35.55 -57.60
C LEU A 426 44.75 -35.70 -57.64
N SER A 427 45.25 -36.52 -58.57
CA SER A 427 46.70 -36.82 -58.70
C SER A 427 47.50 -35.65 -59.28
N LYS A 428 48.83 -35.79 -59.29
CA LYS A 428 49.76 -34.74 -59.76
C LYS A 428 49.37 -34.08 -61.08
N GLU A 429 49.04 -34.88 -62.09
CA GLU A 429 48.54 -34.34 -63.37
C GLU A 429 47.04 -34.65 -63.59
N ALA A 430 46.35 -35.09 -62.54
CA ALA A 430 44.90 -35.36 -62.54
C ALA A 430 44.39 -36.63 -63.26
N LYS A 431 45.27 -37.53 -63.71
CA LYS A 431 44.86 -38.79 -64.38
C LYS A 431 43.92 -39.65 -63.54
N TYR A 432 44.12 -39.63 -62.23
CA TYR A 432 43.25 -40.31 -61.28
C TYR A 432 42.79 -39.36 -60.16
N TYR A 433 41.76 -39.79 -59.44
CA TYR A 433 41.29 -39.09 -58.26
C TYR A 433 40.62 -40.07 -57.25
N GLN A 434 40.67 -39.72 -55.96
CA GLN A 434 39.91 -40.41 -54.90
C GLN A 434 38.70 -39.56 -54.58
N LEU A 435 37.52 -40.18 -54.47
CA LEU A 435 36.27 -39.50 -54.03
C LEU A 435 35.89 -39.88 -52.62
N GLY A 436 35.51 -38.90 -51.80
CA GLY A 436 35.11 -39.15 -50.43
C GLY A 436 33.72 -38.65 -50.15
N CYS A 437 32.75 -39.56 -50.08
CA CYS A 437 31.37 -39.20 -49.73
C CYS A 437 31.35 -39.10 -48.22
N ARG A 438 30.97 -37.95 -47.67
CA ARG A 438 31.04 -37.71 -46.21
C ARG A 438 29.68 -37.74 -45.53
N GLY A 439 28.62 -37.96 -46.30
CA GLY A 439 27.27 -38.08 -45.77
C GLY A 439 26.25 -37.91 -46.88
N PRO A 440 24.95 -38.07 -46.57
CA PRO A 440 24.43 -38.30 -45.22
C PRO A 440 24.56 -39.71 -44.69
N GLY A 441 24.97 -40.65 -45.54
CA GLY A 441 25.25 -42.03 -45.09
C GLY A 441 26.64 -42.20 -44.51
N LEU A 442 27.00 -43.44 -44.20
CA LEU A 442 28.35 -43.72 -43.71
C LEU A 442 29.39 -43.35 -44.80
N PRO A 443 30.51 -42.71 -44.37
CA PRO A 443 31.47 -42.25 -45.38
C PRO A 443 32.05 -43.35 -46.23
N LEU A 444 32.19 -43.06 -47.52
CA LEU A 444 32.63 -44.01 -48.54
C LEU A 444 33.69 -43.37 -49.45
N TYR A 445 34.88 -43.96 -49.42
CA TYR A 445 36.00 -43.49 -50.20
C TYR A 445 36.26 -44.58 -51.25
N THR A 446 36.45 -44.13 -52.50
CA THR A 446 36.54 -44.98 -53.70
C THR A 446 37.54 -44.37 -54.70
N LEU A 447 38.24 -45.22 -55.47
CA LEU A 447 39.25 -44.78 -56.45
C LEU A 447 38.65 -44.73 -57.87
N HIS A 448 38.84 -43.60 -58.59
CA HIS A 448 38.28 -43.37 -59.95
C HIS A 448 39.37 -42.90 -60.93
N ARG A 449 39.18 -43.16 -62.23
CA ARG A 449 40.04 -42.64 -63.32
C ARG A 449 39.38 -41.40 -63.91
N SER A 450 40.18 -40.38 -64.23
CA SER A 450 39.62 -39.05 -64.57
C SER A 450 38.93 -38.91 -65.94
N THR A 451 39.45 -39.57 -66.98
CA THR A 451 39.02 -39.28 -68.36
C THR A 451 37.56 -39.64 -68.59
N ASP A 452 37.21 -40.85 -68.13
CA ASP A 452 35.84 -41.33 -68.05
C ASP A 452 35.72 -41.88 -66.66
N GLN A 453 34.71 -41.45 -65.91
CA GLN A 453 34.66 -41.77 -64.49
C GLN A 453 34.33 -43.25 -64.45
N LYS A 454 35.32 -44.06 -64.07
CA LYS A 454 35.17 -45.51 -63.90
C LYS A 454 35.79 -45.87 -62.55
N GLU A 455 35.00 -46.49 -61.66
CA GLU A 455 35.48 -46.84 -60.31
C GLU A 455 36.52 -47.99 -60.35
N LEU A 456 37.79 -47.67 -60.11
CA LEU A 456 38.87 -48.66 -60.12
C LEU A 456 38.99 -49.48 -58.85
N ARG A 457 38.64 -48.90 -57.70
CA ARG A 457 38.69 -49.61 -56.42
C ARG A 457 37.77 -49.00 -55.38
N VAL A 458 37.56 -49.73 -54.30
CA VAL A 458 36.84 -49.22 -53.13
C VAL A 458 37.82 -49.22 -51.93
N LEU A 459 38.24 -48.02 -51.53
CA LEU A 459 39.31 -47.83 -50.53
C LEU A 459 38.79 -48.09 -49.12
N GLU A 460 37.56 -47.63 -48.82
CA GLU A 460 36.94 -47.81 -47.50
C GLU A 460 35.44 -47.58 -47.54
N ASP A 461 34.65 -48.61 -47.23
CA ASP A 461 33.19 -48.48 -47.25
C ASP A 461 32.55 -48.47 -45.86
N ASN A 462 33.35 -48.55 -44.80
CA ASN A 462 32.85 -48.49 -43.40
C ASN A 462 31.83 -49.58 -43.11
N SER A 463 32.09 -50.78 -43.64
CA SER A 463 31.24 -51.96 -43.40
C SER A 463 31.37 -52.45 -41.97
N ALA A 464 32.54 -52.25 -41.36
CA ALA A 464 32.75 -52.57 -39.95
C ALA A 464 31.85 -51.69 -39.06
N LEU A 465 31.98 -50.36 -39.12
CA LEU A 465 31.08 -49.47 -38.37
C LEU A 465 29.62 -49.80 -38.64
N ASP A 466 29.28 -50.10 -39.91
CA ASP A 466 27.90 -50.40 -40.30
C ASP A 466 27.31 -51.56 -39.49
N LYS A 467 28.04 -52.68 -39.45
CA LYS A 467 27.62 -53.86 -38.70
C LYS A 467 27.58 -53.60 -37.20
N MET A 468 28.47 -52.74 -36.69
CA MET A 468 28.39 -52.28 -35.30
C MET A 468 27.12 -51.42 -35.05
N LEU A 469 26.80 -50.50 -35.96
CA LEU A 469 25.59 -49.64 -35.82
C LEU A 469 24.26 -50.26 -36.25
N GLN A 470 24.29 -51.47 -36.83
CA GLN A 470 23.06 -52.11 -37.29
C GLN A 470 22.13 -52.41 -36.10
N ASP A 471 22.73 -52.78 -34.97
CA ASP A 471 21.97 -53.14 -33.76
C ASP A 471 21.86 -52.00 -32.74
N VAL A 472 22.03 -50.77 -33.21
CA VAL A 472 21.92 -49.61 -32.35
C VAL A 472 20.78 -48.76 -32.91
N GLN A 473 20.01 -48.15 -32.01
CA GLN A 473 18.92 -47.24 -32.38
C GLN A 473 19.47 -45.82 -32.63
N MET A 474 19.98 -45.58 -33.85
CA MET A 474 20.54 -44.28 -34.22
C MET A 474 19.47 -43.20 -34.49
N PRO A 475 19.88 -41.91 -34.50
CA PRO A 475 18.97 -40.86 -34.89
C PRO A 475 18.87 -40.73 -36.41
N SER A 476 17.75 -40.19 -36.90
CA SER A 476 17.62 -39.70 -38.29
C SER A 476 18.17 -38.26 -38.40
N LYS A 477 18.28 -37.78 -39.64
CA LYS A 477 18.75 -36.43 -39.92
C LYS A 477 17.93 -35.80 -41.05
N LYS A 478 17.09 -34.83 -40.72
CA LYS A 478 16.26 -34.14 -41.70
C LYS A 478 16.96 -32.88 -42.17
N LEU A 479 17.46 -32.86 -43.40
CA LEU A 479 17.95 -31.63 -44.03
C LEU A 479 16.87 -31.11 -45.01
N ASP A 480 16.28 -29.96 -44.68
CA ASP A 480 15.10 -29.39 -45.37
C ASP A 480 15.17 -27.84 -45.19
N PHE A 481 14.12 -27.08 -45.53
CA PHE A 481 14.08 -25.61 -45.26
C PHE A 481 12.69 -25.10 -44.83
N ILE A 482 12.67 -23.86 -44.28
CA ILE A 482 11.45 -23.03 -44.05
C ILE A 482 11.63 -21.69 -44.80
N VAL A 483 10.55 -21.06 -45.32
CA VAL A 483 10.66 -19.77 -46.08
C VAL A 483 10.19 -18.53 -45.28
N LEU A 484 11.12 -17.63 -44.98
CA LEU A 484 10.83 -16.34 -44.34
C LEU A 484 11.14 -15.23 -45.32
N ASN A 485 10.22 -14.25 -45.44
CA ASN A 485 10.34 -13.09 -46.38
C ASN A 485 10.71 -13.52 -47.82
N GLU A 486 10.02 -14.54 -48.32
CA GLU A 486 10.23 -15.06 -49.69
C GLU A 486 11.67 -15.57 -49.99
N THR A 487 12.41 -15.96 -48.95
CA THR A 487 13.76 -16.52 -49.11
C THR A 487 13.84 -17.81 -48.30
N ARG A 488 14.58 -18.79 -48.81
CA ARG A 488 14.62 -20.11 -48.18
C ARG A 488 15.80 -20.10 -47.23
N PHE A 489 15.58 -20.51 -45.99
CA PHE A 489 16.65 -20.59 -45.01
C PHE A 489 16.69 -22.03 -44.50
N TRP A 490 17.77 -22.73 -44.83
CA TRP A 490 17.87 -24.15 -44.57
C TRP A 490 18.14 -24.43 -43.09
N TYR A 491 17.71 -25.62 -42.65
CA TYR A 491 17.92 -26.10 -41.30
C TYR A 491 18.16 -27.62 -41.38
N GLN A 492 18.83 -28.16 -40.36
CA GLN A 492 19.02 -29.61 -40.18
C GLN A 492 18.55 -29.96 -38.78
N MET A 493 17.94 -31.14 -38.60
CA MET A 493 17.46 -31.61 -37.30
C MET A 493 17.93 -33.04 -37.05
N ILE A 494 18.63 -33.29 -35.94
CA ILE A 494 19.01 -34.63 -35.54
C ILE A 494 17.85 -35.22 -34.76
N LEU A 495 16.98 -35.95 -35.46
CA LEU A 495 15.73 -36.45 -34.89
C LEU A 495 16.00 -37.73 -34.13
N PRO A 496 15.40 -37.91 -32.94
CA PRO A 496 15.58 -39.16 -32.17
C PRO A 496 15.09 -40.40 -32.92
N PRO A 497 15.49 -41.58 -32.42
CA PRO A 497 15.05 -42.82 -33.06
C PRO A 497 13.55 -43.02 -32.89
N HIS A 498 12.92 -43.56 -33.93
CA HIS A 498 11.47 -43.72 -33.98
C HIS A 498 10.76 -42.40 -33.66
N PHE A 499 11.04 -41.37 -34.45
CA PHE A 499 10.52 -40.00 -34.19
C PHE A 499 9.11 -39.85 -34.77
N ASP A 500 8.16 -39.50 -33.89
CA ASP A 500 6.73 -39.41 -34.20
C ASP A 500 6.25 -37.96 -34.09
N LYS A 501 5.62 -37.44 -35.14
CA LYS A 501 5.06 -36.08 -35.14
C LYS A 501 3.88 -35.85 -34.16
N SER A 502 3.30 -36.93 -33.61
CA SER A 502 2.26 -36.86 -32.56
C SER A 502 2.75 -36.66 -31.11
N LYS A 503 4.06 -36.50 -30.91
CA LYS A 503 4.66 -36.30 -29.58
C LYS A 503 5.22 -34.87 -29.48
N LYS A 504 5.50 -34.43 -28.24
CA LYS A 504 6.20 -33.16 -27.96
C LYS A 504 7.55 -33.44 -27.29
N TYR A 505 8.65 -33.22 -28.06
CA TYR A 505 10.02 -33.46 -27.63
C TYR A 505 10.65 -32.16 -27.15
N PRO A 506 11.63 -32.21 -26.24
CA PRO A 506 12.44 -31.01 -26.03
C PRO A 506 13.27 -30.63 -27.26
N LEU A 507 13.70 -29.38 -27.30
CA LEU A 507 14.49 -28.90 -28.44
C LEU A 507 15.76 -28.24 -27.92
N LEU A 508 16.87 -28.57 -28.56
CA LEU A 508 18.15 -27.91 -28.36
C LEU A 508 18.53 -27.35 -29.70
N ILE A 509 18.85 -26.05 -29.74
CA ILE A 509 19.39 -25.42 -30.94
C ILE A 509 20.89 -25.45 -30.78
N ASP A 510 21.58 -26.11 -31.71
CA ASP A 510 23.04 -26.07 -31.77
C ASP A 510 23.41 -24.96 -32.74
N VAL A 511 23.97 -23.89 -32.22
CA VAL A 511 24.26 -22.71 -33.00
C VAL A 511 25.77 -22.44 -33.16
N TYR A 512 26.15 -22.03 -34.35
CA TYR A 512 27.42 -21.32 -34.53
C TYR A 512 27.10 -19.91 -35.03
N ALA A 513 26.45 -19.84 -36.19
CA ALA A 513 25.87 -18.60 -36.78
C ALA A 513 26.81 -17.45 -37.16
N GLY A 514 28.10 -17.74 -37.23
CA GLY A 514 29.10 -16.73 -37.60
C GLY A 514 29.05 -16.39 -39.08
N PRO A 515 29.81 -15.36 -39.51
CA PRO A 515 29.79 -15.05 -40.94
C PRO A 515 30.38 -16.20 -41.77
N CYS A 516 29.74 -16.44 -42.90
CA CYS A 516 30.06 -17.56 -43.79
C CYS A 516 29.96 -18.97 -43.16
N SER A 517 29.09 -19.10 -42.16
CA SER A 517 28.90 -20.37 -41.44
C SER A 517 27.87 -21.22 -42.13
N GLN A 518 27.98 -22.52 -41.89
CA GLN A 518 26.97 -23.48 -42.32
C GLN A 518 26.93 -24.61 -41.33
N LYS A 519 25.89 -24.62 -40.51
CA LYS A 519 25.67 -25.69 -39.53
C LYS A 519 24.57 -26.67 -39.96
N ALA A 520 23.93 -26.42 -41.13
CA ALA A 520 22.99 -27.35 -41.77
C ALA A 520 23.52 -27.78 -43.17
N ASP A 521 23.98 -29.04 -43.27
CA ASP A 521 24.44 -29.62 -44.52
C ASP A 521 24.25 -31.13 -44.55
N ALA A 522 24.57 -31.78 -45.67
CA ALA A 522 24.36 -33.22 -45.80
C ALA A 522 25.42 -34.14 -45.17
N ALA A 523 26.50 -33.64 -44.57
CA ALA A 523 27.55 -34.54 -44.05
C ALA A 523 27.11 -35.40 -42.83
N PHE A 524 27.88 -36.45 -42.54
CA PHE A 524 27.57 -37.45 -41.49
C PHE A 524 28.56 -37.36 -40.31
N ARG A 525 28.00 -37.24 -39.09
CA ARG A 525 28.76 -37.02 -37.87
C ARG A 525 28.18 -37.87 -36.73
N LEU A 526 29.07 -38.60 -36.04
CA LEU A 526 28.77 -39.29 -34.78
C LEU A 526 29.26 -38.35 -33.70
N ASN A 527 28.37 -37.76 -32.90
CA ASN A 527 28.79 -36.73 -31.92
C ASN A 527 27.81 -36.55 -30.76
N TRP A 528 28.08 -35.57 -29.90
CA TRP A 528 27.18 -35.22 -28.77
C TRP A 528 25.71 -35.16 -29.15
N ALA A 529 25.37 -34.50 -30.27
CA ALA A 529 23.97 -34.43 -30.77
C ALA A 529 23.32 -35.82 -30.93
N THR A 530 24.09 -36.79 -31.42
CA THR A 530 23.56 -38.14 -31.60
C THR A 530 23.32 -38.82 -30.25
N TYR A 531 24.19 -38.62 -29.26
CA TYR A 531 23.88 -39.03 -27.87
C TYR A 531 22.58 -38.40 -27.38
N LEU A 532 22.45 -37.09 -27.63
CA LEU A 532 21.34 -36.32 -27.11
C LEU A 532 20.01 -36.73 -27.75
N ALA A 533 20.03 -37.11 -29.02
CA ALA A 533 18.83 -37.61 -29.71
C ALA A 533 18.51 -39.08 -29.37
N SER A 534 19.48 -39.96 -29.59
CA SER A 534 19.30 -41.39 -29.36
C SER A 534 19.01 -41.73 -27.89
N THR A 535 19.91 -41.35 -26.99
CA THR A 535 19.77 -41.71 -25.58
C THR A 535 18.79 -40.82 -24.81
N GLU A 536 18.71 -39.52 -25.13
CA GLU A 536 17.89 -38.58 -24.30
C GLU A 536 16.58 -38.10 -24.92
N ASN A 537 16.34 -38.40 -26.20
CA ASN A 537 15.14 -37.95 -26.96
C ASN A 537 15.05 -36.43 -27.08
N ILE A 538 16.20 -35.78 -27.12
CA ILE A 538 16.28 -34.35 -27.38
C ILE A 538 16.40 -34.20 -28.90
N ILE A 539 15.63 -33.31 -29.51
CA ILE A 539 15.89 -32.95 -30.91
C ILE A 539 16.97 -31.88 -30.88
N VAL A 540 18.00 -32.05 -31.71
CA VAL A 540 19.00 -31.00 -31.88
C VAL A 540 18.88 -30.43 -33.31
N ALA A 541 18.51 -29.15 -33.43
CA ALA A 541 18.32 -28.46 -34.70
C ALA A 541 19.37 -27.36 -34.84
N SER A 542 19.74 -27.02 -36.07
CA SER A 542 20.66 -25.91 -36.38
C SER A 542 20.10 -25.21 -37.59
N PHE A 543 20.21 -23.89 -37.63
CA PHE A 543 19.58 -23.05 -38.64
C PHE A 543 20.63 -22.16 -39.27
N ASP A 544 20.58 -21.99 -40.59
CA ASP A 544 21.48 -21.08 -41.29
C ASP A 544 20.73 -19.89 -41.81
N GLY A 545 20.58 -18.89 -40.95
CA GLY A 545 19.87 -17.65 -41.26
C GLY A 545 20.80 -16.65 -41.90
N ARG A 546 20.54 -15.36 -41.67
CA ARG A 546 21.31 -14.31 -42.33
C ARG A 546 22.71 -14.28 -41.77
N GLY A 547 23.65 -13.93 -42.64
CA GLY A 547 25.04 -14.03 -42.32
C GLY A 547 25.63 -15.36 -42.72
N SER A 548 24.82 -16.37 -43.05
CA SER A 548 25.37 -17.69 -43.41
C SER A 548 25.89 -17.69 -44.83
N GLY A 549 26.93 -18.47 -45.08
CA GLY A 549 27.59 -18.47 -46.37
C GLY A 549 26.95 -19.36 -47.40
N TYR A 550 27.54 -19.34 -48.61
CA TYR A 550 27.22 -20.27 -49.71
C TYR A 550 25.82 -20.15 -50.37
N GLN A 551 25.13 -19.02 -50.14
CA GLN A 551 23.77 -18.78 -50.65
C GLN A 551 23.65 -17.36 -51.28
N GLY A 552 24.76 -16.84 -51.80
CA GLY A 552 24.85 -15.48 -52.33
C GLY A 552 25.30 -14.51 -51.26
N ASP A 553 26.00 -13.44 -51.65
CA ASP A 553 26.40 -12.34 -50.73
C ASP A 553 25.22 -11.61 -50.09
N LYS A 554 24.10 -11.48 -50.80
CA LYS A 554 22.89 -10.87 -50.24
C LYS A 554 22.49 -11.46 -48.88
N ILE A 555 22.65 -12.78 -48.71
CA ILE A 555 22.44 -13.41 -47.40
C ILE A 555 23.66 -13.17 -46.51
N MET A 556 24.85 -13.44 -47.03
CA MET A 556 26.06 -13.43 -46.21
C MET A 556 26.46 -12.04 -45.71
N HIS A 557 26.31 -11.03 -46.55
CA HIS A 557 26.56 -9.65 -46.13
C HIS A 557 25.37 -8.98 -45.41
N ALA A 558 24.26 -9.68 -45.20
CA ALA A 558 23.11 -9.11 -44.48
C ALA A 558 23.41 -8.66 -43.05
N ILE A 559 24.43 -9.24 -42.41
CA ILE A 559 24.86 -8.84 -41.04
C ILE A 559 26.13 -7.99 -41.09
N ASN A 560 26.42 -7.36 -42.21
CA ASN A 560 27.62 -6.53 -42.31
C ASN A 560 27.48 -5.30 -41.40
N LYS A 561 28.58 -4.94 -40.73
CA LYS A 561 28.66 -3.83 -39.74
C LYS A 561 27.73 -3.98 -38.53
N ARG A 562 27.12 -5.15 -38.36
CA ARG A 562 26.01 -5.35 -37.43
C ARG A 562 25.96 -6.79 -36.83
N LEU A 563 27.07 -7.24 -36.21
CA LEU A 563 27.11 -8.56 -35.56
C LEU A 563 26.24 -8.47 -34.31
N GLY A 564 25.58 -9.56 -33.96
CA GLY A 564 24.68 -9.58 -32.81
C GLY A 564 23.28 -9.04 -33.01
N THR A 565 22.84 -8.93 -34.27
CA THR A 565 21.49 -8.42 -34.63
C THR A 565 20.67 -9.43 -35.46
N LEU A 566 20.83 -9.41 -36.79
CA LEU A 566 19.91 -10.16 -37.66
C LEU A 566 20.09 -11.69 -37.48
N GLU A 567 21.33 -12.19 -37.39
CA GLU A 567 21.57 -13.64 -37.12
C GLU A 567 21.13 -14.09 -35.74
N VAL A 568 21.20 -13.19 -34.74
CA VAL A 568 20.78 -13.51 -33.37
C VAL A 568 19.26 -13.69 -33.33
N GLU A 569 18.53 -12.75 -33.93
CA GLU A 569 17.06 -12.82 -34.04
C GLU A 569 16.59 -13.92 -35.04
N ASP A 570 17.37 -14.20 -36.08
CA ASP A 570 17.08 -15.32 -37.00
C ASP A 570 17.08 -16.67 -36.31
N GLN A 571 18.00 -16.89 -35.36
CA GLN A 571 17.95 -18.10 -34.49
C GLN A 571 16.68 -18.16 -33.68
N ILE A 572 16.32 -17.03 -33.07
CA ILE A 572 15.14 -16.95 -32.22
C ILE A 572 13.91 -17.23 -33.06
N GLU A 573 13.91 -16.67 -34.27
CA GLU A 573 12.82 -16.86 -35.25
C GLU A 573 12.70 -18.30 -35.74
N ALA A 574 13.82 -18.92 -36.03
CA ALA A 574 13.87 -20.31 -36.44
C ALA A 574 13.19 -21.20 -35.40
N ALA A 575 13.55 -21.01 -34.13
CA ALA A 575 12.99 -21.79 -33.03
C ALA A 575 11.49 -21.62 -32.98
N ARG A 576 11.03 -20.40 -33.27
CA ARG A 576 9.59 -20.13 -33.42
C ARG A 576 8.99 -20.90 -34.58
N GLN A 577 9.68 -20.87 -35.72
CA GLN A 577 9.26 -21.65 -36.86
C GLN A 577 9.17 -23.12 -36.56
N PHE A 578 10.17 -23.69 -35.87
CA PHE A 578 10.08 -25.10 -35.45
C PHE A 578 8.92 -25.32 -34.45
N LEU A 579 8.67 -24.35 -33.56
CA LEU A 579 7.50 -24.42 -32.63
C LEU A 579 6.16 -24.53 -33.38
N LYS A 580 6.01 -23.79 -34.47
CA LYS A 580 4.84 -23.88 -35.32
C LYS A 580 4.64 -25.28 -35.95
N MET A 581 5.74 -25.99 -36.21
CA MET A 581 5.70 -27.37 -36.72
C MET A 581 5.03 -28.34 -35.78
N GLY A 582 4.90 -27.98 -34.50
CA GLY A 582 3.99 -28.66 -33.56
C GLY A 582 4.57 -29.73 -32.66
N PHE A 583 5.65 -30.38 -33.12
CA PHE A 583 6.24 -31.53 -32.37
C PHE A 583 7.28 -31.12 -31.32
N VAL A 584 7.42 -29.82 -31.04
CA VAL A 584 8.36 -29.28 -30.03
C VAL A 584 7.59 -28.71 -28.81
N ASP A 585 8.03 -29.07 -27.60
CA ASP A 585 7.50 -28.53 -26.35
C ASP A 585 8.06 -27.14 -26.15
N SER A 586 7.17 -26.16 -26.06
CA SER A 586 7.51 -24.77 -25.84
C SER A 586 8.16 -24.55 -24.48
N LYS A 587 7.74 -25.34 -23.51
CA LYS A 587 8.32 -25.25 -22.18
C LYS A 587 9.78 -25.67 -22.08
N ARG A 588 10.27 -26.50 -23.02
CA ARG A 588 11.65 -27.03 -22.96
C ARG A 588 12.42 -26.82 -24.25
N VAL A 589 12.78 -25.58 -24.52
CA VAL A 589 13.58 -25.22 -25.70
C VAL A 589 14.91 -24.67 -25.21
N ALA A 590 16.01 -25.17 -25.74
CA ALA A 590 17.36 -24.76 -25.33
C ALA A 590 18.19 -24.34 -26.54
N ILE A 591 19.29 -23.65 -26.25
CA ILE A 591 20.25 -23.17 -27.25
C ILE A 591 21.67 -23.33 -26.65
N TRP A 592 22.61 -23.99 -27.34
CA TRP A 592 24.02 -24.09 -26.90
C TRP A 592 24.94 -23.77 -28.04
N GLY A 593 26.18 -23.43 -27.72
CA GLY A 593 27.17 -23.14 -28.76
C GLY A 593 28.58 -22.81 -28.26
N TRP A 594 29.55 -22.94 -29.18
CA TRP A 594 30.99 -22.75 -28.97
C TRP A 594 31.45 -21.59 -29.88
N SER A 595 32.49 -20.84 -29.46
CA SER A 595 33.09 -19.71 -30.26
C SER A 595 32.04 -18.61 -30.52
N TYR A 596 31.77 -18.35 -31.81
CA TYR A 596 30.78 -17.40 -32.22
C TYR A 596 29.42 -17.89 -31.75
N GLY A 597 29.20 -19.20 -31.86
CA GLY A 597 27.97 -19.82 -31.35
C GLY A 597 27.65 -19.50 -29.91
N GLY A 598 28.69 -19.49 -29.08
CA GLY A 598 28.56 -19.14 -27.67
C GLY A 598 28.10 -17.71 -27.49
N TYR A 599 28.72 -16.79 -28.24
CA TYR A 599 28.26 -15.40 -28.29
C TYR A 599 26.81 -15.30 -28.71
N VAL A 600 26.39 -16.10 -29.68
CA VAL A 600 25.02 -16.02 -30.19
C VAL A 600 24.05 -16.59 -29.16
N THR A 601 24.45 -17.67 -28.48
CA THR A 601 23.62 -18.25 -27.45
C THR A 601 23.44 -17.27 -26.30
N SER A 602 24.53 -16.61 -25.90
CA SER A 602 24.47 -15.58 -24.85
C SER A 602 23.55 -14.41 -25.23
N MET A 603 23.63 -13.97 -26.49
CA MET A 603 22.75 -12.91 -26.98
C MET A 603 21.27 -13.34 -27.13
N VAL A 604 21.01 -14.58 -27.53
CA VAL A 604 19.63 -15.09 -27.60
C VAL A 604 18.99 -15.19 -26.21
N LEU A 605 19.76 -15.74 -25.26
CA LEU A 605 19.36 -15.86 -23.86
C LEU A 605 19.08 -14.51 -23.20
N GLY A 606 19.76 -13.46 -23.66
CA GLY A 606 19.54 -12.10 -23.18
C GLY A 606 18.59 -11.23 -23.97
N SER A 607 17.95 -11.77 -24.99
CA SER A 607 17.07 -11.00 -25.86
C SER A 607 15.71 -10.73 -25.21
N GLY A 608 15.34 -11.53 -24.22
CA GLY A 608 14.03 -11.42 -23.58
C GLY A 608 12.90 -11.98 -24.42
N SER A 609 13.24 -12.82 -25.40
CA SER A 609 12.27 -13.36 -26.35
C SER A 609 11.22 -14.22 -25.67
N GLY A 610 11.56 -14.83 -24.54
CA GLY A 610 10.64 -15.73 -23.85
C GLY A 610 10.58 -17.14 -24.41
N VAL A 611 11.32 -17.40 -25.49
CA VAL A 611 11.28 -18.68 -26.16
C VAL A 611 12.14 -19.68 -25.38
N PHE A 612 13.42 -19.33 -25.23
CA PHE A 612 14.40 -20.26 -24.71
C PHE A 612 14.39 -20.21 -23.19
N LYS A 613 14.49 -21.38 -22.60
CA LYS A 613 14.47 -21.59 -21.17
C LYS A 613 15.88 -21.61 -20.54
N CYS A 614 16.81 -22.25 -21.23
CA CYS A 614 18.18 -22.41 -20.76
C CYS A 614 19.19 -22.48 -21.90
N GLY A 615 20.46 -22.40 -21.55
CA GLY A 615 21.50 -22.49 -22.54
C GLY A 615 22.90 -22.48 -21.98
N ILE A 616 23.84 -22.95 -22.81
CA ILE A 616 25.22 -23.16 -22.44
C ILE A 616 26.07 -22.39 -23.45
N ALA A 617 26.90 -21.48 -22.97
CA ALA A 617 27.87 -20.80 -23.82
C ALA A 617 29.23 -21.38 -23.46
N VAL A 618 29.96 -21.88 -24.46
CA VAL A 618 31.31 -22.37 -24.26
C VAL A 618 32.28 -21.45 -24.95
N ALA A 619 33.26 -20.97 -24.22
CA ALA A 619 34.30 -20.08 -24.77
C ALA A 619 33.75 -18.89 -25.57
N PRO A 620 32.71 -18.19 -25.06
CA PRO A 620 32.01 -17.19 -25.90
C PRO A 620 32.72 -15.86 -26.08
N VAL A 621 32.33 -15.15 -27.12
CA VAL A 621 32.75 -13.78 -27.32
C VAL A 621 31.72 -12.94 -26.57
N SER A 622 32.15 -11.98 -25.78
CA SER A 622 31.19 -11.13 -25.08
C SER A 622 31.12 -9.75 -25.68
N ARG A 623 32.28 -9.18 -25.99
CA ARG A 623 32.41 -7.86 -26.54
C ARG A 623 33.27 -8.00 -27.77
N TRP A 624 32.96 -7.29 -28.85
CA TRP A 624 33.77 -7.45 -30.08
C TRP A 624 35.14 -6.77 -30.03
N GLU A 625 35.39 -5.93 -29.02
CA GLU A 625 36.69 -5.28 -28.86
C GLU A 625 37.75 -6.18 -28.22
N TYR A 626 37.34 -7.35 -27.75
CA TYR A 626 38.25 -8.30 -27.17
C TYR A 626 38.79 -9.27 -28.21
N TYR A 627 37.99 -9.60 -29.23
CA TYR A 627 38.44 -10.56 -30.24
C TYR A 627 39.43 -9.93 -31.24
N ASP A 628 40.23 -10.77 -31.92
CA ASP A 628 41.31 -10.27 -32.80
C ASP A 628 40.84 -9.38 -33.96
N SER A 629 41.73 -8.46 -34.37
CA SER A 629 41.48 -7.46 -35.41
C SER A 629 41.11 -7.99 -36.79
N VAL A 630 41.92 -8.92 -37.33
CA VAL A 630 41.74 -9.43 -38.70
C VAL A 630 40.32 -9.98 -38.92
N TYR A 631 39.81 -10.72 -37.95
CA TYR A 631 38.44 -11.26 -38.03
C TYR A 631 37.36 -10.26 -37.61
N THR A 632 37.47 -9.69 -36.42
CA THR A 632 36.47 -8.71 -35.96
C THR A 632 36.24 -7.59 -36.95
N GLU A 633 37.33 -6.97 -37.44
CA GLU A 633 37.23 -5.78 -38.31
C GLU A 633 36.76 -6.11 -39.71
N ARG A 634 36.96 -7.35 -40.16
CA ARG A 634 36.40 -7.80 -41.44
C ARG A 634 34.89 -7.53 -41.51
N TYR A 635 34.16 -7.64 -40.38
CA TYR A 635 32.70 -7.52 -40.37
C TYR A 635 32.14 -6.28 -39.63
N MET A 636 32.96 -5.60 -38.82
CA MET A 636 32.46 -4.45 -38.03
C MET A 636 33.16 -3.10 -38.26
N GLY A 637 34.29 -3.08 -38.97
CA GLY A 637 35.10 -1.86 -39.12
C GLY A 637 35.86 -1.59 -37.83
N LEU A 638 36.38 -0.39 -37.62
CA LEU A 638 37.12 -0.12 -36.38
C LEU A 638 36.12 0.22 -35.27
N PRO A 639 36.53 0.11 -34.00
CA PRO A 639 35.66 0.57 -32.92
C PRO A 639 35.95 2.03 -32.54
N THR A 640 35.71 2.95 -33.49
CA THR A 640 35.97 4.40 -33.34
C THR A 640 34.71 5.23 -33.70
N PRO A 641 34.57 6.48 -33.19
CA PRO A 641 33.34 7.24 -33.57
C PRO A 641 33.18 7.54 -35.08
N GLU A 642 34.29 7.66 -35.77
CA GLU A 642 34.34 7.94 -37.22
C GLU A 642 33.60 6.87 -38.00
N ASP A 643 33.62 5.64 -37.50
CA ASP A 643 32.95 4.55 -38.17
C ASP A 643 32.56 3.45 -37.21
N ASN A 644 31.27 3.27 -36.96
CA ASN A 644 30.71 2.13 -36.19
C ASN A 644 31.11 1.80 -34.72
N LEU A 645 31.43 2.78 -33.87
CA LEU A 645 31.71 2.51 -32.46
C LEU A 645 30.45 2.25 -31.67
N ASP A 646 29.34 2.76 -32.17
CA ASP A 646 28.07 2.59 -31.49
C ASP A 646 27.64 1.13 -31.54
N HIS A 647 27.88 0.51 -32.67
CA HIS A 647 27.48 -0.87 -32.87
C HIS A 647 28.35 -1.87 -32.11
N TYR A 648 29.57 -1.49 -31.76
CA TYR A 648 30.38 -2.34 -30.92
C TYR A 648 29.77 -2.27 -29.53
N ARG A 649 29.35 -1.06 -29.13
CA ARG A 649 28.71 -0.81 -27.83
C ARG A 649 27.33 -1.48 -27.70
N ASN A 650 26.55 -1.51 -28.78
CA ASN A 650 25.17 -2.05 -28.77
C ASN A 650 25.08 -3.57 -28.58
N SER A 651 26.11 -4.28 -29.02
CA SER A 651 26.06 -5.72 -29.25
C SER A 651 26.86 -6.54 -28.25
N THR A 652 27.00 -6.08 -27.02
CA THR A 652 27.77 -6.81 -26.01
C THR A 652 26.85 -7.68 -25.19
N VAL A 653 27.36 -8.79 -24.72
CA VAL A 653 26.55 -9.65 -23.85
C VAL A 653 26.28 -8.91 -22.52
N MET A 654 27.27 -8.20 -22.02
CA MET A 654 27.14 -7.49 -20.76
C MET A 654 25.88 -6.62 -20.62
N SER A 655 25.51 -5.87 -21.65
CA SER A 655 24.35 -4.97 -21.57
C SER A 655 23.01 -5.69 -21.39
N ARG A 656 22.96 -7.00 -21.69
CA ARG A 656 21.71 -7.79 -21.59
C ARG A 656 21.61 -8.61 -20.31
N ALA A 657 22.39 -8.29 -19.28
CA ALA A 657 22.42 -9.09 -18.05
C ALA A 657 21.09 -9.10 -17.29
N GLU A 658 20.38 -7.98 -17.27
CA GLU A 658 19.04 -7.95 -16.68
C GLU A 658 18.13 -9.08 -17.20
N ASN A 659 18.17 -9.32 -18.51
CA ASN A 659 17.29 -10.31 -19.17
C ASN A 659 17.67 -11.76 -18.94
N PHE A 660 18.85 -12.02 -18.36
CA PHE A 660 19.22 -13.37 -17.92
C PHE A 660 18.43 -13.83 -16.71
N LYS A 661 17.75 -12.93 -15.99
CA LYS A 661 16.86 -13.33 -14.90
C LYS A 661 15.72 -14.27 -15.30
N GLN A 662 15.41 -14.38 -16.60
CA GLN A 662 14.35 -15.27 -17.08
C GLN A 662 14.85 -16.66 -17.53
N VAL A 663 16.17 -16.91 -17.51
CA VAL A 663 16.79 -18.11 -18.09
C VAL A 663 17.78 -18.76 -17.13
N GLU A 664 18.21 -19.99 -17.47
CA GLU A 664 19.25 -20.72 -16.73
C GLU A 664 20.46 -20.81 -17.65
N TYR A 665 21.57 -20.22 -17.23
CA TYR A 665 22.75 -20.04 -18.06
C TYR A 665 23.90 -20.90 -17.52
N LEU A 666 24.62 -21.60 -18.39
CA LEU A 666 25.82 -22.36 -17.98
C LEU A 666 27.01 -21.79 -18.74
N LEU A 667 27.86 -21.02 -18.07
CA LEU A 667 28.97 -20.37 -18.76
C LEU A 667 30.23 -21.20 -18.57
N ILE A 668 30.93 -21.54 -19.66
CA ILE A 668 32.15 -22.38 -19.61
C ILE A 668 33.31 -21.77 -20.38
N HIS A 669 34.52 -21.91 -19.87
CA HIS A 669 35.69 -21.37 -20.53
C HIS A 669 36.99 -22.02 -20.03
N GLY A 670 37.97 -22.18 -20.93
CA GLY A 670 39.30 -22.73 -20.57
C GLY A 670 40.19 -21.59 -20.11
N THR A 671 40.89 -21.75 -19.00
CA THR A 671 41.73 -20.66 -18.45
C THR A 671 42.88 -20.23 -19.38
N ALA A 672 43.38 -21.16 -20.19
CA ALA A 672 44.52 -20.91 -21.06
C ALA A 672 44.10 -20.82 -22.51
N ASP A 673 43.00 -20.11 -22.77
CA ASP A 673 42.51 -19.88 -24.12
C ASP A 673 43.23 -18.67 -24.69
N ASP A 674 43.92 -18.87 -25.79
CA ASP A 674 44.69 -17.82 -26.46
C ASP A 674 43.89 -17.20 -27.56
N ASN A 675 42.76 -17.81 -27.89
CA ASN A 675 41.91 -17.41 -28.99
C ASN A 675 40.85 -16.46 -28.49
N VAL A 676 39.87 -16.98 -27.74
CA VAL A 676 38.78 -16.20 -27.17
C VAL A 676 39.11 -16.19 -25.71
N HIS A 677 39.90 -15.20 -25.31
CA HIS A 677 40.53 -15.18 -24.00
C HIS A 677 39.52 -15.31 -22.89
N PHE A 678 39.94 -15.93 -21.78
CA PHE A 678 39.07 -16.14 -20.61
C PHE A 678 38.38 -14.85 -20.11
N GLN A 679 39.09 -13.73 -20.25
CA GLN A 679 38.59 -12.37 -20.00
C GLN A 679 37.16 -12.13 -20.46
N GLN A 680 36.83 -12.68 -21.61
CA GLN A 680 35.52 -12.47 -22.20
C GLN A 680 34.42 -13.06 -21.34
N SER A 681 34.67 -14.28 -20.84
CA SER A 681 33.76 -14.94 -19.90
C SER A 681 33.87 -14.34 -18.52
N ALA A 682 35.07 -13.97 -18.10
CA ALA A 682 35.26 -13.23 -16.83
C ALA A 682 34.44 -11.93 -16.75
N GLN A 683 34.25 -11.25 -17.88
CA GLN A 683 33.43 -10.06 -17.93
C GLN A 683 31.94 -10.37 -17.93
N ILE A 684 31.52 -11.48 -18.56
CA ILE A 684 30.10 -11.85 -18.60
C ILE A 684 29.65 -12.11 -17.18
N SER A 685 30.48 -12.88 -16.44
CA SER A 685 30.16 -13.25 -15.05
C SER A 685 30.02 -12.00 -14.18
N LYS A 686 30.97 -11.08 -14.33
CA LYS A 686 30.96 -9.85 -13.54
C LYS A 686 29.70 -9.02 -13.76
N ALA A 687 29.22 -8.98 -15.01
CA ALA A 687 27.99 -8.25 -15.35
C ALA A 687 26.73 -8.93 -14.77
N LEU A 688 26.69 -10.26 -14.78
CA LEU A 688 25.56 -11.02 -14.22
C LEU A 688 25.54 -10.88 -12.70
N VAL A 689 26.69 -10.91 -12.06
CA VAL A 689 26.78 -10.69 -10.62
C VAL A 689 26.32 -9.27 -10.24
N ASP A 690 26.83 -8.26 -10.96
CA ASP A 690 26.39 -6.89 -10.76
C ASP A 690 24.88 -6.77 -10.93
N ALA A 691 24.31 -7.45 -11.92
CA ALA A 691 22.87 -7.40 -12.16
C ALA A 691 22.01 -8.28 -11.25
N GLY A 692 22.59 -8.91 -10.22
CA GLY A 692 21.83 -9.82 -9.34
C GLY A 692 21.19 -11.03 -10.03
N VAL A 693 21.92 -11.65 -10.95
CA VAL A 693 21.44 -12.79 -11.76
C VAL A 693 22.16 -14.05 -11.34
N ASP A 694 21.45 -15.12 -10.92
CA ASP A 694 22.14 -16.38 -10.62
C ASP A 694 22.23 -17.20 -11.89
N PHE A 695 23.45 -17.67 -12.14
CA PHE A 695 23.81 -18.49 -13.28
C PHE A 695 24.72 -19.61 -12.77
N GLN A 696 25.19 -20.45 -13.69
CA GLN A 696 26.18 -21.49 -13.39
C GLN A 696 27.42 -21.37 -14.28
N ALA A 697 28.56 -21.81 -13.76
CA ALA A 697 29.84 -21.63 -14.45
C ALA A 697 30.78 -22.81 -14.24
N MET A 698 31.75 -22.96 -15.13
CA MET A 698 32.83 -23.96 -14.96
C MET A 698 34.04 -23.46 -15.70
N TRP A 699 35.12 -23.18 -14.99
CA TRP A 699 36.39 -22.94 -15.65
C TRP A 699 37.05 -24.29 -15.98
N TYR A 700 38.06 -24.27 -16.86
CA TYR A 700 38.87 -25.47 -17.18
C TYR A 700 40.37 -25.12 -17.17
N THR A 701 41.01 -25.33 -16.02
CA THR A 701 42.43 -25.05 -15.84
C THR A 701 43.33 -25.59 -16.97
N ASP A 702 44.06 -24.65 -17.59
CA ASP A 702 45.03 -24.91 -18.67
C ASP A 702 44.50 -25.47 -19.96
N GLU A 703 43.24 -25.20 -20.29
CA GLU A 703 42.68 -25.68 -21.55
C GLU A 703 42.59 -24.54 -22.51
N ASP A 704 42.81 -24.81 -23.78
CA ASP A 704 42.72 -23.78 -24.81
C ASP A 704 41.31 -23.69 -25.39
N HIS A 705 41.19 -23.30 -26.64
CA HIS A 705 39.89 -23.12 -27.22
C HIS A 705 39.20 -24.44 -27.49
N GLY A 706 40.00 -25.49 -27.70
CA GLY A 706 39.50 -26.82 -27.97
C GLY A 706 38.90 -27.54 -26.78
N ILE A 707 39.47 -27.33 -25.58
CA ILE A 707 39.12 -28.08 -24.37
C ILE A 707 39.23 -29.51 -24.83
N ALA A 708 40.43 -29.78 -25.36
CA ALA A 708 40.72 -30.94 -26.19
C ALA A 708 41.34 -32.09 -25.42
N SER A 709 42.05 -31.79 -24.33
CA SER A 709 42.64 -32.82 -23.44
C SER A 709 41.65 -33.91 -23.11
N SER A 710 42.06 -35.18 -23.21
CA SER A 710 41.11 -36.33 -23.13
C SER A 710 40.17 -36.32 -21.91
N THR A 711 40.73 -36.04 -20.73
CA THR A 711 39.96 -35.95 -19.49
C THR A 711 39.05 -34.69 -19.44
N ALA A 712 39.55 -33.52 -19.85
CA ALA A 712 38.74 -32.28 -19.91
C ALA A 712 37.59 -32.40 -20.92
N HIS A 713 37.88 -32.99 -22.08
CA HIS A 713 36.84 -33.29 -23.08
C HIS A 713 35.72 -34.12 -22.47
N GLN A 714 36.06 -35.22 -21.80
CA GLN A 714 35.03 -36.06 -21.17
C GLN A 714 34.22 -35.29 -20.12
N HIS A 715 34.87 -34.38 -19.42
CA HIS A 715 34.27 -33.62 -18.30
C HIS A 715 33.29 -32.52 -18.73
N ILE A 716 33.67 -31.75 -19.76
CA ILE A 716 32.79 -30.69 -20.30
C ILE A 716 31.51 -31.32 -20.82
N TYR A 717 31.59 -32.32 -21.69
CA TYR A 717 30.38 -32.91 -22.28
C TYR A 717 29.52 -33.67 -21.26
N SER A 718 30.15 -34.27 -20.25
CA SER A 718 29.41 -34.82 -19.10
C SER A 718 28.78 -33.71 -18.28
N HIS A 719 29.48 -32.59 -18.08
CA HIS A 719 28.92 -31.49 -17.28
C HIS A 719 27.71 -30.91 -17.95
N MET A 720 27.86 -30.54 -19.23
CA MET A 720 26.75 -30.02 -20.04
C MET A 720 25.58 -31.00 -20.16
N SER A 721 25.84 -32.32 -20.24
CA SER A 721 24.75 -33.30 -20.36
C SER A 721 23.88 -33.28 -19.11
N HIS A 722 24.52 -33.25 -17.95
CA HIS A 722 23.79 -33.17 -16.70
C HIS A 722 22.99 -31.88 -16.61
N PHE A 723 23.58 -30.75 -17.03
CA PHE A 723 22.87 -29.46 -17.12
C PHE A 723 21.59 -29.62 -17.92
N LEU A 724 21.70 -30.02 -19.18
CA LEU A 724 20.50 -30.28 -19.99
C LEU A 724 19.55 -31.32 -19.37
N GLN A 725 20.09 -32.29 -18.64
CA GLN A 725 19.25 -33.29 -17.99
C GLN A 725 18.30 -32.61 -17.00
N GLN A 726 18.82 -31.68 -16.20
CA GLN A 726 18.02 -30.91 -15.22
C GLN A 726 17.09 -29.88 -15.88
N CYS A 727 17.59 -29.14 -16.88
CA CYS A 727 16.81 -28.14 -17.60
C CYS A 727 15.59 -28.78 -18.31
N PHE A 728 15.71 -30.02 -18.77
CA PHE A 728 14.58 -30.70 -19.41
C PHE A 728 13.86 -31.69 -18.49
N SER A 729 14.14 -31.65 -17.18
CA SER A 729 13.52 -32.55 -16.21
C SER A 729 13.71 -34.02 -16.66
N LEU A 730 14.98 -34.36 -16.91
CA LEU A 730 15.41 -35.56 -17.65
C LEU A 730 14.87 -35.63 -19.08
N ARG B 3 6.89 -14.55 10.35
CA ARG B 3 8.11 -13.91 9.76
C ARG B 3 9.35 -14.66 10.28
N THR B 4 10.24 -15.07 9.37
CA THR B 4 11.54 -15.71 9.70
C THR B 4 12.65 -14.78 9.24
N TYR B 5 13.84 -14.90 9.82
CA TYR B 5 15.01 -14.13 9.33
C TYR B 5 15.44 -14.66 7.95
N THR B 6 15.08 -13.95 6.86
CA THR B 6 15.36 -14.40 5.48
C THR B 6 16.78 -14.08 4.92
N LEU B 7 17.15 -14.75 3.82
CA LEU B 7 18.44 -14.47 3.14
C LEU B 7 18.48 -13.02 2.74
N ALA B 8 17.38 -12.49 2.22
CA ALA B 8 17.26 -11.06 1.91
C ALA B 8 17.46 -10.20 3.15
N ASP B 9 17.14 -10.71 4.34
CA ASP B 9 17.44 -9.98 5.58
C ASP B 9 18.92 -9.98 5.88
N TYR B 10 19.61 -11.11 5.69
CA TYR B 10 21.07 -11.16 5.89
C TYR B 10 21.73 -10.15 4.95
N LEU B 11 21.39 -10.27 3.66
CA LEU B 11 22.04 -9.51 2.59
C LEU B 11 21.77 -8.01 2.58
N LYS B 12 20.54 -7.59 2.90
CA LYS B 12 20.16 -6.16 2.97
C LYS B 12 20.41 -5.53 4.37
N ASN B 13 20.99 -6.30 5.29
CA ASN B 13 21.31 -5.84 6.65
C ASN B 13 20.12 -5.18 7.41
N THR B 14 18.89 -5.64 7.13
CA THR B 14 17.65 -4.98 7.59
C THR B 14 17.54 -4.87 9.12
N PHE B 15 17.87 -5.96 9.82
CA PHE B 15 17.99 -5.96 11.28
C PHE B 15 19.46 -5.78 11.56
N ARG B 16 19.84 -4.64 12.15
CA ARG B 16 21.26 -4.27 12.32
C ARG B 16 21.69 -4.22 13.77
N VAL B 17 22.81 -4.84 14.08
CA VAL B 17 23.40 -4.84 15.42
C VAL B 17 24.24 -3.58 15.59
N LYS B 18 24.01 -2.82 16.66
CA LYS B 18 24.80 -1.62 16.95
C LYS B 18 25.90 -1.92 17.98
N SER B 19 27.12 -1.48 17.68
CA SER B 19 28.22 -1.52 18.65
C SER B 19 28.35 -0.11 19.20
N TYR B 20 29.42 0.20 19.94
CA TYR B 20 29.65 1.58 20.39
C TYR B 20 31.15 1.92 20.34
N SER B 21 31.62 2.28 19.16
CA SER B 21 33.02 2.64 18.99
C SER B 21 33.27 4.04 19.52
N LEU B 22 34.04 4.12 20.60
CA LEU B 22 34.56 5.37 21.15
C LEU B 22 36.08 5.27 21.17
N ARG B 23 36.75 6.41 21.08
CA ARG B 23 38.21 6.49 21.17
C ARG B 23 38.57 7.33 22.42
N TRP B 24 39.38 6.78 23.32
CA TRP B 24 39.81 7.52 24.52
C TRP B 24 40.87 8.59 24.19
N VAL B 25 40.48 9.87 24.26
CA VAL B 25 41.41 11.02 24.07
C VAL B 25 42.16 11.42 25.35
N SER B 26 41.61 11.08 26.51
CA SER B 26 42.25 11.33 27.81
C SER B 26 41.87 10.24 28.86
N ASP B 27 42.42 10.33 30.08
CA ASP B 27 42.13 9.35 31.17
C ASP B 27 40.68 9.41 31.69
N SER B 28 40.01 10.55 31.51
CA SER B 28 38.60 10.70 31.86
C SER B 28 37.67 11.16 30.71
N GLU B 29 38.14 11.25 29.46
CA GLU B 29 37.29 11.68 28.31
C GLU B 29 37.49 10.89 26.99
N TYR B 30 36.40 10.77 26.22
CA TYR B 30 36.41 10.05 24.93
C TYR B 30 35.63 10.77 23.83
N LEU B 31 35.92 10.43 22.58
CA LEU B 31 35.20 10.97 21.42
C LEU B 31 34.25 9.89 20.92
N TYR B 32 33.00 10.27 20.62
CA TYR B 32 31.99 9.37 20.04
C TYR B 32 31.28 10.08 18.88
N LYS B 33 30.51 9.33 18.07
CA LYS B 33 29.85 9.91 16.91
C LYS B 33 28.32 9.88 17.01
N GLN B 34 27.69 11.01 16.73
CA GLN B 34 26.25 11.18 16.84
C GLN B 34 25.76 11.92 15.61
N GLU B 35 24.83 11.33 14.85
CA GLU B 35 24.32 11.92 13.58
C GLU B 35 25.44 12.43 12.65
N ASN B 36 26.53 11.66 12.59
CA ASN B 36 27.78 12.01 11.89
C ASN B 36 28.54 13.27 12.39
N ASN B 37 28.33 13.63 13.67
CA ASN B 37 29.10 14.67 14.37
C ASN B 37 29.99 13.96 15.37
N ILE B 38 31.23 14.40 15.52
CA ILE B 38 32.10 13.89 16.57
C ILE B 38 31.82 14.74 17.80
N LEU B 39 31.43 14.09 18.90
CA LEU B 39 31.17 14.79 20.19
C LEU B 39 32.14 14.32 21.27
N LEU B 40 32.41 15.18 22.24
CA LEU B 40 33.33 14.85 23.36
C LEU B 40 32.51 14.58 24.62
N PHE B 41 32.83 13.50 25.33
CA PHE B 41 32.15 13.13 26.56
C PHE B 41 33.12 13.04 27.72
N ASN B 42 32.75 13.69 28.83
CA ASN B 42 33.50 13.63 30.08
C ASN B 42 32.78 12.65 31.00
N ALA B 43 33.50 11.62 31.49
CA ALA B 43 32.89 10.56 32.31
C ALA B 43 32.64 11.01 33.75
N GLU B 44 33.49 11.89 34.26
CA GLU B 44 33.32 12.41 35.63
C GLU B 44 31.94 13.08 35.84
N HIS B 45 31.57 13.99 34.94
CA HIS B 45 30.38 14.85 35.17
C HIS B 45 29.09 14.52 34.37
N GLY B 46 29.21 13.90 33.18
CA GLY B 46 28.04 13.60 32.33
C GLY B 46 27.76 14.61 31.21
N ASN B 47 28.56 15.67 31.10
CA ASN B 47 28.30 16.66 30.04
C ASN B 47 28.94 16.25 28.72
N SER B 48 28.27 16.61 27.62
CA SER B 48 28.72 16.33 26.25
C SER B 48 28.86 17.61 25.44
N SER B 49 30.04 17.86 24.87
CA SER B 49 30.25 19.03 23.98
C SER B 49 30.53 18.59 22.53
N ILE B 50 30.20 19.47 21.58
CA ILE B 50 30.48 19.22 20.15
C ILE B 50 31.97 19.42 19.88
N PHE B 51 32.62 18.44 19.24
CA PHE B 51 34.06 18.52 18.86
C PHE B 51 34.26 18.87 17.36
N LEU B 52 33.55 18.14 16.48
CA LEU B 52 33.49 18.45 15.03
C LEU B 52 32.08 18.30 14.49
N GLU B 53 31.56 19.36 13.88
CA GLU B 53 30.21 19.34 13.28
C GLU B 53 30.26 18.62 11.93
N ASN B 54 29.16 17.97 11.52
CA ASN B 54 29.13 17.21 10.26
C ASN B 54 29.44 18.08 9.05
N SER B 55 29.01 19.35 9.09
CA SER B 55 29.33 20.31 8.03
C SER B 55 30.81 20.30 7.65
N THR B 56 31.69 20.29 8.65
CA THR B 56 33.13 20.24 8.41
C THR B 56 33.52 19.03 7.52
N PHE B 57 32.99 17.85 7.85
CA PHE B 57 33.22 16.65 7.05
C PHE B 57 32.68 16.86 5.65
N GLU B 58 31.51 17.49 5.53
CA GLU B 58 30.87 17.73 4.22
C GLU B 58 31.57 18.68 3.25
N ILE B 59 32.57 19.42 3.70
CA ILE B 59 33.40 20.19 2.77
C ILE B 59 34.23 19.29 1.81
N PHE B 60 34.29 17.97 2.11
CA PHE B 60 34.82 16.96 1.17
C PHE B 60 33.76 15.95 0.75
N GLY B 61 32.49 16.32 0.83
CA GLY B 61 31.36 15.44 0.51
C GLY B 61 31.33 14.10 1.21
N ASP B 62 31.10 13.04 0.43
CA ASP B 62 31.05 11.66 0.94
C ASP B 62 32.44 10.98 0.97
N SER B 63 33.50 11.67 0.57
CA SER B 63 34.83 11.05 0.47
C SER B 63 35.54 10.73 1.79
N ILE B 64 35.19 11.41 2.88
CA ILE B 64 35.90 11.18 4.16
C ILE B 64 35.65 9.75 4.62
N SER B 65 36.74 9.01 4.82
CA SER B 65 36.69 7.63 5.31
C SER B 65 37.03 7.52 6.80
N ASP B 66 37.87 8.42 7.32
CA ASP B 66 38.20 8.44 8.75
C ASP B 66 38.77 9.81 9.18
N TYR B 67 38.91 10.01 10.50
CA TYR B 67 39.60 11.16 11.11
C TYR B 67 40.51 10.63 12.23
N SER B 68 41.64 11.30 12.45
CA SER B 68 42.53 11.03 13.58
C SER B 68 42.83 12.35 14.26
N VAL B 69 42.43 12.51 15.52
CA VAL B 69 42.64 13.74 16.28
C VAL B 69 44.03 13.72 16.94
N SER B 70 44.74 14.86 16.91
CA SER B 70 46.07 14.97 17.54
C SER B 70 45.93 14.92 19.05
N PRO B 71 46.93 14.38 19.76
CA PRO B 71 46.82 14.27 21.22
C PRO B 71 46.62 15.61 21.94
N ASP B 72 47.36 16.63 21.53
CA ASP B 72 47.15 18.00 22.03
C ASP B 72 45.75 18.62 21.78
N ARG B 73 44.99 18.02 20.86
CA ARG B 73 43.64 18.44 20.42
C ARG B 73 43.64 19.76 19.61
N LEU B 74 44.76 20.02 18.92
CA LEU B 74 44.93 21.21 18.10
C LEU B 74 44.48 20.99 16.66
N PHE B 75 44.84 19.86 16.07
CA PHE B 75 44.57 19.59 14.65
C PHE B 75 43.75 18.27 14.50
N VAL B 76 42.85 18.22 13.50
CA VAL B 76 42.19 16.99 13.04
C VAL B 76 42.82 16.57 11.70
N LEU B 77 43.03 15.27 11.51
CA LEU B 77 43.60 14.72 10.27
C LEU B 77 42.47 14.06 9.49
N LEU B 78 41.93 14.74 8.48
CA LEU B 78 40.80 14.21 7.66
C LEU B 78 41.29 13.33 6.51
N GLU B 79 40.86 12.05 6.48
CA GLU B 79 41.33 11.07 5.48
C GLU B 79 40.32 10.88 4.34
N TYR B 80 40.61 11.32 3.11
CA TYR B 80 39.66 11.14 2.00
C TYR B 80 40.23 10.16 0.98
N ASN B 81 39.39 9.75 0.02
CA ASN B 81 39.82 8.98 -1.16
C ASN B 81 40.52 7.65 -0.84
N TYR B 82 39.93 6.92 0.12
CA TYR B 82 40.44 5.58 0.51
C TYR B 82 40.44 4.65 -0.73
N VAL B 83 41.56 3.97 -0.95
CA VAL B 83 41.68 2.83 -1.89
C VAL B 83 42.38 1.67 -1.18
N LYS B 84 41.63 0.62 -0.85
CA LYS B 84 42.18 -0.61 -0.26
C LYS B 84 43.25 -1.24 -1.16
N GLN B 85 44.28 -1.80 -0.54
CA GLN B 85 45.29 -2.61 -1.21
C GLN B 85 45.00 -4.01 -0.66
N TRP B 86 45.67 -4.45 0.40
CA TRP B 86 45.47 -5.80 0.94
C TRP B 86 44.57 -5.76 2.23
N ARG B 87 44.73 -6.72 3.14
CA ARG B 87 43.84 -6.87 4.31
C ARG B 87 43.80 -5.64 5.21
N HIS B 88 44.98 -5.08 5.49
CA HIS B 88 45.17 -3.84 6.26
C HIS B 88 45.68 -2.66 5.45
N SER B 89 46.48 -2.91 4.42
CA SER B 89 47.08 -1.85 3.60
C SER B 89 46.04 -1.12 2.73
N TYR B 90 46.20 0.19 2.63
CA TYR B 90 45.44 1.04 1.75
C TYR B 90 46.28 2.29 1.47
N THR B 91 45.93 3.04 0.43
CA THR B 91 46.43 4.41 0.25
C THR B 91 45.26 5.39 0.32
N ALA B 92 45.56 6.62 0.69
CA ALA B 92 44.57 7.68 0.83
C ALA B 92 45.22 9.08 0.85
N SER B 93 44.41 10.10 0.54
CA SER B 93 44.81 11.50 0.62
C SER B 93 44.35 12.07 1.96
N TYR B 94 45.09 13.04 2.49
CA TYR B 94 44.80 13.62 3.81
C TYR B 94 44.81 15.13 3.78
N SER B 95 43.94 15.72 4.59
CA SER B 95 43.93 17.15 4.81
C SER B 95 43.97 17.41 6.31
N ILE B 96 44.68 18.46 6.71
CA ILE B 96 44.79 18.88 8.10
C ILE B 96 43.90 20.13 8.30
N TYR B 97 42.85 19.98 9.09
CA TYR B 97 41.94 21.07 9.45
C TYR B 97 42.32 21.48 10.86
N ASP B 98 42.55 22.77 11.10
CA ASP B 98 42.86 23.26 12.45
C ASP B 98 41.56 23.55 13.17
N LEU B 99 41.39 22.98 14.36
CA LEU B 99 40.13 23.13 15.13
C LEU B 99 39.88 24.59 15.52
N ASN B 100 40.84 25.20 16.20
CA ASN B 100 40.67 26.58 16.72
C ASN B 100 40.37 27.57 15.60
N LYS B 101 41.22 27.56 14.57
CA LYS B 101 41.13 28.51 13.46
C LYS B 101 39.97 28.22 12.48
N ARG B 102 39.43 26.99 12.50
CA ARG B 102 38.28 26.57 11.66
C ARG B 102 38.49 26.83 10.15
N GLN B 103 39.71 26.55 9.68
CA GLN B 103 40.07 26.56 8.25
C GLN B 103 41.01 25.39 7.95
N LEU B 104 40.93 24.86 6.73
CA LEU B 104 41.85 23.79 6.30
C LEU B 104 43.26 24.34 6.12
N ILE B 105 44.25 23.59 6.58
CA ILE B 105 45.65 23.95 6.37
C ILE B 105 45.94 23.62 4.92
N THR B 106 46.26 24.65 4.15
CA THR B 106 46.40 24.56 2.69
C THR B 106 47.84 24.91 2.28
N GLU B 107 48.78 24.74 3.21
CA GLU B 107 50.20 25.00 3.00
C GLU B 107 50.98 23.71 3.26
N GLU B 108 51.90 23.38 2.36
CA GLU B 108 52.74 22.19 2.46
C GLU B 108 51.89 20.93 2.75
N LYS B 109 50.96 20.63 1.85
CA LYS B 109 50.03 19.51 2.02
C LYS B 109 50.71 18.14 1.97
N ILE B 110 49.99 17.16 2.51
CA ILE B 110 50.43 15.77 2.49
C ILE B 110 50.08 15.25 1.11
N PRO B 111 51.02 14.56 0.44
CA PRO B 111 50.84 14.13 -0.94
C PRO B 111 49.72 13.11 -1.13
N ASN B 112 49.23 12.98 -2.36
CA ASN B 112 48.20 11.98 -2.62
C ASN B 112 48.83 10.57 -2.69
N ASN B 113 47.99 9.56 -2.54
CA ASN B 113 48.41 8.15 -2.43
C ASN B 113 49.39 7.90 -1.29
N THR B 114 49.16 8.55 -0.15
CA THR B 114 49.99 8.32 1.00
C THR B 114 49.65 6.93 1.51
N GLN B 115 50.66 6.19 1.91
CA GLN B 115 50.50 4.80 2.28
C GLN B 115 50.15 4.64 3.77
N TRP B 116 50.88 5.31 4.66
CA TRP B 116 50.61 5.25 6.11
C TRP B 116 50.99 6.55 6.82
N ILE B 117 50.10 7.05 7.66
CA ILE B 117 50.28 8.35 8.35
C ILE B 117 49.89 8.26 9.84
N THR B 118 50.58 9.01 10.69
CA THR B 118 50.23 9.04 12.12
C THR B 118 50.73 10.27 12.87
N TRP B 119 49.95 10.71 13.86
CA TRP B 119 50.42 11.68 14.84
C TRP B 119 51.38 10.99 15.81
N SER B 120 52.23 11.77 16.46
CA SER B 120 53.06 11.28 17.57
C SER B 120 52.16 11.00 18.78
N GLN B 121 52.66 10.21 19.72
CA GLN B 121 51.91 9.77 20.91
C GLN B 121 51.37 10.97 21.74
N GLU B 122 52.20 12.01 21.86
CA GLU B 122 51.80 13.31 22.43
C GLU B 122 52.29 14.42 21.49
N GLY B 123 51.51 15.50 21.40
CA GLY B 123 51.84 16.65 20.56
C GLY B 123 51.09 16.68 19.23
N HIS B 124 51.67 17.37 18.23
CA HIS B 124 51.13 17.46 16.85
C HIS B 124 52.23 17.19 15.75
N LYS B 125 53.24 16.36 16.04
CA LYS B 125 54.20 15.92 15.02
C LYS B 125 53.56 14.78 14.21
N LEU B 126 53.92 14.68 12.93
CA LEU B 126 53.39 13.67 11.96
C LEU B 126 54.52 12.87 11.32
N ALA B 127 54.35 11.54 11.18
CA ALA B 127 55.22 10.72 10.32
C ALA B 127 54.41 10.00 9.23
N TYR B 128 54.43 10.49 7.99
CA TYR B 128 53.77 9.81 6.87
C TYR B 128 54.73 8.93 6.05
N VAL B 129 54.18 7.97 5.28
CA VAL B 129 54.94 7.09 4.36
C VAL B 129 54.38 7.30 2.96
N TRP B 130 55.20 7.67 1.99
CA TRP B 130 54.77 7.95 0.61
C TRP B 130 55.80 7.38 -0.33
N LYS B 131 55.39 6.77 -1.43
CA LYS B 131 56.31 6.07 -2.37
C LYS B 131 57.44 5.32 -1.66
N ASN B 132 57.03 4.52 -0.69
CA ASN B 132 57.89 3.65 0.13
C ASN B 132 58.90 4.33 1.06
N ASP B 133 58.88 5.66 1.16
CA ASP B 133 59.85 6.43 1.96
C ASP B 133 59.16 7.14 3.15
N ILE B 134 59.86 7.22 4.29
CA ILE B 134 59.35 7.86 5.53
C ILE B 134 59.64 9.38 5.48
N TYR B 135 58.61 10.20 5.72
CA TYR B 135 58.72 11.67 5.86
C TYR B 135 58.16 12.04 7.24
N VAL B 136 58.79 12.98 7.96
CA VAL B 136 58.31 13.49 9.26
C VAL B 136 57.96 14.96 9.08
N LYS B 137 56.72 15.37 9.32
CA LYS B 137 56.36 16.81 9.33
C LYS B 137 56.32 17.30 10.76
N ILE B 138 57.29 18.10 11.16
CA ILE B 138 57.39 18.54 12.56
C ILE B 138 56.16 19.35 13.02
N GLU B 139 55.62 20.15 12.11
CA GLU B 139 54.40 20.94 12.32
C GLU B 139 53.56 20.86 11.04
N PRO B 140 52.21 20.78 11.16
CA PRO B 140 51.31 20.79 10.00
C PRO B 140 51.62 21.84 8.94
N HIS B 141 51.86 23.08 9.36
CA HIS B 141 52.11 24.20 8.44
C HIS B 141 53.47 23.98 7.72
N LEU B 142 54.44 23.37 8.40
CA LEU B 142 55.84 23.32 7.94
C LEU B 142 56.16 22.22 6.89
N PRO B 143 57.20 22.43 6.05
CA PRO B 143 57.65 21.42 5.08
C PRO B 143 58.16 20.12 5.71
N SER B 144 58.01 19.01 4.97
CA SER B 144 58.36 17.68 5.46
C SER B 144 59.86 17.43 5.36
N HIS B 145 60.35 16.53 6.22
CA HIS B 145 61.76 16.11 6.25
C HIS B 145 61.86 14.64 5.81
N ARG B 146 62.51 14.36 4.68
CA ARG B 146 62.61 12.98 4.16
C ARG B 146 63.55 12.11 5.03
N ILE B 147 62.99 11.26 5.90
CA ILE B 147 63.82 10.43 6.80
C ILE B 147 64.63 9.37 6.06
N THR B 148 63.99 8.66 5.12
CA THR B 148 64.65 7.60 4.31
C THR B 148 64.50 7.86 2.82
N SER B 149 65.46 7.39 2.01
CA SER B 149 65.42 7.54 0.51
C SER B 149 65.66 6.25 -0.33
N THR B 150 65.73 5.09 0.31
CA THR B 150 65.93 3.81 -0.37
C THR B 150 64.66 3.19 -1.03
N GLY B 151 63.49 3.81 -0.84
CA GLY B 151 62.20 3.24 -1.24
C GLY B 151 62.01 2.95 -2.72
N LYS B 152 61.67 1.70 -3.01
CA LYS B 152 61.35 1.24 -4.36
C LYS B 152 60.12 0.38 -4.25
N GLU B 153 59.09 0.71 -5.02
CA GLU B 153 57.85 -0.06 -5.13
C GLU B 153 58.14 -1.56 -5.29
N ASN B 154 57.60 -2.36 -4.37
CA ASN B 154 57.72 -3.83 -4.36
C ASN B 154 59.11 -4.41 -4.04
N VAL B 155 60.06 -3.58 -3.61
CA VAL B 155 61.43 -4.03 -3.31
C VAL B 155 61.86 -3.63 -1.90
N ILE B 156 61.96 -2.32 -1.64
CA ILE B 156 62.47 -1.76 -0.38
C ILE B 156 61.28 -1.10 0.27
N PHE B 157 60.88 -1.58 1.44
CA PHE B 157 59.72 -1.01 2.15
C PHE B 157 60.27 -0.33 3.40
N ASN B 158 60.26 1.00 3.46
CA ASN B 158 60.62 1.72 4.72
C ASN B 158 59.38 2.13 5.48
N GLY B 159 59.28 1.75 6.74
CA GLY B 159 58.15 2.17 7.58
C GLY B 159 56.80 1.54 7.30
N ILE B 160 56.79 0.51 6.46
CA ILE B 160 55.59 -0.22 6.07
C ILE B 160 55.97 -1.67 5.80
N ASN B 161 55.05 -2.58 6.08
CA ASN B 161 55.31 -3.99 5.91
C ASN B 161 55.08 -4.38 4.48
N ASP B 162 55.89 -5.29 3.97
CA ASP B 162 55.59 -6.00 2.72
C ASP B 162 54.43 -6.98 3.00
N TRP B 163 54.07 -7.78 1.99
CA TRP B 163 52.86 -8.60 2.06
C TRP B 163 52.87 -9.62 3.20
N VAL B 164 54.00 -10.30 3.40
CA VAL B 164 54.10 -11.45 4.35
C VAL B 164 54.01 -11.01 5.82
N TYR B 165 54.68 -9.90 6.16
CA TYR B 165 54.64 -9.35 7.51
C TYR B 165 53.27 -8.72 7.80
N GLU B 166 52.73 -7.97 6.84
CA GLU B 166 51.41 -7.38 6.99
C GLU B 166 50.35 -8.43 7.29
N GLU B 167 50.47 -9.60 6.68
CA GLU B 167 49.43 -10.63 6.77
C GLU B 167 49.60 -11.59 7.94
N GLU B 168 50.85 -11.85 8.34
CA GLU B 168 51.15 -12.96 9.25
C GLU B 168 51.90 -12.63 10.50
N ILE B 169 52.40 -11.40 10.62
CA ILE B 169 53.16 -11.03 11.80
C ILE B 169 52.46 -9.87 12.48
N PHE B 170 52.64 -8.66 11.98
CA PHE B 170 52.19 -7.47 12.71
C PHE B 170 50.69 -7.18 12.58
N GLY B 171 50.11 -7.65 11.47
CA GLY B 171 48.70 -7.48 11.18
C GLY B 171 48.35 -6.03 10.97
N ALA B 172 49.27 -5.27 10.38
CA ALA B 172 49.08 -3.86 10.04
C ALA B 172 49.97 -3.46 8.85
N TYR B 173 49.63 -2.40 8.13
CA TYR B 173 50.52 -1.87 7.11
C TYR B 173 51.69 -1.17 7.79
N SER B 174 51.38 -0.47 8.88
CA SER B 174 52.35 0.31 9.66
C SER B 174 53.55 -0.48 10.14
N ALA B 175 54.72 0.09 9.93
CA ALA B 175 55.93 -0.30 10.65
C ALA B 175 56.62 0.96 11.18
N LEU B 176 55.83 1.96 11.58
CA LEU B 176 56.34 3.19 12.19
C LEU B 176 55.86 3.21 13.65
N TRP B 177 56.78 3.52 14.56
CA TRP B 177 56.50 3.62 15.99
C TRP B 177 57.18 4.86 16.61
N TRP B 178 56.41 5.93 16.86
CA TRP B 178 56.90 7.10 17.61
C TRP B 178 57.19 6.75 19.07
N SER B 179 58.16 7.43 19.68
CA SER B 179 58.58 7.18 21.08
C SER B 179 57.58 7.80 22.07
N PRO B 180 57.66 7.44 23.37
CA PRO B 180 56.65 7.93 24.29
C PRO B 180 56.52 9.47 24.35
N ASN B 181 57.65 10.16 24.47
CA ASN B 181 57.67 11.64 24.50
C ASN B 181 58.16 12.28 23.17
N GLY B 182 58.27 11.49 22.11
CA GLY B 182 58.45 12.02 20.74
C GLY B 182 59.86 12.32 20.24
N THR B 183 60.90 11.98 21.02
CA THR B 183 62.29 12.26 20.56
C THR B 183 62.64 11.42 19.32
N PHE B 184 62.48 10.10 19.43
CA PHE B 184 62.86 9.13 18.39
C PHE B 184 61.67 8.58 17.59
N LEU B 185 61.87 8.29 16.31
CA LEU B 185 60.90 7.58 15.47
C LEU B 185 61.51 6.24 15.05
N ALA B 186 61.10 5.11 15.65
CA ALA B 186 61.61 3.79 15.24
C ALA B 186 60.83 3.22 14.03
N TYR B 187 61.46 2.35 13.25
CA TYR B 187 60.81 1.72 12.08
C TYR B 187 61.51 0.49 11.55
N ALA B 188 60.82 -0.27 10.70
CA ALA B 188 61.37 -1.48 10.08
C ALA B 188 61.52 -1.22 8.60
N GLN B 189 62.63 -1.71 8.03
CA GLN B 189 62.89 -1.66 6.60
C GLN B 189 62.93 -3.10 6.11
N PHE B 190 62.12 -3.44 5.10
CA PHE B 190 62.08 -4.81 4.54
C PHE B 190 62.67 -4.79 3.12
N ASN B 191 63.54 -5.76 2.82
CA ASN B 191 64.18 -5.91 1.50
C ASN B 191 63.56 -7.13 0.83
N ASP B 192 62.80 -6.91 -0.24
CA ASP B 192 62.14 -7.98 -1.01
C ASP B 192 62.94 -8.48 -2.23
N THR B 193 64.22 -8.15 -2.33
CA THR B 193 65.07 -8.75 -3.36
C THR B 193 65.11 -10.27 -3.14
N GLY B 194 64.88 -11.00 -4.23
CA GLY B 194 64.98 -12.45 -4.26
C GLY B 194 63.68 -13.19 -4.05
N VAL B 195 62.64 -12.54 -3.50
CA VAL B 195 61.40 -13.25 -3.13
C VAL B 195 60.53 -13.42 -4.36
N PRO B 196 60.16 -14.68 -4.70
CA PRO B 196 59.48 -14.87 -5.98
C PRO B 196 58.09 -14.21 -6.07
N LEU B 197 57.70 -13.91 -7.32
CA LEU B 197 56.46 -13.23 -7.61
C LEU B 197 55.33 -14.22 -7.91
N ILE B 198 54.16 -13.94 -7.34
CA ILE B 198 52.91 -14.59 -7.71
C ILE B 198 52.30 -13.60 -8.63
N GLU B 199 51.94 -14.03 -9.84
CA GLU B 199 51.22 -13.16 -10.80
C GLU B 199 49.79 -13.67 -11.10
N TYR B 200 48.89 -12.76 -11.44
CA TYR B 200 47.50 -13.12 -11.83
C TYR B 200 46.84 -11.98 -12.63
N SER B 201 45.79 -12.28 -13.39
CA SER B 201 45.11 -11.30 -14.24
C SER B 201 44.05 -10.47 -13.47
N PHE B 202 44.07 -9.14 -13.64
CA PHE B 202 42.97 -8.27 -13.25
C PHE B 202 42.27 -7.86 -14.54
N TYR B 203 40.97 -8.15 -14.62
CA TYR B 203 40.17 -7.90 -15.82
C TYR B 203 39.55 -6.49 -15.88
N SER B 204 39.23 -5.93 -14.72
CA SER B 204 38.83 -4.53 -14.56
C SER B 204 37.45 -4.23 -15.15
N ASP B 205 37.12 -2.95 -15.34
CA ASP B 205 35.89 -2.52 -16.05
C ASP B 205 35.86 -3.10 -17.48
N GLU B 206 34.68 -3.41 -17.96
CA GLU B 206 34.54 -3.96 -19.31
C GLU B 206 35.18 -3.09 -20.39
N SER B 207 35.46 -1.83 -20.08
CA SER B 207 36.08 -0.93 -21.03
C SER B 207 37.55 -1.24 -21.27
N LEU B 208 38.21 -1.84 -20.28
CA LEU B 208 39.62 -2.23 -20.43
C LEU B 208 39.79 -3.33 -21.49
N GLN B 209 40.49 -3.01 -22.58
CA GLN B 209 40.58 -3.94 -23.72
C GLN B 209 41.46 -5.15 -23.48
N TYR B 210 42.57 -4.94 -22.75
CA TYR B 210 43.56 -5.97 -22.43
C TYR B 210 43.65 -6.14 -20.89
N PRO B 211 43.39 -7.34 -20.34
CA PRO B 211 43.54 -7.49 -18.87
C PRO B 211 44.98 -7.22 -18.41
N LYS B 212 45.13 -6.63 -17.23
CA LYS B 212 46.42 -6.25 -16.68
C LYS B 212 46.89 -7.41 -15.84
N THR B 213 48.19 -7.69 -15.85
CA THR B 213 48.76 -8.71 -14.96
C THR B 213 49.18 -8.01 -13.68
N VAL B 214 48.80 -8.58 -12.54
CA VAL B 214 49.14 -8.05 -11.20
C VAL B 214 50.27 -8.86 -10.62
N TRP B 215 51.22 -8.21 -9.94
CA TRP B 215 52.31 -8.96 -9.29
C TRP B 215 52.58 -8.54 -7.86
N ILE B 216 52.95 -9.52 -7.04
CA ILE B 216 53.28 -9.32 -5.64
C ILE B 216 54.47 -10.21 -5.32
N PRO B 217 55.45 -9.68 -4.58
CA PRO B 217 56.46 -10.54 -3.96
C PRO B 217 55.87 -11.33 -2.80
N TYR B 218 55.58 -12.59 -3.03
CA TYR B 218 54.87 -13.43 -2.09
C TYR B 218 55.73 -14.66 -1.93
N PRO B 219 56.24 -14.91 -0.71
CA PRO B 219 57.09 -16.07 -0.48
C PRO B 219 56.27 -17.27 -0.07
N LYS B 220 56.23 -18.29 -0.92
CA LYS B 220 55.45 -19.53 -0.68
C LYS B 220 56.32 -20.48 0.16
N ALA B 221 55.81 -21.66 0.55
CA ALA B 221 56.53 -22.53 1.51
C ALA B 221 57.92 -22.93 1.02
N GLY B 222 58.94 -22.53 1.77
CA GLY B 222 60.33 -22.85 1.45
C GLY B 222 61.09 -21.83 0.61
N ALA B 223 60.44 -20.76 0.19
CA ALA B 223 61.03 -19.84 -0.79
C ALA B 223 61.94 -18.80 -0.13
N VAL B 224 62.62 -18.01 -0.98
CA VAL B 224 63.43 -16.90 -0.49
C VAL B 224 62.44 -15.96 0.21
N ASN B 225 62.78 -15.59 1.44
CA ASN B 225 61.93 -14.76 2.31
C ASN B 225 62.49 -13.33 2.30
N PRO B 226 61.64 -12.34 2.60
CA PRO B 226 62.17 -11.01 2.89
C PRO B 226 63.16 -11.00 4.05
N THR B 227 64.15 -10.13 3.97
CA THR B 227 64.98 -9.78 5.12
C THR B 227 64.47 -8.49 5.73
N VAL B 228 64.70 -8.31 7.04
CA VAL B 228 64.28 -7.14 7.82
C VAL B 228 65.48 -6.54 8.57
N LYS B 229 65.60 -5.22 8.52
CA LYS B 229 66.49 -4.43 9.36
C LYS B 229 65.58 -3.48 10.18
N PHE B 230 65.97 -3.22 11.43
CA PHE B 230 65.32 -2.22 12.30
C PHE B 230 66.17 -0.93 12.40
N PHE B 231 65.55 0.26 12.48
CA PHE B 231 66.25 1.58 12.59
C PHE B 231 65.53 2.54 13.54
N ILE B 232 66.27 3.35 14.30
CA ILE B 232 65.70 4.41 15.19
C ILE B 232 66.32 5.76 14.81
N VAL B 233 65.54 6.66 14.21
CA VAL B 233 66.01 8.01 13.82
C VAL B 233 65.64 9.03 14.90
N ASN B 234 66.50 10.04 15.10
CA ASN B 234 66.27 11.10 16.06
C ASN B 234 65.52 12.25 15.37
N THR B 235 64.22 12.41 15.66
CA THR B 235 63.42 13.46 14.99
C THR B 235 63.66 14.87 15.51
N ASP B 236 64.05 15.02 16.77
CA ASP B 236 64.49 16.34 17.27
C ASP B 236 65.72 16.82 16.49
N SER B 237 66.62 15.90 16.19
CA SER B 237 67.81 16.21 15.37
C SER B 237 67.50 16.68 13.94
N LEU B 238 66.28 16.49 13.42
CA LEU B 238 65.90 16.94 12.07
C LEU B 238 66.21 18.41 11.84
N SER B 239 66.88 18.67 10.71
CA SER B 239 67.35 20.01 10.32
C SER B 239 67.13 20.22 8.82
N SER B 240 66.61 21.40 8.46
CA SER B 240 66.30 21.71 7.06
C SER B 240 67.54 21.72 6.17
N THR B 241 68.61 22.32 6.65
CA THR B 241 69.90 22.36 5.94
C THR B 241 71.00 21.58 6.66
N THR B 242 70.66 20.57 7.48
CA THR B 242 71.69 19.68 8.09
C THR B 242 71.41 18.18 7.94
N THR B 243 72.50 17.43 7.73
CA THR B 243 72.50 15.97 7.51
C THR B 243 71.96 15.22 8.73
N THR B 244 71.02 14.31 8.49
CA THR B 244 70.44 13.47 9.53
C THR B 244 70.72 12.01 9.20
N ILE B 245 71.09 11.23 10.23
CA ILE B 245 71.41 9.81 10.07
C ILE B 245 70.57 9.00 11.06
N PRO B 246 69.91 7.93 10.59
CA PRO B 246 69.26 6.95 11.47
C PRO B 246 70.20 5.80 11.86
N MET B 247 70.13 5.38 13.13
CA MET B 247 71.01 4.34 13.68
C MET B 247 70.32 3.00 13.42
N GLN B 248 71.04 2.02 12.86
CA GLN B 248 70.48 0.68 12.68
C GLN B 248 70.79 -0.14 13.93
N ILE B 249 69.75 -0.70 14.55
CA ILE B 249 69.96 -1.60 15.70
C ILE B 249 70.05 -3.00 15.09
N THR B 250 71.18 -3.68 15.31
CA THR B 250 71.44 -4.98 14.69
C THR B 250 70.73 -6.06 15.47
N ALA B 251 70.23 -7.08 14.76
CA ALA B 251 69.50 -8.19 15.38
C ALA B 251 70.44 -9.11 16.19
N PRO B 252 69.92 -9.86 17.18
CA PRO B 252 70.75 -10.79 17.99
C PRO B 252 71.53 -11.89 17.24
N ALA B 253 72.54 -12.45 17.90
CA ALA B 253 73.44 -13.48 17.31
C ALA B 253 72.76 -14.83 17.20
N SER B 254 71.90 -15.09 18.18
CA SER B 254 70.95 -16.19 18.17
C SER B 254 70.12 -16.29 16.86
N VAL B 255 69.53 -15.16 16.47
CA VAL B 255 68.61 -15.12 15.32
C VAL B 255 69.43 -15.04 14.00
N THR B 256 70.53 -14.29 13.98
CA THR B 256 71.40 -14.10 12.76
C THR B 256 72.02 -15.35 12.08
N THR B 257 72.09 -16.50 12.76
CA THR B 257 72.73 -17.70 12.18
C THR B 257 72.09 -18.18 10.86
N GLY B 258 70.76 -18.10 10.75
CA GLY B 258 70.02 -18.46 9.54
C GLY B 258 68.92 -17.44 9.25
N ASP B 259 67.85 -17.88 8.60
CA ASP B 259 66.72 -16.99 8.27
C ASP B 259 65.88 -16.71 9.52
N HIS B 260 65.36 -15.48 9.65
CA HIS B 260 64.54 -15.02 10.81
C HIS B 260 63.48 -13.93 10.46
N TYR B 261 62.68 -13.56 11.47
CA TYR B 261 61.70 -12.46 11.37
C TYR B 261 61.80 -11.51 12.59
N LEU B 262 61.38 -10.25 12.43
CA LEU B 262 61.10 -9.31 13.55
C LEU B 262 59.59 -9.40 13.85
N CYS B 263 59.18 -9.65 15.11
CA CYS B 263 57.74 -9.81 15.46
C CYS B 263 57.04 -8.83 16.44
N ASP B 264 57.79 -8.07 17.24
CA ASP B 264 57.21 -7.07 18.17
C ASP B 264 58.12 -5.85 18.28
N VAL B 265 57.52 -4.68 18.52
CA VAL B 265 58.23 -3.45 18.80
C VAL B 265 57.43 -2.78 19.94
N ALA B 266 58.07 -2.63 21.10
CA ALA B 266 57.45 -2.08 22.32
C ALA B 266 58.31 -0.96 22.89
N TRP B 267 57.99 0.28 22.56
CA TRP B 267 58.63 1.44 23.24
C TRP B 267 58.35 1.34 24.75
N VAL B 268 59.39 1.19 25.57
CA VAL B 268 59.24 1.06 27.05
C VAL B 268 59.22 2.41 27.76
N SER B 269 60.29 3.18 27.58
CA SER B 269 60.47 4.53 28.15
C SER B 269 61.08 5.39 27.06
N GLU B 270 61.45 6.64 27.36
CA GLU B 270 62.04 7.47 26.30
C GLU B 270 63.37 6.92 25.78
N ASP B 271 64.15 6.26 26.65
CA ASP B 271 65.47 5.71 26.27
C ASP B 271 65.54 4.15 26.24
N ARG B 272 64.45 3.50 25.82
CA ARG B 272 64.41 2.02 25.81
C ARG B 272 63.29 1.46 24.93
N ILE B 273 63.58 0.36 24.23
CA ILE B 273 62.68 -0.23 23.21
C ILE B 273 62.88 -1.76 23.22
N SER B 274 61.79 -2.54 23.28
CA SER B 274 61.88 -4.02 23.26
C SER B 274 61.64 -4.49 21.83
N LEU B 275 62.57 -5.29 21.29
CA LEU B 275 62.45 -5.87 19.96
C LEU B 275 62.39 -7.39 20.08
N GLN B 276 61.25 -8.00 19.75
CA GLN B 276 61.19 -9.47 19.63
C GLN B 276 61.68 -9.91 18.22
N TRP B 277 62.64 -10.86 18.18
CA TRP B 277 63.16 -11.48 16.94
C TRP B 277 62.90 -12.99 16.99
N LEU B 278 62.39 -13.57 15.90
CA LEU B 278 61.90 -14.97 15.90
C LEU B 278 62.55 -15.73 14.74
N ARG B 279 63.19 -16.87 14.99
CA ARG B 279 63.86 -17.59 13.89
C ARG B 279 62.87 -18.13 12.85
N ARG B 280 63.34 -18.41 11.62
CA ARG B 280 62.47 -18.98 10.56
C ARG B 280 61.88 -20.33 10.96
N ILE B 281 62.63 -21.14 11.71
CA ILE B 281 62.05 -22.25 12.46
C ILE B 281 61.49 -21.59 13.72
N GLN B 282 60.18 -21.74 13.94
CA GLN B 282 59.47 -20.97 14.97
C GLN B 282 59.22 -21.74 16.25
N ASN B 283 60.10 -22.69 16.57
CA ASN B 283 60.18 -23.31 17.91
C ASN B 283 61.06 -22.51 18.91
N TYR B 284 61.53 -21.31 18.52
CA TYR B 284 62.42 -20.49 19.34
C TYR B 284 62.38 -19.01 18.90
N SER B 285 62.18 -18.09 19.86
CA SER B 285 62.38 -16.62 19.66
C SER B 285 63.23 -15.99 20.77
N VAL B 286 63.61 -14.73 20.60
CA VAL B 286 64.40 -13.95 21.58
C VAL B 286 63.86 -12.53 21.70
N MET B 287 63.90 -11.96 22.91
CA MET B 287 63.45 -10.57 23.15
C MET B 287 64.67 -9.75 23.58
N ALA B 288 65.19 -8.92 22.70
CA ALA B 288 66.31 -8.05 23.06
C ALA B 288 65.76 -6.73 23.55
N ILE B 289 66.13 -6.30 24.77
CA ILE B 289 65.78 -4.96 25.27
C ILE B 289 66.99 -4.06 25.06
N CYS B 290 66.79 -2.94 24.37
CA CYS B 290 67.89 -2.09 23.89
C CYS B 290 67.79 -0.64 24.43
N ASP B 291 68.82 -0.17 25.15
CA ASP B 291 68.80 1.15 25.84
C ASP B 291 69.62 2.18 25.06
N TYR B 292 69.16 3.43 25.02
CA TYR B 292 69.92 4.50 24.33
C TYR B 292 71.29 4.74 25.01
N VAL B 298 74.22 6.08 20.72
CA VAL B 298 73.84 4.85 20.01
C VAL B 298 73.02 3.93 20.94
N TRP B 299 72.44 2.86 20.38
CA TRP B 299 71.58 1.92 21.12
C TRP B 299 72.33 0.59 21.38
N ASN B 300 72.10 -0.02 22.57
CA ASN B 300 72.83 -1.22 23.08
C ASN B 300 71.92 -2.35 23.54
N CYS B 301 71.96 -3.52 22.91
CA CYS B 301 71.25 -4.72 23.44
C CYS B 301 72.25 -5.74 24.05
N PRO B 302 72.29 -5.87 25.40
CA PRO B 302 73.14 -6.91 26.05
C PRO B 302 72.59 -8.34 26.17
N THR B 303 73.46 -9.33 26.00
CA THR B 303 73.20 -10.76 26.30
C THR B 303 72.54 -11.07 27.67
N THR B 304 72.86 -10.25 28.67
CA THR B 304 72.30 -10.37 30.03
C THR B 304 70.79 -10.14 30.01
N GLN B 305 70.36 -9.19 29.16
CA GLN B 305 68.94 -8.82 28.97
C GLN B 305 68.22 -9.45 27.74
N GLU B 306 68.77 -10.52 27.15
CA GLU B 306 68.11 -11.27 26.07
C GLU B 306 67.33 -12.43 26.67
N HIS B 307 66.04 -12.25 26.85
CA HIS B 307 65.20 -13.33 27.36
C HIS B 307 64.81 -14.17 26.16
N ILE B 308 64.53 -15.47 26.36
CA ILE B 308 64.30 -16.45 25.28
C ILE B 308 62.99 -17.25 25.48
N GLU B 309 61.99 -17.02 24.60
CA GLU B 309 60.81 -17.87 24.49
C GLU B 309 61.22 -19.03 23.60
N THR B 310 61.20 -20.24 24.13
CA THR B 310 61.50 -21.48 23.39
C THR B 310 60.38 -22.52 23.65
N SER B 311 60.03 -23.30 22.61
CA SER B 311 59.11 -24.43 22.73
C SER B 311 59.75 -25.67 22.16
N ALA B 312 59.26 -26.82 22.62
CA ALA B 312 59.68 -28.15 22.14
C ALA B 312 58.50 -29.05 21.71
N THR B 313 57.25 -28.70 22.04
CA THR B 313 56.07 -29.40 21.52
C THR B 313 55.52 -28.74 20.21
N GLY B 314 55.93 -27.52 19.86
CA GLY B 314 55.37 -26.79 18.71
C GLY B 314 56.04 -25.47 18.34
N TRP B 315 55.31 -24.37 18.51
CA TRP B 315 55.75 -23.00 18.13
C TRP B 315 55.36 -21.97 19.20
N CYS B 316 55.98 -20.79 19.19
CA CYS B 316 55.75 -19.78 20.23
C CYS B 316 54.46 -18.99 20.09
N GLY B 317 53.64 -18.90 21.14
CA GLY B 317 52.42 -18.08 21.11
C GLY B 317 51.33 -18.67 20.24
N ARG B 318 50.22 -17.94 20.07
CA ARG B 318 49.16 -18.40 19.14
C ARG B 318 49.72 -18.31 17.74
N PHE B 319 50.09 -17.08 17.37
CA PHE B 319 50.59 -16.74 16.05
C PHE B 319 51.99 -16.11 16.10
N ARG B 320 52.30 -15.40 17.17
CA ARG B 320 53.69 -15.04 17.49
C ARG B 320 53.86 -14.89 19.02
N PRO B 321 55.11 -14.77 19.50
CA PRO B 321 55.35 -14.43 20.91
C PRO B 321 54.44 -13.31 21.43
N ALA B 322 53.87 -13.46 22.64
CA ALA B 322 52.97 -12.44 23.22
C ALA B 322 53.67 -11.10 23.49
N GLU B 323 52.95 -10.00 23.31
CA GLU B 323 53.46 -8.64 23.57
C GLU B 323 53.83 -8.37 25.05
N PRO B 324 54.99 -7.70 25.30
CA PRO B 324 55.35 -7.25 26.65
C PRO B 324 54.70 -5.92 27.04
N HIS B 325 54.12 -5.89 28.25
CA HIS B 325 53.64 -4.67 28.89
C HIS B 325 54.58 -4.34 30.05
N PHE B 326 55.38 -3.28 29.88
CA PHE B 326 56.39 -2.88 30.88
C PHE B 326 55.77 -1.95 31.94
N THR B 327 56.38 -1.89 33.11
CA THR B 327 56.01 -0.94 34.19
C THR B 327 56.64 0.43 33.95
N SER B 328 56.21 1.46 34.68
CA SER B 328 56.75 2.82 34.48
C SER B 328 58.29 2.92 34.62
N ASP B 329 58.85 2.28 35.66
CA ASP B 329 60.30 2.26 35.90
C ASP B 329 61.12 1.32 35.00
N GLY B 330 60.44 0.49 34.20
CA GLY B 330 61.10 -0.43 33.29
C GLY B 330 61.75 -1.67 33.92
N SER B 331 61.65 -1.84 35.24
CA SER B 331 62.35 -2.97 35.90
C SER B 331 61.82 -4.32 35.42
N SER B 332 60.49 -4.42 35.28
CA SER B 332 59.84 -5.66 34.85
C SER B 332 58.73 -5.43 33.82
N PHE B 333 58.37 -6.51 33.12
CA PHE B 333 57.27 -6.54 32.14
C PHE B 333 56.51 -7.86 32.30
N TYR B 334 55.21 -7.84 32.00
CA TYR B 334 54.39 -9.03 32.07
C TYR B 334 54.13 -9.48 30.61
N LYS B 335 54.27 -10.79 30.35
CA LYS B 335 54.07 -11.44 29.04
C LYS B 335 53.23 -12.73 29.23
N ILE B 336 52.47 -13.12 28.22
CA ILE B 336 51.72 -14.37 28.24
C ILE B 336 52.58 -15.47 27.55
N VAL B 337 53.10 -16.41 28.36
CA VAL B 337 54.01 -17.52 27.95
C VAL B 337 53.36 -18.83 28.43
N SER B 338 53.73 -19.98 27.86
CA SER B 338 53.13 -21.29 28.21
C SER B 338 53.63 -21.92 29.54
N ASP B 339 52.70 -22.50 30.33
CA ASP B 339 52.98 -23.02 31.69
C ASP B 339 53.52 -24.46 31.58
N LYS B 340 53.79 -25.07 32.74
CA LYS B 340 54.32 -26.44 32.84
C LYS B 340 53.28 -27.48 32.41
N ASP B 341 52.00 -27.22 32.67
CA ASP B 341 50.89 -28.06 32.17
C ASP B 341 50.47 -27.64 30.74
N GLY B 342 51.18 -26.70 30.12
CA GLY B 342 50.91 -26.26 28.74
C GLY B 342 50.02 -25.03 28.56
N TYR B 343 49.38 -24.54 29.61
CA TYR B 343 48.42 -23.40 29.49
C TYR B 343 49.21 -22.07 29.43
N LYS B 344 48.73 -21.10 28.66
CA LYS B 344 49.37 -19.80 28.54
C LYS B 344 48.76 -18.89 29.62
N HIS B 345 49.60 -18.39 30.54
CA HIS B 345 49.18 -17.49 31.64
C HIS B 345 50.08 -16.27 31.71
N ILE B 346 49.67 -15.25 32.46
CA ILE B 346 50.50 -14.04 32.65
C ILE B 346 51.74 -14.41 33.47
N CYS B 347 52.92 -13.94 33.04
CA CYS B 347 54.22 -14.28 33.66
C CYS B 347 55.07 -13.03 33.93
N GLN B 348 55.37 -12.72 35.19
CA GLN B 348 56.29 -11.60 35.50
C GLN B 348 57.75 -11.93 35.13
N PHE B 349 58.46 -10.93 34.61
CA PHE B 349 59.86 -11.06 34.14
C PHE B 349 60.73 -9.95 34.73
N GLN B 350 61.89 -10.28 35.28
CA GLN B 350 62.85 -9.25 35.68
C GLN B 350 63.65 -8.90 34.40
N LYS B 351 64.15 -7.66 34.25
CA LYS B 351 64.78 -7.21 32.95
C LYS B 351 66.07 -7.95 32.49
N ASP B 352 66.72 -8.70 33.39
CA ASP B 352 67.88 -9.57 33.08
C ASP B 352 67.45 -11.05 33.15
N VAL B 358 64.49 -17.10 34.23
CA VAL B 358 63.17 -17.74 34.13
C VAL B 358 62.06 -16.67 34.26
N CYS B 359 60.82 -17.11 34.47
CA CYS B 359 59.67 -16.22 34.75
C CYS B 359 58.73 -16.79 35.84
N THR B 360 57.89 -15.91 36.40
CA THR B 360 56.97 -16.21 37.52
C THR B 360 55.50 -16.15 37.11
N PHE B 361 54.78 -17.28 37.14
CA PHE B 361 53.38 -17.33 36.67
C PHE B 361 52.39 -16.80 37.71
N ILE B 362 51.97 -15.54 37.55
CA ILE B 362 50.97 -14.88 38.43
C ILE B 362 49.66 -15.66 38.59
N THR B 363 49.24 -16.34 37.51
CA THR B 363 48.06 -17.22 37.53
C THR B 363 48.41 -18.60 36.96
N LYS B 364 47.67 -19.63 37.40
CA LYS B 364 47.83 -20.99 36.90
C LYS B 364 46.47 -21.68 36.93
N GLY B 365 46.33 -22.77 36.17
CA GLY B 365 45.07 -23.52 36.05
C GLY B 365 44.85 -23.96 34.62
N ALA B 366 43.90 -24.86 34.42
CA ALA B 366 43.49 -25.29 33.08
C ALA B 366 42.43 -24.36 32.48
N TRP B 367 42.86 -23.13 32.22
CA TRP B 367 42.19 -22.16 31.35
C TRP B 367 43.37 -21.29 30.86
N GLU B 368 43.10 -20.28 30.02
CA GLU B 368 44.17 -19.38 29.53
C GLU B 368 43.84 -17.89 29.64
N VAL B 369 44.87 -17.06 29.72
CA VAL B 369 44.72 -15.63 29.66
C VAL B 369 44.63 -15.30 28.18
N ILE B 370 43.53 -14.72 27.74
CA ILE B 370 43.42 -14.31 26.34
C ILE B 370 44.34 -13.10 26.04
N SER B 371 44.37 -12.10 26.93
CA SER B 371 45.14 -10.85 26.67
C SER B 371 45.34 -9.97 27.91
N ILE B 372 46.51 -9.33 28.03
CA ILE B 372 46.74 -8.30 29.06
C ILE B 372 46.19 -6.97 28.53
N GLU B 373 45.08 -6.48 29.13
CA GLU B 373 44.35 -5.29 28.63
C GLU B 373 44.86 -3.93 29.14
N ALA B 374 45.39 -3.90 30.36
CA ALA B 374 45.98 -2.67 30.91
C ALA B 374 46.97 -3.02 32.03
N LEU B 375 48.00 -2.18 32.20
CA LEU B 375 48.94 -2.29 33.31
C LEU B 375 49.12 -0.99 34.06
N THR B 376 48.40 -0.84 35.19
CA THR B 376 48.53 0.33 36.05
C THR B 376 49.61 0.10 37.14
N SER B 377 49.80 1.07 38.04
CA SER B 377 50.92 1.09 38.99
C SER B 377 50.93 -0.08 40.02
N ASP B 378 49.75 -0.60 40.40
CA ASP B 378 49.63 -1.78 41.30
C ASP B 378 48.44 -2.77 41.01
N TYR B 379 47.95 -2.79 39.76
CA TYR B 379 46.97 -3.79 39.26
C TYR B 379 47.22 -4.14 37.76
N LEU B 380 46.80 -5.32 37.34
CA LEU B 380 46.86 -5.76 35.93
C LEU B 380 45.48 -6.28 35.48
N TYR B 381 44.87 -5.65 34.45
CA TYR B 381 43.57 -6.09 33.90
C TYR B 381 43.80 -7.04 32.73
N TYR B 382 42.93 -8.04 32.57
CA TYR B 382 43.11 -9.06 31.52
C TYR B 382 41.83 -9.83 31.20
N ILE B 383 41.67 -10.29 29.95
CA ILE B 383 40.57 -11.18 29.56
C ILE B 383 41.04 -12.62 29.69
N SER B 384 40.16 -13.51 30.17
CA SER B 384 40.44 -14.96 30.25
C SER B 384 39.16 -15.74 30.06
N ASN B 385 39.29 -17.04 29.88
CA ASN B 385 38.13 -17.91 29.63
C ASN B 385 37.73 -18.76 30.84
N GLU B 386 38.31 -18.47 32.01
CA GLU B 386 38.15 -19.28 33.25
C GLU B 386 36.73 -19.54 33.75
N TYR B 387 35.91 -18.48 33.86
CA TYR B 387 34.60 -18.60 34.48
C TYR B 387 33.81 -19.79 33.93
N LYS B 388 33.38 -20.68 34.81
CA LYS B 388 32.57 -21.87 34.48
C LYS B 388 33.22 -22.91 33.55
N GLU B 389 34.56 -22.93 33.51
CA GLU B 389 35.35 -23.88 32.70
C GLU B 389 35.00 -23.86 31.18
N MET B 390 34.52 -22.72 30.67
CA MET B 390 34.11 -22.56 29.26
C MET B 390 35.23 -21.85 28.48
N PRO B 391 35.94 -22.56 27.58
CA PRO B 391 36.92 -21.83 26.76
C PRO B 391 36.26 -20.78 25.83
N GLY B 392 35.09 -21.15 25.29
CA GLY B 392 34.24 -20.25 24.52
C GLY B 392 33.78 -18.98 25.19
N GLY B 393 33.74 -18.92 26.52
CA GLY B 393 33.42 -17.66 27.24
C GLY B 393 34.64 -16.78 27.39
N ARG B 394 34.41 -15.48 27.61
CA ARG B 394 35.48 -14.49 27.84
C ARG B 394 35.00 -13.45 28.88
N ASN B 395 35.76 -13.21 29.97
CA ASN B 395 35.38 -12.24 31.02
C ASN B 395 36.55 -11.34 31.46
N LEU B 396 36.25 -10.11 31.90
CA LEU B 396 37.27 -9.12 32.38
C LEU B 396 37.72 -9.35 33.85
N TYR B 397 39.03 -9.55 34.06
CA TYR B 397 39.63 -9.92 35.36
C TYR B 397 40.71 -8.89 35.71
N LYS B 398 40.78 -8.44 36.97
CA LYS B 398 41.84 -7.53 37.47
C LYS B 398 42.52 -8.19 38.67
N ILE B 399 43.85 -8.30 38.63
CA ILE B 399 44.63 -9.00 39.68
C ILE B 399 45.57 -7.98 40.34
N GLN B 400 45.58 -7.93 41.66
CA GLN B 400 46.45 -6.99 42.40
C GLN B 400 47.89 -7.44 42.23
N LEU B 401 48.80 -6.54 41.81
CA LEU B 401 50.19 -6.95 41.54
C LEU B 401 50.85 -7.58 42.76
N THR B 402 50.73 -6.92 43.92
CA THR B 402 51.31 -7.42 45.16
C THR B 402 50.73 -8.77 45.58
N ASP B 403 49.42 -8.80 45.80
CA ASP B 403 48.72 -9.96 46.35
C ASP B 403 47.95 -10.70 45.22
N HIS B 404 48.55 -11.78 44.69
CA HIS B 404 47.95 -12.56 43.59
C HIS B 404 46.67 -13.33 44.04
N THR B 405 46.51 -13.54 45.35
CA THR B 405 45.22 -14.00 45.94
C THR B 405 44.11 -12.97 45.78
N ASN B 406 44.44 -11.67 45.65
CA ASN B 406 43.43 -10.64 45.34
C ASN B 406 43.16 -10.60 43.85
N LYS B 407 42.37 -11.57 43.37
CA LYS B 407 41.99 -11.75 41.98
C LYS B 407 40.46 -11.74 41.89
N LYS B 408 39.91 -10.56 41.56
CA LYS B 408 38.46 -10.37 41.43
C LYS B 408 38.07 -10.26 39.97
N CYS B 409 36.91 -10.82 39.63
CA CYS B 409 36.32 -10.70 38.28
C CYS B 409 35.30 -9.56 38.27
N LEU B 410 35.48 -8.60 37.35
CA LEU B 410 34.66 -7.37 37.27
C LEU B 410 33.37 -7.52 36.46
N SER B 411 33.28 -8.57 35.62
CA SER B 411 32.16 -8.78 34.66
C SER B 411 31.42 -10.12 34.74
N CYS B 412 31.90 -11.06 35.57
CA CYS B 412 31.39 -12.44 35.52
C CYS B 412 29.87 -12.54 35.73
N ASP B 413 29.36 -11.91 36.78
CA ASP B 413 27.96 -12.14 37.23
C ASP B 413 27.03 -10.92 37.12
N LEU B 414 27.46 -9.90 36.37
CA LEU B 414 26.64 -8.68 36.17
C LEU B 414 25.30 -8.99 35.51
N ASN B 415 25.33 -9.73 34.41
CA ASN B 415 24.13 -10.22 33.75
C ASN B 415 24.39 -11.63 33.21
N PRO B 416 24.32 -12.66 34.07
CA PRO B 416 24.81 -13.99 33.67
C PRO B 416 24.12 -14.57 32.42
N GLU B 417 22.81 -14.38 32.29
CA GLU B 417 22.02 -14.87 31.13
C GLU B 417 22.41 -14.22 29.78
N ARG B 418 22.42 -12.89 29.75
CA ARG B 418 22.64 -12.16 28.50
C ARG B 418 24.11 -12.07 28.07
N CYS B 419 25.04 -12.00 29.03
CA CYS B 419 26.46 -11.65 28.76
C CYS B 419 27.52 -12.62 29.33
N GLN B 420 28.20 -13.34 28.44
CA GLN B 420 29.29 -14.27 28.79
C GLN B 420 30.59 -14.11 27.95
N TYR B 421 30.54 -13.30 26.89
CA TYR B 421 31.68 -13.00 25.97
C TYR B 421 31.90 -11.47 26.03
N TYR B 422 32.89 -11.01 26.80
CA TYR B 422 33.13 -9.57 27.02
C TYR B 422 34.40 -9.07 26.32
N SER B 423 34.37 -7.85 25.79
CA SER B 423 35.57 -7.09 25.43
C SER B 423 35.66 -5.85 26.34
N VAL B 424 36.84 -5.25 26.46
CA VAL B 424 37.09 -4.07 27.32
C VAL B 424 37.97 -3.06 26.58
N SER B 425 37.56 -1.78 26.55
CA SER B 425 38.44 -0.68 26.13
C SER B 425 38.61 0.25 27.33
N LEU B 426 39.81 0.29 27.92
CA LEU B 426 40.11 1.15 29.09
C LEU B 426 40.73 2.51 28.72
N SER B 427 40.68 3.48 29.65
CA SER B 427 41.16 4.85 29.37
C SER B 427 42.68 4.99 29.48
N LYS B 428 43.22 6.18 29.19
CA LYS B 428 44.68 6.38 29.14
C LYS B 428 45.46 5.87 30.36
N GLU B 429 44.96 6.12 31.58
CA GLU B 429 45.56 5.56 32.82
C GLU B 429 44.55 4.69 33.59
N ALA B 430 43.65 4.06 32.85
CA ALA B 430 42.67 3.11 33.37
C ALA B 430 41.78 3.60 34.53
N LYS B 431 41.42 4.89 34.56
CA LYS B 431 40.46 5.42 35.57
C LYS B 431 39.01 4.96 35.29
N TYR B 432 38.63 4.88 34.02
CA TYR B 432 37.33 4.31 33.62
C TYR B 432 37.57 3.15 32.64
N TYR B 433 36.49 2.50 32.21
CA TYR B 433 36.56 1.36 31.27
C TYR B 433 35.21 1.11 30.56
N GLN B 434 35.20 0.91 29.25
CA GLN B 434 33.98 0.51 28.53
C GLN B 434 33.92 -1.00 28.44
N LEU B 435 32.99 -1.64 29.14
CA LEU B 435 32.70 -3.07 28.88
C LEU B 435 31.81 -3.13 27.66
N GLY B 436 31.95 -4.19 26.88
CA GLY B 436 31.03 -4.47 25.78
C GLY B 436 30.82 -5.97 25.75
N CYS B 437 29.58 -6.42 25.93
CA CYS B 437 29.30 -7.85 25.96
C CYS B 437 28.84 -8.26 24.57
N ARG B 438 29.70 -8.93 23.83
CA ARG B 438 29.37 -9.30 22.46
C ARG B 438 28.32 -10.41 22.31
N GLY B 439 27.99 -11.15 23.37
CA GLY B 439 26.92 -12.20 23.35
C GLY B 439 26.84 -12.91 24.70
N PRO B 440 25.92 -13.89 24.91
CA PRO B 440 24.99 -14.52 23.92
C PRO B 440 23.85 -13.68 23.40
N GLY B 441 23.31 -12.79 24.24
CA GLY B 441 22.18 -11.94 23.87
C GLY B 441 22.65 -10.71 23.12
N LEU B 442 21.73 -9.79 22.86
CA LEU B 442 22.05 -8.62 22.06
C LEU B 442 23.19 -7.85 22.74
N PRO B 443 24.22 -7.44 21.97
CA PRO B 443 25.33 -6.70 22.58
C PRO B 443 24.93 -5.47 23.44
N LEU B 444 25.71 -5.23 24.50
CA LEU B 444 25.43 -4.23 25.51
C LEU B 444 26.72 -3.56 25.93
N TYR B 445 26.83 -2.27 25.60
CA TYR B 445 28.01 -1.46 25.91
C TYR B 445 27.62 -0.53 27.05
N THR B 446 28.44 -0.53 28.11
CA THR B 446 28.18 0.17 29.37
C THR B 446 29.47 0.85 29.85
N LEU B 447 29.36 2.01 30.51
CA LEU B 447 30.51 2.73 31.09
C LEU B 447 30.67 2.34 32.58
N HIS B 448 31.91 2.22 33.07
CA HIS B 448 32.21 1.92 34.51
C HIS B 448 33.40 2.75 35.00
N ARG B 449 33.59 2.78 36.32
CA ARG B 449 34.74 3.39 36.99
C ARG B 449 35.59 2.24 37.48
N SER B 450 36.90 2.25 37.23
CA SER B 450 37.75 1.10 37.60
C SER B 450 37.88 0.76 39.10
N THR B 451 37.86 1.78 39.99
CA THR B 451 38.23 1.62 41.41
C THR B 451 37.34 0.63 42.16
N ASP B 452 36.04 0.87 42.05
CA ASP B 452 35.00 -0.10 42.35
C ASP B 452 34.16 -0.15 41.10
N GLN B 453 33.74 -1.33 40.67
CA GLN B 453 33.28 -1.47 39.27
C GLN B 453 31.80 -1.06 39.14
N LYS B 454 31.55 0.22 39.38
CA LYS B 454 30.19 0.78 39.47
C LYS B 454 29.79 1.34 38.11
N GLU B 455 28.70 0.83 37.51
CA GLU B 455 28.24 1.30 36.19
C GLU B 455 27.88 2.79 36.22
N LEU B 456 28.45 3.57 35.30
CA LEU B 456 28.13 5.00 35.11
C LEU B 456 27.00 5.28 34.10
N ARG B 457 26.94 4.54 32.99
CA ARG B 457 25.92 4.75 31.94
C ARG B 457 25.52 3.46 31.19
N VAL B 458 24.51 3.58 30.30
CA VAL B 458 24.21 2.58 29.27
C VAL B 458 24.60 3.26 27.96
N LEU B 459 25.74 2.86 27.38
CA LEU B 459 26.17 3.42 26.09
C LEU B 459 25.31 2.96 24.93
N GLU B 460 24.95 1.67 24.91
CA GLU B 460 24.10 1.09 23.83
C GLU B 460 23.41 -0.25 24.23
N ASP B 461 22.16 -0.20 24.69
CA ASP B 461 21.40 -1.43 25.04
C ASP B 461 20.79 -2.24 23.87
N ASN B 462 20.98 -1.81 22.63
CA ASN B 462 20.37 -2.46 21.45
C ASN B 462 18.84 -2.69 21.55
N SER B 463 18.15 -1.73 22.16
CA SER B 463 16.69 -1.80 22.32
C SER B 463 16.00 -1.77 20.99
N ALA B 464 16.51 -0.98 20.05
CA ALA B 464 15.92 -0.83 18.73
C ALA B 464 15.89 -2.15 17.95
N LEU B 465 17.04 -2.83 17.89
CA LEU B 465 17.12 -4.18 17.31
C LEU B 465 16.19 -5.13 18.07
N ASP B 466 16.15 -5.02 19.39
CA ASP B 466 15.30 -5.90 20.20
C ASP B 466 13.84 -5.81 19.75
N LYS B 467 13.32 -4.59 19.56
CA LYS B 467 11.93 -4.42 19.09
C LYS B 467 11.74 -5.12 17.74
N MET B 468 12.59 -4.87 16.75
CA MET B 468 12.40 -5.47 15.41
C MET B 468 12.43 -7.01 15.45
N LEU B 469 13.29 -7.58 16.30
CA LEU B 469 13.37 -9.05 16.42
C LEU B 469 12.17 -9.71 17.11
N GLN B 470 11.44 -9.00 17.96
CA GLN B 470 10.36 -9.66 18.72
C GLN B 470 9.21 -10.16 17.82
N ASP B 471 9.05 -9.52 16.66
CA ASP B 471 8.19 -10.03 15.58
C ASP B 471 8.66 -11.42 15.05
N VAL B 472 9.95 -11.55 14.75
CA VAL B 472 10.53 -12.70 13.99
C VAL B 472 10.87 -13.94 14.84
N GLN B 473 10.75 -15.12 14.21
CA GLN B 473 11.07 -16.42 14.81
C GLN B 473 12.57 -16.64 14.65
N MET B 474 13.37 -16.22 15.63
CA MET B 474 14.83 -16.35 15.57
C MET B 474 15.34 -17.73 16.02
N PRO B 475 16.54 -18.12 15.56
CA PRO B 475 17.15 -19.35 16.09
C PRO B 475 17.77 -19.15 17.49
N SER B 476 17.96 -20.23 18.26
CA SER B 476 18.72 -20.16 19.54
C SER B 476 20.18 -20.51 19.27
N LYS B 477 21.01 -20.56 20.31
CA LYS B 477 22.39 -21.09 20.23
C LYS B 477 22.61 -22.06 21.40
N LYS B 478 23.45 -23.07 21.19
CA LYS B 478 23.88 -23.99 22.26
C LYS B 478 25.40 -24.16 22.29
N LEU B 479 26.02 -23.68 23.37
CA LEU B 479 27.45 -23.89 23.62
C LEU B 479 27.60 -24.95 24.72
N ASP B 480 27.92 -26.18 24.29
CA ASP B 480 28.04 -27.37 25.17
C ASP B 480 29.31 -28.14 24.72
N PHE B 481 29.48 -29.39 25.15
CA PHE B 481 30.63 -30.18 24.75
C PHE B 481 30.38 -31.68 24.75
N ILE B 482 31.35 -32.40 24.17
CA ILE B 482 31.38 -33.87 24.07
C ILE B 482 32.74 -34.33 24.53
N VAL B 483 32.83 -35.45 25.24
CA VAL B 483 34.13 -35.92 25.77
C VAL B 483 34.65 -37.10 24.94
N LEU B 484 35.80 -36.87 24.29
CA LEU B 484 36.53 -37.86 23.48
C LEU B 484 37.92 -38.06 24.09
N ASN B 485 38.29 -39.31 24.38
CA ASN B 485 39.59 -39.68 25.00
C ASN B 485 39.91 -38.90 26.28
N GLU B 486 38.96 -38.89 27.21
CA GLU B 486 39.13 -38.29 28.55
C GLU B 486 39.36 -36.75 28.54
N THR B 487 38.90 -36.05 27.50
CA THR B 487 39.06 -34.58 27.38
C THR B 487 37.79 -34.01 26.77
N ARG B 488 37.47 -32.75 27.06
CA ARG B 488 36.23 -32.15 26.54
C ARG B 488 36.57 -31.22 25.39
N PHE B 489 35.79 -31.32 24.30
CA PHE B 489 35.98 -30.55 23.09
C PHE B 489 34.68 -29.84 22.79
N TRP B 490 34.70 -28.51 22.80
CA TRP B 490 33.43 -27.74 22.75
C TRP B 490 32.94 -27.61 21.31
N TYR B 491 31.64 -27.54 21.13
CA TYR B 491 31.01 -27.23 19.85
C TYR B 491 29.84 -26.26 20.11
N GLN B 492 29.32 -25.67 19.04
CA GLN B 492 28.13 -24.79 19.08
C GLN B 492 27.15 -25.22 18.02
N MET B 493 25.89 -24.89 18.23
CA MET B 493 24.83 -25.21 17.29
C MET B 493 23.91 -24.01 17.17
N ILE B 494 23.55 -23.62 15.95
CA ILE B 494 22.54 -22.60 15.70
C ILE B 494 21.31 -23.40 15.32
N LEU B 495 20.34 -23.46 16.24
CA LEU B 495 19.24 -24.40 16.16
C LEU B 495 18.00 -23.67 15.71
N PRO B 496 17.19 -24.27 14.83
CA PRO B 496 15.99 -23.58 14.34
C PRO B 496 14.97 -23.13 15.42
N PRO B 497 14.09 -22.17 15.08
CA PRO B 497 13.04 -21.74 16.02
C PRO B 497 12.13 -22.91 16.42
N HIS B 498 11.87 -23.04 17.71
CA HIS B 498 11.13 -24.17 18.26
C HIS B 498 11.74 -25.50 17.82
N PHE B 499 13.06 -25.60 17.91
CA PHE B 499 13.76 -26.81 17.55
C PHE B 499 13.31 -27.90 18.54
N ASP B 500 12.82 -29.03 18.01
CA ASP B 500 12.30 -30.16 18.82
C ASP B 500 13.22 -31.37 18.67
N LYS B 501 13.79 -31.87 19.77
CA LYS B 501 14.64 -33.08 19.73
C LYS B 501 13.97 -34.37 19.18
N SER B 502 12.64 -34.37 19.04
CA SER B 502 11.89 -35.51 18.41
C SER B 502 11.72 -35.44 16.87
N LYS B 503 12.51 -34.60 16.18
CA LYS B 503 12.50 -34.48 14.71
C LYS B 503 13.91 -34.63 14.14
N LYS B 504 14.03 -34.69 12.82
CA LYS B 504 15.34 -34.84 12.14
C LYS B 504 15.65 -33.71 11.15
N TYR B 505 16.55 -32.83 11.56
CA TYR B 505 16.94 -31.66 10.77
C TYR B 505 18.25 -31.93 10.00
N PRO B 506 18.38 -31.38 8.78
CA PRO B 506 19.68 -31.40 8.11
C PRO B 506 20.72 -30.66 8.94
N LEU B 507 21.97 -31.09 8.84
CA LEU B 507 23.08 -30.45 9.56
C LEU B 507 24.07 -29.84 8.55
N LEU B 508 24.61 -28.67 8.85
CA LEU B 508 25.74 -28.12 8.11
C LEU B 508 26.86 -27.90 9.08
N ILE B 509 28.02 -28.51 8.86
CA ILE B 509 29.21 -28.17 9.67
C ILE B 509 29.78 -26.88 9.10
N ASP B 510 29.93 -25.85 9.95
CA ASP B 510 30.64 -24.62 9.61
C ASP B 510 32.01 -24.78 10.27
N VAL B 511 33.04 -25.00 9.45
CA VAL B 511 34.38 -25.35 9.94
C VAL B 511 35.40 -24.33 9.45
N TYR B 512 36.16 -23.74 10.39
CA TYR B 512 37.39 -23.03 10.05
C TYR B 512 38.63 -23.87 10.39
N ALA B 513 38.70 -24.39 11.61
CA ALA B 513 39.70 -25.39 12.12
C ALA B 513 41.20 -25.16 11.98
N GLY B 514 41.62 -23.94 11.74
CA GLY B 514 43.05 -23.64 11.67
C GLY B 514 43.75 -23.81 13.02
N PRO B 515 45.09 -23.86 13.02
CA PRO B 515 45.82 -23.85 14.28
C PRO B 515 45.42 -22.64 15.10
N CYS B 516 44.91 -22.90 16.30
CA CYS B 516 44.53 -21.87 17.26
C CYS B 516 43.19 -21.16 16.93
N SER B 517 42.27 -21.92 16.32
CA SER B 517 40.94 -21.42 15.97
C SER B 517 39.97 -21.69 17.10
N GLN B 518 38.90 -20.90 17.16
CA GLN B 518 37.81 -21.13 18.10
C GLN B 518 36.51 -20.77 17.42
N LYS B 519 35.86 -21.77 16.82
CA LYS B 519 34.53 -21.59 16.24
C LYS B 519 33.38 -21.86 17.23
N ALA B 520 33.71 -22.29 18.45
CA ALA B 520 32.72 -22.49 19.50
C ALA B 520 32.90 -21.36 20.54
N ASP B 521 31.93 -20.45 20.66
CA ASP B 521 31.91 -19.38 21.69
C ASP B 521 30.50 -18.82 21.99
N ALA B 522 30.44 -17.92 22.96
CA ALA B 522 29.20 -17.27 23.35
C ALA B 522 28.85 -15.98 22.60
N ALA B 523 29.69 -15.46 21.71
CA ALA B 523 29.36 -14.19 21.00
C ALA B 523 28.05 -14.27 20.18
N PHE B 524 27.42 -13.13 19.99
CA PHE B 524 26.19 -13.02 19.19
C PHE B 524 26.53 -12.56 17.77
N ARG B 525 26.00 -13.29 16.80
CA ARG B 525 26.11 -12.95 15.39
C ARG B 525 24.77 -13.13 14.69
N LEU B 526 24.33 -12.10 13.97
CA LEU B 526 23.30 -12.25 12.92
C LEU B 526 24.10 -12.47 11.64
N ASN B 527 24.00 -13.68 11.06
CA ASN B 527 24.81 -14.01 9.88
C ASN B 527 24.11 -15.04 8.94
N TRP B 528 24.85 -15.65 8.01
CA TRP B 528 24.26 -16.62 7.07
C TRP B 528 23.63 -17.85 7.77
N ALA B 529 24.22 -18.27 8.88
CA ALA B 529 23.71 -19.45 9.62
C ALA B 529 22.34 -19.20 10.27
N THR B 530 22.07 -17.95 10.67
CA THR B 530 20.80 -17.65 11.32
C THR B 530 19.71 -17.71 10.27
N TYR B 531 20.01 -17.26 9.05
CA TYR B 531 19.12 -17.54 7.89
C TYR B 531 18.88 -19.04 7.69
N LEU B 532 19.95 -19.83 7.67
CA LEU B 532 19.83 -21.26 7.40
C LEU B 532 18.97 -21.94 8.44
N ALA B 533 19.20 -21.61 9.70
CA ALA B 533 18.44 -22.18 10.80
C ALA B 533 16.98 -21.68 10.82
N SER B 534 16.77 -20.38 10.69
CA SER B 534 15.43 -19.81 10.80
C SER B 534 14.54 -20.09 9.59
N THR B 535 15.02 -19.73 8.40
CA THR B 535 14.24 -19.83 7.17
C THR B 535 14.24 -21.25 6.61
N GLU B 536 15.36 -21.97 6.74
CA GLU B 536 15.55 -23.28 6.06
C GLU B 536 15.59 -24.51 6.98
N ASN B 537 15.47 -24.29 8.30
CA ASN B 537 15.50 -25.36 9.31
C ASN B 537 16.66 -26.33 9.15
N ILE B 538 17.86 -25.75 9.06
CA ILE B 538 19.12 -26.48 8.98
C ILE B 538 19.86 -26.16 10.28
N ILE B 539 20.23 -27.15 11.07
CA ILE B 539 21.06 -26.92 12.26
C ILE B 539 22.48 -26.61 11.75
N VAL B 540 23.12 -25.53 12.16
CA VAL B 540 24.49 -25.24 11.72
C VAL B 540 25.41 -25.42 12.93
N ALA B 541 26.29 -26.42 12.90
CA ALA B 541 27.20 -26.72 14.01
C ALA B 541 28.68 -26.44 13.67
N SER B 542 29.48 -26.04 14.66
CA SER B 542 30.94 -25.85 14.55
C SER B 542 31.63 -26.48 15.75
N PHE B 543 32.78 -27.14 15.54
CA PHE B 543 33.48 -27.95 16.55
C PHE B 543 34.92 -27.47 16.80
N ASP B 544 35.36 -27.42 18.06
CA ASP B 544 36.77 -27.09 18.43
C ASP B 544 37.56 -28.36 18.72
N GLY B 545 38.03 -29.03 17.66
CA GLY B 545 38.81 -30.28 17.79
C GLY B 545 40.29 -30.04 18.06
N ARG B 546 41.13 -31.04 17.81
CA ARG B 546 42.58 -30.89 18.00
C ARG B 546 43.13 -29.86 17.05
N GLY B 547 44.08 -29.06 17.53
CA GLY B 547 44.54 -27.85 16.83
C GLY B 547 43.88 -26.54 17.29
N SER B 548 42.62 -26.59 17.71
CA SER B 548 41.89 -25.42 18.24
C SER B 548 42.58 -24.74 19.41
N GLY B 549 42.50 -23.42 19.47
CA GLY B 549 43.19 -22.64 20.51
C GLY B 549 42.45 -22.44 21.82
N TYR B 550 43.12 -21.78 22.76
CA TYR B 550 42.54 -21.27 24.02
C TYR B 550 42.20 -22.34 25.07
N GLN B 551 42.69 -23.56 24.84
CA GLN B 551 42.38 -24.73 25.67
C GLN B 551 43.66 -25.42 26.17
N GLY B 552 44.83 -24.79 26.01
CA GLY B 552 46.11 -25.44 26.34
C GLY B 552 46.95 -25.80 25.12
N ASP B 553 48.26 -25.92 25.33
CA ASP B 553 49.24 -26.28 24.28
C ASP B 553 49.11 -27.74 23.82
N LYS B 554 48.72 -28.66 24.70
CA LYS B 554 48.60 -30.06 24.29
C LYS B 554 47.56 -30.22 23.20
N ILE B 555 46.42 -29.54 23.30
CA ILE B 555 45.41 -29.61 22.24
C ILE B 555 45.90 -28.85 21.00
N MET B 556 46.38 -27.63 21.17
CA MET B 556 46.76 -26.78 20.03
C MET B 556 47.95 -27.33 19.19
N HIS B 557 48.94 -27.95 19.85
CA HIS B 557 50.10 -28.57 19.20
C HIS B 557 49.91 -30.04 18.79
N ALA B 558 48.74 -30.60 19.06
CA ALA B 558 48.37 -31.91 18.58
C ALA B 558 48.63 -32.06 17.08
N ILE B 559 48.27 -31.04 16.31
CA ILE B 559 48.45 -31.01 14.85
C ILE B 559 49.85 -30.61 14.32
N ASN B 560 50.84 -30.48 15.21
CA ASN B 560 52.12 -29.91 14.81
C ASN B 560 52.78 -30.79 13.76
N LYS B 561 53.28 -30.16 12.69
CA LYS B 561 53.84 -30.84 11.50
C LYS B 561 52.91 -31.82 10.75
N ARG B 562 51.65 -31.93 11.16
CA ARG B 562 50.71 -32.84 10.54
C ARG B 562 49.36 -32.15 10.33
N LEU B 563 49.38 -31.14 9.46
CA LEU B 563 48.18 -30.47 9.00
C LEU B 563 47.40 -31.37 8.07
N GLY B 564 46.09 -31.15 8.03
CA GLY B 564 45.16 -32.01 7.33
C GLY B 564 45.11 -33.44 7.80
N THR B 565 45.22 -33.65 9.11
CA THR B 565 45.24 -34.99 9.71
C THR B 565 44.25 -35.10 10.90
N LEU B 566 44.65 -34.57 12.05
CA LEU B 566 43.83 -34.71 13.24
C LEU B 566 42.58 -33.81 13.16
N GLU B 567 42.76 -32.53 12.82
CA GLU B 567 41.62 -31.60 12.68
C GLU B 567 40.58 -32.04 11.65
N VAL B 568 41.01 -32.73 10.59
CA VAL B 568 40.06 -33.22 9.58
C VAL B 568 39.37 -34.48 10.12
N GLU B 569 40.14 -35.35 10.77
CA GLU B 569 39.58 -36.56 11.40
C GLU B 569 38.65 -36.19 12.59
N ASP B 570 38.98 -35.10 13.30
CA ASP B 570 38.15 -34.59 14.42
C ASP B 570 36.83 -33.94 13.95
N GLN B 571 36.84 -33.25 12.82
CA GLN B 571 35.60 -32.68 12.28
C GLN B 571 34.59 -33.78 11.96
N ILE B 572 35.08 -34.87 11.36
CA ILE B 572 34.26 -36.06 11.00
C ILE B 572 33.76 -36.77 12.25
N GLU B 573 34.64 -36.87 13.26
CA GLU B 573 34.29 -37.54 14.51
C GLU B 573 33.22 -36.80 15.28
N ALA B 574 33.23 -35.46 15.22
CA ALA B 574 32.16 -34.69 15.85
C ALA B 574 30.82 -34.88 15.12
N ALA B 575 30.84 -34.78 13.78
CA ALA B 575 29.66 -35.05 12.97
C ALA B 575 29.01 -36.36 13.40
N ARG B 576 29.82 -37.42 13.58
CA ARG B 576 29.36 -38.71 14.17
C ARG B 576 28.72 -38.55 15.54
N GLN B 577 29.38 -37.80 16.42
CA GLN B 577 28.87 -37.56 17.76
C GLN B 577 27.52 -36.85 17.71
N PHE B 578 27.39 -35.81 16.88
CA PHE B 578 26.08 -35.12 16.75
C PHE B 578 24.99 -36.07 16.22
N LEU B 579 25.36 -37.06 15.41
CA LEU B 579 24.42 -38.07 14.89
C LEU B 579 23.85 -38.99 15.98
N LYS B 580 24.72 -39.38 16.92
CA LYS B 580 24.33 -40.21 18.07
C LYS B 580 23.30 -39.53 18.99
N MET B 581 23.26 -38.20 18.96
CA MET B 581 22.28 -37.42 19.69
C MET B 581 20.89 -37.69 19.17
N GLY B 582 20.76 -37.96 17.87
CA GLY B 582 19.53 -38.52 17.28
C GLY B 582 18.66 -37.57 16.49
N PHE B 583 18.80 -36.26 16.75
CA PHE B 583 17.97 -35.24 16.07
C PHE B 583 18.53 -34.73 14.72
N VAL B 584 19.57 -35.37 14.18
CA VAL B 584 20.17 -35.03 12.85
C VAL B 584 19.88 -36.16 11.83
N ASP B 585 19.41 -35.77 10.64
CA ASP B 585 19.13 -36.69 9.53
C ASP B 585 20.46 -37.09 8.89
N SER B 586 20.83 -38.37 9.01
CA SER B 586 22.14 -38.83 8.54
C SER B 586 22.30 -38.71 7.02
N LYS B 587 21.19 -38.86 6.28
CA LYS B 587 21.25 -38.71 4.82
C LYS B 587 21.51 -37.26 4.34
N ARG B 588 21.31 -36.26 5.21
CA ARG B 588 21.49 -34.83 4.85
C ARG B 588 22.43 -34.08 5.80
N VAL B 589 23.65 -34.59 5.96
CA VAL B 589 24.76 -33.86 6.59
C VAL B 589 25.62 -33.18 5.51
N ALA B 590 25.96 -31.90 5.68
CA ALA B 590 26.90 -31.18 4.77
C ALA B 590 27.99 -30.47 5.56
N ILE B 591 29.01 -29.99 4.87
CA ILE B 591 30.13 -29.27 5.49
C ILE B 591 30.56 -28.10 4.55
N TRP B 592 30.64 -26.86 5.05
CA TRP B 592 31.20 -25.74 4.29
C TRP B 592 32.32 -25.04 5.04
N GLY B 593 33.18 -24.35 4.31
CA GLY B 593 34.30 -23.61 4.93
C GLY B 593 34.98 -22.57 4.02
N TRP B 594 35.50 -21.50 4.62
CA TRP B 594 36.22 -20.44 3.90
C TRP B 594 37.70 -20.57 4.27
N SER B 595 38.58 -20.42 3.28
CA SER B 595 40.06 -20.45 3.48
C SER B 595 40.55 -21.72 4.17
N TYR B 596 41.22 -21.67 5.32
CA TYR B 596 41.65 -22.91 6.01
C TYR B 596 40.47 -23.87 6.14
N GLY B 597 39.33 -23.36 6.55
CA GLY B 597 38.15 -24.19 6.69
C GLY B 597 37.68 -24.87 5.42
N GLY B 598 37.86 -24.21 4.28
CA GLY B 598 37.58 -24.78 2.96
C GLY B 598 38.59 -25.85 2.58
N TYR B 599 39.84 -25.73 3.02
CA TYR B 599 40.81 -26.81 2.92
C TYR B 599 40.33 -28.02 3.70
N VAL B 600 39.96 -27.84 4.96
CA VAL B 600 39.42 -28.92 5.80
C VAL B 600 38.09 -29.44 5.25
N THR B 601 37.26 -28.59 4.65
CA THR B 601 36.06 -29.09 4.03
C THR B 601 36.39 -30.06 2.91
N SER B 602 37.30 -29.63 2.03
CA SER B 602 37.78 -30.44 0.91
C SER B 602 38.44 -31.72 1.35
N MET B 603 39.23 -31.67 2.44
CA MET B 603 39.89 -32.86 3.00
C MET B 603 38.93 -33.85 3.68
N VAL B 604 37.86 -33.33 4.30
CA VAL B 604 36.79 -34.15 4.88
C VAL B 604 35.90 -34.76 3.79
N LEU B 605 35.72 -34.05 2.67
CA LEU B 605 34.91 -34.58 1.55
C LEU B 605 35.66 -35.71 0.82
N GLY B 606 36.97 -35.58 0.74
CA GLY B 606 37.83 -36.61 0.10
C GLY B 606 38.46 -37.66 0.99
N SER B 607 37.84 -37.96 2.14
CA SER B 607 38.38 -38.87 3.19
C SER B 607 37.83 -40.29 3.14
N GLY B 608 36.77 -40.51 2.38
CA GLY B 608 36.11 -41.78 2.33
C GLY B 608 34.97 -41.91 3.32
N SER B 609 34.92 -41.06 4.34
CA SER B 609 34.05 -41.23 5.52
C SER B 609 32.62 -41.75 5.29
N GLY B 610 31.98 -41.32 4.20
CA GLY B 610 30.58 -41.68 3.96
C GLY B 610 29.57 -40.93 4.81
N VAL B 611 30.02 -39.91 5.53
CA VAL B 611 29.18 -39.16 6.45
C VAL B 611 28.45 -38.00 5.76
N PHE B 612 29.18 -37.27 4.92
CA PHE B 612 28.74 -36.03 4.30
C PHE B 612 28.22 -36.30 2.89
N LYS B 613 27.06 -35.73 2.57
CA LYS B 613 26.46 -35.79 1.25
C LYS B 613 27.08 -34.75 0.30
N CYS B 614 27.27 -33.52 0.77
CA CYS B 614 27.77 -32.43 -0.04
C CYS B 614 28.62 -31.47 0.78
N GLY B 615 29.16 -30.46 0.09
CA GLY B 615 29.91 -29.41 0.73
C GLY B 615 30.48 -28.38 -0.21
N ILE B 616 30.93 -27.26 0.37
CA ILE B 616 31.26 -26.03 -0.35
C ILE B 616 32.58 -25.49 0.24
N ALA B 617 33.69 -25.58 -0.50
CA ALA B 617 34.94 -24.93 -0.07
C ALA B 617 35.04 -23.60 -0.78
N VAL B 618 35.16 -22.48 -0.04
CA VAL B 618 35.42 -21.14 -0.64
C VAL B 618 36.87 -20.73 -0.41
N ALA B 619 37.57 -20.33 -1.48
CA ALA B 619 38.97 -19.91 -1.39
C ALA B 619 39.90 -20.92 -0.65
N PRO B 620 39.78 -22.23 -0.95
CA PRO B 620 40.54 -23.21 -0.16
C PRO B 620 42.04 -23.24 -0.44
N VAL B 621 42.81 -23.62 0.58
CA VAL B 621 44.19 -24.04 0.42
C VAL B 621 44.10 -25.44 -0.19
N SER B 622 44.93 -25.72 -1.18
CA SER B 622 44.92 -27.02 -1.82
C SER B 622 46.18 -27.78 -1.42
N ARG B 623 47.34 -27.16 -1.60
CA ARG B 623 48.66 -27.72 -1.27
C ARG B 623 49.36 -26.72 -0.33
N TRP B 624 49.94 -27.18 0.77
CA TRP B 624 50.64 -26.27 1.70
C TRP B 624 51.88 -25.62 1.07
N GLU B 625 52.52 -26.27 0.10
CA GLU B 625 53.59 -25.58 -0.70
C GLU B 625 53.14 -24.26 -1.38
N TYR B 626 51.84 -24.10 -1.63
CA TYR B 626 51.32 -22.91 -2.33
C TYR B 626 51.03 -21.73 -1.40
N TYR B 627 50.70 -22.01 -0.12
CA TYR B 627 50.39 -20.94 0.85
C TYR B 627 51.71 -20.37 1.37
N ASP B 628 51.68 -19.13 1.88
CA ASP B 628 52.90 -18.42 2.33
C ASP B 628 53.68 -19.11 3.47
N SER B 629 54.97 -18.79 3.53
CA SER B 629 55.92 -19.43 4.42
C SER B 629 55.74 -19.12 5.89
N VAL B 630 55.50 -17.85 6.23
CA VAL B 630 55.40 -17.44 7.63
C VAL B 630 54.29 -18.26 8.27
N TYR B 631 53.12 -18.35 7.64
CA TYR B 631 51.98 -19.13 8.21
C TYR B 631 52.18 -20.62 8.11
N THR B 632 52.53 -21.12 6.93
CA THR B 632 52.69 -22.56 6.70
C THR B 632 53.84 -23.20 7.48
N GLU B 633 55.03 -22.60 7.48
CA GLU B 633 56.23 -23.22 8.09
C GLU B 633 56.19 -23.17 9.63
N ARG B 634 55.39 -22.26 10.18
CA ARG B 634 55.12 -22.23 11.62
C ARG B 634 54.53 -23.56 12.09
N TYR B 635 53.65 -24.15 11.28
CA TYR B 635 53.00 -25.40 11.63
C TYR B 635 53.59 -26.62 10.92
N MET B 636 54.26 -26.44 9.79
CA MET B 636 54.68 -27.58 8.93
C MET B 636 56.19 -27.68 8.66
N GLY B 637 56.98 -26.71 9.14
CA GLY B 637 58.42 -26.64 8.84
C GLY B 637 58.68 -26.48 7.36
N LEU B 638 59.88 -26.82 6.92
CA LEU B 638 60.22 -26.65 5.50
C LEU B 638 59.75 -27.82 4.64
N PRO B 639 59.64 -27.63 3.31
CA PRO B 639 59.26 -28.77 2.49
C PRO B 639 60.51 -29.46 1.89
N THR B 640 61.37 -30.00 2.75
CA THR B 640 62.62 -30.65 2.34
C THR B 640 62.65 -32.11 2.77
N PRO B 641 63.42 -32.98 2.08
CA PRO B 641 63.51 -34.38 2.55
C PRO B 641 64.19 -34.50 3.94
N GLU B 642 65.08 -33.56 4.24
CA GLU B 642 65.74 -33.46 5.54
C GLU B 642 64.71 -33.24 6.67
N ASP B 643 63.70 -32.41 6.43
CA ASP B 643 62.64 -32.11 7.41
C ASP B 643 61.26 -32.01 6.75
N ASN B 644 60.46 -33.07 6.86
CA ASN B 644 59.01 -33.03 6.55
C ASN B 644 58.41 -32.80 5.10
N LEU B 645 59.19 -32.95 4.02
CA LEU B 645 58.63 -33.00 2.65
C LEU B 645 57.52 -34.04 2.51
N ASP B 646 57.66 -35.17 3.20
CA ASP B 646 56.67 -36.25 3.14
C ASP B 646 55.26 -35.80 3.58
N HIS B 647 55.20 -35.01 4.66
CA HIS B 647 53.93 -34.56 5.23
C HIS B 647 53.24 -33.47 4.41
N TYR B 648 54.02 -32.57 3.80
CA TYR B 648 53.48 -31.69 2.77
C TYR B 648 52.83 -32.55 1.68
N ARG B 649 53.54 -33.55 1.15
CA ARG B 649 53.07 -34.26 -0.04
C ARG B 649 51.81 -35.11 0.07
N ASN B 650 51.49 -35.67 1.24
CA ASN B 650 50.22 -36.46 1.40
C ASN B 650 49.05 -35.69 2.06
N SER B 651 49.26 -34.37 2.27
CA SER B 651 48.25 -33.42 2.76
C SER B 651 47.43 -32.73 1.68
N THR B 652 47.63 -33.06 0.40
CA THR B 652 47.07 -32.27 -0.69
C THR B 652 45.63 -32.66 -0.92
N VAL B 653 44.76 -31.69 -1.18
CA VAL B 653 43.42 -32.02 -1.63
C VAL B 653 43.49 -32.82 -2.95
N MET B 654 44.39 -32.42 -3.87
CA MET B 654 44.47 -33.07 -5.18
C MET B 654 44.72 -34.60 -5.13
N SER B 655 45.38 -35.07 -4.07
CA SER B 655 45.68 -36.50 -3.88
C SER B 655 44.54 -37.33 -3.30
N ARG B 656 43.31 -36.81 -3.31
CA ARG B 656 42.12 -37.54 -2.86
C ARG B 656 41.01 -37.47 -3.89
N ALA B 657 41.34 -37.13 -5.14
CA ALA B 657 40.33 -36.82 -6.15
C ALA B 657 39.38 -38.00 -6.43
N GLU B 658 39.89 -39.21 -6.46
CA GLU B 658 39.05 -40.40 -6.63
C GLU B 658 37.93 -40.51 -5.56
N ASN B 659 38.24 -40.07 -4.35
CA ASN B 659 37.26 -40.05 -3.25
C ASN B 659 36.12 -39.04 -3.39
N PHE B 660 36.28 -38.04 -4.26
CA PHE B 660 35.24 -37.04 -4.51
C PHE B 660 34.07 -37.55 -5.34
N LYS B 661 34.14 -38.76 -5.86
CA LYS B 661 32.99 -39.34 -6.56
C LYS B 661 31.83 -39.67 -5.63
N GLN B 662 32.09 -39.79 -4.33
CA GLN B 662 31.05 -40.09 -3.33
C GLN B 662 30.27 -38.87 -2.82
N VAL B 663 30.61 -37.65 -3.27
CA VAL B 663 29.97 -36.41 -2.77
C VAL B 663 29.72 -35.40 -3.87
N GLU B 664 28.86 -34.42 -3.60
CA GLU B 664 28.62 -33.26 -4.48
C GLU B 664 29.40 -32.06 -3.94
N TYR B 665 30.42 -31.64 -4.68
CA TYR B 665 31.36 -30.60 -4.25
C TYR B 665 30.98 -29.34 -5.02
N LEU B 666 31.03 -28.19 -4.34
CA LEU B 666 30.94 -26.87 -4.94
C LEU B 666 32.24 -26.16 -4.60
N LEU B 667 33.00 -25.78 -5.62
CA LEU B 667 34.29 -25.12 -5.45
C LEU B 667 34.06 -23.68 -5.84
N ILE B 668 34.64 -22.74 -5.09
CA ILE B 668 34.43 -21.30 -5.30
C ILE B 668 35.70 -20.53 -4.95
N HIS B 669 36.21 -19.68 -5.84
CA HIS B 669 37.41 -18.87 -5.55
C HIS B 669 37.32 -17.57 -6.35
N GLY B 670 37.60 -16.43 -5.71
CA GLY B 670 37.76 -15.13 -6.43
C GLY B 670 39.06 -15.12 -7.25
N THR B 671 39.00 -14.58 -8.46
CA THR B 671 40.17 -14.64 -9.35
C THR B 671 41.34 -13.77 -8.87
N ALA B 672 41.04 -12.68 -8.17
CA ALA B 672 42.04 -11.70 -7.74
C ALA B 672 42.44 -11.88 -6.29
N ASP B 673 42.45 -13.13 -5.83
CA ASP B 673 42.75 -13.46 -4.45
C ASP B 673 44.26 -13.45 -4.27
N ASP B 674 44.78 -12.44 -3.59
CA ASP B 674 46.22 -12.36 -3.24
C ASP B 674 46.66 -13.29 -2.13
N ASN B 675 45.70 -13.81 -1.35
CA ASN B 675 45.99 -14.64 -0.17
C ASN B 675 46.17 -16.10 -0.57
N VAL B 676 45.07 -16.78 -0.83
CA VAL B 676 45.08 -18.18 -1.22
C VAL B 676 44.90 -18.01 -2.72
N HIS B 677 45.95 -18.19 -3.50
CA HIS B 677 45.88 -17.77 -4.89
C HIS B 677 44.85 -18.61 -5.65
N PHE B 678 44.31 -18.06 -6.75
CA PHE B 678 43.29 -18.79 -7.49
C PHE B 678 43.85 -20.14 -7.91
N GLN B 679 45.16 -20.13 -8.17
CA GLN B 679 45.96 -21.33 -8.41
C GLN B 679 45.60 -22.57 -7.57
N GLN B 680 45.28 -22.37 -6.29
CA GLN B 680 45.04 -23.50 -5.38
C GLN B 680 43.80 -24.24 -5.89
N SER B 681 42.71 -23.53 -6.14
CA SER B 681 41.54 -24.13 -6.80
C SER B 681 41.73 -24.51 -8.28
N ALA B 682 42.62 -23.83 -9.00
CA ALA B 682 42.90 -24.24 -10.40
C ALA B 682 43.43 -25.68 -10.43
N GLN B 683 44.31 -26.00 -9.48
CA GLN B 683 44.82 -27.36 -9.32
C GLN B 683 43.77 -28.34 -8.79
N ILE B 684 42.93 -27.93 -7.86
CA ILE B 684 41.92 -28.84 -7.29
C ILE B 684 41.04 -29.29 -8.45
N SER B 685 40.58 -28.35 -9.26
CA SER B 685 39.64 -28.66 -10.33
C SER B 685 40.31 -29.52 -11.38
N LYS B 686 41.59 -29.26 -11.67
CA LYS B 686 42.34 -30.10 -12.64
C LYS B 686 42.50 -31.57 -12.20
N ALA B 687 42.79 -31.79 -10.91
CA ALA B 687 42.86 -33.14 -10.35
C ALA B 687 41.51 -33.86 -10.41
N LEU B 688 40.44 -33.17 -10.03
CA LEU B 688 39.09 -33.76 -10.11
C LEU B 688 38.73 -34.11 -11.56
N VAL B 689 39.06 -33.23 -12.52
CA VAL B 689 38.85 -33.49 -13.95
C VAL B 689 39.63 -34.72 -14.44
N ASP B 690 40.92 -34.83 -14.07
CA ASP B 690 41.76 -35.99 -14.41
C ASP B 690 41.16 -37.28 -13.82
N ALA B 691 40.74 -37.22 -12.57
CA ALA B 691 40.06 -38.35 -11.92
C ALA B 691 38.67 -38.69 -12.51
N GLY B 692 38.08 -37.79 -13.30
CA GLY B 692 36.75 -38.03 -13.87
C GLY B 692 35.68 -37.91 -12.78
N VAL B 693 35.63 -36.73 -12.17
CA VAL B 693 34.81 -36.43 -11.01
C VAL B 693 33.98 -35.20 -11.32
N ASP B 694 32.67 -35.29 -11.14
CA ASP B 694 31.81 -34.13 -11.35
C ASP B 694 31.65 -33.28 -10.10
N PHE B 695 31.51 -31.99 -10.32
CA PHE B 695 31.38 -31.02 -9.25
C PHE B 695 30.91 -29.73 -9.86
N GLN B 696 30.55 -28.77 -9.00
CA GLN B 696 30.25 -27.41 -9.46
C GLN B 696 31.35 -26.44 -9.06
N ALA B 697 31.37 -25.33 -9.75
CA ALA B 697 32.38 -24.32 -9.56
C ALA B 697 31.83 -22.96 -9.85
N MET B 698 32.47 -21.96 -9.27
CA MET B 698 32.09 -20.58 -9.46
C MET B 698 33.32 -19.74 -9.26
N TRP B 699 33.71 -18.96 -10.27
CA TRP B 699 34.79 -17.97 -10.14
C TRP B 699 34.11 -16.62 -9.98
N TYR B 700 34.70 -15.73 -9.19
CA TYR B 700 34.28 -14.33 -9.15
C TYR B 700 35.39 -13.46 -9.69
N THR B 701 35.12 -12.81 -10.82
CA THR B 701 36.07 -11.96 -11.53
C THR B 701 36.48 -10.82 -10.61
N ASP B 702 37.80 -10.62 -10.48
CA ASP B 702 38.40 -9.52 -9.73
C ASP B 702 38.11 -9.44 -8.24
N GLU B 703 37.60 -10.52 -7.64
CA GLU B 703 37.28 -10.52 -6.21
C GLU B 703 38.44 -11.10 -5.44
N ASP B 704 38.73 -10.57 -4.26
CA ASP B 704 39.83 -11.08 -3.44
C ASP B 704 39.34 -12.11 -2.39
N HIS B 705 40.18 -12.40 -1.41
CA HIS B 705 39.92 -13.43 -0.42
C HIS B 705 38.62 -13.27 0.34
N GLY B 706 38.22 -12.04 0.62
CA GLY B 706 36.96 -11.77 1.34
C GLY B 706 35.69 -11.83 0.50
N ILE B 707 35.83 -11.82 -0.84
CA ILE B 707 34.68 -11.73 -1.77
C ILE B 707 33.67 -10.70 -1.22
N ALA B 708 34.21 -9.53 -0.91
CA ALA B 708 33.55 -8.50 -0.07
C ALA B 708 32.67 -7.51 -0.80
N SER B 709 32.89 -7.31 -2.11
CA SER B 709 32.01 -6.45 -2.94
C SER B 709 30.54 -6.73 -2.71
N SER B 710 29.76 -5.68 -2.49
CA SER B 710 28.35 -5.81 -2.13
C SER B 710 27.58 -6.73 -3.10
N THR B 711 27.74 -6.55 -4.42
CA THR B 711 27.08 -7.41 -5.40
C THR B 711 27.62 -8.88 -5.43
N ALA B 712 28.93 -9.07 -5.33
CA ALA B 712 29.49 -10.44 -5.28
C ALA B 712 29.05 -11.14 -3.99
N HIS B 713 29.16 -10.46 -2.85
CA HIS B 713 28.68 -10.95 -1.54
C HIS B 713 27.28 -11.52 -1.63
N GLN B 714 26.37 -10.79 -2.27
CA GLN B 714 25.02 -11.30 -2.44
C GLN B 714 24.98 -12.51 -3.36
N HIS B 715 25.62 -12.42 -4.52
CA HIS B 715 25.69 -13.55 -5.46
C HIS B 715 26.16 -14.89 -4.85
N ILE B 716 27.27 -14.88 -4.12
CA ILE B 716 27.85 -16.12 -3.54
C ILE B 716 27.00 -16.69 -2.44
N TYR B 717 26.49 -15.87 -1.53
CA TYR B 717 25.64 -16.40 -0.44
C TYR B 717 24.27 -16.87 -1.00
N SER B 718 23.75 -16.23 -2.05
CA SER B 718 22.59 -16.78 -2.80
C SER B 718 22.92 -18.09 -3.54
N HIS B 719 24.11 -18.15 -4.15
CA HIS B 719 24.55 -19.33 -4.89
C HIS B 719 24.67 -20.49 -3.93
N MET B 720 25.37 -20.26 -2.83
CA MET B 720 25.54 -21.26 -1.79
C MET B 720 24.19 -21.68 -1.16
N SER B 721 23.28 -20.72 -0.99
CA SER B 721 21.93 -21.04 -0.49
C SER B 721 21.19 -22.03 -1.41
N HIS B 722 21.25 -21.81 -2.72
CA HIS B 722 20.51 -22.63 -3.70
CA HIS B 722 20.52 -22.63 -3.70
C HIS B 722 21.11 -24.04 -3.80
N PHE B 723 22.42 -24.13 -3.62
CA PHE B 723 23.14 -25.41 -3.60
C PHE B 723 22.63 -26.25 -2.45
N LEU B 724 22.54 -25.65 -1.27
CA LEU B 724 22.07 -26.33 -0.08
C LEU B 724 20.60 -26.70 -0.18
N GLN B 725 19.79 -25.87 -0.84
CA GLN B 725 18.41 -26.24 -1.10
C GLN B 725 18.32 -27.46 -1.99
N GLN B 726 19.15 -27.51 -3.03
CA GLN B 726 19.20 -28.66 -3.94
C GLN B 726 19.71 -29.90 -3.21
N CYS B 727 20.85 -29.76 -2.54
CA CYS B 727 21.46 -30.85 -1.81
C CYS B 727 20.56 -31.45 -0.70
N PHE B 728 19.77 -30.62 -0.01
CA PHE B 728 18.84 -31.10 1.04
C PHE B 728 17.38 -31.26 0.57
N SER B 729 17.15 -31.13 -0.74
CA SER B 729 15.82 -31.27 -1.33
C SER B 729 14.83 -30.25 -0.72
N LEU B 730 15.08 -28.96 -1.01
CA LEU B 730 14.29 -27.84 -0.51
C LEU B 730 13.91 -26.93 -1.67
N ARG C 3 -12.15 32.66 -19.90
CA ARG C 3 -13.49 32.55 -19.24
C ARG C 3 -13.80 31.07 -18.88
N THR C 4 -13.65 30.75 -17.59
CA THR C 4 -13.87 29.41 -17.05
C THR C 4 -15.37 29.02 -17.01
N TYR C 5 -15.65 27.71 -17.00
CA TYR C 5 -17.01 27.19 -16.73
C TYR C 5 -17.15 27.12 -15.22
N THR C 6 -17.90 28.05 -14.62
CA THR C 6 -18.06 28.17 -13.15
C THR C 6 -19.26 27.41 -12.58
N LEU C 7 -19.29 27.30 -11.26
CA LEU C 7 -20.44 26.72 -10.52
C LEU C 7 -21.76 27.41 -10.91
N ALA C 8 -21.71 28.74 -11.05
CA ALA C 8 -22.86 29.51 -11.55
C ALA C 8 -23.30 28.98 -12.89
N ASP C 9 -22.35 28.70 -13.78
CA ASP C 9 -22.69 28.17 -15.12
C ASP C 9 -23.33 26.80 -15.03
N TYR C 10 -22.88 25.98 -14.10
CA TYR C 10 -23.52 24.69 -13.83
C TYR C 10 -24.91 24.86 -13.20
N LEU C 11 -25.00 25.64 -12.13
CA LEU C 11 -26.24 25.78 -11.33
C LEU C 11 -27.35 26.56 -12.03
N LYS C 12 -26.99 27.71 -12.62
CA LYS C 12 -27.92 28.50 -13.42
C LYS C 12 -28.16 27.95 -14.84
N ASN C 13 -27.43 26.89 -15.22
CA ASN C 13 -27.68 26.16 -16.48
C ASN C 13 -27.49 27.09 -17.67
N THR C 14 -26.38 27.81 -17.66
CA THR C 14 -26.12 28.88 -18.65
C THR C 14 -25.84 28.34 -20.05
N PHE C 15 -25.17 27.18 -20.14
CA PHE C 15 -24.91 26.52 -21.42
C PHE C 15 -25.75 25.26 -21.54
N ARG C 16 -26.83 25.31 -22.33
CA ARG C 16 -27.79 24.23 -22.41
C ARG C 16 -27.41 23.27 -23.52
N VAL C 17 -27.39 21.98 -23.20
CA VAL C 17 -27.09 20.93 -24.16
C VAL C 17 -28.42 20.52 -24.75
N LYS C 18 -28.73 21.02 -25.95
CA LYS C 18 -30.01 20.72 -26.59
C LYS C 18 -30.09 19.22 -26.88
N SER C 19 -31.29 18.67 -26.75
CA SER C 19 -31.58 17.29 -27.12
C SER C 19 -32.86 17.32 -27.92
N TYR C 20 -32.90 16.62 -29.04
CA TYR C 20 -34.11 16.51 -29.87
C TYR C 20 -34.83 15.22 -29.52
N SER C 21 -36.15 15.30 -29.28
CA SER C 21 -36.97 14.16 -28.86
C SER C 21 -38.23 14.04 -29.72
N LEU C 22 -38.62 12.80 -30.01
CA LEU C 22 -39.78 12.50 -30.85
C LEU C 22 -40.54 11.27 -30.35
N ARG C 23 -41.72 11.06 -30.91
CA ARG C 23 -42.56 9.93 -30.60
C ARG C 23 -43.06 9.39 -31.93
N TRP C 24 -42.61 8.21 -32.33
CA TRP C 24 -43.12 7.61 -33.55
C TRP C 24 -44.61 7.26 -33.30
N VAL C 25 -45.48 8.14 -33.77
CA VAL C 25 -46.94 7.87 -33.84
C VAL C 25 -47.35 6.83 -34.91
N SER C 26 -46.46 6.52 -35.85
CA SER C 26 -46.71 5.50 -36.89
C SER C 26 -45.40 4.87 -37.40
N ASP C 27 -45.49 4.05 -38.45
CA ASP C 27 -44.30 3.50 -39.08
C ASP C 27 -43.43 4.60 -39.67
N SER C 28 -44.01 5.49 -40.46
CA SER C 28 -43.25 6.53 -41.16
C SER C 28 -43.26 7.91 -40.47
N GLU C 29 -44.39 8.33 -39.92
CA GLU C 29 -44.51 9.69 -39.32
C GLU C 29 -44.06 9.73 -37.85
N TYR C 30 -43.87 10.94 -37.30
CA TYR C 30 -43.55 11.15 -35.86
C TYR C 30 -43.91 12.56 -35.32
N LEU C 31 -44.16 12.68 -34.01
CA LEU C 31 -44.52 13.95 -33.34
C LEU C 31 -43.27 14.57 -32.69
N TYR C 32 -43.08 15.88 -32.86
CA TYR C 32 -41.95 16.63 -32.24
C TYR C 32 -42.47 17.96 -31.69
N LYS C 33 -41.79 18.49 -30.66
CA LYS C 33 -42.16 19.78 -30.04
C LYS C 33 -41.28 20.90 -30.63
N GLN C 34 -41.93 21.96 -31.13
CA GLN C 34 -41.24 23.17 -31.63
C GLN C 34 -41.97 24.42 -31.13
N GLU C 35 -41.28 25.27 -30.36
CA GLU C 35 -41.87 26.50 -29.79
C GLU C 35 -43.13 26.18 -28.94
N ASN C 36 -43.07 25.07 -28.21
CA ASN C 36 -44.19 24.52 -27.43
C ASN C 36 -45.46 24.18 -28.23
N ASN C 37 -45.28 23.78 -29.48
CA ASN C 37 -46.37 23.30 -30.33
C ASN C 37 -46.00 21.88 -30.73
N ILE C 38 -46.99 21.00 -30.81
CA ILE C 38 -46.76 19.66 -31.35
C ILE C 38 -47.12 19.71 -32.84
N LEU C 39 -46.15 19.34 -33.69
CA LEU C 39 -46.32 19.29 -35.14
C LEU C 39 -45.95 17.87 -35.54
N LEU C 40 -46.76 17.25 -36.39
CA LEU C 40 -46.45 15.94 -36.93
C LEU C 40 -45.60 16.12 -38.20
N PHE C 41 -44.44 15.46 -38.30
CA PHE C 41 -43.62 15.41 -39.52
C PHE C 41 -43.68 14.00 -40.14
N ASN C 42 -43.86 13.90 -41.46
CA ASN C 42 -43.93 12.60 -42.17
C ASN C 42 -42.59 12.25 -42.82
N ALA C 43 -42.03 11.10 -42.45
CA ALA C 43 -40.70 10.66 -42.96
C ALA C 43 -40.67 10.23 -44.44
N GLU C 44 -41.76 9.68 -44.95
CA GLU C 44 -41.83 9.19 -46.34
C GLU C 44 -41.59 10.29 -47.37
N HIS C 45 -42.14 11.47 -47.09
CA HIS C 45 -42.01 12.64 -47.96
C HIS C 45 -41.30 13.73 -47.11
N GLY C 46 -41.49 15.01 -47.43
CA GLY C 46 -40.83 16.10 -46.66
C GLY C 46 -41.73 16.96 -45.78
N ASN C 47 -43.02 16.62 -45.70
CA ASN C 47 -44.03 17.54 -45.18
C ASN C 47 -44.35 17.47 -43.68
N SER C 48 -44.36 18.64 -43.04
CA SER C 48 -44.74 18.80 -41.64
C SER C 48 -45.94 19.71 -41.57
N SER C 49 -46.94 19.31 -40.79
CA SER C 49 -48.12 20.11 -40.49
C SER C 49 -48.21 20.32 -38.96
N ILE C 50 -48.83 21.43 -38.54
CA ILE C 50 -49.16 21.67 -37.12
C ILE C 50 -50.23 20.65 -36.67
N PHE C 51 -50.06 20.06 -35.47
CA PHE C 51 -51.00 19.05 -34.90
C PHE C 51 -51.79 19.57 -33.68
N LEU C 52 -51.07 19.95 -32.62
CA LEU C 52 -51.67 20.59 -31.44
C LEU C 52 -50.97 21.92 -31.22
N GLU C 53 -51.72 23.03 -31.17
CA GLU C 53 -51.17 24.40 -31.03
C GLU C 53 -50.93 24.73 -29.58
N ASN C 54 -50.02 25.68 -29.30
CA ASN C 54 -49.72 26.06 -27.90
C ASN C 54 -50.89 26.70 -27.16
N SER C 55 -51.80 27.37 -27.86
CA SER C 55 -53.05 27.85 -27.24
C SER C 55 -53.78 26.78 -26.39
N THR C 56 -53.81 25.52 -26.84
CA THR C 56 -54.51 24.45 -26.09
C THR C 56 -53.84 24.17 -24.73
N PHE C 57 -52.52 24.35 -24.63
CA PHE C 57 -51.83 24.21 -23.33
C PHE C 57 -52.01 25.45 -22.48
N GLU C 58 -52.08 26.62 -23.12
CA GLU C 58 -52.20 27.90 -22.43
C GLU C 58 -53.58 28.09 -21.79
N ILE C 59 -54.56 27.29 -22.22
CA ILE C 59 -55.83 27.08 -21.51
C ILE C 59 -55.64 26.69 -20.02
N PHE C 60 -54.57 25.92 -19.75
CA PHE C 60 -54.14 25.52 -18.41
C PHE C 60 -52.78 26.15 -18.04
N GLY C 61 -52.49 27.36 -18.55
CA GLY C 61 -51.27 28.14 -18.24
C GLY C 61 -49.94 27.43 -18.36
N ASP C 62 -49.16 27.42 -17.28
CA ASP C 62 -47.96 26.57 -17.15
C ASP C 62 -48.18 25.37 -16.20
N SER C 63 -49.42 24.91 -16.05
CA SER C 63 -49.76 23.75 -15.23
C SER C 63 -49.42 22.44 -15.92
N ILE C 64 -49.56 22.42 -17.22
CA ILE C 64 -49.35 21.20 -18.00
C ILE C 64 -47.91 20.68 -17.82
N SER C 65 -47.79 19.40 -17.46
CA SER C 65 -46.47 18.71 -17.35
C SER C 65 -46.19 17.76 -18.52
N ASP C 66 -47.24 17.11 -19.03
CA ASP C 66 -47.10 16.20 -20.15
C ASP C 66 -48.42 16.05 -20.91
N TYR C 67 -48.33 15.43 -22.09
CA TYR C 67 -49.50 15.16 -22.95
C TYR C 67 -49.30 13.77 -23.55
N SER C 68 -50.38 13.06 -23.86
CA SER C 68 -50.28 11.76 -24.54
C SER C 68 -51.37 11.71 -25.59
N VAL C 69 -51.03 11.72 -26.87
CA VAL C 69 -52.06 11.74 -27.91
C VAL C 69 -52.45 10.29 -28.13
N SER C 70 -53.72 10.02 -28.41
CA SER C 70 -54.14 8.63 -28.59
C SER C 70 -53.58 8.06 -29.90
N PRO C 71 -53.50 6.73 -29.99
CA PRO C 71 -52.99 6.08 -31.19
C PRO C 71 -53.72 6.49 -32.48
N ASP C 72 -55.05 6.47 -32.46
CA ASP C 72 -55.87 6.89 -33.61
C ASP C 72 -55.89 8.43 -33.86
N ARG C 73 -55.34 9.19 -32.92
CA ARG C 73 -55.09 10.64 -33.04
C ARG C 73 -56.37 11.47 -33.02
N LEU C 74 -57.40 11.00 -32.31
CA LEU C 74 -58.68 11.72 -32.18
C LEU C 74 -58.80 12.53 -30.90
N PHE C 75 -58.11 12.12 -29.83
CA PHE C 75 -58.05 12.82 -28.53
C PHE C 75 -56.60 13.06 -28.08
N VAL C 76 -56.36 14.10 -27.28
CA VAL C 76 -55.09 14.26 -26.51
C VAL C 76 -55.42 14.17 -25.00
N LEU C 77 -54.53 13.58 -24.23
CA LEU C 77 -54.65 13.47 -22.76
C LEU C 77 -53.73 14.55 -22.19
N LEU C 78 -54.26 15.55 -21.48
CA LEU C 78 -53.45 16.66 -20.97
C LEU C 78 -53.19 16.46 -19.48
N GLU C 79 -51.92 16.29 -19.08
CA GLU C 79 -51.56 16.03 -17.69
C GLU C 79 -51.12 17.31 -16.97
N TYR C 80 -51.81 17.69 -15.91
CA TYR C 80 -51.45 18.89 -15.15
C TYR C 80 -51.38 18.60 -13.65
N ASN C 81 -50.89 19.57 -12.88
CA ASN C 81 -50.80 19.43 -11.42
C ASN C 81 -50.00 18.18 -10.93
N TYR C 82 -48.89 17.92 -11.61
CA TYR C 82 -47.98 16.83 -11.26
C TYR C 82 -47.45 17.08 -9.85
N VAL C 83 -47.61 16.07 -8.96
CA VAL C 83 -47.06 16.06 -7.59
C VAL C 83 -46.19 14.78 -7.45
N LYS C 84 -44.86 14.95 -7.34
CA LYS C 84 -43.94 13.79 -7.25
C LYS C 84 -44.10 12.94 -5.97
N GLN C 85 -43.80 11.65 -6.08
CA GLN C 85 -43.72 10.72 -4.94
C GLN C 85 -42.26 10.22 -4.86
N TRP C 86 -41.95 9.11 -5.54
CA TRP C 86 -40.65 8.44 -5.43
C TRP C 86 -39.87 8.67 -6.75
N ARG C 87 -38.90 7.81 -7.08
CA ARG C 87 -38.13 7.94 -8.32
C ARG C 87 -39.05 8.12 -9.55
N HIS C 88 -40.15 7.34 -9.60
CA HIS C 88 -41.04 7.25 -10.79
C HIS C 88 -42.51 7.69 -10.60
N SER C 89 -43.03 7.70 -9.37
CA SER C 89 -44.48 7.84 -9.09
C SER C 89 -44.91 9.30 -8.86
N TYR C 90 -46.15 9.62 -9.26
CA TYR C 90 -46.68 10.97 -9.11
C TYR C 90 -48.22 10.99 -9.25
N THR C 91 -48.92 11.62 -8.31
CA THR C 91 -50.33 11.90 -8.53
C THR C 91 -50.39 13.13 -9.44
N ALA C 92 -51.41 13.18 -10.29
CA ALA C 92 -51.67 14.30 -11.20
C ALA C 92 -53.18 14.38 -11.55
N SER C 93 -53.61 15.51 -12.13
CA SER C 93 -54.99 15.74 -12.61
C SER C 93 -54.94 15.66 -14.16
N TYR C 94 -55.99 15.11 -14.81
CA TYR C 94 -56.03 14.94 -16.31
C TYR C 94 -57.29 15.48 -16.96
N SER C 95 -57.14 16.12 -18.13
CA SER C 95 -58.24 16.63 -19.00
C SER C 95 -58.12 15.96 -20.38
N ILE C 96 -59.20 15.40 -20.92
CA ILE C 96 -59.21 14.86 -22.30
C ILE C 96 -59.63 15.98 -23.28
N TYR C 97 -58.74 16.34 -24.21
CA TYR C 97 -59.00 17.32 -25.29
C TYR C 97 -59.26 16.61 -26.64
N ASP C 98 -60.47 16.75 -27.18
CA ASP C 98 -60.86 16.17 -28.48
C ASP C 98 -60.36 17.05 -29.64
N LEU C 99 -59.51 16.49 -30.50
CA LEU C 99 -58.85 17.25 -31.59
C LEU C 99 -59.80 17.77 -32.67
N ASN C 100 -60.69 16.92 -33.18
CA ASN C 100 -61.74 17.33 -34.14
C ASN C 100 -62.71 18.34 -33.51
N LYS C 101 -63.17 18.08 -32.29
CA LYS C 101 -64.12 19.00 -31.63
C LYS C 101 -63.47 20.31 -31.13
N ARG C 102 -62.15 20.31 -30.93
CA ARG C 102 -61.43 21.44 -30.33
C ARG C 102 -62.02 21.84 -28.96
N GLN C 103 -62.25 20.83 -28.12
CA GLN C 103 -62.97 20.97 -26.83
C GLN C 103 -62.44 20.02 -25.74
N LEU C 104 -62.33 20.52 -24.51
CA LEU C 104 -62.06 19.66 -23.35
C LEU C 104 -63.34 18.92 -23.02
N ILE C 105 -63.26 17.60 -22.85
CA ILE C 105 -64.46 16.86 -22.49
C ILE C 105 -64.83 17.33 -21.08
N THR C 106 -66.10 17.73 -20.87
CA THR C 106 -66.63 18.31 -19.59
C THR C 106 -67.34 17.27 -18.71
N GLU C 107 -67.79 16.18 -19.32
CA GLU C 107 -68.59 15.16 -18.63
C GLU C 107 -67.75 13.87 -18.46
N GLU C 108 -67.99 13.13 -17.38
CA GLU C 108 -67.19 11.96 -17.00
C GLU C 108 -65.69 12.31 -17.00
N LYS C 109 -65.35 13.16 -16.04
CA LYS C 109 -63.98 13.67 -15.88
C LYS C 109 -63.10 12.56 -15.28
N ILE C 110 -61.78 12.69 -15.47
CA ILE C 110 -60.80 11.78 -14.87
C ILE C 110 -60.65 12.18 -13.39
N PRO C 111 -60.63 11.20 -12.46
CA PRO C 111 -60.58 11.50 -11.02
C PRO C 111 -59.45 12.41 -10.54
N ASN C 112 -59.65 13.04 -9.38
CA ASN C 112 -58.79 14.12 -8.88
C ASN C 112 -57.28 13.70 -8.80
N ASN C 113 -56.90 12.78 -7.91
CA ASN C 113 -55.48 12.39 -7.78
C ASN C 113 -55.24 11.04 -8.43
N THR C 114 -55.25 11.04 -9.76
CA THR C 114 -55.05 9.80 -10.49
C THR C 114 -53.55 9.46 -10.42
N GLN C 115 -53.23 8.18 -10.27
CA GLN C 115 -51.86 7.73 -9.95
C GLN C 115 -51.07 7.30 -11.21
N TRP C 116 -51.75 6.58 -12.11
CA TRP C 116 -51.22 6.21 -13.44
C TRP C 116 -52.37 6.13 -14.43
N ILE C 117 -52.20 6.70 -15.62
CA ILE C 117 -53.18 6.58 -16.74
C ILE C 117 -52.43 6.39 -18.08
N THR C 118 -52.98 5.58 -18.97
CA THR C 118 -52.43 5.39 -20.33
C THR C 118 -53.53 5.01 -21.34
N TRP C 119 -53.32 5.34 -22.63
CA TRP C 119 -54.18 4.86 -23.74
C TRP C 119 -53.94 3.36 -23.99
N SER C 120 -54.84 2.74 -24.75
CA SER C 120 -54.62 1.40 -25.31
C SER C 120 -53.62 1.46 -26.45
N GLN C 121 -53.18 0.30 -26.94
CA GLN C 121 -52.17 0.27 -28.01
C GLN C 121 -52.73 0.74 -29.36
N GLU C 122 -54.05 0.63 -29.56
CA GLU C 122 -54.72 1.22 -30.70
C GLU C 122 -56.14 1.61 -30.35
N GLY C 123 -56.62 2.72 -30.91
CA GLY C 123 -57.92 3.29 -30.53
C GLY C 123 -57.80 4.29 -29.40
N HIS C 124 -58.85 4.40 -28.59
CA HIS C 124 -58.89 5.40 -27.51
C HIS C 124 -59.45 4.87 -26.17
N LYS C 125 -59.19 3.60 -25.87
CA LYS C 125 -59.52 3.07 -24.53
C LYS C 125 -58.45 3.57 -23.56
N LEU C 126 -58.87 4.05 -22.39
CA LEU C 126 -57.97 4.54 -21.35
C LEU C 126 -58.14 3.62 -20.16
N ALA C 127 -57.07 3.02 -19.66
CA ALA C 127 -57.08 2.38 -18.32
C ALA C 127 -56.34 3.33 -17.40
N TYR C 128 -56.82 3.53 -16.18
CA TYR C 128 -56.15 4.40 -15.18
C TYR C 128 -56.27 3.82 -13.75
N VAL C 129 -55.43 4.30 -12.82
CA VAL C 129 -55.34 3.83 -11.42
C VAL C 129 -55.66 4.97 -10.44
N TRP C 130 -56.82 4.94 -9.77
CA TRP C 130 -57.18 5.97 -8.77
C TRP C 130 -57.39 5.24 -7.47
N LYS C 131 -56.83 5.75 -6.37
CA LYS C 131 -56.94 5.12 -5.03
C LYS C 131 -56.69 3.60 -5.03
N ASN C 132 -55.65 3.24 -5.78
CA ASN C 132 -55.14 1.87 -5.90
C ASN C 132 -56.12 0.89 -6.55
N ASP C 133 -57.07 1.38 -7.34
CA ASP C 133 -57.97 0.52 -8.09
C ASP C 133 -57.91 0.88 -9.58
N ILE C 134 -58.13 -0.10 -10.43
CA ILE C 134 -58.03 0.06 -11.88
C ILE C 134 -59.44 0.38 -12.40
N TYR C 135 -59.54 1.43 -13.22
CA TYR C 135 -60.77 1.78 -13.98
C TYR C 135 -60.47 1.87 -15.48
N VAL C 136 -61.43 1.46 -16.30
CA VAL C 136 -61.33 1.50 -17.78
C VAL C 136 -62.48 2.33 -18.33
N LYS C 137 -62.20 3.32 -19.18
CA LYS C 137 -63.25 3.98 -19.94
C LYS C 137 -63.03 3.67 -21.41
N ILE C 138 -64.04 3.11 -22.06
CA ILE C 138 -63.91 2.78 -23.49
C ILE C 138 -63.86 4.05 -24.35
N GLU C 139 -64.59 5.08 -23.94
CA GLU C 139 -64.63 6.36 -24.64
C GLU C 139 -64.45 7.52 -23.65
N PRO C 140 -63.63 8.53 -24.02
CA PRO C 140 -63.42 9.73 -23.20
C PRO C 140 -64.69 10.29 -22.54
N HIS C 141 -65.76 10.47 -23.29
CA HIS C 141 -67.02 10.97 -22.75
C HIS C 141 -67.87 10.01 -21.89
N LEU C 142 -67.70 8.69 -22.04
CA LEU C 142 -68.50 7.70 -21.27
C LEU C 142 -67.99 7.51 -19.83
N PRO C 143 -68.80 6.89 -18.94
CA PRO C 143 -68.33 6.61 -17.59
C PRO C 143 -67.28 5.51 -17.51
N SER C 144 -66.64 5.40 -16.34
CA SER C 144 -65.58 4.43 -16.09
C SER C 144 -66.17 3.21 -15.42
N HIS C 145 -65.68 2.03 -15.80
CA HIS C 145 -66.01 0.75 -15.15
C HIS C 145 -64.93 0.45 -14.12
N ARG C 146 -65.30 0.27 -12.84
CA ARG C 146 -64.33 -0.13 -11.81
C ARG C 146 -63.91 -1.57 -12.07
N ILE C 147 -62.64 -1.79 -12.38
CA ILE C 147 -62.12 -3.14 -12.70
C ILE C 147 -61.75 -3.98 -11.46
N THR C 148 -61.12 -3.35 -10.47
CA THR C 148 -60.69 -4.00 -9.22
C THR C 148 -61.26 -3.25 -8.01
N SER C 149 -61.53 -3.99 -6.93
CA SER C 149 -62.24 -3.44 -5.75
C SER C 149 -61.54 -3.62 -4.39
N THR C 150 -60.26 -4.06 -4.39
CA THR C 150 -59.51 -4.40 -3.16
C THR C 150 -58.42 -3.41 -2.75
N GLY C 151 -58.23 -2.33 -3.50
CA GLY C 151 -57.14 -1.38 -3.27
C GLY C 151 -57.26 -0.67 -1.93
N LYS C 152 -56.11 -0.30 -1.37
CA LYS C 152 -56.05 0.35 -0.06
C LYS C 152 -54.69 1.06 0.06
N GLU C 153 -54.64 2.16 0.82
CA GLU C 153 -53.42 2.95 0.94
C GLU C 153 -52.36 2.14 1.68
N ASN C 154 -51.20 1.92 1.05
CA ASN C 154 -50.08 1.17 1.63
C ASN C 154 -50.31 -0.31 2.05
N VAL C 155 -51.28 -0.99 1.41
CA VAL C 155 -51.55 -2.43 1.61
C VAL C 155 -51.66 -3.15 0.23
N ILE C 156 -52.71 -2.82 -0.53
CA ILE C 156 -53.06 -3.49 -1.78
C ILE C 156 -52.97 -2.51 -2.97
N PHE C 157 -52.08 -2.78 -3.93
CA PHE C 157 -51.84 -1.89 -5.07
C PHE C 157 -52.21 -2.66 -6.35
N ASN C 158 -53.19 -2.17 -7.12
CA ASN C 158 -53.60 -2.76 -8.43
C ASN C 158 -53.21 -1.87 -9.60
N GLY C 159 -52.45 -2.41 -10.56
CA GLY C 159 -51.99 -1.62 -11.70
C GLY C 159 -50.88 -0.64 -11.37
N ILE C 160 -50.43 -0.58 -10.12
CA ILE C 160 -49.28 0.26 -9.73
C ILE C 160 -48.37 -0.54 -8.75
N ASN C 161 -47.05 -0.33 -8.82
CA ASN C 161 -46.08 -1.04 -7.98
C ASN C 161 -45.97 -0.39 -6.59
N ASP C 162 -45.64 -1.18 -5.56
CA ASP C 162 -45.38 -0.64 -4.20
C ASP C 162 -43.94 -0.12 -4.20
N TRP C 163 -43.43 0.31 -3.06
CA TRP C 163 -42.11 0.92 -3.04
C TRP C 163 -41.04 0.05 -3.74
N VAL C 164 -40.89 -1.21 -3.34
CA VAL C 164 -39.72 -2.05 -3.75
C VAL C 164 -39.77 -2.57 -5.20
N TYR C 165 -40.98 -2.81 -5.73
CA TYR C 165 -41.13 -3.22 -7.14
C TYR C 165 -40.92 -2.06 -8.08
N GLU C 166 -41.38 -0.88 -7.69
CA GLU C 166 -41.14 0.32 -8.45
C GLU C 166 -39.66 0.57 -8.64
N GLU C 167 -38.94 0.70 -7.54
CA GLU C 167 -37.53 1.10 -7.55
C GLU C 167 -36.58 0.03 -8.11
N GLU C 168 -36.75 -1.23 -7.66
CA GLU C 168 -35.75 -2.30 -7.83
C GLU C 168 -36.06 -3.44 -8.80
N ILE C 169 -37.23 -3.43 -9.44
CA ILE C 169 -37.59 -4.49 -10.41
C ILE C 169 -38.08 -3.97 -11.77
N PHE C 170 -39.16 -3.18 -11.80
CA PHE C 170 -39.73 -2.65 -13.07
C PHE C 170 -39.20 -1.27 -13.53
N GLY C 171 -38.55 -0.52 -12.64
CA GLY C 171 -38.09 0.84 -12.92
C GLY C 171 -39.22 1.79 -13.27
N ALA C 172 -40.39 1.58 -12.65
CA ALA C 172 -41.62 2.25 -13.06
C ALA C 172 -42.76 2.03 -12.07
N TYR C 173 -43.63 3.04 -11.90
CA TYR C 173 -44.89 2.85 -11.17
C TYR C 173 -45.82 1.92 -11.93
N SER C 174 -45.92 2.09 -13.25
CA SER C 174 -46.91 1.34 -14.06
C SER C 174 -46.79 -0.17 -13.88
N ALA C 175 -47.87 -0.76 -13.39
CA ALA C 175 -48.01 -2.21 -13.37
C ALA C 175 -49.28 -2.63 -14.12
N LEU C 176 -49.65 -1.88 -15.17
CA LEU C 176 -50.70 -2.32 -16.11
C LEU C 176 -50.19 -2.33 -17.57
N TRP C 177 -50.35 -3.48 -18.24
CA TRP C 177 -49.92 -3.69 -19.65
C TRP C 177 -51.10 -3.99 -20.59
N TRP C 178 -51.30 -3.11 -21.57
CA TRP C 178 -52.40 -3.24 -22.55
C TRP C 178 -52.04 -4.20 -23.68
N SER C 179 -53.07 -4.86 -24.21
CA SER C 179 -52.96 -5.80 -25.32
C SER C 179 -52.88 -5.08 -26.69
N PRO C 180 -52.17 -5.67 -27.69
CA PRO C 180 -52.07 -5.12 -29.05
C PRO C 180 -53.34 -4.47 -29.62
N ASN C 181 -54.47 -5.18 -29.55
CA ASN C 181 -55.76 -4.77 -30.13
C ASN C 181 -56.70 -4.22 -29.06
N GLY C 182 -56.22 -4.09 -27.82
CA GLY C 182 -57.04 -3.59 -26.72
C GLY C 182 -58.12 -4.51 -26.14
N THR C 183 -58.18 -5.78 -26.52
CA THR C 183 -59.18 -6.70 -25.95
C THR C 183 -58.96 -6.85 -24.44
N PHE C 184 -57.70 -7.12 -24.07
CA PHE C 184 -57.28 -7.44 -22.71
C PHE C 184 -56.48 -6.30 -22.07
N LEU C 185 -56.52 -6.23 -20.74
CA LEU C 185 -55.68 -5.34 -19.94
C LEU C 185 -55.04 -6.17 -18.83
N ALA C 186 -53.78 -6.57 -19.01
CA ALA C 186 -53.06 -7.32 -17.96
C ALA C 186 -52.58 -6.33 -16.91
N TYR C 187 -52.58 -6.74 -15.64
CA TYR C 187 -52.11 -5.90 -14.52
C TYR C 187 -51.57 -6.71 -13.33
N ALA C 188 -50.87 -6.04 -12.42
CA ALA C 188 -50.33 -6.67 -11.20
C ALA C 188 -51.16 -6.36 -9.97
N GLN C 189 -50.93 -7.14 -8.91
CA GLN C 189 -51.54 -6.91 -7.59
C GLN C 189 -50.50 -7.24 -6.55
N PHE C 190 -50.05 -6.24 -5.78
CA PHE C 190 -49.06 -6.42 -4.69
C PHE C 190 -49.75 -6.32 -3.32
N ASN C 191 -49.33 -7.15 -2.37
CA ASN C 191 -49.83 -7.14 -0.97
C ASN C 191 -48.62 -6.74 -0.11
N ASP C 192 -48.69 -5.64 0.63
CA ASP C 192 -47.62 -5.22 1.59
C ASP C 192 -47.90 -5.57 3.07
N THR C 193 -48.91 -6.41 3.33
CA THR C 193 -49.19 -6.87 4.70
C THR C 193 -47.96 -7.60 5.24
N GLY C 194 -47.55 -7.27 6.45
CA GLY C 194 -46.34 -7.84 7.06
C GLY C 194 -44.99 -7.22 6.70
N VAL C 195 -44.94 -6.35 5.68
CA VAL C 195 -43.72 -5.63 5.34
C VAL C 195 -43.61 -4.50 6.38
N PRO C 196 -42.48 -4.42 7.13
CA PRO C 196 -42.38 -3.37 8.14
C PRO C 196 -42.21 -1.96 7.56
N LEU C 197 -42.54 -0.97 8.37
CA LEU C 197 -42.63 0.41 7.93
C LEU C 197 -41.36 1.17 8.29
N ILE C 198 -40.76 1.83 7.32
CA ILE C 198 -39.72 2.81 7.64
C ILE C 198 -40.43 4.09 8.07
N GLU C 199 -40.07 4.68 9.21
CA GLU C 199 -40.72 5.93 9.65
C GLU C 199 -39.72 7.06 9.90
N TYR C 200 -40.07 8.27 9.47
CA TYR C 200 -39.22 9.46 9.70
C TYR C 200 -40.07 10.71 9.79
N SER C 201 -39.52 11.78 10.34
CA SER C 201 -40.21 13.09 10.41
C SER C 201 -40.16 13.87 9.08
N PHE C 202 -41.32 14.37 8.65
CA PHE C 202 -41.41 15.37 7.58
C PHE C 202 -41.85 16.67 8.23
N TYR C 203 -40.99 17.68 8.15
CA TYR C 203 -41.19 18.94 8.88
C TYR C 203 -42.07 19.98 8.17
N SER C 204 -42.21 19.84 6.85
CA SER C 204 -43.06 20.70 6.01
C SER C 204 -42.70 22.19 6.10
N ASP C 205 -43.64 23.06 5.70
CA ASP C 205 -43.53 24.52 5.86
C ASP C 205 -43.34 24.94 7.31
N GLU C 206 -42.76 26.14 7.46
CA GLU C 206 -42.64 26.86 8.73
C GLU C 206 -43.95 26.94 9.55
N SER C 207 -45.09 27.06 8.87
CA SER C 207 -46.41 27.17 9.50
C SER C 207 -46.91 25.93 10.23
N LEU C 208 -46.40 24.76 9.84
CA LEU C 208 -46.79 23.50 10.48
C LEU C 208 -46.16 23.40 11.88
N GLN C 209 -47.02 23.48 12.88
CA GLN C 209 -46.60 23.56 14.30
C GLN C 209 -45.90 22.25 14.73
N TYR C 210 -46.46 21.12 14.29
CA TYR C 210 -46.06 19.76 14.68
C TYR C 210 -45.59 18.97 13.44
N PRO C 211 -44.40 18.36 13.50
CA PRO C 211 -44.03 17.51 12.36
C PRO C 211 -44.96 16.31 12.20
N LYS C 212 -45.33 15.98 10.96
CA LYS C 212 -46.02 14.73 10.66
C LYS C 212 -44.93 13.66 10.51
N THR C 213 -45.32 12.39 10.69
CA THR C 213 -44.45 11.21 10.50
C THR C 213 -44.88 10.48 9.23
N VAL C 214 -43.93 10.25 8.34
CA VAL C 214 -44.18 9.57 7.06
C VAL C 214 -43.89 8.09 7.25
N TRP C 215 -44.77 7.23 6.72
CA TRP C 215 -44.54 5.78 6.76
C TRP C 215 -44.75 5.12 5.41
N ILE C 216 -43.82 4.23 5.07
CA ILE C 216 -43.84 3.44 3.83
C ILE C 216 -43.53 1.97 4.17
N PRO C 217 -44.26 0.99 3.58
CA PRO C 217 -43.77 -0.40 3.68
C PRO C 217 -42.51 -0.57 2.85
N TYR C 218 -41.38 -0.58 3.52
CA TYR C 218 -40.09 -0.76 2.92
C TYR C 218 -39.50 -2.03 3.57
N PRO C 219 -39.14 -3.04 2.76
CA PRO C 219 -38.44 -4.19 3.32
C PRO C 219 -36.93 -4.00 3.22
N LYS C 220 -36.22 -4.16 4.33
CA LYS C 220 -34.75 -4.09 4.35
C LYS C 220 -34.21 -5.53 4.26
N ALA C 221 -32.90 -5.73 4.18
CA ALA C 221 -32.36 -7.06 3.81
C ALA C 221 -32.88 -8.17 4.74
N GLY C 222 -33.41 -9.23 4.17
CA GLY C 222 -33.88 -10.38 4.95
C GLY C 222 -35.24 -10.28 5.62
N ALA C 223 -35.92 -9.14 5.55
CA ALA C 223 -37.21 -8.96 6.23
C ALA C 223 -38.33 -9.55 5.39
N VAL C 224 -39.58 -9.45 5.86
CA VAL C 224 -40.74 -9.91 5.09
C VAL C 224 -40.96 -8.98 3.87
N ASN C 225 -41.26 -9.57 2.72
CA ASN C 225 -41.43 -8.85 1.45
C ASN C 225 -42.87 -8.84 0.96
N PRO C 226 -43.15 -8.11 -0.13
CA PRO C 226 -44.47 -8.14 -0.72
C PRO C 226 -44.80 -9.43 -1.44
N THR C 227 -46.09 -9.70 -1.57
CA THR C 227 -46.57 -10.79 -2.40
C THR C 227 -47.09 -10.21 -3.71
N VAL C 228 -47.10 -11.02 -4.77
CA VAL C 228 -47.52 -10.58 -6.08
C VAL C 228 -48.49 -11.57 -6.70
N LYS C 229 -49.44 -11.02 -7.46
CA LYS C 229 -50.40 -11.78 -8.26
C LYS C 229 -50.48 -11.13 -9.64
N PHE C 230 -50.99 -11.87 -10.62
CA PHE C 230 -51.10 -11.38 -11.99
C PHE C 230 -52.45 -11.75 -12.54
N PHE C 231 -53.13 -10.77 -13.11
CA PHE C 231 -54.47 -10.95 -13.67
C PHE C 231 -54.49 -10.47 -15.12
N ILE C 232 -55.55 -10.87 -15.83
CA ILE C 232 -55.86 -10.33 -17.14
C ILE C 232 -57.38 -10.18 -17.19
N VAL C 233 -57.87 -8.98 -17.50
CA VAL C 233 -59.31 -8.68 -17.57
C VAL C 233 -59.71 -8.42 -19.02
N ASN C 234 -60.82 -8.97 -19.49
CA ASN C 234 -61.30 -8.66 -20.85
C ASN C 234 -61.99 -7.27 -20.86
N THR C 235 -61.39 -6.28 -21.50
CA THR C 235 -62.01 -4.94 -21.58
C THR C 235 -63.20 -4.87 -22.54
N ASP C 236 -63.26 -5.75 -23.55
CA ASP C 236 -64.44 -5.79 -24.45
C ASP C 236 -65.74 -6.18 -23.73
N SER C 237 -65.67 -7.08 -22.75
CA SER C 237 -66.86 -7.51 -21.99
C SER C 237 -67.49 -6.42 -21.11
N LEU C 238 -66.69 -5.42 -20.69
CA LEU C 238 -67.11 -4.40 -19.71
C LEU C 238 -68.47 -3.80 -20.01
N SER C 239 -69.37 -3.78 -19.01
CA SER C 239 -70.72 -3.19 -19.12
C SER C 239 -71.36 -2.95 -17.74
N SER C 240 -72.33 -2.04 -17.66
CA SER C 240 -73.13 -1.84 -16.43
C SER C 240 -73.98 -3.07 -16.08
N THR C 241 -74.47 -3.76 -17.11
CA THR C 241 -75.32 -4.95 -16.99
C THR C 241 -74.65 -6.18 -16.35
N THR C 242 -73.37 -6.37 -16.65
CA THR C 242 -72.65 -7.60 -16.29
C THR C 242 -71.46 -7.32 -15.35
N THR C 243 -71.08 -8.33 -14.57
CA THR C 243 -69.93 -8.25 -13.65
C THR C 243 -68.70 -8.83 -14.35
N THR C 244 -67.57 -8.16 -14.15
CA THR C 244 -66.31 -8.54 -14.80
C THR C 244 -65.64 -9.59 -13.93
N ILE C 245 -64.90 -10.50 -14.55
CA ILE C 245 -64.11 -11.50 -13.81
C ILE C 245 -62.68 -11.44 -14.36
N PRO C 246 -61.77 -10.79 -13.61
CA PRO C 246 -60.39 -10.81 -14.05
C PRO C 246 -59.78 -12.21 -13.90
N MET C 247 -59.18 -12.69 -14.99
CA MET C 247 -58.62 -14.02 -15.06
C MET C 247 -57.25 -13.93 -14.41
N GLN C 248 -56.99 -14.77 -13.41
CA GLN C 248 -55.69 -14.80 -12.68
C GLN C 248 -54.68 -15.79 -13.32
N ILE C 249 -53.41 -15.39 -13.41
CA ILE C 249 -52.26 -16.30 -13.70
C ILE C 249 -51.49 -16.54 -12.37
N THR C 250 -51.19 -17.81 -12.09
CA THR C 250 -50.40 -18.21 -10.92
C THR C 250 -49.01 -18.63 -11.42
N ALA C 251 -47.96 -18.22 -10.70
CA ALA C 251 -46.57 -18.38 -11.15
C ALA C 251 -46.12 -19.86 -11.32
N PRO C 252 -44.97 -20.12 -12.01
CA PRO C 252 -44.44 -21.48 -12.20
C PRO C 252 -44.14 -22.24 -10.89
N ALA C 253 -44.31 -23.56 -10.89
CA ALA C 253 -44.16 -24.37 -9.66
C ALA C 253 -42.79 -24.20 -8.99
N SER C 254 -41.73 -23.98 -9.77
CA SER C 254 -40.38 -23.87 -9.23
C SER C 254 -40.17 -22.58 -8.44
N VAL C 255 -40.79 -21.49 -8.89
CA VAL C 255 -40.68 -20.16 -8.24
C VAL C 255 -41.55 -20.14 -6.94
N THR C 256 -42.75 -20.72 -6.97
CA THR C 256 -43.69 -20.70 -5.80
C THR C 256 -43.34 -21.61 -4.58
N THR C 257 -42.21 -22.32 -4.63
CA THR C 257 -41.75 -23.11 -3.47
C THR C 257 -41.43 -22.23 -2.26
N GLY C 258 -40.93 -21.03 -2.53
CA GLY C 258 -40.68 -19.99 -1.52
C GLY C 258 -40.93 -18.61 -2.10
N ASP C 259 -40.28 -17.60 -1.52
CA ASP C 259 -40.48 -16.21 -1.95
C ASP C 259 -40.03 -15.96 -3.38
N HIS C 260 -40.83 -15.20 -4.13
CA HIS C 260 -40.58 -14.91 -5.56
C HIS C 260 -40.95 -13.45 -5.93
N TYR C 261 -40.36 -12.96 -7.04
CA TYR C 261 -40.67 -11.66 -7.64
C TYR C 261 -41.13 -11.85 -9.10
N LEU C 262 -42.09 -11.04 -9.55
CA LEU C 262 -42.45 -10.94 -10.97
C LEU C 262 -41.54 -9.89 -11.61
N CYS C 263 -40.52 -10.32 -12.35
CA CYS C 263 -39.54 -9.37 -12.93
C CYS C 263 -39.94 -8.66 -14.24
N ASP C 264 -40.43 -9.39 -15.24
CA ASP C 264 -40.71 -8.81 -16.58
C ASP C 264 -42.09 -9.25 -17.11
N VAL C 265 -42.77 -8.37 -17.84
CA VAL C 265 -44.06 -8.67 -18.51
C VAL C 265 -44.02 -8.11 -19.93
N ALA C 266 -44.37 -8.94 -20.89
CA ALA C 266 -44.28 -8.57 -22.30
C ALA C 266 -45.36 -9.29 -23.12
N TRP C 267 -46.31 -8.55 -23.66
CA TRP C 267 -47.30 -9.18 -24.53
C TRP C 267 -46.60 -9.66 -25.81
N VAL C 268 -46.98 -10.84 -26.29
CA VAL C 268 -46.45 -11.41 -27.53
C VAL C 268 -47.44 -11.15 -28.67
N SER C 269 -48.70 -11.51 -28.45
CA SER C 269 -49.80 -11.23 -29.39
C SER C 269 -51.11 -10.96 -28.60
N GLU C 270 -52.29 -11.02 -29.23
CA GLU C 270 -53.57 -10.97 -28.49
C GLU C 270 -53.82 -12.16 -27.56
N ASP C 271 -53.30 -13.33 -27.92
CA ASP C 271 -53.49 -14.56 -27.14
C ASP C 271 -52.23 -15.08 -26.42
N ARG C 272 -51.09 -14.44 -26.58
CA ARG C 272 -49.85 -14.93 -25.95
C ARG C 272 -49.16 -13.78 -25.21
N ILE C 273 -48.74 -14.05 -23.96
CA ILE C 273 -48.09 -13.09 -23.06
C ILE C 273 -46.95 -13.85 -22.38
N SER C 274 -45.77 -13.25 -22.24
CA SER C 274 -44.66 -13.91 -21.54
C SER C 274 -44.45 -13.23 -20.20
N LEU C 275 -44.22 -14.04 -19.15
CA LEU C 275 -44.05 -13.55 -17.76
C LEU C 275 -42.79 -14.14 -17.15
N GLN C 276 -41.73 -13.34 -17.01
CA GLN C 276 -40.53 -13.76 -16.28
C GLN C 276 -40.73 -13.60 -14.75
N TRP C 277 -40.51 -14.68 -13.99
CA TRP C 277 -40.54 -14.69 -12.51
C TRP C 277 -39.15 -15.04 -11.93
N LEU C 278 -38.83 -14.55 -10.73
CA LEU C 278 -37.48 -14.65 -10.14
C LEU C 278 -37.60 -15.16 -8.69
N ARG C 279 -36.77 -16.11 -8.26
CA ARG C 279 -36.81 -16.59 -6.86
C ARG C 279 -36.14 -15.52 -5.99
N ARG C 280 -36.51 -15.42 -4.70
CA ARG C 280 -35.87 -14.46 -3.77
C ARG C 280 -34.34 -14.68 -3.59
N ILE C 281 -33.90 -15.94 -3.71
CA ILE C 281 -32.48 -16.26 -3.93
C ILE C 281 -32.33 -16.06 -5.44
N GLN C 282 -31.81 -14.90 -5.87
CA GLN C 282 -31.96 -14.45 -7.28
C GLN C 282 -30.90 -14.99 -8.27
N ASN C 283 -30.65 -16.30 -8.22
CA ASN C 283 -29.80 -17.02 -9.18
C ASN C 283 -30.54 -18.09 -9.99
N TYR C 284 -31.87 -18.05 -9.98
CA TYR C 284 -32.72 -18.90 -10.79
C TYR C 284 -33.93 -18.07 -11.25
N SER C 285 -34.13 -18.00 -12.57
CA SER C 285 -35.23 -17.29 -13.19
C SER C 285 -36.03 -18.30 -14.01
N VAL C 286 -37.36 -18.10 -14.08
CA VAL C 286 -38.27 -18.84 -14.98
C VAL C 286 -38.89 -17.82 -15.91
N MET C 287 -39.00 -18.12 -17.21
CA MET C 287 -39.84 -17.36 -18.13
C MET C 287 -40.98 -18.27 -18.58
N ALA C 288 -42.20 -18.01 -18.13
CA ALA C 288 -43.37 -18.81 -18.50
C ALA C 288 -44.20 -18.11 -19.59
N ILE C 289 -44.17 -18.65 -20.81
CA ILE C 289 -45.03 -18.18 -21.91
C ILE C 289 -46.43 -18.78 -21.70
N CYS C 290 -47.44 -17.91 -21.63
CA CYS C 290 -48.83 -18.30 -21.37
C CYS C 290 -49.78 -17.95 -22.53
N ASP C 291 -50.53 -18.95 -22.99
CA ASP C 291 -51.47 -18.81 -24.10
C ASP C 291 -52.89 -18.67 -23.60
N TYR C 292 -53.69 -17.86 -24.29
CA TYR C 292 -55.10 -17.66 -23.95
C TYR C 292 -55.93 -18.78 -24.52
N ASP C 293 -56.82 -19.34 -23.70
CA ASP C 293 -57.73 -20.36 -24.15
C ASP C 293 -59.08 -19.73 -24.38
N LYS C 294 -59.48 -19.67 -25.65
CA LYS C 294 -60.74 -19.05 -26.07
C LYS C 294 -61.97 -19.76 -25.51
N THR C 295 -61.96 -21.09 -25.50
CA THR C 295 -63.11 -21.91 -25.08
C THR C 295 -63.49 -21.74 -23.60
N THR C 296 -62.52 -21.89 -22.70
CA THR C 296 -62.77 -21.87 -21.25
C THR C 296 -62.28 -20.59 -20.53
N LEU C 297 -61.81 -19.59 -21.29
CA LEU C 297 -61.48 -18.24 -20.75
C LEU C 297 -60.38 -18.29 -19.70
N VAL C 298 -59.32 -19.04 -20.00
CA VAL C 298 -58.19 -19.19 -19.10
C VAL C 298 -56.92 -18.92 -19.87
N TRP C 299 -55.91 -18.52 -19.13
CA TRP C 299 -54.57 -18.43 -19.63
C TRP C 299 -53.76 -19.60 -19.05
N ASN C 300 -53.26 -20.48 -19.92
CA ASN C 300 -52.55 -21.69 -19.51
C ASN C 300 -51.06 -21.49 -19.68
N CYS C 301 -50.27 -21.99 -18.73
CA CYS C 301 -48.83 -21.78 -18.71
C CYS C 301 -48.06 -23.12 -18.65
N PRO C 302 -48.01 -23.84 -19.79
CA PRO C 302 -47.38 -25.17 -19.81
C PRO C 302 -45.91 -25.19 -19.48
N THR C 303 -45.48 -26.30 -18.89
CA THR C 303 -44.06 -26.56 -18.60
C THR C 303 -43.25 -26.67 -19.89
N THR C 304 -43.88 -27.13 -20.97
CA THR C 304 -43.23 -27.30 -22.29
C THR C 304 -42.69 -25.97 -22.82
N GLN C 305 -43.45 -24.91 -22.57
CA GLN C 305 -43.10 -23.55 -23.00
C GLN C 305 -42.35 -22.72 -21.92
N GLU C 306 -42.08 -23.31 -20.74
CA GLU C 306 -41.31 -22.63 -19.66
C GLU C 306 -39.79 -22.68 -19.94
N HIS C 307 -39.08 -21.54 -19.77
CA HIS C 307 -37.61 -21.44 -19.99
C HIS C 307 -36.89 -21.00 -18.73
N ILE C 308 -35.74 -21.61 -18.44
CA ILE C 308 -34.99 -21.39 -17.21
C ILE C 308 -33.70 -20.62 -17.58
N GLU C 309 -33.43 -19.53 -16.85
CA GLU C 309 -32.06 -18.96 -16.73
C GLU C 309 -31.55 -19.30 -15.33
N THR C 310 -30.29 -19.72 -15.21
CA THR C 310 -29.61 -19.95 -13.92
C THR C 310 -28.24 -19.31 -13.90
N SER C 311 -27.64 -19.30 -12.73
CA SER C 311 -26.28 -18.79 -12.54
C SER C 311 -25.55 -19.45 -11.35
N ALA C 312 -24.58 -20.30 -11.65
CA ALA C 312 -23.71 -20.88 -10.61
C ALA C 312 -22.74 -19.83 -10.06
N THR C 313 -22.27 -18.93 -10.93
CA THR C 313 -21.27 -17.89 -10.57
C THR C 313 -21.85 -16.65 -9.83
N GLY C 314 -23.13 -16.34 -10.05
CA GLY C 314 -23.73 -15.15 -9.45
C GLY C 314 -25.24 -15.03 -9.56
N TRP C 315 -25.72 -13.82 -9.74
CA TRP C 315 -27.16 -13.53 -9.88
C TRP C 315 -27.40 -13.55 -11.37
N CYS C 316 -28.67 -13.70 -11.80
CA CYS C 316 -28.97 -14.16 -13.18
C CYS C 316 -29.38 -13.09 -14.21
N GLY C 317 -29.11 -11.83 -13.93
CA GLY C 317 -29.33 -10.74 -14.91
C GLY C 317 -28.28 -9.66 -14.81
N ARG C 318 -28.40 -8.60 -15.63
CA ARG C 318 -27.61 -7.39 -15.40
C ARG C 318 -28.07 -6.78 -14.08
N PHE C 319 -29.31 -6.32 -14.05
CA PHE C 319 -30.05 -6.05 -12.82
C PHE C 319 -31.26 -6.99 -12.63
N ARG C 320 -31.60 -7.75 -13.68
CA ARG C 320 -32.75 -8.66 -13.73
C ARG C 320 -32.72 -9.45 -15.05
N PRO C 321 -33.56 -10.49 -15.19
CA PRO C 321 -33.61 -11.16 -16.49
C PRO C 321 -33.94 -10.18 -17.64
N ALA C 322 -33.18 -10.27 -18.74
CA ALA C 322 -33.44 -9.45 -19.94
C ALA C 322 -34.83 -9.80 -20.56
N GLU C 323 -35.52 -8.77 -21.04
CA GLU C 323 -36.78 -8.92 -21.77
C GLU C 323 -36.66 -9.77 -23.05
N PRO C 324 -37.73 -10.51 -23.43
CA PRO C 324 -37.79 -11.30 -24.65
C PRO C 324 -38.34 -10.51 -25.83
N HIS C 325 -37.78 -10.76 -27.01
CA HIS C 325 -38.21 -10.15 -28.24
C HIS C 325 -38.69 -11.27 -29.13
N PHE C 326 -40.00 -11.49 -29.15
CA PHE C 326 -40.64 -12.53 -29.98
C PHE C 326 -40.77 -12.14 -31.46
N THR C 327 -40.68 -13.13 -32.34
CA THR C 327 -40.96 -12.95 -33.77
C THR C 327 -42.47 -12.75 -33.98
N SER C 328 -42.86 -12.21 -35.13
CA SER C 328 -44.28 -11.96 -35.42
C SER C 328 -45.04 -13.28 -35.35
N ASP C 329 -44.50 -14.24 -36.10
CA ASP C 329 -44.84 -15.67 -36.00
C ASP C 329 -45.15 -16.11 -34.54
N GLY C 330 -44.36 -15.64 -33.58
CA GLY C 330 -44.59 -15.87 -32.15
C GLY C 330 -44.00 -17.18 -31.64
N SER C 331 -43.34 -17.94 -32.53
CA SER C 331 -42.74 -19.24 -32.20
C SER C 331 -41.36 -19.11 -31.56
N SER C 332 -40.60 -18.06 -31.87
CA SER C 332 -39.22 -17.92 -31.40
C SER C 332 -39.00 -16.56 -30.74
N PHE C 333 -37.95 -16.45 -29.91
CA PHE C 333 -37.59 -15.18 -29.30
C PHE C 333 -36.09 -15.00 -29.07
N TYR C 334 -35.64 -13.74 -29.14
CA TYR C 334 -34.22 -13.38 -29.04
C TYR C 334 -33.98 -12.51 -27.81
N LYS C 335 -33.22 -12.99 -26.84
CA LYS C 335 -32.88 -12.18 -25.66
C LYS C 335 -31.42 -12.33 -25.32
N ILE C 336 -30.91 -11.35 -24.58
CA ILE C 336 -29.51 -11.32 -24.17
C ILE C 336 -29.38 -12.22 -22.92
N VAL C 337 -28.50 -13.24 -23.00
CA VAL C 337 -28.22 -14.21 -21.92
C VAL C 337 -26.70 -14.38 -21.78
N SER C 338 -26.21 -14.77 -20.61
CA SER C 338 -24.76 -14.96 -20.42
C SER C 338 -24.24 -16.16 -21.26
N ASP C 339 -23.02 -16.00 -21.79
CA ASP C 339 -22.40 -16.96 -22.72
C ASP C 339 -21.86 -18.15 -21.91
N LYS C 340 -21.17 -19.06 -22.61
CA LYS C 340 -20.35 -20.10 -21.96
C LYS C 340 -19.11 -19.45 -21.31
N ASP C 341 -18.55 -18.45 -21.97
CA ASP C 341 -17.42 -17.66 -21.44
C ASP C 341 -17.85 -16.56 -20.45
N GLY C 342 -19.14 -16.24 -20.44
CA GLY C 342 -19.73 -15.25 -19.52
C GLY C 342 -20.02 -13.85 -20.06
N TYR C 343 -20.00 -13.67 -21.38
CA TYR C 343 -20.43 -12.42 -21.99
C TYR C 343 -21.96 -12.46 -22.29
N LYS C 344 -22.66 -11.33 -22.18
CA LYS C 344 -24.12 -11.34 -22.31
C LYS C 344 -24.31 -11.13 -23.81
N HIS C 345 -24.78 -12.17 -24.51
CA HIS C 345 -24.97 -12.15 -25.97
C HIS C 345 -26.37 -12.57 -26.36
N ILE C 346 -26.71 -12.36 -27.62
CA ILE C 346 -28.06 -12.68 -28.09
C ILE C 346 -28.25 -14.19 -28.32
N CYS C 347 -29.08 -14.76 -27.46
CA CYS C 347 -29.40 -16.19 -27.44
C CYS C 347 -30.75 -16.31 -28.18
N GLN C 348 -30.84 -17.19 -29.17
CA GLN C 348 -32.13 -17.40 -29.84
C GLN C 348 -32.75 -18.70 -29.31
N PHE C 349 -34.01 -18.63 -28.91
CA PHE C 349 -34.73 -19.81 -28.41
C PHE C 349 -35.96 -20.07 -29.23
N GLN C 350 -36.44 -21.31 -29.13
CA GLN C 350 -37.79 -21.62 -29.60
C GLN C 350 -38.75 -21.59 -28.40
N LYS C 351 -40.03 -21.40 -28.67
CA LYS C 351 -41.04 -21.32 -27.62
C LYS C 351 -41.12 -22.60 -26.82
N ASP C 352 -41.20 -23.75 -27.49
CA ASP C 352 -41.10 -25.04 -26.82
C ASP C 352 -39.65 -25.23 -26.45
N ARG C 353 -39.39 -25.59 -25.21
CA ARG C 353 -38.04 -25.89 -24.76
C ARG C 353 -37.82 -27.38 -24.85
N LYS C 354 -36.69 -27.74 -25.43
CA LYS C 354 -36.17 -29.09 -25.44
C LYS C 354 -35.02 -28.96 -24.42
N PRO C 355 -35.12 -29.64 -23.25
CA PRO C 355 -33.93 -29.62 -22.37
C PRO C 355 -32.60 -30.02 -23.08
N GLU C 356 -32.66 -30.98 -24.01
CA GLU C 356 -31.47 -31.54 -24.67
C GLU C 356 -30.69 -30.54 -25.57
N GLN C 357 -31.41 -29.84 -26.43
CA GLN C 357 -30.78 -28.88 -27.36
C GLN C 357 -30.41 -27.61 -26.58
N VAL C 358 -29.41 -26.87 -27.07
CA VAL C 358 -28.92 -25.63 -26.45
C VAL C 358 -29.34 -24.42 -27.34
N CYS C 359 -29.61 -23.28 -26.71
CA CYS C 359 -30.01 -22.08 -27.43
C CYS C 359 -28.84 -21.72 -28.33
N THR C 360 -29.12 -21.38 -29.59
CA THR C 360 -28.02 -21.01 -30.48
C THR C 360 -27.78 -19.51 -30.41
N PHE C 361 -26.64 -19.14 -29.87
CA PHE C 361 -26.23 -17.74 -29.80
C PHE C 361 -25.97 -17.23 -31.19
N ILE C 362 -26.31 -15.97 -31.46
CA ILE C 362 -26.05 -15.38 -32.79
C ILE C 362 -24.91 -14.35 -32.81
N THR C 363 -24.56 -13.83 -31.64
CA THR C 363 -23.40 -12.96 -31.49
C THR C 363 -22.41 -13.62 -30.50
N LYS C 364 -21.13 -13.21 -30.56
CA LYS C 364 -20.05 -13.79 -29.74
C LYS C 364 -18.80 -12.93 -29.71
N GLY C 365 -17.89 -13.25 -28.80
CA GLY C 365 -16.63 -12.51 -28.62
C GLY C 365 -16.55 -11.79 -27.28
N ALA C 366 -15.48 -11.01 -27.09
CA ALA C 366 -15.17 -10.34 -25.79
C ALA C 366 -15.78 -8.93 -25.72
N TRP C 367 -17.10 -8.90 -25.86
CA TRP C 367 -17.89 -7.68 -25.78
C TRP C 367 -19.33 -8.13 -25.45
N GLU C 368 -20.19 -7.19 -25.08
CA GLU C 368 -21.58 -7.51 -24.71
C GLU C 368 -22.57 -6.69 -25.52
N VAL C 369 -23.70 -7.29 -25.85
CA VAL C 369 -24.77 -6.55 -26.53
C VAL C 369 -25.52 -5.85 -25.40
N ILE C 370 -25.68 -4.52 -25.52
CA ILE C 370 -26.29 -3.68 -24.46
C ILE C 370 -27.83 -3.77 -24.45
N SER C 371 -28.44 -3.73 -25.64
CA SER C 371 -29.90 -3.79 -25.80
C SER C 371 -30.28 -4.33 -27.19
N ILE C 372 -31.43 -5.03 -27.27
CA ILE C 372 -32.07 -5.35 -28.54
C ILE C 372 -33.08 -4.25 -28.80
N GLU C 373 -32.80 -3.37 -29.76
CA GLU C 373 -33.62 -2.18 -30.00
C GLU C 373 -34.81 -2.36 -30.95
N ALA C 374 -34.72 -3.31 -31.89
CA ALA C 374 -35.88 -3.72 -32.71
C ALA C 374 -35.66 -5.10 -33.31
N LEU C 375 -36.75 -5.70 -33.80
CA LEU C 375 -36.73 -6.98 -34.49
C LEU C 375 -37.76 -7.00 -35.64
N THR C 376 -37.26 -6.95 -36.88
CA THR C 376 -38.14 -6.99 -38.08
C THR C 376 -38.26 -8.46 -38.55
N SER C 377 -38.85 -8.68 -39.73
CA SER C 377 -39.08 -10.05 -40.25
C SER C 377 -37.80 -10.85 -40.51
N ASP C 378 -36.70 -10.18 -40.87
CA ASP C 378 -35.42 -10.85 -41.20
C ASP C 378 -34.12 -10.10 -40.76
N TYR C 379 -34.25 -9.16 -39.82
CA TYR C 379 -33.10 -8.48 -39.16
C TYR C 379 -33.36 -8.26 -37.65
N LEU C 380 -32.26 -8.14 -36.91
CA LEU C 380 -32.27 -7.82 -35.48
C LEU C 380 -31.39 -6.57 -35.34
N TYR C 381 -32.01 -5.43 -35.00
CA TYR C 381 -31.29 -4.17 -34.73
C TYR C 381 -30.88 -4.21 -33.26
N TYR C 382 -29.64 -3.80 -32.92
CA TYR C 382 -29.18 -3.76 -31.51
C TYR C 382 -27.99 -2.86 -31.27
N ILE C 383 -27.84 -2.40 -30.05
CA ILE C 383 -26.69 -1.59 -29.63
C ILE C 383 -25.74 -2.46 -28.83
N SER C 384 -24.46 -2.50 -29.24
CA SER C 384 -23.41 -3.34 -28.65
C SER C 384 -22.23 -2.47 -28.24
N ASN C 385 -21.40 -2.95 -27.30
CA ASN C 385 -20.15 -2.25 -26.97
C ASN C 385 -18.92 -2.70 -27.78
N GLU C 386 -19.12 -3.52 -28.85
CA GLU C 386 -18.00 -4.13 -29.58
C GLU C 386 -16.97 -3.16 -30.16
N TYR C 387 -17.43 -2.10 -30.81
CA TYR C 387 -16.52 -1.28 -31.63
C TYR C 387 -15.28 -0.82 -30.88
N LYS C 388 -14.11 -1.15 -31.43
CA LYS C 388 -12.80 -0.68 -30.93
C LYS C 388 -12.38 -1.26 -29.55
N GLU C 389 -13.03 -2.36 -29.14
CA GLU C 389 -12.80 -3.01 -27.83
C GLU C 389 -12.98 -2.09 -26.60
N MET C 390 -13.88 -1.12 -26.70
CA MET C 390 -14.21 -0.20 -25.61
C MET C 390 -15.52 -0.68 -24.96
N PRO C 391 -15.46 -1.12 -23.68
CA PRO C 391 -16.73 -1.36 -23.01
C PRO C 391 -17.59 -0.09 -22.90
N GLY C 392 -16.94 1.06 -22.71
CA GLY C 392 -17.64 2.33 -22.48
C GLY C 392 -18.26 3.07 -23.65
N GLY C 393 -18.08 2.59 -24.88
CA GLY C 393 -18.67 3.24 -26.05
C GLY C 393 -19.68 2.31 -26.69
N ARG C 394 -20.87 2.84 -27.00
CA ARG C 394 -21.97 2.10 -27.64
C ARG C 394 -22.16 2.49 -29.11
N ASN C 395 -22.33 1.50 -30.00
CA ASN C 395 -22.65 1.73 -31.41
C ASN C 395 -23.77 0.77 -31.81
N LEU C 396 -24.61 1.18 -32.76
CA LEU C 396 -25.82 0.42 -33.19
C LEU C 396 -25.51 -0.55 -34.34
N TYR C 397 -25.95 -1.81 -34.22
CA TYR C 397 -25.68 -2.88 -35.21
C TYR C 397 -26.98 -3.48 -35.82
N LYS C 398 -26.81 -4.14 -36.98
CA LYS C 398 -27.88 -4.83 -37.73
C LYS C 398 -27.31 -6.22 -38.10
N ILE C 399 -27.93 -7.31 -37.64
CA ILE C 399 -27.50 -8.69 -37.98
C ILE C 399 -28.64 -9.40 -38.72
N GLN C 400 -28.35 -10.15 -39.78
CA GLN C 400 -29.38 -10.83 -40.58
C GLN C 400 -29.79 -12.16 -39.92
N LEU C 401 -31.08 -12.43 -39.76
CA LEU C 401 -31.52 -13.67 -39.07
C LEU C 401 -31.09 -14.94 -39.82
N THR C 402 -31.24 -14.98 -41.13
CA THR C 402 -30.77 -16.12 -41.93
C THR C 402 -29.23 -16.30 -41.87
N ASP C 403 -28.49 -15.20 -42.04
CA ASP C 403 -27.01 -15.22 -42.17
C ASP C 403 -26.28 -14.38 -41.09
N HIS C 404 -25.88 -15.01 -39.98
CA HIS C 404 -25.20 -14.31 -38.85
C HIS C 404 -23.83 -13.71 -39.17
N THR C 405 -23.24 -14.10 -40.31
CA THR C 405 -21.97 -13.54 -40.82
C THR C 405 -22.11 -12.10 -41.33
N ASN C 406 -23.30 -11.78 -41.85
CA ASN C 406 -23.69 -10.43 -42.24
C ASN C 406 -24.07 -9.60 -40.99
N LYS C 407 -23.05 -9.09 -40.30
CA LYS C 407 -23.23 -8.27 -39.09
C LYS C 407 -22.64 -6.87 -39.33
N LYS C 408 -23.51 -5.91 -39.66
CA LYS C 408 -23.11 -4.57 -40.12
C LYS C 408 -23.29 -3.47 -39.06
N CYS C 409 -22.28 -2.59 -38.96
CA CYS C 409 -22.32 -1.51 -37.98
C CYS C 409 -22.89 -0.25 -38.63
N LEU C 410 -24.13 0.09 -38.25
CA LEU C 410 -24.83 1.23 -38.83
C LEU C 410 -24.29 2.59 -38.39
N SER C 411 -23.68 2.67 -37.20
CA SER C 411 -23.23 3.96 -36.64
C SER C 411 -21.72 4.13 -36.42
N CYS C 412 -20.93 3.09 -36.67
CA CYS C 412 -19.50 3.13 -36.34
C CYS C 412 -18.77 4.28 -37.07
N ASP C 413 -18.95 4.33 -38.39
CA ASP C 413 -18.14 5.16 -39.29
C ASP C 413 -18.65 6.58 -39.55
N LEU C 414 -19.84 6.94 -39.05
CA LEU C 414 -20.44 8.25 -39.37
C LEU C 414 -19.52 9.42 -39.01
N ASN C 415 -18.99 9.41 -37.79
CA ASN C 415 -18.07 10.45 -37.34
C ASN C 415 -17.29 9.95 -36.13
N PRO C 416 -16.26 9.12 -36.35
CA PRO C 416 -15.55 8.49 -35.21
C PRO C 416 -14.99 9.44 -34.14
N GLU C 417 -14.53 10.63 -34.55
CA GLU C 417 -14.00 11.63 -33.61
C GLU C 417 -15.11 12.21 -32.72
N ARG C 418 -16.22 12.63 -33.32
CA ARG C 418 -17.31 13.28 -32.56
C ARG C 418 -18.23 12.33 -31.80
N CYS C 419 -18.45 11.11 -32.33
CA CYS C 419 -19.54 10.21 -31.88
C CYS C 419 -19.15 8.72 -31.63
N GLN C 420 -19.10 8.33 -30.35
CA GLN C 420 -18.73 6.97 -29.90
C GLN C 420 -19.76 6.24 -29.02
N TYR C 421 -20.62 7.02 -28.31
CA TYR C 421 -21.78 6.52 -27.55
C TYR C 421 -23.00 6.84 -28.41
N TYR C 422 -23.70 5.82 -28.93
CA TYR C 422 -24.95 6.03 -29.69
C TYR C 422 -26.20 5.44 -28.96
N SER C 423 -27.31 6.18 -29.05
CA SER C 423 -28.68 5.71 -28.74
C SER C 423 -29.49 5.68 -30.04
N VAL C 424 -30.56 4.87 -30.07
CA VAL C 424 -31.43 4.72 -31.25
C VAL C 424 -32.93 4.77 -30.84
N SER C 425 -33.67 5.72 -31.40
CA SER C 425 -35.15 5.65 -31.44
C SER C 425 -35.52 5.13 -32.83
N LEU C 426 -35.93 3.88 -32.92
CA LEU C 426 -36.34 3.26 -34.20
C LEU C 426 -37.86 3.41 -34.44
N SER C 427 -38.30 3.21 -35.69
CA SER C 427 -39.72 3.31 -36.08
C SER C 427 -40.59 2.13 -35.58
N LYS C 428 -41.90 2.16 -35.78
CA LYS C 428 -42.80 1.06 -35.32
C LYS C 428 -42.40 -0.29 -35.93
N GLU C 429 -42.20 -0.29 -37.25
CA GLU C 429 -41.73 -1.45 -38.01
C GLU C 429 -40.34 -1.19 -38.64
N ALA C 430 -39.53 -0.35 -37.98
CA ALA C 430 -38.14 -0.08 -38.33
C ALA C 430 -37.84 0.38 -39.77
N LYS C 431 -38.78 1.05 -40.42
CA LYS C 431 -38.52 1.59 -41.77
C LYS C 431 -37.50 2.74 -41.76
N TYR C 432 -37.55 3.58 -40.71
CA TYR C 432 -36.61 4.71 -40.46
C TYR C 432 -36.11 4.62 -39.01
N TYR C 433 -35.03 5.34 -38.67
CA TYR C 433 -34.56 5.44 -37.26
C TYR C 433 -33.82 6.75 -36.96
N GLN C 434 -34.15 7.41 -35.85
CA GLN C 434 -33.37 8.53 -35.33
C GLN C 434 -32.13 8.00 -34.59
N LEU C 435 -30.94 8.47 -34.97
CA LEU C 435 -29.71 8.18 -34.22
C LEU C 435 -29.48 9.31 -33.25
N GLY C 436 -29.09 8.97 -32.03
CA GLY C 436 -28.72 9.95 -31.03
C GLY C 436 -27.33 9.61 -30.58
N CYS C 437 -26.36 10.45 -30.91
CA CYS C 437 -24.99 10.25 -30.46
C CYS C 437 -24.82 11.17 -29.26
N ARG C 438 -24.39 10.62 -28.15
CA ARG C 438 -24.30 11.37 -26.89
C ARG C 438 -22.87 11.82 -26.57
N GLY C 439 -21.86 11.37 -27.33
CA GLY C 439 -20.47 11.70 -26.98
C GLY C 439 -19.40 11.00 -27.82
N PRO C 440 -18.13 11.40 -27.68
CA PRO C 440 -17.67 12.41 -26.71
C PRO C 440 -17.72 13.87 -27.18
N GLY C 441 -18.24 14.12 -28.39
CA GLY C 441 -18.50 15.48 -28.86
C GLY C 441 -19.85 15.98 -28.38
N LEU C 442 -20.26 17.17 -28.82
CA LEU C 442 -21.52 17.71 -28.38
C LEU C 442 -22.60 16.85 -29.06
N PRO C 443 -23.67 16.48 -28.31
CA PRO C 443 -24.61 15.50 -28.88
C PRO C 443 -25.25 15.89 -30.23
N LEU C 444 -25.26 14.92 -31.16
CA LEU C 444 -25.76 15.10 -32.54
C LEU C 444 -26.91 14.13 -32.80
N TYR C 445 -28.13 14.64 -32.94
CA TYR C 445 -29.32 13.82 -33.21
C TYR C 445 -29.67 13.93 -34.69
N THR C 446 -29.72 12.79 -35.37
CA THR C 446 -29.93 12.72 -36.84
C THR C 446 -31.06 11.75 -37.18
N LEU C 447 -31.68 11.92 -38.36
CA LEU C 447 -32.74 11.01 -38.84
C LEU C 447 -32.16 10.15 -39.98
N HIS C 448 -32.43 8.83 -39.97
CA HIS C 448 -31.99 7.89 -41.03
C HIS C 448 -33.10 6.96 -41.54
N ARG C 449 -32.91 6.46 -42.76
CA ARG C 449 -33.74 5.43 -43.39
C ARG C 449 -33.02 4.09 -43.22
N SER C 450 -33.73 3.06 -42.75
CA SER C 450 -33.08 1.78 -42.39
C SER C 450 -32.67 0.89 -43.56
N THR C 451 -33.46 0.88 -44.64
CA THR C 451 -33.19 -0.02 -45.78
C THR C 451 -31.87 0.33 -46.49
N ASP C 452 -31.65 1.62 -46.76
CA ASP C 452 -30.38 2.12 -47.29
C ASP C 452 -29.94 3.17 -46.29
N GLN C 453 -28.79 2.97 -45.67
CA GLN C 453 -28.37 3.85 -44.59
C GLN C 453 -28.08 5.22 -45.17
N LYS C 454 -28.90 6.20 -44.81
CA LYS C 454 -28.86 7.53 -45.43
C LYS C 454 -29.37 8.53 -44.43
N GLU C 455 -28.67 9.65 -44.32
CA GLU C 455 -28.99 10.72 -43.36
C GLU C 455 -30.01 11.69 -43.93
N LEU C 456 -31.28 11.41 -43.67
CA LEU C 456 -32.40 12.19 -44.22
C LEU C 456 -32.49 13.61 -43.68
N ARG C 457 -32.07 13.86 -42.43
CA ARG C 457 -32.05 15.20 -41.85
C ARG C 457 -31.12 15.28 -40.62
N VAL C 458 -30.51 16.44 -40.38
CA VAL C 458 -29.86 16.76 -39.08
C VAL C 458 -30.94 17.41 -38.19
N LEU C 459 -31.43 16.64 -37.20
CA LEU C 459 -32.53 17.12 -36.33
C LEU C 459 -32.03 18.15 -35.31
N GLU C 460 -30.84 17.92 -34.78
CA GLU C 460 -30.17 18.85 -33.89
C GLU C 460 -28.69 18.52 -33.87
N ASP C 461 -27.83 19.51 -34.16
CA ASP C 461 -26.36 19.33 -34.07
C ASP C 461 -25.69 20.30 -33.09
N ASN C 462 -26.46 20.78 -32.11
CA ASN C 462 -25.98 21.67 -31.04
C ASN C 462 -24.98 22.75 -31.46
N SER C 463 -25.27 23.39 -32.59
CA SER C 463 -24.41 24.46 -33.11
C SER C 463 -24.41 25.70 -32.18
N ALA C 464 -25.57 26.01 -31.57
CA ALA C 464 -25.72 27.14 -30.66
C ALA C 464 -24.96 26.95 -29.34
N LEU C 465 -25.07 25.77 -28.74
CA LEU C 465 -24.23 25.44 -27.61
C LEU C 465 -22.77 25.61 -28.04
N ASP C 466 -22.40 24.97 -29.14
CA ASP C 466 -21.04 25.01 -29.69
C ASP C 466 -20.52 26.43 -29.86
N LYS C 467 -21.30 27.29 -30.51
CA LYS C 467 -20.90 28.68 -30.68
C LYS C 467 -20.65 29.38 -29.32
N MET C 468 -21.45 29.05 -28.31
CA MET C 468 -21.29 29.62 -26.93
C MET C 468 -20.01 29.23 -26.17
N LEU C 469 -19.55 27.99 -26.36
CA LEU C 469 -18.31 27.53 -25.72
C LEU C 469 -17.04 27.94 -26.50
N GLN C 470 -17.16 28.76 -27.55
CA GLN C 470 -15.99 29.20 -28.33
C GLN C 470 -15.03 30.11 -27.54
N ASP C 471 -15.54 30.93 -26.63
CA ASP C 471 -14.66 31.74 -25.77
C ASP C 471 -14.40 31.09 -24.39
N VAL C 472 -14.89 29.86 -24.19
CA VAL C 472 -14.84 29.21 -22.87
C VAL C 472 -13.71 28.18 -22.80
N GLN C 473 -13.01 28.15 -21.68
CA GLN C 473 -11.81 27.30 -21.50
C GLN C 473 -12.24 25.96 -20.87
N MET C 474 -12.80 25.09 -21.70
CA MET C 474 -13.38 23.80 -21.29
C MET C 474 -12.33 22.75 -20.98
N PRO C 475 -12.71 21.69 -20.23
CA PRO C 475 -11.82 20.54 -20.01
C PRO C 475 -11.87 19.51 -21.15
N SER C 476 -10.92 18.56 -21.18
CA SER C 476 -10.87 17.44 -22.15
C SER C 476 -11.02 16.11 -21.42
N LYS C 477 -11.97 15.27 -21.81
CA LYS C 477 -12.11 13.91 -21.22
C LYS C 477 -11.14 12.94 -21.90
N LYS C 478 -10.44 12.15 -21.08
CA LYS C 478 -9.56 11.06 -21.53
C LYS C 478 -10.18 9.72 -21.08
N LEU C 479 -10.44 8.81 -22.01
CA LEU C 479 -10.96 7.48 -21.68
C LEU C 479 -9.91 6.51 -22.18
N ASP C 480 -9.33 5.75 -21.25
CA ASP C 480 -8.25 4.79 -21.53
C ASP C 480 -8.39 3.63 -20.52
N PHE C 481 -7.36 2.78 -20.36
CA PHE C 481 -7.38 1.66 -19.41
C PHE C 481 -5.96 1.37 -18.90
N ILE C 482 -5.88 0.69 -17.75
CA ILE C 482 -4.63 0.17 -17.18
C ILE C 482 -4.79 -1.33 -16.97
N VAL C 483 -3.71 -2.11 -17.22
CA VAL C 483 -3.75 -3.58 -17.09
C VAL C 483 -3.26 -4.06 -15.70
N LEU C 484 -4.11 -4.79 -14.97
CA LEU C 484 -3.74 -5.47 -13.72
C LEU C 484 -4.06 -6.96 -13.86
N ASN C 485 -3.11 -7.84 -13.53
CA ASN C 485 -3.31 -9.30 -13.65
C ASN C 485 -3.89 -9.72 -15.00
N GLU C 486 -3.30 -9.16 -16.07
CA GLU C 486 -3.69 -9.43 -17.47
C GLU C 486 -5.16 -9.14 -17.84
N THR C 487 -5.84 -8.27 -17.08
CA THR C 487 -7.26 -7.91 -17.28
C THR C 487 -7.26 -6.40 -17.53
N ARG C 488 -7.98 -5.95 -18.55
CA ARG C 488 -8.09 -4.50 -18.83
C ARG C 488 -9.23 -3.86 -18.00
N PHE C 489 -8.89 -2.88 -17.15
CA PHE C 489 -9.87 -2.13 -16.33
C PHE C 489 -9.88 -0.65 -16.75
N TRP C 490 -11.01 -0.17 -17.30
CA TRP C 490 -11.09 1.17 -17.92
C TRP C 490 -11.36 2.30 -16.93
N TYR C 491 -10.87 3.50 -17.24
CA TYR C 491 -11.04 4.69 -16.39
C TYR C 491 -11.26 5.91 -17.28
N GLN C 492 -12.00 6.91 -16.78
CA GLN C 492 -12.16 8.22 -17.44
C GLN C 492 -11.69 9.35 -16.52
N MET C 493 -10.85 10.25 -17.04
CA MET C 493 -10.34 11.43 -16.30
C MET C 493 -10.79 12.73 -17.02
N ILE C 494 -11.45 13.63 -16.28
CA ILE C 494 -11.77 14.96 -16.81
C ILE C 494 -10.58 15.87 -16.52
N LEU C 495 -9.78 16.15 -17.55
CA LEU C 495 -8.52 16.91 -17.38
C LEU C 495 -8.80 18.41 -17.44
N PRO C 496 -8.13 19.20 -16.57
CA PRO C 496 -8.26 20.65 -16.62
C PRO C 496 -7.75 21.27 -17.93
N PRO C 497 -8.25 22.47 -18.29
CA PRO C 497 -7.85 23.12 -19.55
C PRO C 497 -6.34 23.39 -19.62
N HIS C 498 -5.75 23.18 -20.80
CA HIS C 498 -4.28 23.24 -21.01
C HIS C 498 -3.46 22.39 -20.02
N PHE C 499 -3.73 21.09 -20.02
CA PHE C 499 -3.08 20.09 -19.12
C PHE C 499 -1.55 20.09 -19.27
N ASP C 500 -0.83 19.97 -18.14
CA ASP C 500 0.65 19.93 -18.09
C ASP C 500 1.12 18.75 -17.22
N LYS C 501 1.92 17.85 -17.79
CA LYS C 501 2.37 16.62 -17.11
C LYS C 501 3.42 16.87 -16.03
N SER C 502 4.36 17.78 -16.29
CA SER C 502 5.37 18.16 -15.28
C SER C 502 4.72 18.75 -14.02
N LYS C 503 3.68 19.56 -14.20
CA LYS C 503 2.90 20.12 -13.08
C LYS C 503 2.18 18.98 -12.33
N LYS C 504 2.08 19.10 -11.01
CA LYS C 504 1.29 18.17 -10.17
C LYS C 504 -0.04 18.84 -9.81
N TYR C 505 -1.15 18.11 -10.02
CA TYR C 505 -2.56 18.59 -9.82
C TYR C 505 -3.33 17.72 -8.81
N PRO C 506 -4.28 18.30 -8.02
CA PRO C 506 -5.03 17.51 -7.05
C PRO C 506 -6.06 16.63 -7.74
N LEU C 507 -6.42 15.51 -7.12
CA LEU C 507 -7.22 14.45 -7.77
C LEU C 507 -8.44 13.99 -6.95
N LEU C 508 -9.66 14.23 -7.43
CA LEU C 508 -10.88 13.74 -6.78
C LEU C 508 -11.36 12.49 -7.49
N ILE C 509 -11.55 11.36 -6.80
CA ILE C 509 -12.14 10.17 -7.45
C ILE C 509 -13.67 10.17 -7.36
N ASP C 510 -14.37 10.42 -8.47
CA ASP C 510 -15.83 10.30 -8.48
C ASP C 510 -16.25 8.82 -8.63
N VAL C 511 -16.76 8.23 -7.55
CA VAL C 511 -17.08 6.80 -7.49
C VAL C 511 -18.58 6.55 -7.32
N TYR C 512 -19.14 5.64 -8.12
CA TYR C 512 -20.37 4.96 -7.75
C TYR C 512 -19.96 3.52 -7.41
N ALA C 513 -19.46 2.78 -8.41
CA ALA C 513 -18.81 1.44 -8.26
C ALA C 513 -19.67 0.21 -7.87
N GLY C 514 -20.99 0.39 -7.77
CA GLY C 514 -21.88 -0.71 -7.39
C GLY C 514 -22.07 -1.68 -8.51
N PRO C 515 -22.64 -2.88 -8.22
CA PRO C 515 -22.74 -3.99 -9.18
C PRO C 515 -23.33 -3.55 -10.51
N CYS C 516 -22.70 -3.99 -11.60
CA CYS C 516 -23.11 -3.70 -12.99
C CYS C 516 -23.16 -2.23 -13.41
N SER C 517 -22.33 -1.40 -12.78
CA SER C 517 -22.23 0.01 -13.13
C SER C 517 -21.03 0.24 -14.01
N GLN C 518 -21.01 1.42 -14.62
CA GLN C 518 -19.97 1.84 -15.53
C GLN C 518 -19.84 3.37 -15.40
N LYS C 519 -18.91 3.81 -14.56
CA LYS C 519 -18.58 5.25 -14.46
C LYS C 519 -17.54 5.75 -15.53
N ALA C 520 -16.91 4.85 -16.29
CA ALA C 520 -15.98 5.23 -17.38
C ALA C 520 -16.64 4.94 -18.75
N ASP C 521 -16.95 6.01 -19.49
CA ASP C 521 -17.72 5.93 -20.77
C ASP C 521 -17.45 7.09 -21.75
N ALA C 522 -17.89 6.93 -23.01
CA ALA C 522 -17.68 7.97 -24.03
C ALA C 522 -18.60 9.21 -23.97
N ALA C 523 -19.79 9.10 -23.37
CA ALA C 523 -20.77 10.23 -23.35
C ALA C 523 -20.22 11.63 -22.91
N PHE C 524 -20.81 12.68 -23.48
CA PHE C 524 -20.50 14.06 -23.14
C PHE C 524 -21.54 14.51 -22.13
N ARG C 525 -21.06 14.95 -20.97
CA ARG C 525 -21.91 15.54 -19.94
C ARG C 525 -21.26 16.82 -19.43
N LEU C 526 -22.10 17.79 -19.04
CA LEU C 526 -21.67 19.03 -18.35
C LEU C 526 -22.30 19.11 -17.00
N ASN C 527 -21.46 19.12 -15.96
CA ASN C 527 -21.92 18.93 -14.59
C ASN C 527 -20.93 19.49 -13.54
N TRP C 528 -20.98 19.00 -12.31
CA TRP C 528 -20.10 19.48 -11.26
C TRP C 528 -18.63 19.23 -11.57
N ALA C 529 -18.34 18.00 -12.00
CA ALA C 529 -16.99 17.56 -12.41
C ALA C 529 -16.29 18.50 -13.42
N THR C 530 -17.08 19.13 -14.32
CA THR C 530 -16.57 20.14 -15.28
C THR C 530 -16.08 21.42 -14.59
N TYR C 531 -16.90 22.03 -13.75
CA TYR C 531 -16.47 23.18 -12.94
C TYR C 531 -15.16 22.89 -12.20
N LEU C 532 -15.11 21.72 -11.54
CA LEU C 532 -13.95 21.30 -10.75
C LEU C 532 -12.65 21.27 -11.57
N ALA C 533 -12.71 20.69 -12.78
CA ALA C 533 -11.58 20.70 -13.71
C ALA C 533 -11.38 22.07 -14.36
N SER C 534 -12.47 22.76 -14.72
CA SER C 534 -12.35 24.03 -15.46
C SER C 534 -11.79 25.19 -14.63
N THR C 535 -12.52 25.56 -13.57
CA THR C 535 -12.25 26.77 -12.80
C THR C 535 -11.21 26.56 -11.71
N GLU C 536 -11.17 25.36 -11.14
CA GLU C 536 -10.31 25.12 -9.97
C GLU C 536 -9.23 24.03 -10.18
N ASN C 537 -9.00 23.64 -11.43
CA ASN C 537 -7.85 22.81 -11.82
C ASN C 537 -7.70 21.50 -11.03
N ILE C 538 -8.84 20.83 -10.82
CA ILE C 538 -8.91 19.57 -10.09
C ILE C 538 -9.14 18.46 -11.13
N ILE C 539 -8.21 17.52 -11.31
CA ILE C 539 -8.50 16.37 -12.21
C ILE C 539 -9.56 15.55 -11.49
N VAL C 540 -10.68 15.21 -12.15
CA VAL C 540 -11.66 14.28 -11.54
C VAL C 540 -11.61 12.97 -12.35
N ALA C 541 -11.31 11.85 -11.67
CA ALA C 541 -11.19 10.52 -12.30
C ALA C 541 -12.30 9.60 -11.80
N SER C 542 -12.71 8.64 -12.62
CA SER C 542 -13.55 7.50 -12.20
C SER C 542 -13.05 6.22 -12.84
N PHE C 543 -13.08 5.11 -12.12
CA PHE C 543 -12.50 3.85 -12.59
C PHE C 543 -13.47 2.71 -12.27
N ASP C 544 -13.78 1.88 -13.28
CA ASP C 544 -14.66 0.71 -13.14
C ASP C 544 -13.82 -0.53 -12.79
N GLY C 545 -13.80 -0.88 -11.51
CA GLY C 545 -13.04 -2.02 -11.02
C GLY C 545 -13.86 -3.30 -11.12
N ARG C 546 -13.51 -4.29 -10.30
CA ARG C 546 -14.25 -5.55 -10.24
C ARG C 546 -15.67 -5.34 -9.71
N GLY C 547 -16.59 -6.17 -10.17
CA GLY C 547 -18.00 -6.00 -9.91
C GLY C 547 -18.74 -5.15 -10.94
N SER C 548 -17.99 -4.45 -11.82
CA SER C 548 -18.54 -3.48 -12.79
C SER C 548 -19.06 -4.14 -14.03
N GLY C 549 -19.96 -3.46 -14.74
CA GLY C 549 -20.72 -4.09 -15.81
C GLY C 549 -20.18 -3.97 -17.21
N TYR C 550 -20.84 -4.69 -18.12
CA TYR C 550 -20.63 -4.59 -19.58
C TYR C 550 -19.24 -5.12 -20.07
N GLN C 551 -18.59 -5.95 -19.24
CA GLN C 551 -17.26 -6.55 -19.52
C GLN C 551 -17.22 -8.07 -19.22
N GLY C 552 -18.38 -8.71 -19.11
CA GLY C 552 -18.49 -10.14 -18.82
C GLY C 552 -18.63 -10.44 -17.33
N ASP C 553 -19.22 -11.59 -17.00
CA ASP C 553 -19.51 -11.97 -15.59
C ASP C 553 -18.28 -12.35 -14.77
N LYS C 554 -17.15 -12.62 -15.41
CA LYS C 554 -15.91 -12.81 -14.64
C LYS C 554 -15.64 -11.52 -13.87
N ILE C 555 -15.78 -10.36 -14.52
CA ILE C 555 -15.60 -9.07 -13.85
C ILE C 555 -16.83 -8.69 -13.04
N MET C 556 -18.03 -8.94 -13.54
CA MET C 556 -19.28 -8.46 -12.88
C MET C 556 -19.67 -9.18 -11.57
N HIS C 557 -19.44 -10.49 -11.50
CA HIS C 557 -19.73 -11.29 -10.29
C HIS C 557 -18.53 -11.46 -9.31
N ALA C 558 -17.42 -10.75 -9.50
CA ALA C 558 -16.27 -10.86 -8.57
C ALA C 558 -16.71 -10.58 -7.13
N ILE C 559 -17.53 -9.55 -6.97
CA ILE C 559 -18.09 -9.18 -5.66
C ILE C 559 -19.24 -10.07 -5.14
N ASN C 560 -19.63 -11.14 -5.83
CA ASN C 560 -20.81 -11.92 -5.42
C ASN C 560 -20.65 -12.44 -3.99
N LYS C 561 -21.71 -12.26 -3.19
CA LYS C 561 -21.68 -12.50 -1.74
C LYS C 561 -20.56 -11.72 -1.03
N ARG C 562 -20.07 -10.63 -1.63
CA ARG C 562 -18.84 -9.94 -1.14
C ARG C 562 -18.80 -8.43 -1.51
N LEU C 563 -19.79 -7.64 -1.06
CA LEU C 563 -19.77 -6.17 -1.21
C LEU C 563 -18.87 -5.57 -0.13
N GLY C 564 -18.34 -4.39 -0.38
CA GLY C 564 -17.36 -3.78 0.51
C GLY C 564 -15.93 -4.25 0.33
N THR C 565 -15.69 -5.20 -0.57
CA THR C 565 -14.36 -5.84 -0.73
C THR C 565 -13.65 -5.44 -2.04
N LEU C 566 -13.84 -6.18 -3.13
CA LEU C 566 -13.01 -5.99 -4.32
C LEU C 566 -13.21 -4.63 -5.03
N GLU C 567 -14.44 -4.11 -5.06
CA GLU C 567 -14.71 -2.79 -5.61
C GLU C 567 -14.07 -1.68 -4.78
N VAL C 568 -14.03 -1.81 -3.46
CA VAL C 568 -13.46 -0.72 -2.64
C VAL C 568 -11.94 -0.74 -2.77
N GLU C 569 -11.31 -1.91 -2.61
CA GLU C 569 -9.84 -2.03 -2.78
C GLU C 569 -9.38 -1.60 -4.19
N ASP C 570 -10.15 -1.95 -5.24
CA ASP C 570 -9.84 -1.51 -6.61
C ASP C 570 -9.97 -0.01 -6.84
N GLN C 571 -10.89 0.64 -6.14
CA GLN C 571 -10.96 2.11 -6.19
C GLN C 571 -9.66 2.71 -5.57
N ILE C 572 -9.18 2.09 -4.48
CA ILE C 572 -7.88 2.45 -3.86
C ILE C 572 -6.78 2.23 -4.89
N GLU C 573 -6.70 1.01 -5.43
CA GLU C 573 -5.63 0.68 -6.38
C GLU C 573 -5.59 1.57 -7.61
N ALA C 574 -6.75 2.02 -8.09
CA ALA C 574 -6.79 2.96 -9.22
C ALA C 574 -6.11 4.27 -8.89
N ALA C 575 -6.27 4.78 -7.67
CA ALA C 575 -5.59 6.01 -7.24
C ALA C 575 -4.08 5.86 -7.24
N ARG C 576 -3.61 4.72 -6.75
CA ARG C 576 -2.18 4.39 -6.75
C ARG C 576 -1.64 4.37 -8.20
N GLN C 577 -2.38 3.72 -9.10
CA GLN C 577 -2.06 3.73 -10.55
C GLN C 577 -2.04 5.14 -11.15
N PHE C 578 -2.99 5.98 -10.75
CA PHE C 578 -2.97 7.38 -11.18
C PHE C 578 -1.78 8.15 -10.58
N LEU C 579 -1.40 7.86 -9.34
CA LEU C 579 -0.19 8.48 -8.74
C LEU C 579 1.11 8.09 -9.51
N LYS C 580 1.22 6.83 -9.93
CA LYS C 580 2.33 6.39 -10.78
C LYS C 580 2.42 7.16 -12.12
N MET C 581 1.28 7.59 -12.66
CA MET C 581 1.24 8.33 -13.93
C MET C 581 1.97 9.68 -13.87
N GLY C 582 2.09 10.26 -12.68
CA GLY C 582 3.03 11.37 -12.42
C GLY C 582 2.54 12.81 -12.32
N PHE C 583 1.29 13.05 -12.74
CA PHE C 583 0.66 14.40 -12.73
C PHE C 583 -0.36 14.60 -11.58
N VAL C 584 -0.32 13.74 -10.56
CA VAL C 584 -1.20 13.79 -9.39
C VAL C 584 -0.39 14.23 -8.15
N ASP C 585 -0.85 15.26 -7.44
CA ASP C 585 -0.19 15.63 -6.17
C ASP C 585 -0.35 14.48 -5.19
N SER C 586 0.77 14.04 -4.60
CA SER C 586 0.76 12.93 -3.65
C SER C 586 -0.16 13.17 -2.43
N LYS C 587 -0.09 14.37 -1.86
CA LYS C 587 -0.79 14.70 -0.60
C LYS C 587 -2.20 15.37 -0.74
N ARG C 588 -2.70 15.53 -1.98
CA ARG C 588 -4.02 16.14 -2.23
C ARG C 588 -4.87 15.28 -3.18
N VAL C 589 -5.17 14.07 -2.71
CA VAL C 589 -6.12 13.12 -3.35
C VAL C 589 -7.41 13.09 -2.49
N ALA C 590 -8.56 12.80 -3.10
CA ALA C 590 -9.86 12.71 -2.40
C ALA C 590 -10.86 11.85 -3.18
N ILE C 591 -12.01 11.56 -2.58
CA ILE C 591 -13.00 10.65 -3.18
C ILE C 591 -14.42 11.09 -2.77
N TRP C 592 -15.30 11.35 -3.74
CA TRP C 592 -16.71 11.70 -3.47
C TRP C 592 -17.65 10.70 -4.16
N GLY C 593 -18.86 10.53 -3.63
CA GLY C 593 -19.86 9.62 -4.21
C GLY C 593 -21.24 9.69 -3.58
N TRP C 594 -22.26 9.36 -4.38
CA TRP C 594 -23.70 9.35 -3.97
C TRP C 594 -24.19 7.88 -3.87
N SER C 595 -25.21 7.59 -3.06
CA SER C 595 -25.86 6.26 -3.03
C SER C 595 -24.84 5.11 -2.73
N TYR C 596 -24.67 4.12 -3.62
CA TYR C 596 -23.59 3.11 -3.50
C TYR C 596 -22.22 3.78 -3.48
N GLY C 597 -22.06 4.89 -4.18
CA GLY C 597 -20.81 5.64 -4.16
C GLY C 597 -20.42 6.24 -2.81
N GLY C 598 -21.42 6.55 -2.00
CA GLY C 598 -21.22 7.06 -0.64
C GLY C 598 -20.70 5.96 0.26
N TYR C 599 -21.27 4.76 0.09
CA TYR C 599 -20.78 3.55 0.75
C TYR C 599 -19.32 3.31 0.43
N VAL C 600 -18.94 3.34 -0.85
CA VAL C 600 -17.54 3.07 -1.25
C VAL C 600 -16.60 4.17 -0.75
N THR C 601 -17.05 5.42 -0.76
CA THR C 601 -16.24 6.54 -0.29
C THR C 601 -15.95 6.41 1.21
N SER C 602 -16.99 6.11 2.00
CA SER C 602 -16.82 5.95 3.45
C SER C 602 -15.94 4.73 3.77
N MET C 603 -16.08 3.64 3.02
CA MET C 603 -15.23 2.46 3.20
C MET C 603 -13.75 2.69 2.83
N VAL C 604 -13.51 3.42 1.73
CA VAL C 604 -12.15 3.77 1.29
C VAL C 604 -11.43 4.58 2.37
N LEU C 605 -12.10 5.58 2.93
CA LEU C 605 -11.51 6.39 4.00
C LEU C 605 -11.34 5.58 5.31
N GLY C 606 -12.20 4.59 5.50
CA GLY C 606 -12.07 3.63 6.59
C GLY C 606 -11.06 2.50 6.39
N SER C 607 -10.40 2.43 5.22
CA SER C 607 -9.39 1.38 4.97
C SER C 607 -8.04 1.66 5.63
N GLY C 608 -7.80 2.87 6.12
CA GLY C 608 -6.47 3.21 6.64
C GLY C 608 -5.32 3.15 5.63
N SER C 609 -5.63 3.17 4.33
CA SER C 609 -4.62 3.13 3.28
C SER C 609 -3.64 4.31 3.31
N GLY C 610 -4.08 5.46 3.85
CA GLY C 610 -3.27 6.67 3.82
C GLY C 610 -3.08 7.29 2.43
N VAL C 611 -3.84 6.81 1.43
CA VAL C 611 -3.84 7.39 0.06
C VAL C 611 -4.65 8.73 -0.02
N PHE C 612 -5.69 8.87 0.82
CA PHE C 612 -6.72 9.92 0.69
C PHE C 612 -6.77 10.92 1.84
N LYS C 613 -6.68 12.22 1.53
CA LYS C 613 -6.82 13.29 2.56
C LYS C 613 -8.27 13.54 2.95
N CYS C 614 -9.23 13.41 2.02
CA CYS C 614 -10.65 13.63 2.35
C CYS C 614 -11.66 12.96 1.45
N GLY C 615 -12.91 12.95 1.91
CA GLY C 615 -14.03 12.49 1.11
C GLY C 615 -15.37 12.99 1.58
N ILE C 616 -16.36 12.82 0.70
CA ILE C 616 -17.71 13.31 0.86
C ILE C 616 -18.72 12.20 0.54
N ALA C 617 -19.31 11.58 1.54
CA ALA C 617 -20.34 10.56 1.28
C ALA C 617 -21.69 11.25 1.29
N VAL C 618 -22.40 11.21 0.16
CA VAL C 618 -23.73 11.81 0.03
C VAL C 618 -24.73 10.66 0.04
N ALA C 619 -25.72 10.70 0.94
CA ALA C 619 -26.72 9.63 1.04
C ALA C 619 -26.14 8.18 1.09
N PRO C 620 -25.00 7.96 1.82
CA PRO C 620 -24.30 6.68 1.78
C PRO C 620 -25.04 5.53 2.45
N VAL C 621 -25.03 4.34 1.84
CA VAL C 621 -25.35 3.11 2.57
C VAL C 621 -24.25 2.94 3.62
N SER C 622 -24.62 2.65 4.85
CA SER C 622 -23.65 2.46 5.94
C SER C 622 -23.47 0.97 6.22
N ARG C 623 -24.58 0.31 6.52
CA ARG C 623 -24.64 -1.13 6.76
C ARG C 623 -25.62 -1.74 5.77
N TRP C 624 -25.37 -2.95 5.28
CA TRP C 624 -26.27 -3.53 4.26
C TRP C 624 -27.64 -4.04 4.76
N GLU C 625 -27.78 -4.45 6.01
CA GLU C 625 -29.10 -4.80 6.56
C GLU C 625 -30.15 -3.65 6.45
N TYR C 626 -29.69 -2.41 6.31
CA TYR C 626 -30.54 -1.23 6.16
C TYR C 626 -31.16 -1.06 4.79
N TYR C 627 -30.45 -1.46 3.73
CA TYR C 627 -30.94 -1.25 2.36
C TYR C 627 -31.95 -2.33 1.92
N ASP C 628 -32.80 -2.04 0.93
CA ASP C 628 -33.92 -2.93 0.59
C ASP C 628 -33.50 -4.37 0.23
N SER C 629 -34.44 -5.29 0.35
CA SER C 629 -34.16 -6.70 0.13
C SER C 629 -33.85 -7.05 -1.32
N VAL C 630 -34.74 -6.65 -2.24
CA VAL C 630 -34.59 -6.98 -3.67
C VAL C 630 -33.16 -6.74 -4.18
N TYR C 631 -32.67 -5.51 -4.02
CA TYR C 631 -31.33 -5.11 -4.46
C TYR C 631 -30.26 -5.84 -3.68
N THR C 632 -30.22 -5.66 -2.36
CA THR C 632 -29.13 -6.21 -1.54
C THR C 632 -28.99 -7.74 -1.61
N GLU C 633 -30.09 -8.49 -1.46
CA GLU C 633 -30.02 -9.95 -1.51
C GLU C 633 -29.66 -10.49 -2.90
N ARG C 634 -29.96 -9.73 -3.96
CA ARG C 634 -29.44 -10.03 -5.31
C ARG C 634 -27.92 -10.32 -5.25
N TYR C 635 -27.17 -9.45 -4.54
CA TYR C 635 -25.71 -9.51 -4.47
C TYR C 635 -25.15 -10.18 -3.18
N MET C 636 -25.94 -10.20 -2.08
CA MET C 636 -25.48 -10.63 -0.71
C MET C 636 -26.22 -11.82 -0.03
N GLY C 637 -27.33 -12.31 -0.59
CA GLY C 637 -28.13 -13.37 0.05
C GLY C 637 -28.77 -12.87 1.33
N LEU C 638 -29.26 -13.80 2.16
CA LEU C 638 -29.98 -13.43 3.39
C LEU C 638 -28.96 -13.11 4.48
N PRO C 639 -29.31 -12.29 5.50
CA PRO C 639 -28.34 -12.01 6.57
C PRO C 639 -28.49 -12.91 7.81
N THR C 640 -28.26 -14.21 7.64
CA THR C 640 -28.46 -15.23 8.67
C THR C 640 -27.16 -15.97 8.86
N PRO C 641 -26.97 -16.69 10.01
CA PRO C 641 -25.74 -17.50 10.14
C PRO C 641 -25.59 -18.60 9.07
N GLU C 642 -26.70 -19.18 8.60
CA GLU C 642 -26.66 -20.20 7.55
C GLU C 642 -26.12 -19.72 6.18
N ASP C 643 -26.23 -18.42 5.89
CA ASP C 643 -25.83 -17.77 4.61
C ASP C 643 -25.30 -16.34 4.82
N ASN C 644 -23.99 -16.14 4.79
CA ASN C 644 -23.38 -14.79 4.63
C ASN C 644 -23.54 -13.67 5.71
N LEU C 645 -24.26 -13.92 6.80
CA LEU C 645 -24.38 -12.94 7.89
C LEU C 645 -23.02 -12.47 8.38
N ASP C 646 -21.99 -13.30 8.15
CA ASP C 646 -20.62 -12.95 8.53
C ASP C 646 -20.08 -11.83 7.70
N HIS C 647 -20.47 -11.79 6.43
CA HIS C 647 -20.03 -10.70 5.60
C HIS C 647 -20.91 -9.46 5.68
N TYR C 648 -22.07 -9.58 6.29
CA TYR C 648 -22.91 -8.42 6.49
C TYR C 648 -22.30 -7.56 7.59
N ARG C 649 -21.81 -8.21 8.64
CA ARG C 649 -21.19 -7.51 9.76
C ARG C 649 -19.82 -6.95 9.42
N ASN C 650 -19.16 -7.51 8.40
CA ASN C 650 -17.82 -7.06 8.03
C ASN C 650 -17.83 -5.90 7.06
N SER C 651 -18.88 -5.82 6.24
CA SER C 651 -19.02 -4.76 5.24
C SER C 651 -19.47 -3.39 5.81
N THR C 652 -19.88 -3.38 7.06
CA THR C 652 -20.32 -2.19 7.80
C THR C 652 -19.37 -1.02 7.70
N VAL C 653 -19.88 0.20 7.54
CA VAL C 653 -19.03 1.42 7.60
C VAL C 653 -18.63 1.77 9.05
N MET C 654 -19.55 1.55 10.00
CA MET C 654 -19.30 1.85 11.45
C MET C 654 -18.08 1.15 12.10
N SER C 655 -17.72 -0.03 11.60
CA SER C 655 -16.71 -0.86 12.23
C SER C 655 -15.29 -0.29 12.05
N ARG C 656 -15.11 0.54 11.02
CA ARG C 656 -13.78 1.12 10.70
C ARG C 656 -13.67 2.58 11.16
N ALA C 657 -14.35 2.94 12.25
CA ALA C 657 -14.39 4.34 12.72
C ALA C 657 -13.01 4.89 13.07
N GLU C 658 -12.22 4.11 13.80
CA GLU C 658 -10.87 4.54 14.19
C GLU C 658 -9.99 4.99 12.98
N ASN C 659 -10.20 4.38 11.81
CA ASN C 659 -9.47 4.76 10.57
C ASN C 659 -9.90 6.12 10.01
N PHE C 660 -11.09 6.61 10.38
CA PHE C 660 -11.50 7.98 10.01
C PHE C 660 -10.71 9.05 10.77
N LYS C 661 -10.04 8.70 11.86
CA LYS C 661 -9.10 9.62 12.54
C LYS C 661 -8.02 10.13 11.59
N GLN C 662 -7.71 9.41 10.52
CA GLN C 662 -6.77 9.89 9.50
C GLN C 662 -7.31 10.98 8.56
N VAL C 663 -8.57 10.81 8.12
CA VAL C 663 -9.15 11.65 7.06
C VAL C 663 -10.06 12.80 7.56
N GLU C 664 -10.52 13.64 6.61
CA GLU C 664 -11.51 14.69 6.86
C GLU C 664 -12.77 14.26 6.12
N TYR C 665 -13.80 13.85 6.85
CA TYR C 665 -15.03 13.25 6.29
C TYR C 665 -16.09 14.33 6.28
N LEU C 666 -16.85 14.44 5.18
CA LEU C 666 -18.07 15.26 5.13
C LEU C 666 -19.23 14.29 4.87
N LEU C 667 -20.13 14.15 5.83
CA LEU C 667 -21.24 13.19 5.76
C LEU C 667 -22.56 13.89 5.47
N ILE C 668 -22.92 14.04 4.20
CA ILE C 668 -24.19 14.69 3.82
C ILE C 668 -25.32 13.62 3.67
N HIS C 669 -26.56 13.95 4.08
CA HIS C 669 -27.76 13.09 3.88
C HIS C 669 -29.10 13.86 4.07
N GLY C 670 -30.02 13.79 3.10
CA GLY C 670 -31.34 14.49 3.21
C GLY C 670 -32.42 13.84 4.07
N THR C 671 -33.10 14.61 4.93
CA THR C 671 -33.90 14.02 6.02
C THR C 671 -35.21 13.33 5.64
N ALA C 672 -35.63 13.43 4.38
CA ALA C 672 -36.84 12.73 3.90
C ALA C 672 -36.51 11.82 2.73
N ASP C 673 -35.41 11.09 2.89
CA ASP C 673 -34.96 10.13 1.90
C ASP C 673 -35.69 8.82 2.12
N ASP C 674 -36.40 8.37 1.09
CA ASP C 674 -37.17 7.14 1.15
C ASP C 674 -36.41 5.90 0.66
N ASN C 675 -35.19 6.08 0.16
CA ASN C 675 -34.38 5.02 -0.50
C ASN C 675 -33.27 4.58 0.50
N VAL C 676 -32.16 5.30 0.57
CA VAL C 676 -31.15 5.11 1.62
C VAL C 676 -31.63 6.00 2.74
N HIS C 677 -32.27 5.43 3.76
CA HIS C 677 -32.90 6.25 4.80
C HIS C 677 -31.88 7.03 5.63
N PHE C 678 -32.26 8.20 6.13
CA PHE C 678 -31.37 9.01 7.00
C PHE C 678 -30.73 8.16 8.11
N GLN C 679 -31.46 7.16 8.62
CA GLN C 679 -30.91 6.16 9.55
C GLN C 679 -29.45 5.72 9.30
N GLN C 680 -29.07 5.52 8.05
CA GLN C 680 -27.75 5.00 7.74
C GLN C 680 -26.66 5.99 8.13
N SER C 681 -26.78 7.26 7.73
CA SER C 681 -25.81 8.31 8.14
C SER C 681 -25.99 8.67 9.58
N ALA C 682 -27.21 8.54 10.09
CA ALA C 682 -27.45 8.69 11.52
C ALA C 682 -26.57 7.70 12.31
N GLN C 683 -26.40 6.49 11.77
CA GLN C 683 -25.56 5.46 12.37
C GLN C 683 -24.05 5.68 12.15
N ILE C 684 -23.66 6.14 10.96
CA ILE C 684 -22.23 6.44 10.69
C ILE C 684 -21.75 7.54 11.63
N SER C 685 -22.54 8.60 11.75
CA SER C 685 -22.22 9.73 12.62
C SER C 685 -22.08 9.31 14.08
N LYS C 686 -22.98 8.44 14.54
CA LYS C 686 -22.93 7.97 15.94
C LYS C 686 -21.65 7.19 16.23
N ALA C 687 -21.28 6.27 15.33
CA ALA C 687 -20.05 5.51 15.49
C ALA C 687 -18.80 6.41 15.53
N LEU C 688 -18.68 7.37 14.62
CA LEU C 688 -17.56 8.31 14.65
C LEU C 688 -17.53 9.10 15.97
N VAL C 689 -18.68 9.54 16.49
CA VAL C 689 -18.72 10.19 17.82
C VAL C 689 -18.12 9.29 18.91
N ASP C 690 -18.49 8.00 18.90
CA ASP C 690 -18.05 7.03 19.92
C ASP C 690 -16.53 6.81 19.86
N ALA C 691 -15.98 6.84 18.64
CA ALA C 691 -14.56 6.67 18.44
C ALA C 691 -13.74 7.95 18.66
N GLY C 692 -14.37 9.05 19.07
CA GLY C 692 -13.67 10.34 19.20
C GLY C 692 -13.15 10.88 17.89
N VAL C 693 -13.86 10.57 16.80
CA VAL C 693 -13.50 10.92 15.43
C VAL C 693 -14.23 12.20 15.06
N ASP C 694 -13.51 13.18 14.50
CA ASP C 694 -14.10 14.44 14.03
C ASP C 694 -14.31 14.42 12.51
N PHE C 695 -15.51 14.82 12.11
CA PHE C 695 -15.95 14.88 10.73
C PHE C 695 -16.80 16.15 10.62
N GLN C 696 -17.39 16.38 9.44
CA GLN C 696 -18.45 17.38 9.25
C GLN C 696 -19.70 16.76 8.60
N ALA C 697 -20.84 17.39 8.83
CA ALA C 697 -22.12 16.88 8.34
C ALA C 697 -23.11 18.01 8.04
N MET C 698 -23.95 17.78 7.04
CA MET C 698 -25.03 18.68 6.67
C MET C 698 -26.24 17.78 6.44
N TRP C 699 -27.31 17.96 7.21
CA TRP C 699 -28.60 17.31 6.90
C TRP C 699 -29.35 18.24 5.95
N TYR C 700 -30.29 17.70 5.15
CA TYR C 700 -31.15 18.51 4.25
C TYR C 700 -32.60 18.32 4.56
N THR C 701 -33.13 19.19 5.43
CA THR C 701 -34.53 19.19 5.85
C THR C 701 -35.52 18.95 4.71
N ASP C 702 -36.34 17.92 4.88
CA ASP C 702 -37.40 17.53 3.93
C ASP C 702 -36.97 17.06 2.51
N GLU C 703 -35.67 16.87 2.26
CA GLU C 703 -35.16 16.45 0.94
C GLU C 703 -35.05 14.93 0.79
N ASP C 704 -35.36 14.40 -0.39
CA ASP C 704 -35.28 12.95 -0.65
C ASP C 704 -33.89 12.57 -1.17
N HIS C 705 -33.75 11.36 -1.70
CA HIS C 705 -32.48 10.81 -2.23
C HIS C 705 -31.74 11.75 -3.19
N GLY C 706 -32.49 12.27 -4.16
CA GLY C 706 -31.97 13.16 -5.17
C GLY C 706 -31.44 14.47 -4.63
N ILE C 707 -32.03 14.98 -3.55
CA ILE C 707 -31.73 16.34 -3.05
C ILE C 707 -31.85 17.31 -4.23
N ALA C 708 -33.04 17.31 -4.84
CA ALA C 708 -33.28 17.91 -6.17
C ALA C 708 -33.89 19.30 -6.18
N SER C 709 -34.62 19.67 -5.12
CA SER C 709 -35.25 20.99 -5.07
C SER C 709 -34.19 22.04 -5.27
N SER C 710 -34.47 23.01 -6.14
CA SER C 710 -33.46 23.93 -6.67
C SER C 710 -32.62 24.65 -5.62
N THR C 711 -33.23 25.07 -4.50
CA THR C 711 -32.46 25.67 -3.38
C THR C 711 -31.49 24.68 -2.71
N ALA C 712 -31.93 23.44 -2.54
CA ALA C 712 -31.08 22.35 -2.00
C ALA C 712 -29.98 21.88 -2.97
N HIS C 713 -30.30 21.78 -4.26
CA HIS C 713 -29.31 21.40 -5.29
C HIS C 713 -28.18 22.43 -5.38
N GLN C 714 -28.54 23.72 -5.37
CA GLN C 714 -27.56 24.81 -5.38
C GLN C 714 -26.74 24.86 -4.10
N HIS C 715 -27.39 24.61 -2.97
CA HIS C 715 -26.73 24.66 -1.66
C HIS C 715 -25.71 23.53 -1.36
N ILE C 716 -25.91 22.30 -1.88
CA ILE C 716 -25.04 21.14 -1.57
C ILE C 716 -23.77 21.11 -2.40
N TYR C 717 -23.86 21.43 -3.70
CA TYR C 717 -22.67 21.55 -4.55
C TYR C 717 -21.87 22.80 -4.15
N SER C 718 -22.56 23.85 -3.70
CA SER C 718 -21.90 24.99 -3.05
C SER C 718 -21.13 24.55 -1.83
N HIS C 719 -21.82 23.88 -0.89
CA HIS C 719 -21.20 23.41 0.37
C HIS C 719 -20.06 22.45 0.06
N MET C 720 -20.31 21.50 -0.85
CA MET C 720 -19.29 20.52 -1.25
C MET C 720 -18.04 21.13 -1.88
N SER C 721 -18.26 22.07 -2.80
CA SER C 721 -17.16 22.74 -3.48
C SER C 721 -16.29 23.49 -2.50
N HIS C 722 -16.92 24.16 -1.53
CA HIS C 722 -16.18 24.88 -0.50
C HIS C 722 -15.36 23.92 0.34
N PHE C 723 -15.94 22.76 0.66
CA PHE C 723 -15.23 21.72 1.41
C PHE C 723 -13.96 21.26 0.67
N LEU C 724 -14.07 21.05 -0.63
CA LEU C 724 -12.90 20.69 -1.42
C LEU C 724 -11.87 21.82 -1.47
N GLN C 725 -12.34 23.07 -1.56
CA GLN C 725 -11.45 24.24 -1.58
C GLN C 725 -10.50 24.30 -0.36
N GLN C 726 -11.00 23.93 0.82
CA GLN C 726 -10.22 23.91 2.05
C GLN C 726 -9.29 22.71 2.07
N CYS C 727 -9.83 21.55 1.70
CA CYS C 727 -9.07 20.30 1.64
C CYS C 727 -7.82 20.44 0.77
N PHE C 728 -8.01 20.97 -0.45
CA PHE C 728 -6.90 21.26 -1.36
C PHE C 728 -6.33 22.68 -1.20
N SER C 729 -6.81 23.42 -0.20
CA SER C 729 -6.24 24.70 0.22
C SER C 729 -6.17 25.74 -0.90
N LEU C 730 -7.36 26.23 -1.27
CA LEU C 730 -7.55 27.22 -2.35
C LEU C 730 -7.92 28.57 -1.72
N ARG D 3 2.02 25.02 31.62
CA ARG D 3 0.88 24.05 31.74
C ARG D 3 -0.42 24.86 31.90
N THR D 4 -1.30 24.77 30.89
CA THR D 4 -2.57 25.53 30.79
C THR D 4 -3.80 24.59 30.97
N TYR D 5 -4.93 25.10 31.48
CA TYR D 5 -6.17 24.29 31.53
C TYR D 5 -6.57 24.05 30.08
N THR D 6 -6.45 22.80 29.61
CA THR D 6 -6.71 22.43 28.20
C THR D 6 -8.07 21.77 28.03
N LEU D 7 -8.49 21.57 26.79
CA LEU D 7 -9.75 20.85 26.50
C LEU D 7 -9.78 19.49 27.20
N ALA D 8 -8.68 18.74 27.14
CA ALA D 8 -8.61 17.46 27.86
C ALA D 8 -8.85 17.63 29.37
N ASP D 9 -8.29 18.68 29.98
CA ASP D 9 -8.53 18.91 31.40
C ASP D 9 -10.01 19.17 31.69
N TYR D 10 -10.71 19.84 30.77
CA TYR D 10 -12.16 20.05 30.90
C TYR D 10 -12.94 18.73 30.84
N LEU D 11 -12.75 17.99 29.74
CA LEU D 11 -13.59 16.83 29.42
C LEU D 11 -13.26 15.64 30.32
N LYS D 12 -11.97 15.37 30.49
CA LYS D 12 -11.49 14.29 31.34
C LYS D 12 -11.45 14.65 32.85
N ASN D 13 -11.89 15.86 33.22
CA ASN D 13 -12.10 16.28 34.61
C ASN D 13 -10.85 16.03 35.47
N THR D 14 -9.70 16.52 35.00
CA THR D 14 -8.41 16.27 35.69
C THR D 14 -8.31 17.06 37.01
N PHE D 15 -8.76 18.32 36.99
CA PHE D 15 -8.84 19.16 38.19
C PHE D 15 -10.30 19.25 38.62
N ARG D 16 -10.57 18.78 39.84
CA ARG D 16 -11.91 18.40 40.25
C ARG D 16 -12.29 19.27 41.44
N VAL D 17 -13.41 19.99 41.35
CA VAL D 17 -13.92 20.82 42.44
C VAL D 17 -14.73 19.90 43.34
N LYS D 18 -14.30 19.72 44.59
CA LYS D 18 -15.06 18.93 45.58
C LYS D 18 -16.16 19.79 46.18
N SER D 19 -17.32 19.17 46.41
CA SER D 19 -18.41 19.77 47.19
C SER D 19 -18.42 19.10 48.57
N TYR D 20 -19.50 19.27 49.35
CA TYR D 20 -19.72 18.47 50.56
C TYR D 20 -21.22 18.22 50.80
N SER D 21 -21.71 17.04 50.44
CA SER D 21 -23.14 16.74 50.53
C SER D 21 -23.58 16.14 51.87
N LEU D 22 -24.64 16.70 52.44
CA LEU D 22 -25.21 16.19 53.69
C LEU D 22 -26.72 16.36 53.76
N ARG D 23 -27.32 15.58 54.63
CA ARG D 23 -28.77 15.57 54.83
C ARG D 23 -29.09 15.46 56.31
N TRP D 24 -29.95 16.34 56.82
CA TRP D 24 -30.28 16.37 58.24
C TRP D 24 -31.41 15.36 58.56
N VAL D 25 -31.06 14.28 59.27
CA VAL D 25 -32.06 13.31 59.80
C VAL D 25 -32.62 13.78 61.16
N SER D 26 -32.07 14.87 61.70
CA SER D 26 -32.54 15.43 62.99
C SER D 26 -32.26 16.95 63.07
N ASP D 27 -32.68 17.57 64.18
CA ASP D 27 -32.41 18.99 64.40
C ASP D 27 -30.91 19.29 64.61
N SER D 28 -30.15 18.29 65.06
CA SER D 28 -28.69 18.39 65.27
C SER D 28 -27.85 17.38 64.46
N GLU D 29 -28.34 16.16 64.25
CA GLU D 29 -27.60 15.11 63.50
C GLU D 29 -27.81 15.19 61.96
N TYR D 30 -26.76 14.79 61.20
CA TYR D 30 -26.80 14.70 59.72
C TYR D 30 -25.96 13.51 59.17
N LEU D 31 -26.32 12.99 57.99
CA LEU D 31 -25.57 11.90 57.33
C LEU D 31 -24.58 12.48 56.31
N TYR D 32 -23.40 11.86 56.19
CA TYR D 32 -22.37 12.19 55.16
C TYR D 32 -21.79 10.90 54.58
N LYS D 33 -20.91 11.01 53.59
CA LYS D 33 -20.30 9.85 52.94
C LYS D 33 -18.78 10.01 52.91
N GLN D 34 -18.04 9.02 53.40
CA GLN D 34 -16.58 9.13 53.47
C GLN D 34 -15.85 8.39 52.34
N GLU D 35 -15.98 7.07 52.28
CA GLU D 35 -15.37 6.28 51.22
C GLU D 35 -16.43 5.34 50.70
N ASN D 36 -17.51 5.95 50.21
CA ASN D 36 -18.79 5.28 49.89
C ASN D 36 -19.37 4.52 51.10
N ASN D 37 -19.19 5.11 52.28
CA ASN D 37 -19.66 4.62 53.57
C ASN D 37 -20.50 5.74 54.13
N ILE D 38 -21.71 5.46 54.60
CA ILE D 38 -22.54 6.49 55.20
C ILE D 38 -22.39 6.42 56.73
N LEU D 39 -22.07 7.57 57.33
CA LEU D 39 -21.85 7.66 58.77
C LEU D 39 -22.62 8.86 59.31
N LEU D 40 -23.13 8.73 60.53
CA LEU D 40 -23.79 9.87 61.19
C LEU D 40 -22.75 10.81 61.78
N PHE D 41 -23.15 12.06 62.01
CA PHE D 41 -22.37 13.03 62.78
C PHE D 41 -23.30 13.85 63.66
N ASN D 42 -22.98 13.95 64.95
CA ASN D 42 -23.80 14.73 65.89
C ASN D 42 -23.21 16.13 66.07
N ALA D 43 -24.04 17.17 65.90
CA ALA D 43 -23.57 18.55 66.01
C ALA D 43 -23.51 19.11 67.44
N GLU D 44 -24.37 18.64 68.33
CA GLU D 44 -24.36 19.10 69.74
C GLU D 44 -23.02 18.73 70.39
N HIS D 45 -22.51 17.53 70.07
CA HIS D 45 -21.28 16.99 70.65
C HIS D 45 -20.27 16.69 69.52
N GLY D 46 -19.41 15.70 69.70
CA GLY D 46 -18.52 15.23 68.64
C GLY D 46 -18.77 13.82 68.14
N ASN D 47 -19.94 13.23 68.45
CA ASN D 47 -20.26 11.85 67.98
C ASN D 47 -20.14 11.76 66.45
N SER D 48 -19.41 10.74 65.98
CA SER D 48 -19.29 10.46 64.56
C SER D 48 -19.31 8.94 64.40
N SER D 49 -20.53 8.41 64.35
CA SER D 49 -20.78 6.96 64.24
C SER D 49 -20.65 6.43 62.80
N ILE D 50 -20.91 5.14 62.60
CA ILE D 50 -20.99 4.50 61.26
C ILE D 50 -22.43 3.98 61.10
N PHE D 51 -23.07 4.36 59.98
CA PHE D 51 -24.50 4.10 59.76
C PHE D 51 -24.73 3.03 58.69
N LEU D 52 -24.08 3.18 57.55
CA LEU D 52 -24.14 2.20 56.49
C LEU D 52 -22.74 1.96 55.94
N GLU D 53 -22.34 0.69 55.87
CA GLU D 53 -21.00 0.33 55.41
C GLU D 53 -20.97 0.18 53.91
N ASN D 54 -19.79 0.24 53.29
CA ASN D 54 -19.71 0.14 51.83
C ASN D 54 -20.08 -1.25 51.32
N SER D 55 -19.88 -2.28 52.13
CA SER D 55 -20.27 -3.63 51.76
C SER D 55 -21.78 -3.78 51.46
N THR D 56 -22.66 -3.01 52.12
CA THR D 56 -24.09 -3.09 51.82
C THR D 56 -24.35 -2.64 50.38
N PHE D 57 -23.69 -1.57 49.94
CA PHE D 57 -23.78 -1.15 48.54
C PHE D 57 -23.18 -2.18 47.58
N GLU D 58 -22.04 -2.75 47.95
CA GLU D 58 -21.33 -3.67 47.09
C GLU D 58 -22.10 -4.97 46.82
N ILE D 59 -23.06 -5.37 47.68
CA ILE D 59 -23.95 -6.51 47.31
C ILE D 59 -24.81 -6.19 46.08
N PHE D 60 -24.95 -4.90 45.77
CA PHE D 60 -25.45 -4.42 44.47
C PHE D 60 -24.30 -3.84 43.62
N GLY D 61 -23.07 -4.35 43.76
CA GLY D 61 -21.89 -3.86 43.01
C GLY D 61 -21.79 -2.36 42.77
N ASP D 62 -21.58 -1.99 41.50
CA ASP D 62 -21.55 -0.59 41.05
C ASP D 62 -22.87 -0.21 40.31
N SER D 63 -23.98 -0.84 40.67
CA SER D 63 -25.30 -0.53 40.10
C SER D 63 -26.12 0.40 40.99
N ILE D 64 -25.68 0.59 42.23
CA ILE D 64 -26.40 1.47 43.16
C ILE D 64 -26.32 2.88 42.56
N SER D 65 -27.50 3.47 42.40
CA SER D 65 -27.65 4.83 41.89
C SER D 65 -27.82 5.82 43.06
N ASP D 66 -28.70 5.48 44.00
CA ASP D 66 -28.92 6.28 45.20
C ASP D 66 -29.48 5.43 46.38
N TYR D 67 -29.59 6.05 47.56
CA TYR D 67 -30.18 5.46 48.77
C TYR D 67 -31.01 6.53 49.45
N SER D 68 -32.11 6.13 50.11
CA SER D 68 -32.93 7.05 50.91
C SER D 68 -33.23 6.47 52.31
N VAL D 69 -32.58 6.98 53.35
CA VAL D 69 -32.78 6.47 54.71
C VAL D 69 -34.21 6.85 55.16
N SER D 70 -34.83 6.02 55.99
CA SER D 70 -36.18 6.34 56.51
C SER D 70 -36.05 7.35 57.65
N PRO D 71 -37.13 8.13 57.92
CA PRO D 71 -37.10 9.09 59.03
C PRO D 71 -36.78 8.46 60.39
N ASP D 72 -37.42 7.32 60.69
CA ASP D 72 -37.14 6.57 61.92
C ASP D 72 -35.77 5.85 61.95
N ARG D 73 -35.07 5.84 60.83
CA ARG D 73 -33.74 5.21 60.69
C ARG D 73 -33.73 3.68 60.83
N LEU D 74 -34.89 3.04 60.74
CA LEU D 74 -34.99 1.58 60.91
C LEU D 74 -34.62 0.81 59.62
N PHE D 75 -34.85 1.43 58.44
CA PHE D 75 -34.54 0.87 57.08
C PHE D 75 -33.76 1.84 56.19
N VAL D 76 -33.13 1.33 55.13
CA VAL D 76 -32.60 2.17 54.01
C VAL D 76 -33.29 1.70 52.71
N LEU D 77 -33.74 2.62 51.87
CA LEU D 77 -34.29 2.28 50.55
C LEU D 77 -33.15 2.41 49.55
N LEU D 78 -32.76 1.32 48.88
CA LEU D 78 -31.64 1.33 47.92
C LEU D 78 -32.14 1.42 46.47
N GLU D 79 -31.66 2.38 45.68
CA GLU D 79 -32.08 2.62 44.27
C GLU D 79 -31.03 2.14 43.29
N TYR D 80 -31.38 1.17 42.45
CA TYR D 80 -30.45 0.64 41.42
C TYR D 80 -31.11 0.56 40.03
N ASN D 81 -30.30 0.23 39.01
CA ASN D 81 -30.79 0.09 37.62
C ASN D 81 -31.54 1.35 37.09
N TYR D 82 -31.00 2.51 37.44
CA TYR D 82 -31.55 3.82 37.04
C TYR D 82 -31.48 3.94 35.52
N VAL D 83 -32.58 4.38 34.90
CA VAL D 83 -32.64 4.75 33.47
C VAL D 83 -33.32 6.12 33.33
N LYS D 84 -32.56 7.15 32.91
CA LYS D 84 -33.11 8.51 32.77
C LYS D 84 -34.18 8.55 31.68
N GLN D 85 -35.28 9.25 31.96
CA GLN D 85 -36.30 9.55 30.96
C GLN D 85 -36.06 11.02 30.54
N TRP D 86 -36.79 11.97 31.12
CA TRP D 86 -36.65 13.39 30.77
C TRP D 86 -35.69 14.07 31.73
N ARG D 87 -35.82 15.39 31.86
CA ARG D 87 -34.94 16.18 32.72
C ARG D 87 -34.91 15.67 34.14
N HIS D 88 -36.06 15.30 34.69
CA HIS D 88 -36.13 14.81 36.08
C HIS D 88 -36.58 13.36 36.21
N SER D 89 -37.53 12.93 35.38
CA SER D 89 -38.13 11.59 35.50
C SER D 89 -37.16 10.45 35.10
N TYR D 90 -37.20 9.36 35.90
CA TYR D 90 -36.37 8.16 35.72
C TYR D 90 -37.05 6.93 36.33
N THR D 91 -37.10 5.81 35.60
CA THR D 91 -37.49 4.54 36.21
C THR D 91 -36.25 3.93 36.86
N ALA D 92 -36.48 3.10 37.88
CA ALA D 92 -35.41 2.38 38.58
C ALA D 92 -35.95 1.19 39.40
N SER D 93 -35.10 0.19 39.70
CA SER D 93 -35.44 -0.92 40.62
C SER D 93 -35.06 -0.48 42.03
N TYR D 94 -35.73 -1.05 43.06
CA TYR D 94 -35.49 -0.72 44.47
C TYR D 94 -35.58 -1.98 45.36
N SER D 95 -34.70 -2.11 46.34
CA SER D 95 -34.89 -3.10 47.42
C SER D 95 -34.66 -2.43 48.77
N ILE D 96 -35.49 -2.75 49.76
CA ILE D 96 -35.36 -2.17 51.10
C ILE D 96 -34.38 -3.01 51.95
N TYR D 97 -33.36 -2.37 52.49
CA TYR D 97 -32.39 -3.02 53.40
C TYR D 97 -32.79 -2.72 54.85
N ASP D 98 -33.02 -3.76 55.65
CA ASP D 98 -33.35 -3.59 57.08
C ASP D 98 -32.06 -3.43 57.91
N LEU D 99 -31.85 -2.27 58.51
CA LEU D 99 -30.62 -2.00 59.29
C LEU D 99 -30.54 -2.86 60.54
N ASN D 100 -31.66 -2.93 61.27
CA ASN D 100 -31.77 -3.75 62.49
C ASN D 100 -31.44 -5.22 62.21
N LYS D 101 -32.11 -5.80 61.22
CA LYS D 101 -31.93 -7.23 60.87
C LYS D 101 -30.74 -7.52 59.92
N ARG D 102 -30.09 -6.47 59.42
CA ARG D 102 -28.94 -6.59 58.50
C ARG D 102 -29.20 -7.59 57.38
N GLN D 103 -30.32 -7.40 56.71
CA GLN D 103 -30.74 -8.26 55.63
C GLN D 103 -31.66 -7.49 54.68
N LEU D 104 -31.64 -7.87 53.41
CA LEU D 104 -32.56 -7.34 52.41
C LEU D 104 -33.91 -8.02 52.58
N ILE D 105 -34.98 -7.24 52.46
CA ILE D 105 -36.34 -7.79 52.49
C ILE D 105 -36.64 -8.34 51.11
N THR D 106 -36.77 -9.66 50.98
CA THR D 106 -37.09 -10.29 49.71
C THR D 106 -38.58 -10.61 49.52
N GLU D 107 -39.41 -10.30 50.53
CA GLU D 107 -40.86 -10.53 50.44
C GLU D 107 -41.61 -9.21 50.26
N GLU D 108 -42.64 -9.24 49.40
CA GLU D 108 -43.37 -8.04 48.93
C GLU D 108 -42.43 -6.94 48.46
N LYS D 109 -41.83 -7.20 47.30
CA LYS D 109 -40.81 -6.33 46.70
C LYS D 109 -41.42 -5.11 46.04
N ILE D 110 -40.60 -4.06 45.89
CA ILE D 110 -40.96 -2.85 45.14
C ILE D 110 -41.00 -3.26 43.66
N PRO D 111 -42.01 -2.81 42.88
CA PRO D 111 -42.13 -3.30 41.50
C PRO D 111 -40.95 -3.01 40.56
N ASN D 112 -40.90 -3.74 39.46
CA ASN D 112 -39.69 -3.75 38.62
C ASN D 112 -39.28 -2.35 38.10
N ASN D 113 -40.24 -1.63 37.49
CA ASN D 113 -39.97 -0.35 36.80
C ASN D 113 -40.63 0.84 37.50
N THR D 114 -40.53 0.92 38.82
CA THR D 114 -41.28 1.96 39.53
C THR D 114 -40.75 3.32 39.08
N GLN D 115 -41.64 4.30 39.05
CA GLN D 115 -41.43 5.61 38.46
C GLN D 115 -40.98 6.67 39.49
N TRP D 116 -41.66 6.67 40.66
CA TRP D 116 -41.30 7.51 41.81
C TRP D 116 -41.48 6.74 43.10
N ILE D 117 -40.71 7.09 44.14
CA ILE D 117 -40.91 6.51 45.50
C ILE D 117 -40.40 7.44 46.62
N THR D 118 -41.06 7.41 47.78
CA THR D 118 -40.69 8.27 48.93
C THR D 118 -41.20 7.72 50.27
N TRP D 119 -40.44 7.92 51.35
CA TRP D 119 -40.89 7.58 52.72
C TRP D 119 -41.89 8.62 53.23
N SER D 120 -42.64 8.28 54.28
CA SER D 120 -43.53 9.27 54.96
C SER D 120 -42.67 10.28 55.71
N GLN D 121 -43.20 11.45 56.02
CA GLN D 121 -42.34 12.50 56.60
C GLN D 121 -41.73 12.13 57.97
N GLU D 122 -42.42 11.25 58.71
CA GLU D 122 -41.89 10.58 59.92
C GLU D 122 -42.32 9.11 59.86
N GLY D 123 -41.55 8.22 60.51
CA GLY D 123 -41.79 6.78 60.46
C GLY D 123 -41.25 6.11 59.20
N HIS D 124 -41.99 5.13 58.67
CA HIS D 124 -41.52 4.19 57.61
C HIS D 124 -42.59 3.72 56.57
N LYS D 125 -43.65 4.52 56.35
CA LYS D 125 -44.58 4.22 55.26
C LYS D 125 -43.85 4.60 53.97
N LEU D 126 -44.12 3.88 52.88
CA LEU D 126 -43.67 4.23 51.52
C LEU D 126 -44.89 4.52 50.60
N ALA D 127 -44.90 5.63 49.88
CA ALA D 127 -45.80 5.77 48.72
C ALA D 127 -44.93 5.59 47.50
N TYR D 128 -45.39 4.82 46.54
CA TYR D 128 -44.64 4.61 45.28
C TYR D 128 -45.57 4.77 44.04
N VAL D 129 -45.00 5.08 42.88
CA VAL D 129 -45.75 5.22 41.59
C VAL D 129 -45.21 4.15 40.61
N TRP D 130 -46.10 3.25 40.17
CA TRP D 130 -45.78 2.23 39.17
C TRP D 130 -46.91 2.24 38.13
N LYS D 131 -46.56 2.33 36.85
CA LYS D 131 -47.55 2.36 35.74
C LYS D 131 -48.60 3.45 35.96
N ASN D 132 -48.10 4.65 36.24
CA ASN D 132 -48.90 5.85 36.44
C ASN D 132 -50.04 5.66 37.46
N ASP D 133 -49.81 4.92 38.55
CA ASP D 133 -50.78 4.80 39.65
C ASP D 133 -50.06 4.82 40.99
N ILE D 134 -50.81 5.00 42.07
CA ILE D 134 -50.22 5.19 43.41
C ILE D 134 -50.47 3.96 44.30
N TYR D 135 -49.46 3.60 45.09
CA TYR D 135 -49.47 2.46 46.01
C TYR D 135 -48.84 2.89 47.36
N VAL D 136 -49.47 2.51 48.47
CA VAL D 136 -48.98 2.82 49.83
C VAL D 136 -48.64 1.49 50.50
N LYS D 137 -47.39 1.30 50.90
CA LYS D 137 -46.92 0.13 51.65
C LYS D 137 -46.70 0.59 53.11
N ILE D 138 -47.53 0.12 54.06
CA ILE D 138 -47.52 0.63 55.46
C ILE D 138 -46.25 0.31 56.28
N GLU D 139 -45.84 -0.96 56.29
CA GLU D 139 -44.52 -1.40 56.80
C GLU D 139 -43.77 -1.96 55.57
N PRO D 140 -42.42 -1.76 55.47
CA PRO D 140 -41.59 -2.24 54.35
C PRO D 140 -41.73 -3.68 53.83
N HIS D 141 -42.33 -4.58 54.61
CA HIS D 141 -42.46 -6.00 54.24
C HIS D 141 -43.89 -6.43 53.90
N LEU D 142 -44.88 -5.55 54.12
CA LEU D 142 -46.30 -5.89 53.89
C LEU D 142 -46.68 -5.64 52.43
N PRO D 143 -47.84 -6.17 51.98
CA PRO D 143 -48.29 -5.85 50.62
C PRO D 143 -48.63 -4.38 50.42
N SER D 144 -48.69 -3.97 49.14
CA SER D 144 -49.00 -2.59 48.78
C SER D 144 -50.52 -2.48 48.61
N HIS D 145 -51.07 -1.34 49.07
CA HIS D 145 -52.48 -0.94 48.84
C HIS D 145 -52.50 -0.03 47.63
N ARG D 146 -53.15 -0.44 46.53
CA ARG D 146 -53.25 0.39 45.32
C ARG D 146 -54.25 1.53 45.53
N ILE D 147 -53.75 2.77 45.57
CA ILE D 147 -54.59 3.98 45.78
C ILE D 147 -55.39 4.42 44.53
N THR D 148 -54.84 4.27 43.32
CA THR D 148 -55.51 4.73 42.08
C THR D 148 -55.53 3.69 40.95
N SER D 149 -56.53 3.81 40.08
CA SER D 149 -56.83 2.80 39.04
C SER D 149 -56.95 3.33 37.62
N THR D 150 -56.85 4.64 37.42
CA THR D 150 -57.07 5.31 36.13
C THR D 150 -55.80 5.49 35.28
N GLY D 151 -54.64 5.14 35.83
CA GLY D 151 -53.37 5.31 35.16
C GLY D 151 -53.31 4.66 33.78
N LYS D 152 -52.78 5.40 32.82
CA LYS D 152 -52.56 4.91 31.47
C LYS D 152 -51.31 5.62 30.94
N GLU D 153 -50.36 4.88 30.35
CA GLU D 153 -49.13 5.51 29.81
C GLU D 153 -49.48 6.61 28.78
N ASN D 154 -48.91 7.79 28.96
CA ASN D 154 -49.12 8.98 28.07
C ASN D 154 -50.56 9.53 27.97
N VAL D 155 -51.42 9.20 28.94
CA VAL D 155 -52.83 9.65 28.96
C VAL D 155 -53.19 10.16 30.38
N ILE D 156 -53.18 9.29 31.40
CA ILE D 156 -53.53 9.68 32.80
C ILE D 156 -52.32 9.43 33.71
N PHE D 157 -51.82 10.47 34.37
CA PHE D 157 -50.70 10.33 35.26
C PHE D 157 -51.29 10.49 36.66
N ASN D 158 -50.96 9.61 37.61
CA ASN D 158 -51.38 9.74 39.03
C ASN D 158 -50.13 9.82 39.89
N GLY D 159 -49.95 10.91 40.62
CA GLY D 159 -48.81 11.04 41.54
C GLY D 159 -47.48 11.33 40.90
N ILE D 160 -47.44 11.44 39.56
CA ILE D 160 -46.27 11.83 38.77
C ILE D 160 -46.74 12.90 37.75
N ASN D 161 -45.82 13.76 37.30
CA ASN D 161 -46.13 14.84 36.35
C ASN D 161 -45.93 14.40 34.87
N ASP D 162 -46.76 14.95 33.98
CA ASP D 162 -46.63 14.76 32.52
C ASP D 162 -45.63 15.79 31.99
N TRP D 163 -45.22 15.63 30.74
CA TRP D 163 -44.08 16.35 30.19
C TRP D 163 -44.00 17.83 30.60
N VAL D 164 -45.09 18.57 30.40
CA VAL D 164 -45.07 20.03 30.59
C VAL D 164 -44.98 20.44 32.08
N TYR D 165 -45.61 19.69 32.98
CA TYR D 165 -45.53 19.99 34.42
C TYR D 165 -44.18 19.64 35.03
N GLU D 166 -43.64 18.48 34.66
CA GLU D 166 -42.35 18.06 35.17
C GLU D 166 -41.24 19.04 34.84
N GLU D 167 -41.44 19.85 33.81
CA GLU D 167 -40.39 20.72 33.32
C GLU D 167 -40.56 22.21 33.61
N GLU D 168 -41.80 22.70 33.47
CA GLU D 168 -42.10 24.13 33.49
C GLU D 168 -42.87 24.66 34.70
N ILE D 169 -43.26 23.78 35.61
CA ILE D 169 -44.10 24.15 36.75
C ILE D 169 -43.59 23.60 38.08
N PHE D 170 -43.34 22.29 38.18
CA PHE D 170 -42.91 21.67 39.44
C PHE D 170 -41.41 21.31 39.55
N GLY D 171 -40.71 21.21 38.42
CA GLY D 171 -39.27 20.90 38.42
C GLY D 171 -38.89 19.50 38.89
N ALA D 172 -39.78 18.52 38.69
CA ALA D 172 -39.61 17.16 39.22
C ALA D 172 -40.71 16.21 38.74
N TYR D 173 -40.43 14.91 38.73
CA TYR D 173 -41.47 13.91 38.39
C TYR D 173 -42.51 13.87 39.52
N SER D 174 -42.07 13.95 40.78
CA SER D 174 -42.98 13.83 41.95
C SER D 174 -44.18 14.78 41.88
N ALA D 175 -45.38 14.20 41.92
CA ALA D 175 -46.62 14.92 42.13
C ALA D 175 -47.42 14.26 43.28
N LEU D 176 -46.71 13.74 44.29
CA LEU D 176 -47.35 13.24 45.54
C LEU D 176 -46.59 13.76 46.77
N TRP D 177 -47.36 14.27 47.75
CA TRP D 177 -46.85 14.89 48.98
C TRP D 177 -47.49 14.24 50.22
N TRP D 178 -46.65 13.73 51.14
CA TRP D 178 -47.14 13.16 52.43
C TRP D 178 -47.46 14.28 53.43
N SER D 179 -48.45 14.06 54.31
CA SER D 179 -48.74 15.00 55.40
C SER D 179 -47.62 14.95 56.46
N PRO D 180 -47.53 15.99 57.32
CA PRO D 180 -46.47 15.98 58.34
C PRO D 180 -46.45 14.71 59.24
N ASN D 181 -47.63 14.17 59.58
CA ASN D 181 -47.76 13.00 60.46
C ASN D 181 -48.30 11.74 59.77
N GLY D 182 -48.35 11.74 58.45
CA GLY D 182 -48.66 10.54 57.69
C GLY D 182 -50.10 10.10 57.59
N THR D 183 -51.03 10.80 58.24
CA THR D 183 -52.44 10.41 58.14
C THR D 183 -52.87 10.56 56.66
N PHE D 184 -52.63 11.73 56.07
CA PHE D 184 -53.00 12.01 54.66
C PHE D 184 -51.81 11.92 53.68
N LEU D 185 -52.12 11.50 52.44
CA LEU D 185 -51.19 11.55 51.31
C LEU D 185 -51.83 12.38 50.21
N ALA D 186 -51.36 13.60 50.01
CA ALA D 186 -51.86 14.41 48.87
C ALA D 186 -51.22 13.92 47.56
N TYR D 187 -51.93 14.06 46.44
CA TYR D 187 -51.35 13.78 45.11
C TYR D 187 -52.10 14.48 43.99
N ALA D 188 -51.45 14.65 42.84
CA ALA D 188 -52.03 15.32 41.64
C ALA D 188 -52.31 14.32 40.50
N GLN D 189 -53.30 14.63 39.66
CA GLN D 189 -53.67 13.79 38.52
C GLN D 189 -53.80 14.65 37.29
N PHE D 190 -52.99 14.35 36.27
CA PHE D 190 -52.97 15.10 35.00
C PHE D 190 -53.65 14.29 33.90
N ASN D 191 -54.21 15.01 32.93
CA ASN D 191 -55.01 14.44 31.87
C ASN D 191 -54.55 14.97 30.53
N ASP D 192 -53.66 14.25 29.84
CA ASP D 192 -53.19 14.64 28.49
C ASP D 192 -54.08 14.27 27.30
N THR D 193 -55.30 13.79 27.50
CA THR D 193 -56.20 13.53 26.34
C THR D 193 -56.41 14.82 25.57
N GLY D 194 -56.06 14.84 24.29
CA GLY D 194 -56.15 16.07 23.49
C GLY D 194 -54.85 16.84 23.30
N VAL D 195 -53.89 16.69 24.20
CA VAL D 195 -52.58 17.28 23.97
C VAL D 195 -52.01 16.60 22.69
N PRO D 196 -51.72 17.36 21.63
CA PRO D 196 -51.17 16.73 20.43
C PRO D 196 -49.75 16.18 20.64
N LEU D 197 -49.35 15.22 19.82
CA LEU D 197 -48.11 14.48 20.04
C LEU D 197 -46.93 15.06 19.26
N ILE D 198 -45.84 15.38 19.94
CA ILE D 198 -44.57 15.59 19.20
C ILE D 198 -44.08 14.21 18.83
N GLU D 199 -43.75 13.99 17.55
CA GLU D 199 -43.13 12.72 17.10
C GLU D 199 -41.71 12.95 16.51
N TYR D 200 -40.81 11.98 16.73
CA TYR D 200 -39.46 11.97 16.13
C TYR D 200 -38.87 10.56 16.05
N SER D 201 -37.74 10.41 15.36
CA SER D 201 -37.10 9.09 15.19
C SER D 201 -35.99 8.81 16.21
N PHE D 202 -36.06 7.65 16.86
CA PHE D 202 -34.93 7.09 17.62
C PHE D 202 -34.31 5.94 16.83
N TYR D 203 -33.07 6.16 16.40
CA TYR D 203 -32.33 5.24 15.53
C TYR D 203 -31.69 4.10 16.30
N SER D 204 -31.43 4.36 17.58
CA SER D 204 -30.93 3.36 18.54
C SER D 204 -29.58 2.78 18.10
N ASP D 205 -29.33 1.56 18.54
CA ASP D 205 -28.08 0.85 18.30
C ASP D 205 -27.91 0.51 16.83
N GLU D 206 -26.67 0.19 16.49
CA GLU D 206 -26.30 -0.26 15.16
C GLU D 206 -27.07 -1.53 14.75
N SER D 207 -27.32 -2.40 15.74
CA SER D 207 -28.07 -3.62 15.54
C SER D 207 -29.53 -3.39 15.12
N LEU D 208 -30.16 -2.31 15.58
CA LEU D 208 -31.56 -2.02 15.22
C LEU D 208 -31.72 -1.73 13.72
N GLN D 209 -32.53 -2.54 13.06
CA GLN D 209 -32.63 -2.55 11.61
C GLN D 209 -33.56 -1.45 11.12
N TYR D 210 -34.67 -1.22 11.83
CA TYR D 210 -35.69 -0.21 11.54
C TYR D 210 -35.76 0.82 12.68
N PRO D 211 -35.62 2.13 12.38
CA PRO D 211 -35.72 3.14 13.46
C PRO D 211 -37.08 3.19 14.12
N LYS D 212 -37.10 3.37 15.44
CA LYS D 212 -38.32 3.44 16.21
C LYS D 212 -38.72 4.88 16.18
N THR D 213 -40.03 5.13 16.27
CA THR D 213 -40.58 6.48 16.40
C THR D 213 -41.01 6.69 17.84
N VAL D 214 -40.59 7.80 18.45
CA VAL D 214 -40.94 8.12 19.84
C VAL D 214 -41.96 9.23 19.80
N TRP D 215 -42.97 9.15 20.68
CA TRP D 215 -44.00 10.19 20.82
C TRP D 215 -44.10 10.66 22.27
N ILE D 216 -44.55 11.90 22.47
CA ILE D 216 -44.87 12.46 23.81
C ILE D 216 -46.04 13.47 23.70
N PRO D 217 -47.03 13.42 24.61
CA PRO D 217 -47.94 14.57 24.70
C PRO D 217 -47.17 15.78 25.23
N TYR D 218 -47.02 16.79 24.37
CA TYR D 218 -46.24 18.00 24.61
C TYR D 218 -47.07 19.10 23.94
N PRO D 219 -47.65 20.02 24.74
CA PRO D 219 -48.46 21.07 24.12
C PRO D 219 -47.60 22.25 23.68
N LYS D 220 -47.64 22.63 22.40
CA LYS D 220 -46.82 23.76 21.87
C LYS D 220 -47.58 25.07 22.09
N ALA D 221 -46.95 26.21 21.76
CA ALA D 221 -47.56 27.51 22.16
C ALA D 221 -49.02 27.63 21.69
N GLY D 222 -49.96 27.68 22.63
CA GLY D 222 -51.38 27.88 22.32
C GLY D 222 -52.17 26.64 21.92
N ALA D 223 -51.61 25.45 22.14
CA ALA D 223 -52.26 24.17 21.75
C ALA D 223 -53.26 23.75 22.81
N VAL D 224 -53.81 22.54 22.72
CA VAL D 224 -54.63 21.98 23.82
C VAL D 224 -53.70 21.57 24.97
N ASN D 225 -54.05 21.93 26.21
CA ASN D 225 -53.22 21.67 27.40
C ASN D 225 -53.80 20.55 28.26
N PRO D 226 -53.03 20.08 29.27
CA PRO D 226 -53.55 19.09 30.23
C PRO D 226 -54.54 19.64 31.31
N THR D 227 -55.45 18.76 31.75
CA THR D 227 -56.40 19.08 32.82
C THR D 227 -55.81 18.47 34.07
N VAL D 228 -55.79 19.23 35.16
CA VAL D 228 -55.25 18.80 36.47
C VAL D 228 -56.39 18.67 37.49
N LYS D 229 -56.27 17.68 38.38
CA LYS D 229 -57.12 17.56 39.57
C LYS D 229 -56.22 17.38 40.80
N PHE D 230 -56.72 17.76 41.98
CA PHE D 230 -56.03 17.48 43.24
C PHE D 230 -56.92 16.57 44.08
N PHE D 231 -56.37 15.48 44.60
CA PHE D 231 -57.03 14.63 45.60
C PHE D 231 -56.14 14.51 46.83
N ILE D 232 -56.75 14.30 48.00
CA ILE D 232 -56.07 13.86 49.23
C ILE D 232 -56.65 12.48 49.60
N VAL D 233 -55.80 11.50 49.98
CA VAL D 233 -56.25 10.16 50.42
C VAL D 233 -55.78 9.95 51.86
N ASN D 234 -56.61 9.26 52.67
CA ASN D 234 -56.29 8.93 54.07
C ASN D 234 -55.61 7.55 54.20
N THR D 235 -54.27 7.53 54.24
CA THR D 235 -53.54 6.26 54.30
C THR D 235 -53.81 5.45 55.59
N ASP D 236 -54.03 6.12 56.72
CA ASP D 236 -54.31 5.39 57.98
C ASP D 236 -55.52 4.46 57.92
N SER D 237 -56.56 4.83 57.18
CA SER D 237 -57.73 3.94 57.02
C SER D 237 -57.50 2.66 56.18
N LEU D 238 -56.43 2.63 55.37
CA LEU D 238 -56.19 1.57 54.36
C LEU D 238 -56.23 0.09 54.82
N SER D 239 -57.07 -0.71 54.16
CA SER D 239 -57.13 -2.18 54.35
C SER D 239 -57.53 -2.94 53.06
N SER D 240 -57.48 -4.29 53.10
CA SER D 240 -57.98 -5.16 52.01
C SER D 240 -59.46 -4.94 51.79
N THR D 241 -60.19 -4.93 52.90
CA THR D 241 -61.66 -4.91 52.90
C THR D 241 -62.31 -3.52 52.68
N THR D 242 -61.65 -2.44 53.10
CA THR D 242 -62.28 -1.12 53.31
C THR D 242 -62.75 -0.33 52.06
N THR D 243 -62.08 -0.50 50.91
CA THR D 243 -62.45 0.21 49.64
C THR D 243 -62.45 1.74 49.83
N THR D 244 -61.29 2.28 50.16
CA THR D 244 -61.12 3.72 50.47
C THR D 244 -61.39 4.65 49.28
N ILE D 245 -61.60 5.94 49.58
CA ILE D 245 -61.96 6.95 48.57
C ILE D 245 -61.07 8.19 48.69
N PRO D 246 -60.21 8.45 47.69
CA PRO D 246 -59.49 9.72 47.73
C PRO D 246 -60.47 10.90 47.59
N MET D 247 -60.39 11.83 48.56
CA MET D 247 -61.30 12.98 48.68
C MET D 247 -60.78 14.09 47.75
N GLN D 248 -61.63 14.65 46.88
CA GLN D 248 -61.18 15.64 45.86
C GLN D 248 -61.27 17.12 46.30
N ILE D 249 -60.18 17.87 46.09
CA ILE D 249 -60.14 19.34 46.17
C ILE D 249 -60.35 19.96 44.75
N THR D 250 -61.22 20.97 44.64
CA THR D 250 -61.53 21.66 43.37
C THR D 250 -61.05 23.13 43.40
N ALA D 251 -60.21 23.50 42.44
CA ALA D 251 -59.58 24.83 42.41
C ALA D 251 -60.59 25.97 42.50
N PRO D 252 -60.14 27.20 42.88
CA PRO D 252 -61.04 28.39 43.07
C PRO D 252 -61.93 28.80 41.86
N ALA D 253 -63.03 29.52 42.16
CA ALA D 253 -63.97 29.97 41.12
C ALA D 253 -63.30 30.80 40.02
N SER D 254 -62.47 31.75 40.45
CA SER D 254 -61.68 32.57 39.53
C SER D 254 -60.95 31.76 38.46
N VAL D 255 -60.32 30.66 38.86
CA VAL D 255 -59.39 29.90 38.02
C VAL D 255 -60.15 28.94 37.12
N THR D 256 -61.21 28.33 37.62
CA THR D 256 -62.01 27.35 36.85
C THR D 256 -62.71 27.91 35.60
N THR D 257 -62.86 29.24 35.52
CA THR D 257 -63.44 29.92 34.34
C THR D 257 -62.91 29.42 33.02
N GLY D 258 -61.59 29.31 32.92
CA GLY D 258 -60.94 28.80 31.72
C GLY D 258 -59.73 27.98 32.09
N ASP D 259 -58.77 27.92 31.18
CA ASP D 259 -57.60 27.09 31.35
C ASP D 259 -56.75 27.53 32.55
N HIS D 260 -56.35 26.56 33.37
CA HIS D 260 -55.62 26.78 34.63
C HIS D 260 -54.57 25.68 34.92
N TYR D 261 -53.56 26.03 35.73
CA TYR D 261 -52.48 25.13 36.14
C TYR D 261 -52.47 24.99 37.69
N LEU D 262 -51.99 23.86 38.22
CA LEU D 262 -51.72 23.74 39.66
C LEU D 262 -50.25 24.08 39.79
N CYS D 263 -49.93 25.31 40.16
CA CYS D 263 -48.52 25.73 40.17
C CYS D 263 -47.76 25.38 41.45
N ASP D 264 -48.45 25.03 42.54
CA ASP D 264 -47.75 24.80 43.84
C ASP D 264 -48.56 24.00 44.91
N VAL D 265 -47.85 23.27 45.78
CA VAL D 265 -48.46 22.51 46.90
C VAL D 265 -47.58 22.54 48.16
N ALA D 266 -48.19 22.77 49.32
CA ALA D 266 -47.49 22.80 50.63
C ALA D 266 -48.40 22.32 51.77
N TRP D 267 -47.85 21.51 52.68
CA TRP D 267 -48.57 21.09 53.89
C TRP D 267 -48.19 22.05 55.04
N VAL D 268 -49.19 22.57 55.77
CA VAL D 268 -48.98 23.46 56.92
C VAL D 268 -48.95 22.63 58.21
N SER D 269 -50.03 21.88 58.43
CA SER D 269 -50.22 21.02 59.60
C SER D 269 -50.93 19.75 59.13
N GLU D 270 -51.31 18.86 60.04
CA GLU D 270 -52.10 17.69 59.63
C GLU D 270 -53.44 18.06 58.98
N ASP D 271 -54.11 19.04 59.57
CA ASP D 271 -55.47 19.42 59.15
C ASP D 271 -55.53 20.63 58.18
N ARG D 272 -54.38 21.09 57.63
CA ARG D 272 -54.30 22.31 56.77
C ARG D 272 -53.22 22.23 55.66
N ILE D 273 -53.62 22.52 54.40
CA ILE D 273 -52.76 22.41 53.20
C ILE D 273 -53.01 23.64 52.32
N SER D 274 -51.98 24.25 51.71
CA SER D 274 -52.17 25.45 50.87
C SER D 274 -51.76 25.24 49.42
N LEU D 275 -52.76 25.14 48.52
CA LEU D 275 -52.52 25.01 47.08
C LEU D 275 -52.44 26.39 46.42
N GLN D 276 -51.51 26.62 45.49
CA GLN D 276 -51.58 27.77 44.56
C GLN D 276 -51.91 27.31 43.13
N TRP D 277 -52.91 27.94 42.49
CA TRP D 277 -53.30 27.68 41.09
C TRP D 277 -53.00 28.89 40.21
N LEU D 278 -52.71 28.66 38.93
CA LEU D 278 -52.38 29.71 37.95
C LEU D 278 -53.41 29.72 36.79
N ARG D 279 -53.81 30.88 36.28
CA ARG D 279 -54.65 30.98 35.06
C ARG D 279 -53.74 30.77 33.84
N ARG D 280 -54.26 30.25 32.74
CA ARG D 280 -53.41 29.98 31.54
C ARG D 280 -52.75 31.25 30.99
N ILE D 281 -53.54 32.32 30.94
CA ILE D 281 -53.02 33.68 30.83
C ILE D 281 -52.35 33.92 32.19
N GLN D 282 -51.02 33.89 32.25
CA GLN D 282 -50.31 33.81 33.54
C GLN D 282 -50.12 35.15 34.25
N ASN D 283 -51.17 35.98 34.32
CA ASN D 283 -51.14 37.24 35.09
C ASN D 283 -52.00 37.23 36.38
N TYR D 284 -52.51 36.06 36.78
CA TYR D 284 -53.42 35.91 37.92
C TYR D 284 -53.30 34.51 38.57
N SER D 285 -52.81 34.46 39.81
CA SER D 285 -52.78 33.24 40.61
C SER D 285 -53.62 33.41 41.89
N VAL D 286 -54.05 32.27 42.49
CA VAL D 286 -54.83 32.23 43.74
C VAL D 286 -54.21 31.21 44.69
N MET D 287 -53.82 31.62 45.91
CA MET D 287 -53.34 30.66 46.90
C MET D 287 -54.54 30.28 47.75
N ALA D 288 -55.04 29.04 47.59
CA ALA D 288 -56.29 28.58 48.24
C ALA D 288 -55.99 27.73 49.46
N ILE D 289 -56.20 28.29 50.65
CA ILE D 289 -55.92 27.58 51.90
C ILE D 289 -57.13 26.68 52.20
N CYS D 290 -56.85 25.37 52.32
CA CYS D 290 -57.86 24.33 52.55
C CYS D 290 -57.66 23.63 53.91
N ASP D 291 -58.73 23.55 54.70
CA ASP D 291 -58.69 22.98 56.05
C ASP D 291 -59.59 21.73 56.09
N TYR D 292 -59.26 20.77 56.96
CA TYR D 292 -60.00 19.50 57.08
C TYR D 292 -61.20 19.69 58.03
N ASP D 293 -62.36 19.11 57.67
CA ASP D 293 -63.49 18.99 58.59
C ASP D 293 -63.40 17.59 59.14
N LYS D 294 -63.01 17.49 60.41
CA LYS D 294 -62.98 16.19 61.12
C LYS D 294 -64.35 15.50 61.03
N THR D 295 -65.40 16.27 61.33
CA THR D 295 -66.80 15.79 61.34
C THR D 295 -67.23 14.99 60.12
N THR D 296 -67.19 15.61 58.92
CA THR D 296 -67.74 15.01 57.68
C THR D 296 -66.68 14.47 56.69
N LEU D 297 -65.40 14.41 57.09
CA LEU D 297 -64.33 13.87 56.24
C LEU D 297 -64.31 14.55 54.85
N VAL D 298 -64.07 15.86 54.88
CA VAL D 298 -64.07 16.71 53.69
C VAL D 298 -63.05 17.83 53.90
N TRP D 299 -62.27 18.12 52.86
CA TRP D 299 -61.43 19.32 52.85
C TRP D 299 -62.29 20.46 52.26
N ASN D 300 -62.40 21.58 53.00
CA ASN D 300 -63.15 22.77 52.56
C ASN D 300 -62.16 23.89 52.28
N CYS D 301 -62.27 24.55 51.12
CA CYS D 301 -61.40 25.68 50.79
C CYS D 301 -62.22 26.99 50.74
N PRO D 302 -62.41 27.64 51.91
CA PRO D 302 -63.37 28.75 51.91
C PRO D 302 -62.80 29.99 51.24
N THR D 303 -63.66 30.78 50.61
CA THR D 303 -63.26 32.00 49.88
C THR D 303 -62.68 33.10 50.79
N THR D 304 -63.03 33.07 52.08
CA THR D 304 -62.41 33.93 53.10
C THR D 304 -60.89 33.84 53.10
N GLN D 305 -60.36 32.63 52.87
CA GLN D 305 -58.92 32.36 53.00
C GLN D 305 -58.15 32.32 51.68
N GLU D 306 -58.81 32.60 50.55
CA GLU D 306 -58.15 32.61 49.24
C GLU D 306 -57.49 33.96 48.95
N HIS D 307 -56.17 33.96 48.73
CA HIS D 307 -55.39 35.19 48.55
C HIS D 307 -54.97 35.31 47.07
N ILE D 308 -55.20 36.49 46.46
CA ILE D 308 -54.94 36.73 45.01
C ILE D 308 -53.58 37.46 44.79
N GLU D 309 -52.79 36.94 43.84
CA GLU D 309 -51.59 37.62 43.29
C GLU D 309 -51.93 38.04 41.85
N THR D 310 -51.67 39.32 41.51
CA THR D 310 -51.88 39.85 40.15
C THR D 310 -50.66 40.67 39.74
N SER D 311 -50.19 40.50 38.51
CA SER D 311 -49.11 41.35 37.96
C SER D 311 -49.61 42.24 36.82
N ALA D 312 -49.55 43.56 37.04
CA ALA D 312 -49.88 44.53 36.00
C ALA D 312 -48.84 44.50 34.84
N THR D 313 -47.54 44.47 35.18
CA THR D 313 -46.46 44.54 34.18
C THR D 313 -46.20 43.23 33.37
N GLY D 314 -46.58 42.08 33.91
CA GLY D 314 -46.36 40.81 33.21
C GLY D 314 -46.97 39.60 33.89
N TRP D 315 -46.12 38.63 34.26
CA TRP D 315 -46.54 37.33 34.78
C TRP D 315 -46.27 37.30 36.28
N CYS D 316 -46.86 36.34 37.01
CA CYS D 316 -46.67 36.24 38.48
C CYS D 316 -45.47 35.40 38.85
N GLY D 317 -44.67 35.88 39.80
CA GLY D 317 -43.46 35.18 40.28
C GLY D 317 -42.26 35.30 39.35
N ARG D 318 -41.15 34.72 39.78
CA ARG D 318 -39.98 34.60 38.92
C ARG D 318 -40.35 33.71 37.73
N PHE D 319 -40.78 32.48 38.02
CA PHE D 319 -41.24 31.47 37.04
C PHE D 319 -42.59 30.90 37.49
N ARG D 320 -42.65 30.50 38.76
CA ARG D 320 -43.88 30.14 39.43
C ARG D 320 -44.04 31.15 40.58
N PRO D 321 -45.29 31.44 40.98
CA PRO D 321 -45.59 32.13 42.25
C PRO D 321 -44.83 31.55 43.48
N ALA D 322 -44.32 32.39 44.37
CA ALA D 322 -43.44 31.90 45.46
C ALA D 322 -44.20 31.00 46.46
N GLU D 323 -43.51 30.02 47.04
CA GLU D 323 -44.10 29.04 47.97
C GLU D 323 -44.30 29.70 49.33
N PRO D 324 -45.46 29.47 49.98
CA PRO D 324 -45.72 30.09 51.28
C PRO D 324 -45.03 29.34 52.43
N HIS D 325 -44.46 30.07 53.37
CA HIS D 325 -43.86 29.52 54.58
C HIS D 325 -44.78 29.88 55.74
N PHE D 326 -45.66 28.95 56.12
CA PHE D 326 -46.57 29.17 57.27
C PHE D 326 -45.79 29.10 58.59
N THR D 327 -46.34 29.71 59.64
CA THR D 327 -45.78 29.60 61.00
C THR D 327 -46.24 28.28 61.65
N SER D 328 -45.60 27.93 62.78
CA SER D 328 -45.98 26.72 63.54
C SER D 328 -47.45 26.82 63.93
N ASP D 329 -47.80 27.93 64.59
CA ASP D 329 -49.19 28.34 64.82
C ASP D 329 -50.14 27.94 63.68
N GLY D 330 -49.74 28.27 62.45
CA GLY D 330 -50.56 28.00 61.26
C GLY D 330 -51.45 29.16 60.84
N SER D 331 -51.50 30.25 61.63
CA SER D 331 -52.31 31.45 61.30
C SER D 331 -51.75 32.34 60.17
N SER D 332 -50.42 32.46 60.08
CA SER D 332 -49.75 33.42 59.20
C SER D 332 -48.65 32.80 58.32
N PHE D 333 -48.53 33.31 57.08
CA PHE D 333 -47.52 32.83 56.11
C PHE D 333 -46.74 33.96 55.42
N TYR D 334 -45.46 33.71 55.16
CA TYR D 334 -44.56 34.68 54.52
C TYR D 334 -44.15 34.13 53.15
N LYS D 335 -44.27 34.95 52.11
CA LYS D 335 -43.79 34.59 50.76
C LYS D 335 -43.18 35.80 50.06
N ILE D 336 -42.26 35.54 49.13
CA ILE D 336 -41.64 36.59 48.32
C ILE D 336 -42.67 36.99 47.26
N VAL D 337 -43.32 38.14 47.47
CA VAL D 337 -44.27 38.77 46.52
C VAL D 337 -43.71 40.18 46.14
N SER D 338 -44.04 40.67 44.93
CA SER D 338 -43.47 41.92 44.37
C SER D 338 -43.94 43.26 45.03
N ASP D 339 -42.99 44.19 45.15
CA ASP D 339 -43.17 45.48 45.83
C ASP D 339 -44.02 46.41 44.96
N LYS D 340 -44.46 47.51 45.56
CA LYS D 340 -45.03 48.63 44.79
C LYS D 340 -44.02 49.13 43.74
N ASP D 341 -42.74 49.21 44.15
CA ASP D 341 -41.62 49.59 43.26
C ASP D 341 -41.14 48.51 42.31
N GLY D 342 -41.49 47.25 42.56
CA GLY D 342 -41.18 46.12 41.66
C GLY D 342 -40.19 45.07 42.17
N TYR D 343 -39.53 45.32 43.30
CA TYR D 343 -38.52 44.39 43.81
C TYR D 343 -39.23 43.23 44.55
N LYS D 344 -38.78 41.98 44.37
CA LYS D 344 -39.45 40.83 44.99
C LYS D 344 -38.97 40.77 46.45
N HIS D 345 -39.86 41.07 47.42
CA HIS D 345 -39.52 41.12 48.86
C HIS D 345 -40.40 40.23 49.69
N ILE D 346 -39.88 39.72 50.80
CA ILE D 346 -40.66 38.84 51.71
C ILE D 346 -41.82 39.63 52.38
N CYS D 347 -43.02 39.00 52.39
CA CYS D 347 -44.34 39.65 52.48
C CYS D 347 -45.20 38.91 53.55
N GLN D 348 -45.45 39.48 54.73
CA GLN D 348 -46.29 38.79 55.75
C GLN D 348 -47.78 38.86 55.43
N PHE D 349 -48.49 37.72 55.51
CA PHE D 349 -49.95 37.67 55.31
C PHE D 349 -50.64 37.16 56.57
N GLN D 350 -51.97 37.01 56.51
CA GLN D 350 -52.79 36.31 57.52
C GLN D 350 -53.56 35.13 56.87
N LYS D 351 -54.06 34.18 57.67
CA LYS D 351 -54.93 33.10 57.16
C LYS D 351 -56.11 33.70 56.38
N ASP D 352 -56.86 34.59 57.05
CA ASP D 352 -58.02 35.30 56.48
C ASP D 352 -57.56 36.56 55.72
N ARG D 353 -58.09 36.72 54.50
CA ARG D 353 -57.87 37.92 53.68
C ARG D 353 -58.81 39.03 54.14
N LYS D 354 -58.31 40.27 54.14
CA LYS D 354 -59.10 41.50 54.39
C LYS D 354 -58.76 42.48 53.26
N PRO D 355 -59.61 43.52 53.03
CA PRO D 355 -59.51 44.37 51.83
C PRO D 355 -58.33 45.39 51.73
N GLU D 356 -58.03 46.09 52.82
CA GLU D 356 -57.28 47.38 52.82
C GLU D 356 -55.82 47.43 52.31
N GLN D 357 -54.96 46.59 52.89
CA GLN D 357 -53.53 46.50 52.48
C GLN D 357 -53.13 45.05 52.72
N VAL D 358 -53.17 44.25 51.66
CA VAL D 358 -53.21 42.78 51.82
C VAL D 358 -51.91 42.23 52.42
N CYS D 359 -50.78 42.85 52.08
CA CYS D 359 -49.49 42.39 52.56
C CYS D 359 -48.81 43.49 53.39
N THR D 360 -48.30 43.12 54.57
CA THR D 360 -47.29 43.90 55.31
C THR D 360 -45.89 43.32 55.04
N PHE D 361 -45.03 44.06 54.35
CA PHE D 361 -43.68 43.59 53.93
C PHE D 361 -42.73 43.67 55.13
N ILE D 362 -41.73 42.79 55.19
CA ILE D 362 -40.69 42.88 56.27
C ILE D 362 -39.26 43.27 55.73
N THR D 363 -39.16 43.46 54.40
CA THR D 363 -37.92 43.89 53.72
C THR D 363 -38.23 44.92 52.59
N LYS D 364 -37.27 45.80 52.31
CA LYS D 364 -37.35 46.80 51.22
C LYS D 364 -35.96 47.15 50.66
N GLY D 365 -35.92 47.84 49.53
CA GLY D 365 -34.68 48.30 48.90
C GLY D 365 -34.49 47.84 47.47
N ALA D 366 -33.38 48.26 46.83
CA ALA D 366 -33.06 47.93 45.43
C ALA D 366 -32.28 46.62 45.34
N TRP D 367 -32.96 45.53 45.66
CA TRP D 367 -32.36 44.21 45.80
C TRP D 367 -33.50 43.21 46.09
N GLU D 368 -33.52 42.03 45.48
CA GLU D 368 -34.60 41.07 45.73
C GLU D 368 -34.20 40.00 46.74
N VAL D 369 -35.15 39.57 47.56
CA VAL D 369 -35.00 38.36 48.37
C VAL D 369 -35.09 37.18 47.40
N ILE D 370 -34.09 36.31 47.40
CA ILE D 370 -34.00 35.18 46.43
C ILE D 370 -34.86 33.98 46.87
N SER D 371 -34.82 33.66 48.16
CA SER D 371 -35.53 32.50 48.73
C SER D 371 -35.70 32.61 50.26
N ILE D 372 -36.92 32.40 50.76
CA ILE D 372 -37.10 32.17 52.20
C ILE D 372 -36.47 30.80 52.43
N GLU D 373 -35.50 30.72 53.33
CA GLU D 373 -34.73 29.50 53.56
C GLU D 373 -35.10 28.66 54.82
N ALA D 374 -35.53 29.29 55.91
CA ALA D 374 -36.00 28.59 57.12
C ALA D 374 -36.79 29.50 58.06
N LEU D 375 -37.93 29.03 58.58
CA LEU D 375 -38.82 29.82 59.46
C LEU D 375 -38.90 29.28 60.90
N THR D 376 -38.32 30.01 61.86
CA THR D 376 -38.39 29.68 63.30
C THR D 376 -39.43 30.58 64.02
N SER D 377 -39.67 30.32 65.31
CA SER D 377 -40.69 31.09 66.07
C SER D 377 -40.40 32.61 66.16
N ASP D 378 -39.10 32.95 66.18
CA ASP D 378 -38.62 34.32 66.44
C ASP D 378 -37.84 34.99 65.30
N TYR D 379 -37.39 34.21 64.32
CA TYR D 379 -36.53 34.71 63.22
C TYR D 379 -36.94 34.11 61.86
N LEU D 380 -36.26 34.56 60.80
CA LEU D 380 -36.51 34.10 59.43
C LEU D 380 -35.17 34.16 58.65
N TYR D 381 -34.67 32.98 58.27
CA TYR D 381 -33.41 32.85 57.51
C TYR D 381 -33.81 32.96 56.02
N TYR D 382 -33.10 33.79 55.25
CA TYR D 382 -33.37 33.97 53.81
C TYR D 382 -32.13 34.43 53.03
N ILE D 383 -31.96 33.93 51.81
CA ILE D 383 -30.86 34.37 50.93
C ILE D 383 -31.28 35.64 50.15
N SER D 384 -30.37 36.61 49.97
CA SER D 384 -30.64 37.82 49.14
C SER D 384 -29.37 38.41 48.52
N ASN D 385 -29.57 39.29 47.53
CA ASN D 385 -28.46 39.86 46.74
C ASN D 385 -28.11 41.32 47.13
N GLU D 386 -28.15 41.63 48.43
CA GLU D 386 -28.00 43.00 48.96
C GLU D 386 -26.56 43.45 49.23
N TYR D 387 -25.67 42.55 49.62
CA TYR D 387 -24.31 42.96 49.99
C TYR D 387 -23.65 43.73 48.86
N LYS D 388 -23.29 44.98 49.14
CA LYS D 388 -22.57 45.83 48.21
C LYS D 388 -23.27 45.95 46.83
N GLU D 389 -24.62 45.92 46.88
CA GLU D 389 -25.49 46.12 45.72
C GLU D 389 -25.12 45.28 44.51
N MET D 390 -24.82 44.00 44.74
CA MET D 390 -24.45 43.05 43.66
C MET D 390 -25.60 42.05 43.44
N PRO D 391 -26.35 42.19 42.32
CA PRO D 391 -27.38 41.23 41.97
C PRO D 391 -26.88 39.79 41.76
N GLY D 392 -25.60 39.61 41.40
CA GLY D 392 -25.02 38.28 41.20
C GLY D 392 -24.22 37.72 42.37
N GLY D 393 -24.60 38.11 43.59
CA GLY D 393 -24.02 37.57 44.81
C GLY D 393 -25.15 37.11 45.69
N ARG D 394 -24.83 36.24 46.63
CA ARG D 394 -25.81 35.69 47.54
C ARG D 394 -25.19 35.60 48.92
N ASN D 395 -25.85 36.20 49.90
CA ASN D 395 -25.41 36.15 51.28
C ASN D 395 -26.66 35.76 52.07
N LEU D 396 -26.48 35.07 53.19
CA LEU D 396 -27.58 34.58 54.02
C LEU D 396 -27.92 35.62 55.07
N TYR D 397 -29.19 36.02 55.16
CA TYR D 397 -29.63 37.04 56.13
C TYR D 397 -30.62 36.45 57.19
N LYS D 398 -30.61 37.08 58.38
CA LYS D 398 -31.49 36.74 59.52
C LYS D 398 -32.28 38.03 59.83
N ILE D 399 -33.61 37.93 59.91
CA ILE D 399 -34.51 39.05 60.26
C ILE D 399 -35.34 38.59 61.46
N GLN D 400 -35.55 39.46 62.47
CA GLN D 400 -36.39 39.17 63.67
C GLN D 400 -37.87 39.51 63.43
N LEU D 401 -38.79 38.57 63.68
CA LEU D 401 -40.20 38.83 63.42
C LEU D 401 -40.75 39.98 64.28
N THR D 402 -40.37 40.01 65.55
CA THR D 402 -40.84 41.07 66.44
C THR D 402 -40.39 42.48 65.98
N ASP D 403 -39.13 42.62 65.58
CA ASP D 403 -38.53 43.92 65.18
C ASP D 403 -37.77 43.79 63.84
N HIS D 404 -38.29 44.42 62.78
CA HIS D 404 -37.67 44.30 61.45
C HIS D 404 -36.38 45.13 61.26
N THR D 405 -35.93 45.85 62.30
CA THR D 405 -34.62 46.57 62.28
C THR D 405 -33.41 45.63 62.33
N ASN D 406 -33.61 44.48 63.00
CA ASN D 406 -32.55 43.48 63.21
C ASN D 406 -32.27 42.58 61.98
N LYS D 407 -31.76 43.17 60.90
CA LYS D 407 -31.40 42.43 59.69
C LYS D 407 -29.88 42.21 59.70
N LYS D 408 -29.44 41.01 60.08
CA LYS D 408 -27.99 40.68 60.22
C LYS D 408 -27.50 39.74 59.13
N CYS D 409 -26.31 40.00 58.60
CA CYS D 409 -25.73 39.18 57.56
C CYS D 409 -24.77 38.15 58.16
N LEU D 410 -25.16 36.87 58.10
CA LEU D 410 -24.39 35.78 58.72
C LEU D 410 -23.14 35.40 57.93
N SER D 411 -23.12 35.74 56.64
CA SER D 411 -22.11 35.27 55.71
C SER D 411 -21.27 36.35 54.98
N CYS D 412 -21.65 37.63 55.11
CA CYS D 412 -20.95 38.73 54.42
C CYS D 412 -19.51 38.84 54.87
N ASP D 413 -19.32 39.09 56.18
CA ASP D 413 -18.02 39.42 56.77
C ASP D 413 -17.00 38.28 56.78
N LEU D 414 -17.47 37.04 56.70
CA LEU D 414 -16.67 35.85 57.01
C LEU D 414 -15.39 35.75 56.19
N ASN D 415 -15.53 35.88 54.88
CA ASN D 415 -14.40 35.92 53.97
C ASN D 415 -14.80 36.71 52.71
N PRO D 416 -14.88 38.05 52.84
CA PRO D 416 -15.38 38.86 51.71
C PRO D 416 -14.63 38.64 50.37
N GLU D 417 -13.30 38.49 50.42
CA GLU D 417 -12.51 38.35 49.18
C GLU D 417 -12.69 37.01 48.47
N ARG D 418 -12.70 35.90 49.22
CA ARG D 418 -12.93 34.55 48.65
C ARG D 418 -14.42 34.16 48.51
N CYS D 419 -15.36 34.89 49.15
CA CYS D 419 -16.75 34.41 49.31
C CYS D 419 -17.91 35.44 49.25
N GLN D 420 -18.63 35.43 48.12
CA GLN D 420 -19.78 36.33 47.92
C GLN D 420 -21.04 35.66 47.33
N TYR D 421 -20.94 34.38 46.97
CA TYR D 421 -22.06 33.57 46.50
C TYR D 421 -22.21 32.41 47.47
N TYR D 422 -23.12 32.56 48.42
CA TYR D 422 -23.41 31.52 49.39
C TYR D 422 -24.70 30.72 49.08
N SER D 423 -24.71 29.49 49.57
CA SER D 423 -25.92 28.69 49.73
C SER D 423 -25.90 28.15 51.15
N VAL D 424 -26.98 27.47 51.51
CA VAL D 424 -27.33 27.31 52.91
C VAL D 424 -28.20 26.07 53.08
N SER D 425 -27.78 25.19 53.98
CA SER D 425 -28.61 24.07 54.43
C SER D 425 -28.73 24.08 55.96
N LEU D 426 -29.83 24.67 56.46
CA LEU D 426 -30.14 24.72 57.89
C LEU D 426 -30.80 23.40 58.32
N SER D 427 -30.68 23.04 59.60
CA SER D 427 -31.20 21.78 60.14
C SER D 427 -32.70 21.92 60.42
N LYS D 428 -33.36 20.86 60.88
CA LYS D 428 -34.84 20.82 60.83
C LYS D 428 -35.62 21.85 61.68
N GLU D 429 -35.06 22.33 62.79
CA GLU D 429 -35.60 23.52 63.50
C GLU D 429 -34.51 24.61 63.65
N ALA D 430 -33.63 24.70 62.64
CA ALA D 430 -32.61 25.75 62.50
C ALA D 430 -31.75 25.96 63.73
N LYS D 431 -31.31 24.86 64.33
CA LYS D 431 -30.36 24.91 65.42
C LYS D 431 -28.94 25.14 64.88
N TYR D 432 -28.64 24.53 63.72
CA TYR D 432 -27.32 24.63 63.04
C TYR D 432 -27.52 24.85 61.54
N TYR D 433 -26.43 25.02 60.82
CA TYR D 433 -26.51 25.12 59.36
C TYR D 433 -25.17 24.91 58.68
N GLN D 434 -25.23 24.34 57.49
CA GLN D 434 -24.09 24.29 56.61
C GLN D 434 -24.04 25.56 55.78
N LEU D 435 -22.82 26.07 55.58
CA LEU D 435 -22.57 27.15 54.64
C LEU D 435 -21.83 26.56 53.48
N GLY D 436 -22.26 26.91 52.28
CA GLY D 436 -21.54 26.53 51.06
C GLY D 436 -21.20 27.80 50.32
N CYS D 437 -19.91 28.11 50.22
CA CYS D 437 -19.45 29.26 49.46
C CYS D 437 -19.20 28.79 48.04
N ARG D 438 -19.94 29.36 47.09
CA ARG D 438 -19.88 28.93 45.71
C ARG D 438 -18.90 29.71 44.86
N GLY D 439 -18.29 30.77 45.41
CA GLY D 439 -17.26 31.52 44.67
C GLY D 439 -17.06 32.96 45.11
N PRO D 440 -16.15 33.70 44.45
CA PRO D 440 -15.41 33.25 43.25
C PRO D 440 -14.10 32.52 43.52
N GLY D 441 -13.65 32.49 44.78
CA GLY D 441 -12.54 31.62 45.17
C GLY D 441 -13.01 30.18 45.27
N LEU D 442 -12.07 29.24 45.32
CA LEU D 442 -12.40 27.82 45.30
C LEU D 442 -13.41 27.52 46.40
N PRO D 443 -14.52 26.83 46.08
CA PRO D 443 -15.60 26.59 47.06
C PRO D 443 -15.17 26.03 48.42
N LEU D 444 -15.68 26.66 49.47
CA LEU D 444 -15.38 26.35 50.88
C LEU D 444 -16.70 26.02 51.58
N TYR D 445 -16.79 24.86 52.24
CA TYR D 445 -18.02 24.42 52.89
C TYR D 445 -17.84 24.34 54.41
N THR D 446 -18.76 24.97 55.16
CA THR D 446 -18.62 25.24 56.63
C THR D 446 -19.89 24.83 57.46
N LEU D 447 -19.69 24.28 58.68
CA LEU D 447 -20.78 23.92 59.63
C LEU D 447 -20.92 25.02 60.71
N HIS D 448 -22.15 25.48 60.98
CA HIS D 448 -22.44 26.65 61.89
C HIS D 448 -23.56 26.37 62.93
N ARG D 449 -23.54 27.08 64.07
CA ARG D 449 -24.58 27.01 65.13
C ARG D 449 -25.47 28.27 65.05
N SER D 450 -26.79 28.14 65.02
CA SER D 450 -27.65 29.30 64.71
C SER D 450 -27.65 30.44 65.74
N THR D 451 -27.68 30.09 67.04
CA THR D 451 -27.76 31.10 68.11
C THR D 451 -26.54 32.06 68.18
N ASP D 452 -25.33 31.50 68.15
CA ASP D 452 -24.07 32.24 67.98
C ASP D 452 -23.41 31.70 66.72
N GLN D 453 -23.22 32.52 65.70
CA GLN D 453 -22.83 32.00 64.38
C GLN D 453 -21.34 31.58 64.31
N LYS D 454 -20.97 30.54 65.08
CA LYS D 454 -19.58 30.10 65.24
C LYS D 454 -19.30 28.93 64.32
N GLU D 455 -18.10 28.90 63.73
CA GLU D 455 -17.68 27.80 62.85
C GLU D 455 -17.26 26.59 63.69
N LEU D 456 -18.08 25.55 63.68
CA LEU D 456 -17.78 24.31 64.42
C LEU D 456 -16.71 23.48 63.72
N ARG D 457 -16.74 23.46 62.38
CA ARG D 457 -15.75 22.73 61.58
C ARG D 457 -15.75 23.18 60.12
N VAL D 458 -14.66 22.87 59.41
CA VAL D 458 -14.52 23.19 57.99
C VAL D 458 -14.70 21.86 57.23
N LEU D 459 -15.87 21.70 56.59
CA LEU D 459 -16.27 20.38 56.01
C LEU D 459 -15.52 20.04 54.71
N GLU D 460 -15.30 21.03 53.87
CA GLU D 460 -14.48 20.87 52.67
C GLU D 460 -13.98 22.23 52.25
N ASP D 461 -12.68 22.46 52.34
CA ASP D 461 -12.06 23.71 51.85
C ASP D 461 -11.29 23.55 50.52
N ASN D 462 -11.42 22.41 49.83
CA ASN D 462 -10.75 22.17 48.53
C ASN D 462 -9.23 22.48 48.52
N SER D 463 -8.57 22.08 49.59
CA SER D 463 -7.12 22.19 49.67
C SER D 463 -6.45 21.37 48.57
N ALA D 464 -7.00 20.18 48.27
CA ALA D 464 -6.43 19.29 47.25
C ALA D 464 -6.45 19.93 45.85
N LEU D 465 -7.58 20.53 45.48
CA LEU D 465 -7.66 21.26 44.22
C LEU D 465 -6.66 22.42 44.24
N ASP D 466 -6.57 23.14 45.37
CA ASP D 466 -5.67 24.30 45.52
C ASP D 466 -4.22 23.99 45.09
N LYS D 467 -3.67 22.88 45.60
CA LYS D 467 -2.29 22.45 45.25
C LYS D 467 -2.10 22.10 43.76
N MET D 468 -3.09 21.47 43.12
CA MET D 468 -2.98 21.12 41.69
C MET D 468 -2.97 22.35 40.77
N LEU D 469 -3.77 23.37 41.09
CA LEU D 469 -3.84 24.57 40.26
C LEU D 469 -2.62 25.50 40.34
N GLN D 470 -1.75 25.31 41.33
CA GLN D 470 -0.55 26.14 41.45
C GLN D 470 0.28 26.07 40.16
N ASP D 471 0.49 24.86 39.63
CA ASP D 471 1.17 24.69 38.34
C ASP D 471 0.40 25.40 37.21
N VAL D 472 -0.92 25.18 37.20
CA VAL D 472 -1.78 25.60 36.08
C VAL D 472 -1.78 27.13 35.98
N GLN D 473 -1.73 27.64 34.75
CA GLN D 473 -1.78 29.07 34.46
C GLN D 473 -3.24 29.44 34.19
N MET D 474 -3.96 29.69 35.30
CA MET D 474 -5.42 29.84 35.31
C MET D 474 -5.86 31.23 34.85
N PRO D 475 -7.09 31.33 34.33
CA PRO D 475 -7.66 32.64 34.01
C PRO D 475 -8.31 33.32 35.20
N SER D 476 -8.47 34.64 35.12
CA SER D 476 -9.19 35.45 36.12
C SER D 476 -10.63 35.72 35.71
N LYS D 477 -11.43 36.23 36.64
CA LYS D 477 -12.85 36.52 36.40
C LYS D 477 -13.27 37.88 36.94
N LYS D 478 -13.78 38.74 36.06
CA LYS D 478 -14.31 40.06 36.44
C LYS D 478 -15.83 40.03 36.47
N LEU D 479 -16.43 40.66 37.48
CA LEU D 479 -17.87 40.87 37.57
C LEU D 479 -18.14 42.34 37.84
N ASP D 480 -18.47 43.09 36.81
CA ASP D 480 -18.82 44.51 36.96
C ASP D 480 -20.10 44.84 36.16
N PHE D 481 -20.34 46.13 35.87
CA PHE D 481 -21.55 46.59 35.14
C PHE D 481 -21.26 47.77 34.19
N ILE D 482 -22.27 48.12 33.38
CA ILE D 482 -22.27 49.26 32.45
C ILE D 482 -23.50 50.12 32.76
N VAL D 483 -23.39 51.45 32.56
CA VAL D 483 -24.56 52.35 32.65
C VAL D 483 -25.11 52.57 31.23
N LEU D 484 -26.31 52.06 30.96
CA LEU D 484 -27.05 52.33 29.72
C LEU D 484 -28.41 52.92 30.11
N ASN D 485 -28.79 54.06 29.52
CA ASN D 485 -30.06 54.76 29.85
C ASN D 485 -30.27 55.01 31.37
N GLU D 486 -29.17 55.27 32.08
CA GLU D 486 -29.14 55.41 33.56
C GLU D 486 -29.55 54.18 34.41
N THR D 487 -29.69 53.01 33.78
CA THR D 487 -30.09 51.76 34.44
C THR D 487 -28.80 50.92 34.53
N ARG D 488 -28.53 50.35 35.71
CA ARG D 488 -27.31 49.54 35.92
C ARG D 488 -27.54 48.12 35.33
N PHE D 489 -26.66 47.67 34.41
CA PHE D 489 -26.70 46.31 33.78
C PHE D 489 -25.39 45.52 33.98
N TRP D 490 -25.45 44.38 34.67
CA TRP D 490 -24.23 43.63 35.09
C TRP D 490 -23.73 42.66 34.02
N TYR D 491 -22.42 42.38 34.04
CA TYR D 491 -21.76 41.46 33.10
C TYR D 491 -20.59 40.79 33.81
N GLN D 492 -20.18 39.64 33.30
CA GLN D 492 -18.96 38.99 33.76
C GLN D 492 -18.06 38.67 32.58
N MET D 493 -16.75 38.67 32.81
CA MET D 493 -15.76 38.32 31.78
C MET D 493 -14.83 37.27 32.36
N ILE D 494 -14.38 36.35 31.52
CA ILE D 494 -13.36 35.38 31.89
C ILE D 494 -12.13 35.74 31.07
N LEU D 495 -11.10 36.24 31.74
CA LEU D 495 -9.93 36.81 31.06
C LEU D 495 -8.82 35.76 30.91
N PRO D 496 -8.14 35.74 29.75
CA PRO D 496 -6.92 34.91 29.62
C PRO D 496 -5.81 35.27 30.63
N PRO D 497 -4.94 34.29 30.99
CA PRO D 497 -3.95 34.52 32.04
C PRO D 497 -2.91 35.60 31.70
N HIS D 498 -2.36 36.23 32.76
CA HIS D 498 -1.59 37.46 32.65
C HIS D 498 -2.31 38.37 31.63
N PHE D 499 -3.53 38.77 31.99
CA PHE D 499 -4.36 39.56 31.08
C PHE D 499 -3.74 40.94 30.80
N ASP D 500 -3.69 41.30 29.52
CA ASP D 500 -3.09 42.56 29.05
C ASP D 500 -4.15 43.44 28.37
N LYS D 501 -4.36 44.64 28.90
CA LYS D 501 -5.32 45.61 28.35
C LYS D 501 -4.85 46.30 27.04
N SER D 502 -3.53 46.40 26.84
CA SER D 502 -2.96 47.04 25.62
C SER D 502 -3.15 46.15 24.38
N LYS D 503 -2.87 44.85 24.51
CA LYS D 503 -3.07 43.90 23.40
C LYS D 503 -4.56 43.70 23.16
N LYS D 504 -4.90 43.29 21.93
CA LYS D 504 -6.29 43.06 21.52
C LYS D 504 -6.57 41.56 21.30
N TYR D 505 -7.53 41.03 22.06
CA TYR D 505 -7.80 39.60 22.13
C TYR D 505 -9.17 39.32 21.52
N PRO D 506 -9.37 38.10 20.97
CA PRO D 506 -10.70 37.74 20.45
C PRO D 506 -11.75 37.59 21.58
N LEU D 507 -13.02 37.87 21.27
CA LEU D 507 -14.10 37.93 22.27
C LEU D 507 -15.17 36.92 21.92
N LEU D 508 -15.47 35.97 22.81
CA LEU D 508 -16.66 35.11 22.70
C LEU D 508 -17.73 35.58 23.67
N ILE D 509 -18.94 35.85 23.17
CA ILE D 509 -20.10 36.10 24.02
C ILE D 509 -20.81 34.78 24.33
N ASP D 510 -20.90 34.44 25.62
CA ASP D 510 -21.72 33.33 26.11
C ASP D 510 -23.08 33.86 26.60
N VAL D 511 -24.13 33.56 25.85
CA VAL D 511 -25.46 34.12 26.10
C VAL D 511 -26.48 33.04 26.43
N TYR D 512 -27.32 33.33 27.43
CA TYR D 512 -28.59 32.65 27.62
C TYR D 512 -29.70 33.68 27.41
N ALA D 513 -29.78 34.68 28.29
CA ALA D 513 -30.73 35.82 28.20
C ALA D 513 -32.25 35.47 28.17
N GLY D 514 -32.61 34.36 28.79
CA GLY D 514 -34.00 34.00 28.95
C GLY D 514 -34.61 34.90 30.00
N PRO D 515 -35.95 35.06 29.97
CA PRO D 515 -36.66 35.77 31.03
C PRO D 515 -36.24 35.28 32.38
N CYS D 516 -35.98 36.24 33.27
CA CYS D 516 -35.63 36.01 34.68
C CYS D 516 -34.35 35.23 34.87
N SER D 517 -33.42 35.32 33.92
CA SER D 517 -32.15 34.63 34.02
C SER D 517 -31.08 35.59 34.54
N GLN D 518 -29.98 35.01 35.03
CA GLN D 518 -28.82 35.74 35.52
C GLN D 518 -27.53 35.02 35.13
N LYS D 519 -26.99 35.38 33.97
CA LYS D 519 -25.74 34.78 33.47
C LYS D 519 -24.47 35.52 33.89
N ALA D 520 -24.55 36.36 34.93
CA ALA D 520 -23.38 37.08 35.45
C ALA D 520 -23.37 37.04 36.97
N ASP D 521 -22.42 36.29 37.53
CA ASP D 521 -22.45 35.95 38.95
C ASP D 521 -21.08 35.89 39.60
N ALA D 522 -21.09 35.75 40.92
CA ALA D 522 -19.86 35.61 41.68
C ALA D 522 -19.25 34.21 41.55
N ALA D 523 -20.09 33.17 41.53
CA ALA D 523 -19.62 31.77 41.66
C ALA D 523 -18.42 31.29 40.79
N PHE D 524 -17.65 30.34 41.33
CA PHE D 524 -16.48 29.73 40.67
C PHE D 524 -16.92 28.54 39.82
N ARG D 525 -16.26 28.38 38.67
CA ARG D 525 -16.57 27.35 37.69
C ARG D 525 -15.33 26.95 36.89
N LEU D 526 -15.21 25.66 36.61
CA LEU D 526 -14.26 25.13 35.64
C LEU D 526 -15.07 24.50 34.52
N ASN D 527 -15.01 25.11 33.34
CA ASN D 527 -15.91 24.76 32.21
C ASN D 527 -15.23 24.94 30.82
N TRP D 528 -16.03 25.13 29.77
CA TRP D 528 -15.50 25.42 28.43
C TRP D 528 -14.82 26.78 28.33
N ALA D 529 -15.29 27.76 29.08
CA ALA D 529 -14.66 29.09 29.07
C ALA D 529 -13.25 29.05 29.64
N THR D 530 -13.08 28.35 30.75
CA THR D 530 -11.77 28.24 31.38
C THR D 530 -10.70 27.70 30.40
N TYR D 531 -11.03 26.68 29.60
CA TYR D 531 -10.11 26.23 28.53
C TYR D 531 -9.92 27.32 27.47
N LEU D 532 -11.02 27.90 26.98
CA LEU D 532 -10.93 28.92 25.93
C LEU D 532 -10.09 30.09 26.38
N ALA D 533 -10.20 30.43 27.65
CA ALA D 533 -9.46 31.57 28.22
C ALA D 533 -8.00 31.25 28.41
N SER D 534 -7.71 30.08 28.96
CA SER D 534 -6.36 29.70 29.35
C SER D 534 -5.48 29.34 28.16
N THR D 535 -5.93 28.35 27.39
CA THR D 535 -5.14 27.77 26.30
C THR D 535 -5.24 28.62 25.03
N GLU D 536 -6.48 28.92 24.61
CA GLU D 536 -6.74 29.64 23.33
C GLU D 536 -6.78 31.18 23.44
N ASN D 537 -6.77 31.73 24.65
CA ASN D 537 -6.72 33.19 24.88
C ASN D 537 -7.86 33.94 24.21
N ILE D 538 -9.07 33.66 24.68
CA ILE D 538 -10.31 34.24 24.17
C ILE D 538 -11.11 34.78 25.35
N ILE D 539 -11.47 36.06 25.35
CA ILE D 539 -12.29 36.57 26.45
C ILE D 539 -13.66 35.96 26.25
N VAL D 540 -14.23 35.45 27.32
CA VAL D 540 -15.58 34.92 27.28
C VAL D 540 -16.39 35.76 28.24
N ALA D 541 -17.42 36.43 27.70
CA ALA D 541 -18.21 37.39 28.45
C ALA D 541 -19.69 37.10 28.34
N SER D 542 -20.44 37.47 29.37
CA SER D 542 -21.89 37.32 29.40
C SER D 542 -22.48 38.63 29.94
N PHE D 543 -23.73 38.93 29.57
CA PHE D 543 -24.35 40.21 29.89
C PHE D 543 -25.81 40.03 30.21
N ASP D 544 -26.21 40.35 31.45
CA ASP D 544 -27.61 40.34 31.87
C ASP D 544 -28.25 41.64 31.43
N GLY D 545 -29.05 41.59 30.37
CA GLY D 545 -29.72 42.77 29.80
C GLY D 545 -31.15 42.92 30.28
N ARG D 546 -32.02 43.44 29.42
CA ARG D 546 -33.45 43.60 29.74
C ARG D 546 -34.10 42.23 29.60
N GLY D 547 -35.09 41.97 30.44
CA GLY D 547 -35.64 40.62 30.58
C GLY D 547 -34.98 39.81 31.68
N SER D 548 -33.78 40.21 32.14
CA SER D 548 -33.05 39.52 33.23
C SER D 548 -33.74 39.56 34.59
N GLY D 549 -33.25 38.74 35.52
CA GLY D 549 -33.90 38.53 36.82
C GLY D 549 -33.06 38.93 38.01
N TYR D 550 -33.74 38.98 39.16
CA TYR D 550 -33.13 39.32 40.46
C TYR D 550 -32.75 40.81 40.64
N GLN D 551 -33.30 41.68 39.77
CA GLN D 551 -33.02 43.12 39.74
C GLN D 551 -34.27 44.01 39.68
N GLY D 552 -35.46 43.48 40.00
CA GLY D 552 -36.74 44.22 39.92
C GLY D 552 -37.55 43.85 38.69
N ASP D 553 -38.87 44.01 38.76
CA ASP D 553 -39.78 43.72 37.62
C ASP D 553 -39.66 44.73 36.46
N LYS D 554 -39.18 45.94 36.74
CA LYS D 554 -38.91 46.92 35.68
C LYS D 554 -37.93 46.29 34.69
N ILE D 555 -36.80 45.79 35.19
CA ILE D 555 -35.81 45.15 34.33
C ILE D 555 -36.28 43.79 33.77
N MET D 556 -37.11 43.04 34.51
CA MET D 556 -37.57 41.67 34.06
C MET D 556 -38.79 41.64 33.09
N HIS D 557 -39.83 42.46 33.36
CA HIS D 557 -40.99 42.55 32.48
C HIS D 557 -40.81 43.53 31.31
N ALA D 558 -39.57 43.96 31.02
CA ALA D 558 -39.30 44.71 29.80
C ALA D 558 -39.75 43.87 28.61
N ILE D 559 -39.19 42.67 28.51
CA ILE D 559 -39.52 41.74 27.42
C ILE D 559 -40.98 41.21 27.40
N ASN D 560 -41.81 41.56 28.39
CA ASN D 560 -43.18 41.00 28.45
C ASN D 560 -43.95 41.21 27.16
N LYS D 561 -44.48 40.12 26.61
CA LYS D 561 -45.22 40.08 25.33
C LYS D 561 -44.40 40.44 24.10
N ARG D 562 -43.07 40.56 24.25
CA ARG D 562 -42.15 40.99 23.17
C ARG D 562 -40.85 40.19 23.25
N LEU D 563 -40.91 38.86 23.10
CA LEU D 563 -39.67 38.07 23.15
C LEU D 563 -38.92 38.21 21.85
N GLY D 564 -37.61 38.05 21.95
CA GLY D 564 -36.72 38.18 20.82
C GLY D 564 -36.50 39.60 20.33
N THR D 565 -36.71 40.58 21.21
CA THR D 565 -36.48 41.99 20.86
C THR D 565 -35.40 42.60 21.75
N LEU D 566 -35.76 43.09 22.94
CA LEU D 566 -34.84 43.89 23.75
C LEU D 566 -33.63 43.09 24.27
N GLU D 567 -33.84 41.84 24.69
CA GLU D 567 -32.73 41.00 25.19
C GLU D 567 -31.64 40.78 24.16
N VAL D 568 -32.03 40.61 22.89
CA VAL D 568 -31.05 40.42 21.81
C VAL D 568 -30.35 41.75 21.49
N GLU D 569 -31.12 42.83 21.44
CA GLU D 569 -30.54 44.14 21.19
C GLU D 569 -29.60 44.51 22.35
N ASP D 570 -30.03 44.25 23.58
CA ASP D 570 -29.17 44.43 24.77
C ASP D 570 -27.85 43.64 24.64
N GLN D 571 -27.91 42.41 24.14
CA GLN D 571 -26.70 41.59 23.97
C GLN D 571 -25.77 42.15 22.88
N ILE D 572 -26.36 42.60 21.78
CA ILE D 572 -25.62 43.24 20.68
C ILE D 572 -24.82 44.43 21.18
N GLU D 573 -25.41 45.27 22.04
CA GLU D 573 -24.69 46.40 22.62
C GLU D 573 -23.63 45.96 23.63
N ALA D 574 -23.94 44.98 24.46
CA ALA D 574 -22.94 44.41 25.38
C ALA D 574 -21.59 44.25 24.69
N ALA D 575 -21.60 43.66 23.49
CA ALA D 575 -20.41 43.49 22.69
C ALA D 575 -19.81 44.84 22.30
N ARG D 576 -20.64 45.77 21.82
CA ARG D 576 -20.15 47.13 21.50
C ARG D 576 -19.47 47.78 22.70
N GLN D 577 -20.15 47.79 23.85
CA GLN D 577 -19.55 48.34 25.08
C GLN D 577 -18.28 47.61 25.52
N PHE D 578 -18.09 46.35 25.09
CA PHE D 578 -16.80 45.69 25.25
C PHE D 578 -15.78 46.14 24.19
N LEU D 579 -16.22 46.53 22.98
CA LEU D 579 -15.29 47.11 21.96
C LEU D 579 -14.70 48.46 22.40
N LYS D 580 -15.53 49.34 22.98
CA LYS D 580 -15.04 50.62 23.48
C LYS D 580 -14.03 50.48 24.66
N MET D 581 -14.09 49.35 25.39
CA MET D 581 -13.11 49.06 26.45
C MET D 581 -11.67 48.94 25.94
N GLY D 582 -11.50 48.65 24.65
CA GLY D 582 -10.21 48.80 23.96
C GLY D 582 -9.36 47.54 23.80
N PHE D 583 -9.59 46.54 24.65
CA PHE D 583 -8.80 45.28 24.62
C PHE D 583 -9.41 44.14 23.77
N VAL D 584 -10.36 44.48 22.89
CA VAL D 584 -11.08 43.51 22.02
C VAL D 584 -10.77 43.77 20.56
N ASP D 585 -10.34 42.74 19.84
CA ASP D 585 -10.18 42.85 18.40
C ASP D 585 -11.57 42.86 17.78
N SER D 586 -11.93 43.93 17.08
CA SER D 586 -13.26 44.05 16.44
C SER D 586 -13.51 43.04 15.28
N LYS D 587 -12.43 42.42 14.77
CA LYS D 587 -12.49 41.40 13.70
C LYS D 587 -12.76 39.94 14.19
N ARG D 588 -12.74 39.72 15.51
CA ARG D 588 -12.89 38.38 16.09
C ARG D 588 -13.87 38.36 17.26
N VAL D 589 -15.07 38.91 17.04
CA VAL D 589 -16.19 38.83 17.98
C VAL D 589 -17.09 37.65 17.53
N ALA D 590 -17.27 36.67 18.42
CA ALA D 590 -18.20 35.55 18.21
C ALA D 590 -19.26 35.56 19.30
N ILE D 591 -20.29 34.77 19.11
CA ILE D 591 -21.36 34.64 20.10
C ILE D 591 -21.88 33.18 20.06
N TRP D 592 -22.28 32.66 21.22
CA TRP D 592 -22.80 31.30 21.28
C TRP D 592 -23.78 31.12 22.39
N GLY D 593 -24.65 30.13 22.23
CA GLY D 593 -25.68 29.85 23.23
C GLY D 593 -26.36 28.51 23.06
N TRP D 594 -26.86 27.99 24.18
CA TRP D 594 -27.56 26.71 24.25
C TRP D 594 -29.01 27.01 24.58
N SER D 595 -29.93 26.36 23.84
CA SER D 595 -31.37 26.47 24.06
C SER D 595 -31.89 27.90 23.82
N TYR D 596 -32.40 28.59 24.85
CA TYR D 596 -32.83 29.99 24.69
C TYR D 596 -31.66 30.88 24.25
N GLY D 597 -30.49 30.60 24.78
CA GLY D 597 -29.28 31.29 24.33
C GLY D 597 -29.03 31.13 22.84
N GLY D 598 -29.28 29.92 22.34
CA GLY D 598 -29.13 29.59 20.92
C GLY D 598 -30.07 30.37 20.02
N TYR D 599 -31.30 30.57 20.52
CA TYR D 599 -32.27 31.46 19.91
C TYR D 599 -31.71 32.87 19.83
N VAL D 600 -31.19 33.39 20.94
CA VAL D 600 -30.60 34.72 20.94
C VAL D 600 -29.35 34.75 20.08
N THR D 601 -28.56 33.68 20.06
CA THR D 601 -27.41 33.63 19.18
C THR D 601 -27.86 33.87 17.73
N SER D 602 -28.86 33.11 17.28
CA SER D 602 -29.35 33.25 15.92
C SER D 602 -30.02 34.61 15.69
N MET D 603 -30.69 35.17 16.69
CA MET D 603 -31.29 36.51 16.51
C MET D 603 -30.25 37.63 16.38
N VAL D 604 -29.12 37.51 17.09
CA VAL D 604 -27.99 38.43 16.91
C VAL D 604 -27.46 38.34 15.48
N LEU D 605 -27.26 37.11 15.00
CA LEU D 605 -26.66 36.88 13.67
C LEU D 605 -27.60 37.29 12.52
N GLY D 606 -28.90 37.16 12.74
CA GLY D 606 -29.91 37.71 11.82
C GLY D 606 -30.20 39.20 11.96
N SER D 607 -29.69 39.83 13.01
CA SER D 607 -29.80 41.29 13.16
C SER D 607 -29.11 42.06 12.03
N GLY D 608 -28.01 41.51 11.49
CA GLY D 608 -27.22 42.22 10.50
C GLY D 608 -26.51 43.42 11.11
N SER D 609 -26.15 43.31 12.38
CA SER D 609 -25.45 44.36 13.12
C SER D 609 -24.01 44.61 12.65
N GLY D 610 -23.40 43.67 11.95
CA GLY D 610 -21.99 43.77 11.60
C GLY D 610 -20.97 43.59 12.74
N VAL D 611 -21.43 43.44 13.99
CA VAL D 611 -20.54 43.30 15.15
C VAL D 611 -19.85 41.91 15.20
N PHE D 612 -20.57 40.84 14.82
CA PHE D 612 -20.14 39.43 15.00
C PHE D 612 -19.76 38.69 13.70
N LYS D 613 -18.52 38.20 13.63
CA LYS D 613 -18.02 37.41 12.49
C LYS D 613 -18.68 36.03 12.36
N CYS D 614 -19.02 35.41 13.50
CA CYS D 614 -19.59 34.07 13.53
C CYS D 614 -20.37 33.74 14.81
N GLY D 615 -20.94 32.54 14.88
CA GLY D 615 -21.58 32.07 16.09
C GLY D 615 -22.06 30.62 16.07
N ILE D 616 -22.37 30.08 17.26
CA ILE D 616 -22.78 28.69 17.45
C ILE D 616 -24.07 28.63 18.25
N ALA D 617 -25.13 28.11 17.61
CA ALA D 617 -26.44 27.97 18.23
C ALA D 617 -26.65 26.50 18.52
N VAL D 618 -26.84 26.17 19.79
CA VAL D 618 -26.99 24.78 20.21
C VAL D 618 -28.41 24.57 20.71
N ALA D 619 -29.12 23.64 20.06
CA ALA D 619 -30.53 23.32 20.37
C ALA D 619 -31.44 24.55 20.45
N PRO D 620 -31.39 25.44 19.43
CA PRO D 620 -32.09 26.72 19.51
C PRO D 620 -33.59 26.65 19.23
N VAL D 621 -34.36 27.50 19.90
CA VAL D 621 -35.77 27.70 19.54
C VAL D 621 -35.73 28.54 18.27
N SER D 622 -36.52 28.17 17.27
CA SER D 622 -36.53 28.87 16.00
C SER D 622 -37.70 29.86 16.00
N ARG D 623 -38.95 29.40 15.90
CA ARG D 623 -40.13 30.27 16.08
C ARG D 623 -40.84 29.82 17.36
N TRP D 624 -41.41 30.75 18.12
CA TRP D 624 -42.06 30.41 19.42
C TRP D 624 -43.34 29.53 19.36
N GLU D 625 -44.03 29.45 18.22
CA GLU D 625 -45.13 28.47 18.06
C GLU D 625 -44.68 26.99 18.27
N TYR D 626 -43.36 26.73 18.25
CA TYR D 626 -42.80 25.38 18.43
C TYR D 626 -42.55 24.94 19.89
N TYR D 627 -42.28 25.90 20.76
CA TYR D 627 -41.94 25.60 22.14
C TYR D 627 -43.19 25.35 23.00
N ASP D 628 -43.02 24.74 24.18
CA ASP D 628 -44.18 24.31 24.98
C ASP D 628 -45.03 25.50 25.39
N SER D 629 -46.29 25.24 25.73
CA SER D 629 -47.22 26.31 26.09
C SER D 629 -46.94 27.03 27.41
N VAL D 630 -46.55 26.30 28.45
CA VAL D 630 -46.38 26.90 29.79
C VAL D 630 -45.33 28.00 29.79
N TYR D 631 -44.09 27.65 29.40
CA TYR D 631 -43.01 28.64 29.26
C TYR D 631 -43.41 29.71 28.28
N THR D 632 -43.69 29.33 27.04
CA THR D 632 -43.87 30.33 25.97
C THR D 632 -44.98 31.35 26.29
N GLU D 633 -46.19 30.88 26.54
CA GLU D 633 -47.30 31.78 26.88
C GLU D 633 -47.06 32.60 28.16
N ARG D 634 -46.23 32.13 29.10
CA ARG D 634 -45.92 32.92 30.32
C ARG D 634 -45.37 34.31 29.95
N TYR D 635 -44.63 34.38 28.84
CA TYR D 635 -44.02 35.63 28.35
C TYR D 635 -44.76 36.28 27.15
N MET D 636 -45.25 35.48 26.20
CA MET D 636 -45.86 35.96 24.93
C MET D 636 -47.39 35.82 24.80
N GLY D 637 -48.10 35.27 25.79
CA GLY D 637 -49.53 35.05 25.64
C GLY D 637 -49.85 34.11 24.48
N LEU D 638 -51.12 34.04 24.08
CA LEU D 638 -51.57 33.08 23.04
C LEU D 638 -51.13 33.63 21.66
N PRO D 639 -50.89 32.77 20.63
CA PRO D 639 -50.54 33.23 19.28
C PRO D 639 -51.75 33.37 18.30
N THR D 640 -52.72 34.20 18.70
CA THR D 640 -54.01 34.40 17.98
C THR D 640 -54.16 35.88 17.57
N PRO D 641 -54.85 36.19 16.46
CA PRO D 641 -55.04 37.61 16.10
C PRO D 641 -55.67 38.50 17.20
N GLU D 642 -56.54 37.94 18.05
CA GLU D 642 -57.12 38.67 19.17
C GLU D 642 -56.10 39.05 20.26
N ASP D 643 -54.93 38.39 20.28
CA ASP D 643 -53.90 38.55 21.33
C ASP D 643 -52.51 38.24 20.80
N ASN D 644 -51.73 39.25 20.49
CA ASN D 644 -50.27 39.07 20.31
C ASN D 644 -49.74 38.02 19.29
N LEU D 645 -50.51 37.65 18.26
CA LEU D 645 -49.97 36.85 17.12
C LEU D 645 -48.87 37.57 16.33
N ASP D 646 -49.00 38.88 16.16
CA ASP D 646 -48.05 39.70 15.38
C ASP D 646 -46.56 39.60 15.83
N HIS D 647 -46.35 39.49 17.15
CA HIS D 647 -44.99 39.39 17.69
C HIS D 647 -44.44 37.95 17.63
N TYR D 648 -45.27 36.92 17.79
CA TYR D 648 -44.85 35.54 17.46
C TYR D 648 -44.32 35.46 16.01
N ARG D 649 -45.05 36.09 15.08
CA ARG D 649 -44.69 36.11 13.65
C ARG D 649 -43.41 36.88 13.32
N ASN D 650 -43.17 38.00 14.01
CA ASN D 650 -41.94 38.81 13.84
C ASN D 650 -40.72 38.26 14.59
N SER D 651 -40.94 37.49 15.66
CA SER D 651 -39.86 36.96 16.50
C SER D 651 -39.00 35.84 15.90
N THR D 652 -39.41 35.24 14.78
CA THR D 652 -38.79 33.96 14.32
C THR D 652 -37.39 34.10 13.71
N VAL D 653 -36.59 33.04 13.85
CA VAL D 653 -35.25 33.02 13.25
C VAL D 653 -35.36 32.95 11.72
N MET D 654 -36.30 32.16 11.18
CA MET D 654 -36.39 31.93 9.72
C MET D 654 -36.53 33.17 8.82
N SER D 655 -37.21 34.20 9.31
CA SER D 655 -37.36 35.46 8.58
C SER D 655 -36.03 36.21 8.35
N ARG D 656 -35.09 36.07 9.28
CA ARG D 656 -33.82 36.79 9.24
C ARG D 656 -32.75 36.09 8.38
N ALA D 657 -33.13 35.01 7.68
CA ALA D 657 -32.18 34.16 6.92
C ALA D 657 -31.25 34.96 6.03
N GLU D 658 -31.80 35.89 5.25
CA GLU D 658 -31.03 36.76 4.35
C GLU D 658 -29.80 37.35 5.06
N ASN D 659 -30.00 37.80 6.30
CA ASN D 659 -28.93 38.46 7.07
C ASN D 659 -27.81 37.52 7.61
N PHE D 660 -27.90 36.21 7.30
CA PHE D 660 -26.86 35.23 7.67
C PHE D 660 -25.74 35.12 6.63
N LYS D 661 -26.04 35.46 5.38
CA LYS D 661 -25.02 35.65 4.32
C LYS D 661 -23.81 36.43 4.80
N GLN D 662 -24.00 37.34 5.76
CA GLN D 662 -22.89 38.06 6.38
C GLN D 662 -21.94 37.20 7.24
N VAL D 663 -22.50 36.32 8.09
CA VAL D 663 -21.73 35.56 9.10
C VAL D 663 -21.49 34.09 8.72
N GLU D 664 -20.76 33.34 9.55
CA GLU D 664 -20.63 31.87 9.40
C GLU D 664 -21.19 31.18 10.64
N TYR D 665 -22.23 30.35 10.44
CA TYR D 665 -23.13 29.87 11.51
C TYR D 665 -22.86 28.37 11.72
N LEU D 666 -22.61 27.93 12.96
CA LEU D 666 -22.58 26.48 13.26
C LEU D 666 -23.90 26.12 13.96
N LEU D 667 -24.61 25.15 13.42
CA LEU D 667 -25.91 24.72 13.94
C LEU D 667 -25.72 23.31 14.47
N ILE D 668 -26.15 23.06 15.72
CA ILE D 668 -26.03 21.74 16.37
C ILE D 668 -27.34 21.46 17.11
N HIS D 669 -27.98 20.30 16.87
CA HIS D 669 -29.13 19.82 17.67
C HIS D 669 -29.06 18.29 17.85
N GLY D 670 -29.42 17.78 19.02
CA GLY D 670 -29.69 16.36 19.16
C GLY D 670 -30.94 15.93 18.39
N THR D 671 -30.85 14.81 17.67
CA THR D 671 -32.01 14.31 16.91
C THR D 671 -33.18 13.91 17.81
N ALA D 672 -32.85 13.41 19.00
CA ALA D 672 -33.82 12.87 19.96
C ALA D 672 -34.10 13.81 21.13
N ASP D 673 -34.19 15.11 20.83
CA ASP D 673 -34.41 16.14 21.84
C ASP D 673 -35.89 16.39 22.09
N ASP D 674 -36.35 16.01 23.27
CA ASP D 674 -37.76 16.14 23.67
C ASP D 674 -38.20 17.57 24.02
N ASN D 675 -37.26 18.39 24.47
CA ASN D 675 -37.56 19.74 24.92
C ASN D 675 -37.71 20.72 23.75
N VAL D 676 -36.64 20.90 23.00
CA VAL D 676 -36.62 21.76 21.84
C VAL D 676 -36.45 20.78 20.70
N HIS D 677 -37.50 20.55 19.93
CA HIS D 677 -37.48 19.42 19.03
C HIS D 677 -36.53 19.69 17.91
N PHE D 678 -35.94 18.62 17.36
CA PHE D 678 -35.07 18.76 16.21
C PHE D 678 -35.74 19.61 15.12
N GLN D 679 -37.06 19.53 14.98
CA GLN D 679 -37.80 20.41 14.05
C GLN D 679 -37.48 21.91 14.12
N GLN D 680 -36.97 22.41 15.24
CA GLN D 680 -36.62 23.82 15.35
C GLN D 680 -35.43 24.13 14.42
N SER D 681 -34.31 23.44 14.59
CA SER D 681 -33.16 23.60 13.69
C SER D 681 -33.44 23.06 12.30
N ALA D 682 -34.37 22.10 12.17
CA ALA D 682 -34.80 21.65 10.84
C ALA D 682 -35.41 22.78 10.05
N GLN D 683 -36.18 23.67 10.71
CA GLN D 683 -36.71 24.85 10.04
C GLN D 683 -35.63 25.88 9.72
N ILE D 684 -34.77 26.20 10.68
CA ILE D 684 -33.71 27.22 10.45
C ILE D 684 -32.80 26.82 9.30
N SER D 685 -32.42 25.54 9.23
CA SER D 685 -31.59 25.03 8.15
C SER D 685 -32.32 25.12 6.84
N LYS D 686 -33.58 24.66 6.82
CA LYS D 686 -34.44 24.74 5.62
C LYS D 686 -34.57 26.19 5.10
N ALA D 687 -34.60 27.15 6.00
CA ALA D 687 -34.66 28.58 5.63
C ALA D 687 -33.34 29.03 5.01
N LEU D 688 -32.25 28.92 5.76
CA LEU D 688 -30.94 29.34 5.27
C LEU D 688 -30.73 28.75 3.87
N VAL D 689 -31.10 27.49 3.67
CA VAL D 689 -31.07 26.87 2.33
C VAL D 689 -31.87 27.67 1.27
N ASP D 690 -33.11 28.03 1.57
CA ASP D 690 -33.93 28.82 0.62
C ASP D 690 -33.25 30.13 0.22
N ALA D 691 -32.69 30.83 1.20
CA ALA D 691 -31.98 32.08 0.98
C ALA D 691 -30.62 31.95 0.26
N GLY D 692 -30.19 30.75 -0.09
CA GLY D 692 -28.85 30.53 -0.64
C GLY D 692 -27.74 30.92 0.32
N VAL D 693 -27.97 30.65 1.60
CA VAL D 693 -27.06 31.01 2.70
C VAL D 693 -26.24 29.79 3.06
N ASP D 694 -24.91 29.86 2.99
CA ASP D 694 -24.08 28.72 3.40
C ASP D 694 -23.82 28.79 4.88
N PHE D 695 -23.67 27.62 5.49
CA PHE D 695 -23.35 27.49 6.90
C PHE D 695 -22.80 26.07 7.19
N GLN D 696 -22.54 25.78 8.48
CA GLN D 696 -22.14 24.43 8.94
C GLN D 696 -23.14 23.87 9.96
N ALA D 697 -23.37 22.55 9.92
CA ALA D 697 -24.37 21.86 10.74
C ALA D 697 -23.73 20.63 11.38
N MET D 698 -24.40 20.07 12.39
CA MET D 698 -23.94 18.83 13.03
C MET D 698 -25.03 18.19 13.92
N TRP D 699 -25.87 17.32 13.36
CA TRP D 699 -26.81 16.56 14.18
C TRP D 699 -26.02 15.56 14.99
N TYR D 700 -26.36 15.41 16.29
CA TYR D 700 -25.89 14.28 17.14
C TYR D 700 -26.99 13.22 17.27
N THR D 701 -26.73 12.01 16.76
CA THR D 701 -27.75 10.97 16.71
C THR D 701 -28.14 10.44 18.10
N ASP D 702 -29.45 10.45 18.38
CA ASP D 702 -30.03 9.99 19.67
C ASP D 702 -29.64 10.81 20.93
N GLU D 703 -29.09 12.01 20.76
CA GLU D 703 -28.83 12.89 21.91
C GLU D 703 -30.05 13.77 22.22
N ASP D 704 -30.33 13.98 23.51
CA ASP D 704 -31.43 14.83 23.94
C ASP D 704 -30.89 16.27 24.15
N HIS D 705 -31.66 17.09 24.86
CA HIS D 705 -31.30 18.49 25.07
C HIS D 705 -29.89 18.70 25.63
N GLY D 706 -29.48 17.89 26.60
CA GLY D 706 -28.16 18.05 27.22
C GLY D 706 -26.94 17.73 26.37
N ILE D 707 -27.12 16.87 25.35
CA ILE D 707 -26.00 16.27 24.58
C ILE D 707 -25.02 15.78 25.63
N ALA D 708 -25.57 14.86 26.43
CA ALA D 708 -25.08 14.43 27.74
C ALA D 708 -24.06 13.29 27.70
N SER D 709 -24.34 12.28 26.88
CA SER D 709 -23.47 11.12 26.73
C SER D 709 -22.00 11.54 26.65
N SER D 710 -21.13 10.84 27.37
CA SER D 710 -19.73 11.28 27.51
C SER D 710 -18.97 11.35 26.17
N THR D 711 -19.25 10.44 25.24
CA THR D 711 -18.67 10.51 23.87
C THR D 711 -19.24 11.68 23.07
N ALA D 712 -20.54 11.95 23.23
CA ALA D 712 -21.23 13.07 22.56
C ALA D 712 -20.87 14.41 23.19
N HIS D 713 -20.80 14.47 24.51
CA HIS D 713 -20.36 15.66 25.24
C HIS D 713 -18.92 16.02 24.88
N GLN D 714 -18.08 15.01 24.73
CA GLN D 714 -16.70 15.21 24.28
C GLN D 714 -16.60 15.64 22.84
N HIS D 715 -17.39 15.04 21.97
CA HIS D 715 -17.35 15.37 20.54
C HIS D 715 -17.76 16.81 20.28
N ILE D 716 -18.86 17.26 20.89
CA ILE D 716 -19.44 18.58 20.61
C ILE D 716 -18.49 19.68 21.02
N TYR D 717 -17.88 19.53 22.18
CA TYR D 717 -17.02 20.57 22.72
C TYR D 717 -15.70 20.63 21.99
N SER D 718 -15.28 19.51 21.39
CA SER D 718 -14.14 19.51 20.49
C SER D 718 -14.55 20.23 19.21
N HIS D 719 -15.60 19.74 18.56
CA HIS D 719 -16.11 20.30 17.30
C HIS D 719 -16.27 21.80 17.41
N MET D 720 -16.93 22.24 18.49
CA MET D 720 -17.12 23.67 18.78
C MET D 720 -15.85 24.46 19.07
N SER D 721 -14.81 23.84 19.64
CA SER D 721 -13.49 24.46 19.78
C SER D 721 -12.82 24.54 18.42
N HIS D 722 -12.90 23.46 17.64
CA HIS D 722 -12.36 23.46 16.27
C HIS D 722 -13.02 24.58 15.42
N PHE D 723 -14.31 24.82 15.61
CA PHE D 723 -15.00 25.90 14.91
C PHE D 723 -14.41 27.29 15.25
N LEU D 724 -14.25 27.59 16.54
CA LEU D 724 -13.69 28.90 16.94
C LEU D 724 -12.25 29.13 16.44
N GLN D 725 -11.45 28.07 16.32
CA GLN D 725 -10.10 28.22 15.80
C GLN D 725 -10.16 28.63 14.30
N GLN D 726 -11.06 28.02 13.53
CA GLN D 726 -11.28 28.45 12.13
C GLN D 726 -11.62 29.96 12.07
N CYS D 727 -12.60 30.41 12.87
CA CYS D 727 -12.98 31.84 12.92
C CYS D 727 -11.82 32.75 13.28
N PHE D 728 -11.02 32.35 14.28
CA PHE D 728 -10.00 33.21 14.88
C PHE D 728 -8.59 32.93 14.29
N SER D 729 -8.01 31.76 14.55
CA SER D 729 -6.69 31.37 14.01
C SER D 729 -6.79 31.21 12.48
N GLN E 1 -30.10 -8.20 33.64
CA GLN E 1 -30.17 -8.98 32.38
C GLN E 1 -29.67 -8.14 31.18
N ILE E 2 -28.57 -7.39 31.34
CA ILE E 2 -27.90 -6.87 30.15
C ILE E 2 -26.99 -8.05 29.72
N VAL E 3 -27.21 -8.54 28.50
CA VAL E 3 -26.47 -9.67 27.97
C VAL E 3 -25.28 -9.12 27.20
N LEU E 4 -24.09 -9.65 27.47
CA LEU E 4 -22.86 -9.26 26.79
C LEU E 4 -22.62 -10.29 25.67
N SER E 5 -22.41 -9.78 24.46
CA SER E 5 -22.04 -10.58 23.28
C SER E 5 -20.61 -10.21 22.95
N GLN E 6 -19.78 -11.21 22.70
CA GLN E 6 -18.36 -11.02 22.42
C GLN E 6 -18.11 -11.40 20.97
N SER E 7 -17.18 -10.69 20.32
CA SER E 7 -16.87 -10.89 18.90
C SER E 7 -15.35 -10.79 18.76
N PRO E 8 -14.70 -11.57 17.90
CA PRO E 8 -15.25 -12.79 17.27
C PRO E 8 -15.29 -13.95 18.26
N ALA E 9 -16.15 -14.93 18.01
CA ALA E 9 -16.26 -16.13 18.87
C ALA E 9 -14.89 -16.81 19.14
N ILE E 10 -14.17 -17.03 18.05
CA ILE E 10 -12.83 -17.59 18.09
C ILE E 10 -11.99 -16.69 17.16
N LEU E 11 -10.86 -16.17 17.67
CA LEU E 11 -10.05 -15.12 17.03
C LEU E 11 -8.62 -15.61 16.73
N SER E 12 -8.32 -15.81 15.44
CA SER E 12 -7.03 -16.41 15.00
C SER E 12 -5.91 -15.37 14.67
N ALA E 13 -4.87 -15.27 15.52
CA ALA E 13 -3.86 -14.18 15.45
C ALA E 13 -2.41 -14.65 15.51
N SER E 14 -1.60 -14.32 14.49
CA SER E 14 -0.17 -14.67 14.47
C SER E 14 0.66 -13.79 15.44
N PRO E 15 1.84 -14.27 15.92
CA PRO E 15 2.67 -13.50 16.86
C PRO E 15 2.88 -12.00 16.55
N GLY E 16 3.09 -11.63 15.29
CA GLY E 16 3.25 -10.23 14.94
C GLY E 16 2.04 -9.40 15.33
N GLU E 17 0.87 -9.82 14.87
CA GLU E 17 -0.30 -8.92 14.77
C GLU E 17 -0.87 -8.49 16.14
N LYS E 18 -1.51 -7.32 16.11
CA LYS E 18 -2.33 -6.77 17.20
C LYS E 18 -3.81 -7.05 16.89
N VAL E 19 -4.52 -7.66 17.83
CA VAL E 19 -5.95 -7.96 17.63
C VAL E 19 -6.80 -7.24 18.68
N THR E 20 -8.09 -7.04 18.35
CA THR E 20 -9.04 -6.25 19.17
C THR E 20 -10.39 -6.98 19.34
N MET E 21 -10.47 -7.90 20.30
CA MET E 21 -11.75 -8.59 20.59
C MET E 21 -12.67 -7.60 21.30
N THR E 22 -13.93 -7.50 20.85
CA THR E 22 -14.88 -6.50 21.35
C THR E 22 -15.97 -7.16 22.21
N CYS E 23 -16.55 -6.37 23.13
CA CYS E 23 -17.67 -6.76 23.99
C CYS E 23 -18.80 -5.76 23.75
N ARG E 24 -19.97 -6.26 23.33
CA ARG E 24 -21.16 -5.44 23.06
C ARG E 24 -22.20 -5.62 24.16
N ALA E 25 -22.80 -4.53 24.63
CA ALA E 25 -23.70 -4.57 25.79
C ALA E 25 -25.12 -4.19 25.38
N SER E 26 -26.13 -4.93 25.84
CA SER E 26 -27.54 -4.61 25.53
C SER E 26 -27.95 -3.20 26.01
N SER E 27 -27.27 -2.69 27.05
CA SER E 27 -27.52 -1.33 27.57
C SER E 27 -26.21 -0.66 28.03
N SER E 28 -26.25 0.66 28.25
CA SER E 28 -25.04 1.42 28.60
C SER E 28 -24.55 0.95 29.97
N VAL E 29 -23.29 0.53 30.00
CA VAL E 29 -22.63 0.08 31.24
C VAL E 29 -21.50 1.06 31.60
N CYS E 30 -21.36 1.33 32.88
CA CYS E 30 -20.36 2.28 33.37
C CYS E 30 -18.93 1.82 33.07
N ASN E 31 -18.57 0.62 33.51
CA ASN E 31 -17.22 0.07 33.32
C ASN E 31 -17.28 -1.38 32.91
N MET E 32 -16.20 -1.84 32.28
CA MET E 32 -16.07 -3.24 31.88
C MET E 32 -14.83 -3.86 32.51
N HIS E 33 -14.94 -5.13 32.90
CA HIS E 33 -13.82 -5.87 33.49
C HIS E 33 -13.57 -7.16 32.68
N TRP E 34 -12.31 -7.51 32.44
CA TRP E 34 -11.97 -8.72 31.66
C TRP E 34 -11.22 -9.75 32.55
N TYR E 35 -11.44 -11.05 32.24
CA TYR E 35 -10.82 -12.19 32.90
C TYR E 35 -10.16 -13.10 31.85
N GLN E 36 -8.95 -13.58 32.12
CA GLN E 36 -8.30 -14.58 31.26
C GLN E 36 -8.36 -15.96 31.92
N GLN E 37 -8.87 -16.96 31.17
CA GLN E 37 -8.94 -18.35 31.65
C GLN E 37 -8.42 -19.37 30.64
N LYS E 38 -7.36 -20.10 31.01
CA LYS E 38 -6.88 -21.27 30.23
C LYS E 38 -7.64 -22.52 30.73
N PRO E 39 -7.85 -23.53 29.85
CA PRO E 39 -8.56 -24.76 30.27
C PRO E 39 -7.93 -25.46 31.47
N GLY E 40 -8.77 -25.92 32.40
CA GLY E 40 -8.31 -26.62 33.59
C GLY E 40 -7.70 -25.73 34.67
N SER E 41 -7.94 -24.42 34.58
CA SER E 41 -7.49 -23.45 35.60
C SER E 41 -8.65 -22.52 35.95
N SER E 42 -8.55 -21.87 37.09
CA SER E 42 -9.54 -20.88 37.52
C SER E 42 -9.37 -19.59 36.71
N PRO E 43 -10.46 -18.81 36.57
CA PRO E 43 -10.31 -17.50 35.94
C PRO E 43 -9.30 -16.61 36.63
N LYS E 44 -8.46 -15.97 35.83
CA LYS E 44 -7.40 -15.07 36.29
C LYS E 44 -7.85 -13.61 36.01
N PRO E 45 -7.87 -12.73 37.03
CA PRO E 45 -8.38 -11.37 36.80
C PRO E 45 -7.44 -10.57 35.89
N TRP E 46 -8.00 -9.87 34.90
CA TRP E 46 -7.20 -9.18 33.87
C TRP E 46 -7.33 -7.65 33.88
N LEU E 47 -8.55 -7.19 33.59
CA LEU E 47 -8.85 -5.77 33.47
C LEU E 47 -10.04 -5.40 34.36
N HIS E 48 -9.92 -4.25 35.02
CA HIS E 48 -11.01 -3.69 35.80
C HIS E 48 -11.14 -2.20 35.51
N GLY E 49 -12.33 -1.64 35.67
CA GLY E 49 -12.59 -0.25 35.33
C GLY E 49 -12.29 0.11 33.88
N THR E 50 -12.65 -0.78 32.96
CA THR E 50 -12.51 -0.56 31.51
C THR E 50 -11.06 -0.61 30.96
N SER E 51 -10.15 0.16 31.56
CA SER E 51 -8.75 0.22 31.13
C SER E 51 -7.76 0.15 32.27
N ASN E 52 -8.14 -0.41 33.40
CA ASN E 52 -7.19 -0.51 34.50
C ASN E 52 -6.70 -1.97 34.62
N LEU E 53 -5.39 -2.16 34.52
CA LEU E 53 -4.74 -3.46 34.71
C LEU E 53 -4.51 -3.71 36.18
N ALA E 54 -4.33 -4.98 36.53
CA ALA E 54 -4.08 -5.35 37.92
C ALA E 54 -2.98 -6.38 38.05
N SER E 55 -2.45 -6.51 39.27
CA SER E 55 -1.51 -7.57 39.64
C SER E 55 -0.22 -7.55 38.78
N GLY E 56 0.09 -8.66 38.11
CA GLY E 56 1.30 -8.78 37.29
C GLY E 56 1.04 -8.79 35.80
N VAL E 57 -0.19 -8.47 35.40
CA VAL E 57 -0.59 -8.55 33.98
C VAL E 57 0.27 -7.56 33.15
N PRO E 58 0.71 -7.99 31.96
CA PRO E 58 1.72 -7.20 31.23
C PRO E 58 1.14 -5.98 30.50
N VAL E 59 2.01 -5.02 30.18
CA VAL E 59 1.59 -3.79 29.49
C VAL E 59 1.18 -3.96 28.02
N ARG E 60 1.29 -5.17 27.45
CA ARG E 60 0.65 -5.46 26.16
C ARG E 60 -0.84 -5.11 26.18
N PHE E 61 -1.51 -5.47 27.27
CA PHE E 61 -2.98 -5.43 27.31
C PHE E 61 -3.47 -4.02 27.62
N SER E 62 -4.18 -3.44 26.66
CA SER E 62 -4.77 -2.11 26.78
C SER E 62 -6.28 -2.25 26.69
N GLY E 63 -7.00 -1.83 27.71
CA GLY E 63 -8.47 -1.86 27.68
C GLY E 63 -9.01 -0.50 27.30
N SER E 64 -10.19 -0.46 26.67
CA SER E 64 -10.87 0.80 26.35
C SER E 64 -12.35 0.59 25.97
N GLY E 65 -13.08 1.71 25.90
CA GLY E 65 -14.45 1.73 25.36
C GLY E 65 -15.39 2.37 26.35
N SER E 66 -16.60 2.68 25.89
CA SER E 66 -17.68 3.26 26.72
C SER E 66 -19.07 2.91 26.17
N GLY E 67 -20.11 3.25 26.92
CA GLY E 67 -21.48 3.12 26.44
C GLY E 67 -21.90 1.67 26.26
N THR E 68 -22.27 1.30 25.03
CA THR E 68 -22.75 -0.07 24.70
C THR E 68 -21.72 -0.92 23.92
N SER E 69 -20.47 -0.49 23.86
CA SER E 69 -19.43 -1.18 23.08
C SER E 69 -18.02 -0.91 23.62
N PHE E 70 -17.36 -1.99 24.08
CA PHE E 70 -16.01 -1.96 24.68
C PHE E 70 -15.07 -2.98 24.02
N SER E 71 -13.77 -2.86 24.25
CA SER E 71 -12.75 -3.76 23.68
C SER E 71 -11.54 -3.99 24.59
N LEU E 72 -10.98 -5.21 24.55
CA LEU E 72 -9.64 -5.52 25.09
C LEU E 72 -8.72 -5.76 23.87
N THR E 73 -7.63 -4.98 23.81
CA THR E 73 -6.60 -5.06 22.75
C THR E 73 -5.25 -5.49 23.39
N ILE E 74 -4.49 -6.29 22.64
CA ILE E 74 -3.17 -6.81 23.06
C ILE E 74 -2.17 -6.26 22.00
N SER E 75 -1.14 -5.54 22.45
CA SER E 75 -0.26 -4.78 21.53
C SER E 75 0.33 -5.60 20.38
N ARG E 76 0.86 -6.77 20.72
CA ARG E 76 1.21 -7.81 19.74
C ARG E 76 1.13 -9.16 20.45
N VAL E 77 0.47 -10.15 19.85
CA VAL E 77 0.14 -11.39 20.58
C VAL E 77 1.46 -12.15 20.91
N GLU E 78 1.65 -12.51 22.18
CA GLU E 78 2.80 -13.34 22.61
C GLU E 78 2.38 -14.82 22.76
N ALA E 79 3.33 -15.69 23.10
CA ALA E 79 3.09 -17.13 23.21
C ALA E 79 2.03 -17.54 24.27
N GLU E 80 2.18 -17.00 25.48
CA GLU E 80 1.36 -17.36 26.65
C GLU E 80 0.02 -16.60 26.80
N ASP E 81 -0.44 -15.96 25.72
CA ASP E 81 -1.72 -15.22 25.69
C ASP E 81 -2.88 -16.00 25.00
N ALA E 82 -2.75 -17.31 24.87
CA ALA E 82 -3.66 -18.08 24.01
C ALA E 82 -4.98 -18.54 24.66
N ALA E 83 -5.38 -17.91 25.77
CA ALA E 83 -6.55 -18.36 26.57
C ALA E 83 -7.89 -17.80 26.06
N THR E 84 -8.99 -18.10 26.79
CA THR E 84 -10.32 -17.49 26.58
C THR E 84 -10.46 -16.23 27.47
N TYR E 85 -10.92 -15.13 26.86
CA TYR E 85 -11.06 -13.84 27.55
C TYR E 85 -12.54 -13.50 27.70
N PHE E 86 -13.00 -13.37 28.95
CA PHE E 86 -14.41 -13.06 29.25
C PHE E 86 -14.50 -11.60 29.66
N CYS E 87 -15.56 -10.93 29.21
CA CYS E 87 -15.87 -9.56 29.60
C CYS E 87 -17.00 -9.67 30.69
N GLN E 88 -16.92 -8.83 31.75
CA GLN E 88 -17.91 -8.78 32.88
C GLN E 88 -18.32 -7.34 33.23
N GLN E 89 -19.60 -7.11 33.45
CA GLN E 89 -20.13 -5.80 33.87
C GLN E 89 -20.88 -5.93 35.21
N TRP E 90 -20.75 -4.97 36.13
CA TRP E 90 -21.65 -4.87 37.32
C TRP E 90 -22.11 -3.43 37.58
N SER E 91 -22.53 -2.76 36.50
CA SER E 91 -23.07 -1.39 36.56
C SER E 91 -24.58 -1.36 36.56
N ASN E 92 -25.22 -2.47 36.24
CA ASN E 92 -26.60 -2.66 36.62
C ASN E 92 -26.67 -4.11 37.15
N HIS E 93 -27.72 -4.43 37.92
CA HIS E 93 -27.85 -5.69 38.66
C HIS E 93 -28.85 -6.62 37.95
N PRO E 94 -28.56 -7.92 37.74
CA PRO E 94 -27.35 -8.64 38.22
C PRO E 94 -26.11 -8.50 37.35
N PRO E 95 -24.93 -8.85 37.87
CA PRO E 95 -23.70 -8.83 37.06
C PRO E 95 -23.63 -9.99 36.13
N THR E 96 -23.28 -9.72 34.88
CA THR E 96 -23.30 -10.72 33.83
C THR E 96 -21.92 -10.80 33.21
N PHE E 97 -21.67 -11.93 32.55
CA PHE E 97 -20.41 -12.20 31.84
C PHE E 97 -20.71 -12.36 30.37
N GLY E 98 -19.66 -12.37 29.56
CA GLY E 98 -19.77 -12.63 28.13
C GLY E 98 -19.68 -14.10 27.79
N GLY E 99 -19.86 -14.41 26.51
CA GLY E 99 -19.67 -15.76 26.02
C GLY E 99 -18.20 -16.16 25.84
N GLY E 100 -17.27 -15.20 25.96
CA GLY E 100 -15.84 -15.47 25.81
C GLY E 100 -15.35 -15.46 24.37
N THR E 101 -14.21 -14.81 24.15
CA THR E 101 -13.47 -14.82 22.87
C THR E 101 -12.21 -15.67 23.07
N LYS E 102 -12.13 -16.86 22.44
CA LYS E 102 -10.87 -17.63 22.47
C LYS E 102 -9.85 -17.01 21.52
N LEU E 103 -8.62 -16.86 21.99
CA LEU E 103 -7.52 -16.44 21.14
C LEU E 103 -6.64 -17.65 20.77
N GLU E 104 -6.94 -18.31 19.64
CA GLU E 104 -6.01 -19.32 19.11
C GLU E 104 -4.88 -18.59 18.36
N ILE E 105 -3.71 -19.21 18.32
CA ILE E 105 -2.51 -18.65 17.68
C ILE E 105 -2.21 -19.50 16.44
N ASP E 106 -2.21 -18.89 15.25
CA ASP E 106 -1.76 -19.57 14.03
C ASP E 106 -0.30 -19.17 13.76
N ARG E 107 0.60 -20.15 13.68
CA ARG E 107 2.03 -19.90 13.29
C ARG E 107 2.60 -21.08 12.46
N THR E 108 3.92 -21.06 12.19
CA THR E 108 4.60 -21.98 11.24
C THR E 108 4.16 -23.44 11.32
N VAL E 109 3.57 -23.93 10.22
CA VAL E 109 3.19 -25.35 10.11
C VAL E 109 4.32 -26.25 10.59
N ALA E 110 4.00 -27.12 11.56
CA ALA E 110 4.88 -28.20 12.02
C ALA E 110 4.15 -29.51 11.79
N ALA E 111 4.86 -30.50 11.28
CA ALA E 111 4.33 -31.86 11.13
C ALA E 111 4.43 -32.59 12.48
N PRO E 112 3.62 -33.64 12.70
CA PRO E 112 3.62 -34.36 13.96
C PRO E 112 4.53 -35.58 13.98
N SER E 113 5.20 -35.79 15.12
CA SER E 113 5.96 -37.02 15.36
C SER E 113 4.94 -38.05 15.82
N VAL E 114 4.99 -39.24 15.23
CA VAL E 114 3.97 -40.26 15.44
C VAL E 114 4.56 -41.45 16.18
N PHE E 115 3.89 -41.87 17.27
CA PHE E 115 4.28 -43.02 18.07
C PHE E 115 3.07 -43.94 18.30
N ILE E 116 3.22 -45.24 18.02
CA ILE E 116 2.18 -46.25 18.36
C ILE E 116 2.64 -47.05 19.61
N PHE E 117 1.74 -47.20 20.57
CA PHE E 117 1.94 -48.05 21.76
C PHE E 117 0.99 -49.25 21.68
N PRO E 118 1.50 -50.50 21.76
CA PRO E 118 0.57 -51.62 21.85
C PRO E 118 0.08 -51.80 23.30
N PRO E 119 -1.01 -52.57 23.53
CA PRO E 119 -1.50 -52.84 24.90
C PRO E 119 -0.47 -53.43 25.89
N SER E 120 -0.60 -53.07 27.16
CA SER E 120 0.21 -53.71 28.18
C SER E 120 -0.26 -55.15 28.36
N ASP E 121 0.68 -56.04 28.67
CA ASP E 121 0.32 -57.41 29.11
C ASP E 121 -0.63 -57.41 30.33
N GLU E 122 -0.39 -56.51 31.30
CA GLU E 122 -1.31 -56.31 32.45
C GLU E 122 -2.73 -56.09 32.00
N GLN E 123 -2.92 -55.16 31.08
CA GLN E 123 -4.27 -54.87 30.59
C GLN E 123 -4.87 -56.06 29.83
N LEU E 124 -4.06 -56.79 29.05
CA LEU E 124 -4.57 -57.91 28.25
C LEU E 124 -5.23 -58.98 29.15
N LYS E 125 -4.63 -59.29 30.30
CA LYS E 125 -5.20 -60.30 31.23
C LYS E 125 -6.64 -59.97 31.69
N SER E 126 -6.94 -58.67 31.81
CA SER E 126 -8.26 -58.15 32.19
C SER E 126 -9.32 -58.28 31.10
N GLY E 127 -8.91 -58.48 29.85
CA GLY E 127 -9.81 -58.77 28.73
C GLY E 127 -10.01 -57.69 27.69
N THR E 128 -9.37 -56.53 27.85
CA THR E 128 -9.52 -55.40 26.93
C THR E 128 -8.17 -54.99 26.30
N ALA E 129 -8.23 -54.45 25.10
CA ALA E 129 -7.04 -54.00 24.37
C ALA E 129 -7.21 -52.57 23.83
N SER E 130 -6.73 -51.58 24.59
CA SER E 130 -6.64 -50.18 24.12
C SER E 130 -5.27 -49.99 23.44
N VAL E 131 -5.26 -49.62 22.15
CA VAL E 131 -4.03 -49.31 21.39
C VAL E 131 -3.92 -47.78 21.20
N VAL E 132 -2.91 -47.14 21.80
CA VAL E 132 -2.75 -45.68 21.76
C VAL E 132 -1.76 -45.22 20.66
N CYS E 133 -2.23 -44.46 19.67
CA CYS E 133 -1.35 -43.78 18.68
C CYS E 133 -1.28 -42.32 19.07
N LEU E 134 -0.07 -41.75 19.13
CA LEU E 134 0.16 -40.39 19.66
C LEU E 134 0.75 -39.45 18.62
N LEU E 135 -0.01 -38.46 18.16
CA LEU E 135 0.56 -37.39 17.30
C LEU E 135 1.02 -36.25 18.19
N ASN E 136 2.31 -35.91 18.17
CA ASN E 136 2.89 -34.94 19.14
C ASN E 136 3.27 -33.59 18.47
N ASN E 137 2.83 -32.48 19.08
CA ASN E 137 3.34 -31.11 18.82
C ASN E 137 3.27 -30.52 17.38
N PHE E 138 2.06 -30.45 16.82
CA PHE E 138 1.80 -29.92 15.46
C PHE E 138 0.98 -28.61 15.50
N TYR E 139 1.38 -27.54 14.78
CA TYR E 139 0.71 -26.21 14.96
C TYR E 139 -0.75 -26.17 14.41
N PRO E 140 -0.98 -26.58 13.15
CA PRO E 140 -2.40 -26.62 12.65
C PRO E 140 -3.36 -27.68 13.31
N ARG E 141 -4.39 -27.24 14.06
CA ARG E 141 -5.32 -28.17 14.75
C ARG E 141 -5.96 -29.27 13.88
N GLU E 142 -6.07 -29.01 12.59
CA GLU E 142 -6.77 -29.91 11.68
C GLU E 142 -5.81 -31.06 11.38
N ALA E 143 -6.12 -32.22 11.93
CA ALA E 143 -5.40 -33.47 11.64
C ALA E 143 -6.45 -34.59 11.51
N LYS E 144 -6.08 -35.67 10.83
CA LYS E 144 -6.98 -36.81 10.57
C LYS E 144 -6.26 -38.10 10.87
N VAL E 145 -6.96 -39.11 11.41
CA VAL E 145 -6.33 -40.38 11.74
C VAL E 145 -7.24 -41.55 11.36
N GLN E 146 -6.64 -42.57 10.76
CA GLN E 146 -7.33 -43.80 10.34
C GLN E 146 -6.55 -45.00 10.88
N TRP E 147 -7.24 -45.86 11.62
CA TRP E 147 -6.60 -47.06 12.19
C TRP E 147 -6.66 -48.19 11.19
N LYS E 148 -5.52 -48.62 10.66
CA LYS E 148 -5.51 -49.70 9.66
C LYS E 148 -4.99 -51.02 10.27
N VAL E 149 -5.87 -52.02 10.34
CA VAL E 149 -5.52 -53.35 10.83
C VAL E 149 -5.67 -54.31 9.67
N ASP E 150 -4.52 -54.89 9.25
CA ASP E 150 -4.44 -55.77 8.05
C ASP E 150 -5.19 -55.14 6.85
N ASN E 151 -4.88 -53.88 6.58
CA ASN E 151 -5.51 -53.06 5.53
C ASN E 151 -7.04 -52.82 5.62
N ALA E 152 -7.56 -52.58 6.83
CA ALA E 152 -8.99 -52.28 7.02
C ALA E 152 -9.29 -51.43 8.27
N LEU E 153 -10.54 -51.43 8.74
CA LEU E 153 -10.93 -50.97 10.11
C LEU E 153 -10.95 -49.43 10.31
N GLN E 154 -11.39 -48.70 9.29
CA GLN E 154 -11.58 -47.23 9.36
C GLN E 154 -12.78 -46.78 10.23
N SER E 155 -13.76 -47.66 10.40
CA SER E 155 -15.11 -47.30 10.87
C SER E 155 -15.35 -47.04 12.37
N GLY E 156 -14.81 -47.89 13.25
CA GLY E 156 -15.16 -47.83 14.68
C GLY E 156 -14.12 -48.20 15.72
N ASN E 157 -14.59 -48.14 16.96
CA ASN E 157 -13.82 -48.47 18.17
C ASN E 157 -12.66 -47.52 18.41
N SER E 158 -12.79 -46.26 17.97
CA SER E 158 -11.72 -45.28 18.14
C SER E 158 -12.25 -43.96 18.68
N GLN E 159 -11.52 -43.39 19.63
CA GLN E 159 -11.77 -42.04 20.17
C GLN E 159 -10.49 -41.23 20.06
N GLU E 160 -10.62 -39.99 19.62
CA GLU E 160 -9.50 -39.05 19.46
C GLU E 160 -9.50 -38.04 20.63
N SER E 161 -8.33 -37.48 20.95
CA SER E 161 -8.23 -36.51 22.04
C SER E 161 -7.12 -35.48 21.83
N VAL E 162 -7.48 -34.21 21.96
CA VAL E 162 -6.63 -33.11 21.56
C VAL E 162 -6.44 -32.19 22.77
N THR E 163 -5.20 -31.85 23.09
CA THR E 163 -4.90 -30.85 24.11
C THR E 163 -5.09 -29.45 23.51
N GLU E 164 -5.28 -28.42 24.36
CA GLU E 164 -5.20 -27.01 23.88
C GLU E 164 -3.71 -26.60 23.71
N GLN E 165 -3.47 -25.43 23.11
CA GLN E 165 -2.11 -24.97 22.75
C GLN E 165 -1.14 -24.91 23.92
N ASP E 166 0.09 -25.35 23.68
CA ASP E 166 1.13 -25.29 24.72
C ASP E 166 1.46 -23.81 24.95
N SER E 167 1.67 -23.42 26.20
CA SER E 167 1.99 -22.02 26.51
C SER E 167 3.27 -21.53 25.80
N LYS E 168 4.24 -22.43 25.59
CA LYS E 168 5.57 -22.10 25.05
C LYS E 168 5.69 -22.22 23.53
N ASP E 169 5.08 -23.25 22.94
CA ASP E 169 5.33 -23.55 21.52
C ASP E 169 4.10 -23.52 20.60
N SER E 170 2.97 -23.04 21.12
CA SER E 170 1.72 -22.88 20.35
C SER E 170 1.37 -24.07 19.44
N THR E 171 1.65 -25.30 19.93
CA THR E 171 1.31 -26.55 19.22
C THR E 171 0.23 -27.35 19.95
N TYR E 172 -0.47 -28.18 19.16
CA TYR E 172 -1.45 -29.14 19.67
C TYR E 172 -0.85 -30.54 19.70
N SER E 173 -1.18 -31.32 20.74
CA SER E 173 -0.90 -32.77 20.80
C SER E 173 -2.20 -33.54 20.72
N LEU E 174 -2.18 -34.71 20.10
CA LEU E 174 -3.40 -35.45 19.78
C LEU E 174 -3.23 -36.93 20.00
N SER E 175 -4.19 -37.56 20.67
CA SER E 175 -4.14 -38.99 20.98
C SER E 175 -5.38 -39.69 20.40
N SER E 176 -5.15 -40.76 19.64
CA SER E 176 -6.22 -41.69 19.22
C SER E 176 -6.04 -43.00 20.01
N THR E 177 -7.06 -43.43 20.76
CA THR E 177 -7.08 -44.76 21.40
C THR E 177 -8.02 -45.65 20.59
N LEU E 178 -7.57 -46.81 20.13
CA LEU E 178 -8.44 -47.85 19.54
C LEU E 178 -8.78 -48.93 20.59
N THR E 179 -10.02 -48.95 21.10
CA THR E 179 -10.42 -49.93 22.14
C THR E 179 -11.16 -51.15 21.54
N LEU E 180 -10.47 -52.30 21.52
CA LEU E 180 -11.01 -53.59 21.05
C LEU E 180 -11.02 -54.69 22.15
N SER E 181 -11.95 -55.64 22.02
CA SER E 181 -12.03 -56.82 22.91
C SER E 181 -10.81 -57.72 22.71
N LYS E 182 -10.29 -58.28 23.79
CA LYS E 182 -9.11 -59.17 23.72
C LYS E 182 -9.25 -60.26 22.65
N ALA E 183 -10.44 -60.86 22.57
CA ALA E 183 -10.75 -61.86 21.55
C ALA E 183 -10.53 -61.35 20.11
N ASP E 184 -11.04 -60.15 19.82
CA ASP E 184 -10.82 -59.52 18.50
C ASP E 184 -9.35 -59.07 18.34
N TYR E 185 -8.75 -58.51 19.40
CA TYR E 185 -7.33 -58.15 19.36
C TYR E 185 -6.43 -59.34 18.98
N GLU E 186 -6.78 -60.54 19.46
CA GLU E 186 -6.02 -61.77 19.14
C GLU E 186 -6.40 -62.49 17.82
N LYS E 187 -7.20 -61.87 16.95
CA LYS E 187 -7.52 -62.47 15.62
C LYS E 187 -6.37 -62.37 14.58
N HIS E 188 -5.55 -61.33 14.66
CA HIS E 188 -4.56 -60.97 13.61
C HIS E 188 -3.29 -60.33 14.22
N LYS E 189 -2.25 -60.18 13.41
CA LYS E 189 -0.94 -59.71 13.89
C LYS E 189 -0.75 -58.17 13.80
N VAL E 190 -0.93 -57.61 12.61
CA VAL E 190 -0.53 -56.22 12.30
C VAL E 190 -1.66 -55.19 12.54
N TYR E 191 -1.46 -54.35 13.55
CA TYR E 191 -2.31 -53.19 13.83
C TYR E 191 -1.47 -51.95 13.55
N ALA E 192 -1.91 -51.12 12.61
CA ALA E 192 -1.17 -49.93 12.16
C ALA E 192 -1.97 -48.65 12.37
N CYS E 193 -1.27 -47.52 12.38
CA CYS E 193 -1.86 -46.19 12.58
C CYS E 193 -1.50 -45.29 11.38
N GLU E 194 -2.51 -44.79 10.66
CA GLU E 194 -2.35 -44.05 9.38
C GLU E 194 -2.70 -42.57 9.62
N VAL E 195 -1.69 -41.68 9.61
CA VAL E 195 -1.83 -40.24 9.96
C VAL E 195 -1.92 -39.36 8.70
N THR E 196 -2.53 -38.17 8.81
CA THR E 196 -2.53 -37.14 7.74
C THR E 196 -2.48 -35.72 8.32
N HIS E 197 -1.62 -34.86 7.75
CA HIS E 197 -1.48 -33.45 8.18
C HIS E 197 -0.93 -32.54 7.06
N GLN E 198 -0.96 -31.22 7.30
CA GLN E 198 -0.26 -30.25 6.44
C GLN E 198 1.28 -30.47 6.28
N GLY E 199 1.91 -31.27 7.13
CA GLY E 199 3.30 -31.72 6.92
C GLY E 199 3.37 -32.82 5.87
N LEU E 200 4.58 -33.26 5.51
CA LEU E 200 4.78 -34.15 4.34
C LEU E 200 3.88 -35.40 4.33
N SER E 201 3.45 -35.80 3.14
CA SER E 201 2.26 -36.64 2.96
C SER E 201 2.31 -38.06 3.54
N SER E 202 1.24 -38.45 4.25
CA SER E 202 0.86 -39.85 4.63
C SER E 202 1.90 -40.85 5.25
N PRO E 203 2.48 -40.49 6.41
CA PRO E 203 3.38 -41.39 7.15
C PRO E 203 2.61 -42.26 8.16
N VAL E 204 2.84 -43.58 8.11
CA VAL E 204 2.18 -44.56 8.99
C VAL E 204 3.24 -45.37 9.76
N THR E 205 3.10 -45.44 11.09
CA THR E 205 3.92 -46.33 11.95
C THR E 205 3.01 -47.47 12.41
N LYS E 206 3.48 -48.72 12.31
CA LYS E 206 2.71 -49.93 12.69
C LYS E 206 3.42 -50.77 13.76
N SER E 207 2.64 -51.68 14.36
CA SER E 207 3.12 -52.65 15.39
C SER E 207 2.97 -54.15 15.01
N PHE E 208 3.82 -54.97 15.64
CA PHE E 208 3.74 -56.46 15.67
C PHE E 208 3.68 -57.13 14.31
N GLN F 1 -56.86 24.31 -5.61
CA GLN F 1 -56.79 25.77 -5.29
C GLN F 1 -55.57 26.10 -4.42
N ILE F 2 -54.60 26.82 -4.98
CA ILE F 2 -53.41 27.29 -4.22
C ILE F 2 -53.70 28.66 -3.59
N VAL F 3 -53.92 28.69 -2.29
CA VAL F 3 -54.04 29.96 -1.55
C VAL F 3 -52.69 30.70 -1.65
N LEU F 4 -52.72 31.98 -2.02
CA LEU F 4 -51.54 32.85 -1.97
C LEU F 4 -51.79 33.92 -0.88
N SER F 5 -50.88 33.98 0.10
CA SER F 5 -50.95 34.93 1.24
C SER F 5 -49.84 35.97 1.14
N GLN F 6 -50.23 37.22 0.92
CA GLN F 6 -49.28 38.31 0.84
C GLN F 6 -49.21 38.95 2.21
N SER F 7 -47.98 39.22 2.67
CA SER F 7 -47.71 39.85 3.96
C SER F 7 -46.71 40.98 3.72
N PRO F 8 -46.84 42.13 4.39
CA PRO F 8 -47.95 42.46 5.30
C PRO F 8 -49.24 42.85 4.55
N ALA F 9 -50.34 43.00 5.27
CA ALA F 9 -51.63 43.43 4.67
C ALA F 9 -51.56 44.90 4.19
N ILE F 10 -51.12 45.76 5.10
CA ILE F 10 -50.87 47.18 4.87
C ILE F 10 -49.40 47.45 5.22
N LEU F 11 -48.68 48.12 4.32
CA LEU F 11 -47.20 48.19 4.36
C LEU F 11 -46.69 49.64 4.43
N SER F 12 -46.23 50.07 5.60
CA SER F 12 -45.83 51.47 5.88
C SER F 12 -44.35 51.77 5.55
N ALA F 13 -44.10 52.53 4.47
CA ALA F 13 -42.75 52.74 3.92
C ALA F 13 -42.43 54.19 3.55
N SER F 14 -41.47 54.80 4.25
CA SER F 14 -40.95 56.14 3.88
C SER F 14 -40.19 56.11 2.53
N PRO F 15 -39.97 57.28 1.89
CA PRO F 15 -39.39 57.32 0.55
C PRO F 15 -38.05 56.55 0.37
N GLY F 16 -37.09 56.75 1.26
CA GLY F 16 -35.80 56.05 1.17
C GLY F 16 -35.93 54.53 1.20
N GLU F 17 -36.74 54.03 2.14
CA GLU F 17 -36.69 52.63 2.62
C GLU F 17 -36.69 51.53 1.55
N LYS F 18 -35.70 50.64 1.61
CA LYS F 18 -35.78 49.37 0.89
C LYS F 18 -36.83 48.57 1.65
N VAL F 19 -37.88 48.16 0.94
CA VAL F 19 -39.05 47.52 1.55
C VAL F 19 -39.50 46.33 0.68
N THR F 20 -39.82 45.20 1.33
CA THR F 20 -40.20 43.95 0.65
C THR F 20 -41.56 43.44 1.13
N MET F 21 -42.41 42.98 0.21
CA MET F 21 -43.71 42.39 0.55
C MET F 21 -43.78 40.98 -0.01
N THR F 22 -44.03 40.00 0.84
CA THR F 22 -43.85 38.61 0.47
C THR F 22 -45.16 38.07 -0.10
N CYS F 23 -45.11 36.82 -0.57
CA CYS F 23 -46.27 36.08 -1.06
C CYS F 23 -45.99 34.61 -0.74
N ARG F 24 -46.80 33.98 0.13
CA ARG F 24 -46.59 32.56 0.55
C ARG F 24 -47.71 31.62 0.06
N ALA F 25 -47.31 30.58 -0.69
CA ALA F 25 -48.23 29.66 -1.36
C ALA F 25 -48.61 28.44 -0.48
N SER F 26 -49.78 27.85 -0.72
CA SER F 26 -50.17 26.59 -0.03
C SER F 26 -49.15 25.48 -0.35
N SER F 27 -48.86 25.33 -1.65
CA SER F 27 -47.88 24.36 -2.15
C SER F 27 -46.88 25.05 -3.10
N SER F 28 -45.80 24.36 -3.46
CA SER F 28 -44.68 24.96 -4.23
C SER F 28 -45.07 25.23 -5.69
N VAL F 29 -44.83 26.47 -6.15
CA VAL F 29 -45.17 26.92 -7.52
C VAL F 29 -43.90 27.31 -8.26
N CYS F 30 -43.98 27.33 -9.59
CA CYS F 30 -42.80 27.43 -10.46
C CYS F 30 -42.34 28.88 -10.58
N ASN F 31 -43.26 29.73 -11.03
CA ASN F 31 -43.00 31.16 -11.29
C ASN F 31 -44.09 31.99 -10.68
N MET F 32 -43.73 33.19 -10.22
CA MET F 32 -44.71 34.16 -9.73
C MET F 32 -44.84 35.37 -10.62
N HIS F 33 -46.08 35.83 -10.79
CA HIS F 33 -46.39 37.04 -11.55
C HIS F 33 -47.03 38.08 -10.62
N TRP F 34 -46.57 39.34 -10.69
CA TRP F 34 -47.15 40.43 -9.87
C TRP F 34 -47.93 41.39 -10.77
N TYR F 35 -48.97 42.01 -10.17
CA TYR F 35 -49.79 43.07 -10.80
C TYR F 35 -49.96 44.26 -9.85
N GLN F 36 -49.81 45.49 -10.36
CA GLN F 36 -50.01 46.75 -9.59
C GLN F 36 -51.35 47.38 -9.96
N GLN F 37 -52.13 47.79 -8.96
CA GLN F 37 -53.45 48.41 -9.20
C GLN F 37 -53.77 49.56 -8.25
N LYS F 38 -54.06 50.75 -8.79
CA LYS F 38 -54.55 51.92 -7.98
C LYS F 38 -56.09 51.96 -7.97
N PRO F 39 -56.73 52.61 -6.96
CA PRO F 39 -58.22 52.64 -6.96
C PRO F 39 -58.89 53.30 -8.18
N GLY F 40 -60.11 52.86 -8.46
CA GLY F 40 -60.88 53.32 -9.61
C GLY F 40 -60.20 53.12 -10.95
N SER F 41 -59.44 52.03 -11.11
CA SER F 41 -58.63 51.79 -12.33
C SER F 41 -58.21 50.32 -12.48
N SER F 42 -57.96 49.89 -13.71
CA SER F 42 -57.60 48.49 -14.02
C SER F 42 -56.19 48.09 -13.51
N PRO F 43 -56.01 46.81 -13.13
CA PRO F 43 -54.67 46.30 -12.85
C PRO F 43 -53.76 46.38 -14.05
N LYS F 44 -52.55 46.94 -13.82
CA LYS F 44 -51.51 47.05 -14.85
C LYS F 44 -50.51 45.90 -14.63
N PRO F 45 -50.14 45.18 -15.70
CA PRO F 45 -49.10 44.15 -15.57
C PRO F 45 -47.80 44.68 -14.99
N TRP F 46 -47.23 43.94 -14.03
CA TRP F 46 -46.04 44.37 -13.30
C TRP F 46 -44.85 43.46 -13.51
N LEU F 47 -44.92 42.23 -13.00
CA LEU F 47 -43.81 41.27 -13.12
C LEU F 47 -44.31 39.92 -13.58
N HIS F 48 -43.43 39.19 -14.27
CA HIS F 48 -43.70 37.83 -14.70
C HIS F 48 -42.48 36.93 -14.55
N GLY F 49 -42.69 35.63 -14.40
CA GLY F 49 -41.58 34.66 -14.32
C GLY F 49 -40.67 34.96 -13.14
N THR F 50 -41.29 35.23 -11.99
CA THR F 50 -40.61 35.61 -10.75
C THR F 50 -39.90 36.99 -10.74
N SER F 51 -38.91 37.19 -11.61
CA SER F 51 -38.14 38.44 -11.65
C SER F 51 -38.19 39.23 -12.93
N ASN F 52 -38.57 38.64 -14.07
CA ASN F 52 -38.69 39.41 -15.31
C ASN F 52 -39.71 40.53 -15.13
N LEU F 53 -39.38 41.72 -15.63
CA LEU F 53 -40.24 42.89 -15.50
C LEU F 53 -41.01 43.12 -16.78
N ALA F 54 -42.19 43.69 -16.62
CA ALA F 54 -43.07 44.02 -17.74
C ALA F 54 -42.54 45.25 -18.43
N SER F 55 -43.02 45.48 -19.64
CA SER F 55 -42.51 46.57 -20.47
C SER F 55 -42.69 47.92 -19.78
N GLY F 56 -41.58 48.63 -19.60
CA GLY F 56 -41.59 49.98 -18.99
C GLY F 56 -41.72 50.11 -17.48
N VAL F 57 -41.68 48.99 -16.76
CA VAL F 57 -41.81 49.03 -15.29
C VAL F 57 -40.47 49.53 -14.74
N PRO F 58 -40.50 50.48 -13.79
CA PRO F 58 -39.28 51.01 -13.21
C PRO F 58 -38.31 49.94 -12.72
N VAL F 59 -37.01 50.21 -12.88
CA VAL F 59 -35.96 49.25 -12.53
C VAL F 59 -35.80 49.09 -11.00
N ARG F 60 -36.62 49.78 -10.21
CA ARG F 60 -36.57 49.69 -8.74
C ARG F 60 -37.34 48.46 -8.22
N PHE F 61 -38.17 47.86 -9.07
CA PHE F 61 -38.86 46.62 -8.74
C PHE F 61 -37.99 45.44 -9.18
N SER F 62 -37.73 44.55 -8.23
CA SER F 62 -37.09 43.26 -8.46
C SER F 62 -37.97 42.19 -7.83
N GLY F 63 -38.08 41.05 -8.48
CA GLY F 63 -38.79 39.92 -7.94
C GLY F 63 -37.81 38.81 -7.62
N SER F 64 -38.19 37.92 -6.72
CA SER F 64 -37.31 36.84 -6.29
C SER F 64 -38.07 35.76 -5.52
N GLY F 65 -37.34 34.68 -5.18
CA GLY F 65 -37.85 33.55 -4.42
C GLY F 65 -38.23 32.38 -5.30
N SER F 66 -38.42 31.22 -4.70
CA SER F 66 -38.86 30.00 -5.39
C SER F 66 -39.70 29.17 -4.43
N GLY F 67 -40.07 27.95 -4.84
CA GLY F 67 -40.69 27.00 -3.93
C GLY F 67 -41.98 27.55 -3.36
N THR F 68 -42.06 27.67 -2.03
CA THR F 68 -43.28 28.13 -1.35
C THR F 68 -43.12 29.57 -0.78
N SER F 69 -42.33 30.42 -1.42
CA SER F 69 -42.10 31.76 -0.86
C SER F 69 -41.36 32.72 -1.81
N PHE F 70 -42.10 33.70 -2.34
CA PHE F 70 -41.57 34.70 -3.27
C PHE F 70 -41.75 36.09 -2.71
N SER F 71 -40.81 36.96 -3.05
CA SER F 71 -40.79 38.32 -2.53
C SER F 71 -40.82 39.31 -3.68
N LEU F 72 -41.32 40.51 -3.37
CA LEU F 72 -41.25 41.68 -4.26
C LEU F 72 -40.62 42.81 -3.46
N THR F 73 -39.63 43.47 -4.05
CA THR F 73 -38.86 44.53 -3.37
C THR F 73 -38.78 45.78 -4.25
N ILE F 74 -39.02 46.93 -3.60
CA ILE F 74 -38.85 48.27 -4.18
C ILE F 74 -37.52 48.80 -3.64
N SER F 75 -36.51 48.98 -4.49
CA SER F 75 -35.17 49.30 -3.99
C SER F 75 -35.16 50.64 -3.20
N ARG F 76 -35.81 51.67 -3.76
CA ARG F 76 -36.10 52.95 -3.07
C ARG F 76 -37.58 53.32 -3.41
N VAL F 77 -38.39 53.62 -2.40
CA VAL F 77 -39.83 53.89 -2.60
C VAL F 77 -40.08 55.27 -3.22
N GLU F 78 -40.59 55.32 -4.45
CA GLU F 78 -41.13 56.59 -4.97
C GLU F 78 -42.59 56.78 -4.48
N ALA F 79 -43.14 57.97 -4.73
CA ALA F 79 -44.53 58.30 -4.35
C ALA F 79 -45.61 57.68 -5.27
N GLU F 80 -45.24 57.32 -6.51
CA GLU F 80 -46.16 56.72 -7.50
C GLU F 80 -46.27 55.19 -7.35
N ASP F 81 -45.60 54.65 -6.33
CA ASP F 81 -45.69 53.24 -5.95
C ASP F 81 -46.80 52.97 -4.89
N ALA F 82 -47.71 53.93 -4.66
CA ALA F 82 -48.69 53.84 -3.57
C ALA F 82 -49.94 52.97 -3.86
N ALA F 83 -49.76 51.91 -4.64
CA ALA F 83 -50.87 51.09 -5.13
C ALA F 83 -51.14 49.92 -4.19
N THR F 84 -51.93 48.95 -4.66
CA THR F 84 -52.09 47.66 -4.01
C THR F 84 -51.49 46.64 -4.98
N TYR F 85 -50.63 45.76 -4.48
CA TYR F 85 -49.95 44.77 -5.31
C TYR F 85 -50.49 43.37 -5.02
N PHE F 86 -50.64 42.57 -6.07
CA PHE F 86 -51.16 41.20 -5.98
C PHE F 86 -50.21 40.27 -6.73
N CYS F 87 -49.87 39.14 -6.10
CA CYS F 87 -49.11 38.09 -6.77
C CYS F 87 -50.13 37.12 -7.42
N GLN F 88 -49.66 36.32 -8.38
CA GLN F 88 -50.53 35.42 -9.13
C GLN F 88 -49.70 34.28 -9.68
N GLN F 89 -50.14 33.05 -9.44
CA GLN F 89 -49.44 31.83 -9.92
C GLN F 89 -50.24 31.15 -11.02
N TRP F 90 -49.57 30.46 -11.95
CA TRP F 90 -50.26 29.49 -12.83
C TRP F 90 -49.40 28.24 -13.13
N SER F 91 -48.82 27.68 -12.06
CA SER F 91 -48.22 26.34 -12.08
C SER F 91 -49.22 25.30 -11.58
N ASN F 92 -50.10 25.70 -10.67
CA ASN F 92 -51.25 24.89 -10.33
C ASN F 92 -52.46 25.55 -10.99
N HIS F 93 -53.32 24.73 -11.62
CA HIS F 93 -54.60 25.14 -12.19
C HIS F 93 -55.70 24.85 -11.15
N PRO F 94 -56.63 25.79 -10.86
CA PRO F 94 -56.80 27.06 -11.55
C PRO F 94 -55.84 28.14 -11.04
N PRO F 95 -55.56 29.16 -11.89
CA PRO F 95 -54.71 30.27 -11.45
C PRO F 95 -55.44 31.10 -10.39
N THR F 96 -54.73 31.40 -9.31
CA THR F 96 -55.29 32.11 -8.15
C THR F 96 -54.45 33.35 -7.90
N PHE F 97 -55.04 34.36 -7.27
CA PHE F 97 -54.35 35.62 -6.97
C PHE F 97 -54.04 35.74 -5.48
N GLY F 98 -53.22 36.71 -5.11
CA GLY F 98 -53.07 37.10 -3.70
C GLY F 98 -54.24 37.91 -3.14
N GLY F 99 -54.15 38.28 -1.86
CA GLY F 99 -55.20 39.05 -1.20
C GLY F 99 -54.98 40.57 -1.20
N GLY F 100 -53.77 40.97 -1.60
CA GLY F 100 -53.40 42.37 -1.67
C GLY F 100 -52.51 42.85 -0.55
N THR F 101 -51.25 43.16 -0.88
CA THR F 101 -50.40 44.01 -0.02
C THR F 101 -50.57 45.47 -0.46
N LYS F 102 -51.01 46.35 0.45
CA LYS F 102 -51.19 47.78 0.14
C LYS F 102 -50.00 48.64 0.59
N LEU F 103 -49.34 49.30 -0.36
CA LEU F 103 -48.23 50.17 -0.05
C LEU F 103 -48.77 51.55 0.34
N GLU F 104 -48.87 51.81 1.64
CA GLU F 104 -49.19 53.15 2.16
C GLU F 104 -47.86 53.86 2.32
N ILE F 105 -47.61 54.94 1.60
CA ILE F 105 -46.41 55.72 1.84
C ILE F 105 -46.44 56.31 3.28
N ASP F 106 -45.30 56.20 3.97
CA ASP F 106 -45.14 56.78 5.29
C ASP F 106 -44.95 58.28 5.09
N ARG F 107 -45.62 59.00 5.96
CA ARG F 107 -45.92 60.43 5.85
C ARG F 107 -44.95 61.42 6.51
N THR F 108 -45.11 62.66 6.09
CA THR F 108 -44.49 63.82 6.68
C THR F 108 -45.70 64.62 7.11
N VAL F 109 -45.86 64.79 8.41
CA VAL F 109 -47.01 65.49 8.98
C VAL F 109 -47.34 66.82 8.27
N ALA F 110 -48.61 66.98 7.90
CA ALA F 110 -49.13 68.22 7.32
C ALA F 110 -50.58 68.38 7.76
N ALA F 111 -50.96 69.61 8.06
CA ALA F 111 -52.33 69.92 8.54
C ALA F 111 -53.29 70.13 7.36
N PRO F 112 -54.59 69.85 7.56
CA PRO F 112 -55.54 70.08 6.46
C PRO F 112 -55.86 71.56 6.23
N SER F 113 -56.11 71.91 4.97
CA SER F 113 -56.71 73.20 4.65
C SER F 113 -58.21 72.93 4.67
N VAL F 114 -58.93 73.61 5.58
CA VAL F 114 -60.37 73.35 5.83
C VAL F 114 -61.28 74.38 5.15
N PHE F 115 -62.34 73.89 4.49
CA PHE F 115 -63.37 74.72 3.83
C PHE F 115 -64.80 74.23 4.24
N ILE F 116 -65.79 75.13 4.19
CA ILE F 116 -67.22 74.83 4.49
C ILE F 116 -68.18 75.52 3.47
N PHE F 117 -69.01 74.72 2.80
CA PHE F 117 -69.93 75.19 1.74
C PHE F 117 -71.37 75.16 2.26
N PRO F 118 -72.14 76.27 2.14
CA PRO F 118 -73.54 76.19 2.54
C PRO F 118 -74.40 75.53 1.45
N PRO F 119 -75.67 75.19 1.74
CA PRO F 119 -76.54 74.59 0.72
C PRO F 119 -76.84 75.51 -0.45
N SER F 120 -76.92 74.96 -1.66
CA SER F 120 -77.28 75.75 -2.83
C SER F 120 -78.73 76.14 -2.77
N ASP F 121 -79.04 77.33 -3.29
CA ASP F 121 -80.43 77.81 -3.35
C ASP F 121 -81.35 76.88 -4.14
N GLU F 122 -80.84 76.31 -5.24
CA GLU F 122 -81.63 75.35 -6.04
C GLU F 122 -82.01 74.13 -5.19
N GLN F 123 -81.08 73.55 -4.46
CA GLN F 123 -81.37 72.33 -3.70
C GLN F 123 -82.21 72.58 -2.44
N LEU F 124 -82.05 73.73 -1.79
CA LEU F 124 -82.95 74.07 -0.68
C LEU F 124 -84.40 74.12 -1.21
N LYS F 125 -84.62 74.73 -2.38
CA LYS F 125 -85.93 74.67 -3.04
C LYS F 125 -86.39 73.20 -3.20
N SER F 126 -85.47 72.28 -3.54
CA SER F 126 -85.77 70.84 -3.61
C SER F 126 -86.20 70.18 -2.26
N GLY F 127 -85.93 70.82 -1.13
CA GLY F 127 -86.39 70.36 0.20
C GLY F 127 -85.36 69.71 1.11
N THR F 128 -84.08 69.80 0.75
CA THR F 128 -82.99 69.18 1.53
C THR F 128 -81.84 70.16 1.76
N ALA F 129 -81.17 70.02 2.91
CA ALA F 129 -80.02 70.85 3.28
C ALA F 129 -78.78 69.99 3.26
N SER F 130 -77.85 70.25 2.34
CA SER F 130 -76.58 69.54 2.27
C SER F 130 -75.45 70.52 2.57
N VAL F 131 -74.87 70.37 3.76
CA VAL F 131 -73.78 71.22 4.21
C VAL F 131 -72.50 70.39 4.09
N VAL F 132 -71.51 70.93 3.37
CA VAL F 132 -70.31 70.20 2.96
C VAL F 132 -69.05 70.85 3.58
N CYS F 133 -68.21 70.01 4.22
CA CYS F 133 -66.92 70.44 4.78
C CYS F 133 -65.79 69.63 4.13
N LEU F 134 -64.87 70.32 3.46
CA LEU F 134 -63.74 69.69 2.78
C LEU F 134 -62.51 69.87 3.66
N LEU F 135 -61.96 68.78 4.20
CA LEU F 135 -60.62 68.80 4.81
C LEU F 135 -59.69 68.42 3.69
N ASN F 136 -58.80 69.32 3.28
CA ASN F 136 -58.04 69.15 2.04
C ASN F 136 -56.54 69.01 2.30
N ASN F 137 -55.91 68.03 1.66
CA ASN F 137 -54.44 67.84 1.65
C ASN F 137 -53.71 67.77 3.01
N PHE F 138 -53.69 66.56 3.58
CA PHE F 138 -53.09 66.30 4.90
C PHE F 138 -52.65 64.85 5.05
N TYR F 139 -51.66 64.62 5.89
CA TYR F 139 -51.20 63.27 6.23
C TYR F 139 -50.56 63.32 7.62
N PRO F 140 -50.88 62.36 8.47
CA PRO F 140 -51.42 61.05 8.08
C PRO F 140 -52.94 60.96 7.99
N ARG F 141 -53.41 59.86 7.39
CA ARG F 141 -54.83 59.63 7.17
C ARG F 141 -55.76 59.81 8.39
N GLU F 142 -55.26 59.54 9.59
CA GLU F 142 -56.09 59.64 10.80
C GLU F 142 -56.56 61.08 10.97
N ALA F 143 -57.89 61.28 11.02
CA ALA F 143 -58.48 62.58 11.33
C ALA F 143 -59.89 62.42 11.90
N LYS F 144 -60.25 63.31 12.84
CA LYS F 144 -61.56 63.30 13.52
C LYS F 144 -62.24 64.63 13.22
N VAL F 145 -63.53 64.58 12.82
CA VAL F 145 -64.36 65.75 12.47
C VAL F 145 -65.76 65.60 13.05
N GLN F 146 -66.37 66.72 13.43
CA GLN F 146 -67.75 66.73 14.00
C GLN F 146 -68.45 68.07 13.83
N TRP F 147 -69.72 68.03 13.45
CA TRP F 147 -70.54 69.23 13.24
C TRP F 147 -71.11 69.70 14.57
N LYS F 148 -70.91 70.98 14.88
CA LYS F 148 -71.54 71.61 16.06
C LYS F 148 -72.72 72.53 15.65
N VAL F 149 -73.46 73.01 16.65
CA VAL F 149 -74.60 73.95 16.44
C VAL F 149 -74.96 74.82 17.68
N LEU F 153 -74.66 71.27 19.37
CA LEU F 153 -73.89 70.09 18.92
C LEU F 153 -74.70 69.21 17.94
N GLN F 154 -74.04 68.21 17.35
CA GLN F 154 -74.66 67.26 16.39
C GLN F 154 -73.89 65.92 16.36
N SER F 155 -74.59 64.81 16.65
CA SER F 155 -74.04 63.44 16.54
C SER F 155 -74.65 62.61 15.40
N GLY F 156 -75.88 62.93 14.97
CA GLY F 156 -76.55 62.21 13.89
C GLY F 156 -76.43 62.88 12.53
N ASN F 157 -76.77 62.12 11.49
CA ASN F 157 -76.95 62.67 10.15
C ASN F 157 -75.69 63.37 9.61
N SER F 158 -74.55 62.68 9.72
CA SER F 158 -73.27 63.06 9.10
C SER F 158 -72.58 61.83 8.46
N GLN F 159 -71.99 62.00 7.27
CA GLN F 159 -71.24 60.94 6.56
C GLN F 159 -69.87 61.43 6.04
N GLU F 160 -68.89 60.53 5.91
CA GLU F 160 -67.51 60.88 5.46
C GLU F 160 -67.08 60.11 4.20
N SER F 161 -66.21 60.72 3.39
CA SER F 161 -65.52 60.03 2.28
C SER F 161 -64.07 60.51 2.23
N VAL F 162 -63.10 59.59 2.19
CA VAL F 162 -61.66 59.92 2.06
C VAL F 162 -61.16 59.48 0.68
N THR F 163 -60.41 60.33 -0.04
CA THR F 163 -59.77 59.88 -1.30
C THR F 163 -58.57 59.01 -0.97
N GLU F 164 -58.19 58.13 -1.91
CA GLU F 164 -56.92 57.38 -1.82
C GLU F 164 -55.77 58.38 -1.95
N GLN F 165 -54.66 58.15 -1.25
CA GLN F 165 -53.52 59.08 -1.29
C GLN F 165 -52.99 59.31 -2.71
N ASP F 166 -52.85 60.59 -3.09
CA ASP F 166 -52.54 60.97 -4.48
C ASP F 166 -51.06 60.71 -4.79
N SER F 167 -50.78 60.54 -6.08
CA SER F 167 -49.44 60.23 -6.54
C SER F 167 -48.45 61.32 -6.12
N LYS F 168 -48.62 62.57 -6.59
CA LYS F 168 -47.57 63.61 -6.49
C LYS F 168 -47.11 63.89 -5.06
N ASP F 169 -48.08 64.20 -4.20
CA ASP F 169 -47.82 64.69 -2.84
C ASP F 169 -48.08 63.67 -1.72
N SER F 170 -48.58 62.49 -2.10
CA SER F 170 -48.86 61.43 -1.14
C SER F 170 -49.71 61.93 0.03
N THR F 171 -50.81 62.62 -0.30
CA THR F 171 -51.69 63.19 0.69
C THR F 171 -53.12 62.70 0.51
N TYR F 172 -53.93 62.83 1.55
CA TYR F 172 -55.35 62.44 1.51
C TYR F 172 -56.24 63.68 1.58
N SER F 173 -57.44 63.60 0.99
CA SER F 173 -58.50 64.60 1.23
C SER F 173 -59.68 63.86 1.86
N LEU F 174 -60.41 64.52 2.76
CA LEU F 174 -61.56 63.92 3.47
C LEU F 174 -62.74 64.86 3.36
N SER F 175 -63.95 64.31 3.24
CA SER F 175 -65.15 65.09 2.96
C SER F 175 -66.31 64.70 3.88
N SER F 176 -66.43 65.39 5.00
CA SER F 176 -67.64 65.28 5.84
C SER F 176 -68.83 66.00 5.15
N THR F 177 -70.04 65.44 5.30
CA THR F 177 -71.30 66.02 4.79
C THR F 177 -72.45 65.87 5.80
N LEU F 178 -72.94 66.97 6.36
CA LEU F 178 -74.12 66.98 7.25
C LEU F 178 -75.38 67.16 6.39
N THR F 179 -76.33 66.22 6.47
CA THR F 179 -77.64 66.30 5.76
C THR F 179 -78.78 66.55 6.77
N LEU F 180 -79.65 67.54 6.48
CA LEU F 180 -80.83 67.88 7.33
C LEU F 180 -82.08 68.31 6.52
N SER F 181 -83.25 68.29 7.17
CA SER F 181 -84.52 68.69 6.53
C SER F 181 -84.54 70.21 6.29
N LYS F 182 -85.12 70.66 5.17
CA LYS F 182 -85.18 72.09 4.81
C LYS F 182 -85.72 72.95 5.96
N ALA F 183 -86.92 72.59 6.42
CA ALA F 183 -87.56 73.27 7.54
C ALA F 183 -86.74 73.10 8.83
N ASP F 184 -86.18 71.91 9.02
CA ASP F 184 -85.22 71.63 10.10
C ASP F 184 -83.97 72.54 10.01
N TYR F 185 -83.48 72.74 8.79
CA TYR F 185 -82.32 73.59 8.52
C TYR F 185 -82.61 75.07 8.77
N GLU F 186 -83.85 75.47 8.51
CA GLU F 186 -84.28 76.84 8.83
C GLU F 186 -84.29 77.19 10.33
N LYS F 187 -84.32 76.20 11.21
CA LYS F 187 -84.45 76.43 12.66
C LYS F 187 -83.20 77.03 13.31
N HIS F 188 -82.02 76.59 12.87
CA HIS F 188 -80.73 77.04 13.44
C HIS F 188 -80.03 78.08 12.56
N LYS F 189 -79.25 78.97 13.18
CA LYS F 189 -78.55 80.07 12.51
C LYS F 189 -77.15 79.67 12.01
N VAL F 190 -76.39 79.03 12.91
CA VAL F 190 -74.94 78.81 12.72
C VAL F 190 -74.60 77.30 12.60
N TYR F 191 -73.85 76.98 11.54
CA TYR F 191 -73.37 75.62 11.28
C TYR F 191 -71.86 75.69 11.19
N ALA F 192 -71.16 74.91 12.00
CA ALA F 192 -69.71 74.94 12.07
C ALA F 192 -69.12 73.54 11.87
N CYS F 193 -67.83 73.49 11.53
CA CYS F 193 -67.12 72.22 11.25
C CYS F 193 -65.83 72.07 12.09
N GLU F 194 -65.97 71.52 13.31
CA GLU F 194 -64.81 71.26 14.18
C GLU F 194 -63.93 70.19 13.51
N VAL F 195 -62.68 70.56 13.18
CA VAL F 195 -61.66 69.64 12.62
C VAL F 195 -60.55 69.42 13.65
N THR F 196 -60.11 68.16 13.81
CA THR F 196 -58.99 67.76 14.70
C THR F 196 -57.96 66.91 13.93
N HIS F 197 -56.68 67.25 14.06
CA HIS F 197 -55.58 66.58 13.36
C HIS F 197 -54.25 66.88 14.07
N GLN F 198 -53.21 66.09 13.82
CA GLN F 198 -51.88 66.34 14.41
C GLN F 198 -51.33 67.76 14.16
N GLY F 199 -51.30 68.16 12.90
CA GLY F 199 -50.76 69.46 12.46
C GLY F 199 -51.39 70.73 13.03
N LEU F 200 -52.68 70.69 13.39
CA LEU F 200 -53.40 71.89 13.87
C LEU F 200 -54.20 71.71 15.18
N SER F 201 -54.18 72.75 16.01
CA SER F 201 -54.83 72.74 17.34
C SER F 201 -56.23 73.41 17.39
N SER F 202 -57.28 72.66 17.05
CA SER F 202 -58.71 73.07 17.19
C SER F 202 -59.25 74.30 16.38
N PRO F 203 -59.04 74.33 15.04
CA PRO F 203 -59.67 75.37 14.22
C PRO F 203 -61.10 75.02 13.81
N VAL F 204 -61.98 76.02 13.74
CA VAL F 204 -63.40 75.87 13.36
C VAL F 204 -63.77 76.86 12.24
N THR F 205 -64.21 76.37 11.06
CA THR F 205 -64.77 77.23 9.98
C THR F 205 -66.29 77.06 9.96
N LYS F 206 -67.05 78.16 9.84
CA LYS F 206 -68.54 78.12 9.96
C LYS F 206 -69.35 78.96 8.93
N SER F 207 -70.54 78.46 8.55
CA SER F 207 -71.50 79.17 7.64
C SER F 207 -71.97 80.50 8.23
N GLU G 1 0.30 -13.09 48.90
CA GLU G 1 -0.32 -14.34 48.35
C GLU G 1 -1.77 -14.51 48.86
N PHE G 2 -2.71 -13.81 48.23
CA PHE G 2 -4.13 -13.99 48.51
C PHE G 2 -4.57 -15.33 47.88
N GLN G 3 -5.16 -16.20 48.70
CA GLN G 3 -5.49 -17.58 48.29
C GLN G 3 -6.84 -18.03 48.90
N LEU G 4 -7.80 -18.33 48.02
CA LEU G 4 -9.13 -18.85 48.39
C LEU G 4 -9.20 -20.37 48.11
N GLN G 5 -8.70 -21.18 49.03
CA GLN G 5 -8.67 -22.65 48.88
C GLN G 5 -10.04 -23.24 49.17
N GLN G 6 -10.61 -23.99 48.22
CA GLN G 6 -11.97 -24.58 48.38
C GLN G 6 -12.05 -26.12 48.42
N SER G 7 -13.18 -26.63 48.93
CA SER G 7 -13.37 -28.07 49.08
C SER G 7 -13.21 -28.86 47.76
N GLY G 8 -13.02 -30.17 47.92
CA GLY G 8 -12.64 -31.02 46.82
C GLY G 8 -13.80 -31.36 45.91
N PRO G 9 -13.50 -32.04 44.77
CA PRO G 9 -14.51 -32.47 43.82
C PRO G 9 -15.52 -33.37 44.48
N GLU G 10 -16.76 -33.30 44.01
CA GLU G 10 -17.86 -33.94 44.69
C GLU G 10 -18.79 -34.61 43.70
N LEU G 11 -19.44 -35.67 44.16
CA LEU G 11 -20.46 -36.38 43.38
C LEU G 11 -21.75 -36.31 44.20
N VAL G 12 -22.83 -35.93 43.53
CA VAL G 12 -24.09 -35.59 44.16
C VAL G 12 -25.11 -36.42 43.44
N LYS G 13 -25.87 -37.23 44.17
CA LYS G 13 -27.02 -37.94 43.56
C LYS G 13 -28.13 -36.95 43.19
N PRO G 14 -28.96 -37.24 42.18
CA PRO G 14 -30.10 -36.37 41.89
C PRO G 14 -31.02 -36.24 43.10
N GLY G 15 -31.41 -35.01 43.42
CA GLY G 15 -32.24 -34.73 44.59
C GLY G 15 -31.47 -34.45 45.87
N ALA G 16 -30.20 -34.84 45.92
CA ALA G 16 -29.37 -34.66 47.10
C ALA G 16 -28.68 -33.29 47.06
N SER G 17 -28.41 -32.70 48.21
CA SER G 17 -27.70 -31.43 48.24
C SER G 17 -26.19 -31.64 48.45
N VAL G 18 -25.42 -30.56 48.31
CA VAL G 18 -23.95 -30.49 48.54
C VAL G 18 -23.68 -29.20 49.31
N LYS G 19 -22.55 -29.16 50.01
CA LYS G 19 -22.06 -27.90 50.57
C LYS G 19 -20.56 -27.77 50.25
N ILE G 20 -20.14 -26.64 49.70
CA ILE G 20 -18.76 -26.42 49.30
C ILE G 20 -18.14 -25.40 50.26
N SER G 21 -16.92 -25.70 50.72
CA SER G 21 -16.18 -24.81 51.63
C SER G 21 -15.21 -23.95 50.82
N CYS G 22 -14.93 -22.74 51.32
CA CYS G 22 -13.90 -21.85 50.75
C CYS G 22 -13.12 -21.18 51.89
N LYS G 23 -11.97 -21.72 52.26
CA LYS G 23 -11.15 -21.15 53.35
C LYS G 23 -10.31 -20.00 52.78
N ALA G 24 -10.37 -18.83 53.40
CA ALA G 24 -9.62 -17.65 52.93
C ALA G 24 -8.32 -17.36 53.73
N SER G 25 -7.22 -17.09 53.00
CA SER G 25 -5.87 -16.87 53.58
C SER G 25 -5.11 -15.72 52.88
N GLY G 26 -4.32 -14.97 53.65
CA GLY G 26 -3.47 -13.88 53.11
C GLY G 26 -4.06 -12.47 53.14
N TYR G 27 -5.38 -12.37 53.24
CA TYR G 27 -6.10 -11.09 53.34
C TYR G 27 -7.08 -11.21 54.51
N SER G 28 -7.43 -10.08 55.13
CA SER G 28 -8.43 -10.10 56.21
C SER G 28 -9.77 -10.63 55.70
N PHE G 29 -10.08 -11.90 56.01
CA PHE G 29 -11.29 -12.54 55.48
C PHE G 29 -12.57 -11.72 55.68
N THR G 30 -12.74 -11.16 56.87
CA THR G 30 -14.00 -10.50 57.23
C THR G 30 -14.20 -9.07 56.64
N ASP G 31 -13.18 -8.54 55.95
CA ASP G 31 -13.22 -7.16 55.44
C ASP G 31 -13.53 -6.99 53.94
N TYR G 32 -13.86 -8.08 53.23
CA TYR G 32 -14.25 -8.03 51.80
C TYR G 32 -15.60 -8.73 51.62
N ASN G 33 -16.08 -8.92 50.38
CA ASN G 33 -17.27 -9.75 50.09
C ASN G 33 -16.84 -11.03 49.36
N ILE G 34 -17.52 -12.15 49.62
CA ILE G 34 -17.30 -13.43 48.89
C ILE G 34 -18.48 -13.59 47.96
N ASN G 35 -18.21 -13.68 46.65
CA ASN G 35 -19.24 -13.93 45.61
C ASN G 35 -19.00 -15.32 45.00
N TRP G 36 -20.07 -16.08 44.72
CA TRP G 36 -19.97 -17.42 44.06
C TRP G 36 -20.40 -17.36 42.60
N MET G 37 -19.60 -17.96 41.69
CA MET G 37 -19.95 -18.13 40.25
C MET G 37 -20.15 -19.59 39.95
N LYS G 38 -20.94 -19.88 38.92
CA LYS G 38 -21.02 -21.22 38.34
C LYS G 38 -20.52 -21.16 36.90
N GLN G 39 -19.72 -22.15 36.47
CA GLN G 39 -19.23 -22.27 35.09
C GLN G 39 -19.62 -23.64 34.52
N SER G 40 -20.27 -23.66 33.36
CA SER G 40 -20.76 -24.90 32.74
C SER G 40 -20.16 -25.16 31.36
N ASN G 41 -19.73 -26.41 31.13
CA ASN G 41 -19.10 -26.87 29.88
C ASN G 41 -17.82 -26.08 29.51
N GLY G 42 -17.06 -25.64 30.52
CA GLY G 42 -15.85 -24.82 30.31
C GLY G 42 -16.10 -23.50 29.60
N LYS G 43 -17.19 -22.83 29.99
CA LYS G 43 -17.60 -21.52 29.42
C LYS G 43 -18.74 -20.92 30.26
N SER G 44 -19.26 -19.78 29.87
CA SER G 44 -20.58 -19.32 30.38
C SER G 44 -20.66 -19.13 31.91
N LEU G 45 -19.83 -18.23 32.42
CA LEU G 45 -19.87 -17.83 33.83
C LEU G 45 -21.17 -17.10 34.19
N GLU G 46 -21.82 -17.48 35.28
CA GLU G 46 -22.97 -16.75 35.81
C GLU G 46 -22.84 -16.54 37.30
N TRP G 47 -23.27 -15.38 37.77
CA TRP G 47 -23.12 -15.04 39.19
C TRP G 47 -24.30 -15.59 39.99
N ILE G 48 -24.00 -16.27 41.09
CA ILE G 48 -25.00 -16.91 41.96
C ILE G 48 -25.47 -15.95 43.06
N GLY G 49 -24.52 -15.47 43.88
CA GLY G 49 -24.84 -14.53 44.97
C GLY G 49 -23.64 -13.99 45.75
N VAL G 50 -23.90 -12.99 46.59
CA VAL G 50 -22.90 -12.38 47.49
C VAL G 50 -23.22 -12.70 48.94
N VAL G 51 -22.19 -12.77 49.80
CA VAL G 51 -22.32 -12.75 51.26
C VAL G 51 -21.43 -11.61 51.78
N ILE G 52 -21.91 -10.83 52.76
CA ILE G 52 -21.05 -9.92 53.55
C ILE G 52 -20.57 -10.69 54.81
N PRO G 53 -19.33 -11.24 54.81
CA PRO G 53 -18.90 -12.14 55.90
C PRO G 53 -19.12 -11.63 57.31
N LYS G 54 -18.86 -10.34 57.53
CA LYS G 54 -18.99 -9.75 58.85
C LYS G 54 -20.40 -9.93 59.46
N TYR G 55 -21.46 -9.69 58.67
CA TYR G 55 -22.85 -9.77 59.16
C TYR G 55 -23.71 -10.88 58.53
N GLY G 56 -23.18 -11.58 57.52
CA GLY G 56 -23.95 -12.61 56.82
C GLY G 56 -25.09 -12.09 55.95
N THR G 57 -25.02 -10.83 55.52
CA THR G 57 -26.13 -10.25 54.72
C THR G 57 -25.95 -10.80 53.31
N THR G 58 -27.01 -11.39 52.77
CA THR G 58 -26.96 -12.06 51.45
C THR G 58 -27.79 -11.31 50.41
N ASN G 59 -27.28 -11.21 49.17
CA ASN G 59 -28.06 -10.81 47.98
C ASN G 59 -27.90 -11.93 46.93
N TYR G 60 -29.01 -12.44 46.38
CA TYR G 60 -29.00 -13.61 45.42
C TYR G 60 -29.40 -13.26 43.99
N ASN G 61 -28.96 -14.06 43.03
CA ASN G 61 -29.50 -13.97 41.67
C ASN G 61 -30.89 -14.54 41.69
N GLN G 62 -31.82 -13.95 40.95
CA GLN G 62 -33.21 -14.40 40.95
C GLN G 62 -33.33 -15.86 40.56
N LYS G 63 -32.53 -16.26 39.58
CA LYS G 63 -32.47 -17.63 39.08
C LYS G 63 -31.99 -18.66 40.09
N PHE G 64 -30.95 -18.30 40.86
CA PHE G 64 -30.36 -19.19 41.87
C PHE G 64 -30.86 -19.00 43.32
N GLN G 65 -32.02 -18.38 43.51
CA GLN G 65 -32.44 -18.00 44.88
C GLN G 65 -32.60 -19.23 45.83
N GLY G 66 -33.29 -20.26 45.37
CA GLY G 66 -33.56 -21.44 46.20
C GLY G 66 -32.43 -22.45 46.09
N LYS G 67 -31.94 -22.63 44.85
CA LYS G 67 -30.80 -23.51 44.53
C LYS G 67 -29.55 -23.28 45.35
N ALA G 68 -29.28 -22.03 45.74
CA ALA G 68 -28.10 -21.72 46.54
C ALA G 68 -28.46 -21.10 47.88
N THR G 69 -27.86 -21.63 48.92
CA THR G 69 -27.88 -21.03 50.23
C THR G 69 -26.44 -20.63 50.52
N LEU G 70 -26.19 -19.36 50.76
CA LEU G 70 -24.86 -18.89 51.09
C LEU G 70 -24.74 -18.63 52.58
N THR G 71 -23.70 -19.19 53.18
CA THR G 71 -23.36 -18.89 54.58
C THR G 71 -21.84 -18.68 54.74
N VAL G 72 -21.46 -18.31 55.95
CA VAL G 72 -20.07 -18.05 56.30
C VAL G 72 -19.84 -18.32 57.79
N ASP G 73 -18.69 -18.89 58.14
CA ASP G 73 -18.25 -18.98 59.53
C ASP G 73 -17.15 -17.94 59.63
N GLN G 74 -17.48 -16.71 60.03
CA GLN G 74 -16.44 -15.66 60.15
C GLN G 74 -15.25 -16.05 61.07
N SER G 75 -15.55 -16.82 62.12
CA SER G 75 -14.61 -17.28 63.13
C SER G 75 -13.57 -18.30 62.64
N SER G 76 -13.98 -19.15 61.70
CA SER G 76 -13.06 -20.12 61.07
C SER G 76 -12.52 -19.65 59.72
N SER G 77 -12.85 -18.41 59.34
CA SER G 77 -12.45 -17.80 58.05
C SER G 77 -12.83 -18.63 56.79
N THR G 78 -14.05 -19.17 56.79
CA THR G 78 -14.52 -20.07 55.73
C THR G 78 -15.89 -19.63 55.21
N ALA G 79 -16.07 -19.63 53.89
CA ALA G 79 -17.37 -19.33 53.28
C ALA G 79 -17.97 -20.59 52.68
N TYR G 80 -19.30 -20.67 52.68
CA TYR G 80 -20.01 -21.85 52.17
C TYR G 80 -21.09 -21.49 51.16
N ILE G 81 -21.33 -22.42 50.24
CA ILE G 81 -22.44 -22.39 49.32
C ILE G 81 -23.08 -23.76 49.42
N GLN G 82 -24.34 -23.83 49.83
CA GLN G 82 -25.07 -25.09 49.81
C GLN G 82 -25.83 -25.11 48.51
N LEU G 83 -25.56 -26.11 47.65
CA LEU G 83 -26.29 -26.30 46.39
C LEU G 83 -27.38 -27.35 46.56
N ASN G 84 -28.66 -26.94 46.58
CA ASN G 84 -29.78 -27.77 47.08
C ASN G 84 -30.59 -28.52 46.01
N SER G 85 -30.94 -29.78 46.26
CA SER G 85 -31.82 -30.58 45.38
C SER G 85 -31.36 -30.62 43.91
N LEU G 86 -30.13 -31.11 43.72
CA LEU G 86 -29.43 -30.99 42.42
C LEU G 86 -30.00 -31.84 41.30
N THR G 87 -29.96 -31.30 40.08
CA THR G 87 -30.30 -32.03 38.84
C THR G 87 -29.12 -31.92 37.89
N SER G 88 -29.21 -32.62 36.76
CA SER G 88 -28.09 -32.71 35.80
C SER G 88 -27.64 -31.33 35.27
N GLU G 89 -28.59 -30.40 35.16
CA GLU G 89 -28.28 -29.00 34.84
C GLU G 89 -27.40 -28.28 35.87
N ASP G 90 -27.30 -28.82 37.09
CA ASP G 90 -26.35 -28.30 38.10
C ASP G 90 -24.92 -28.76 37.93
N SER G 91 -24.67 -29.72 37.04
CA SER G 91 -23.31 -30.17 36.74
C SER G 91 -22.46 -29.03 36.10
N ALA G 92 -21.43 -28.62 36.83
CA ALA G 92 -20.69 -27.38 36.57
C ALA G 92 -19.53 -27.26 37.57
N VAL G 93 -18.63 -26.31 37.32
CA VAL G 93 -17.58 -25.97 38.29
C VAL G 93 -17.98 -24.69 39.02
N TYR G 94 -18.08 -24.74 40.34
CA TYR G 94 -18.45 -23.58 41.14
C TYR G 94 -17.16 -22.98 41.68
N TYR G 95 -16.99 -21.67 41.47
CA TYR G 95 -15.83 -20.92 41.96
C TYR G 95 -16.27 -19.99 43.07
N CYS G 96 -15.46 -19.88 44.10
CA CYS G 96 -15.64 -18.91 45.14
C CYS G 96 -14.64 -17.80 44.87
N THR G 97 -15.12 -16.56 44.80
CA THR G 97 -14.31 -15.39 44.41
C THR G 97 -14.47 -14.27 45.43
N ARG G 98 -13.43 -13.45 45.58
CA ARG G 98 -13.49 -12.25 46.43
C ARG G 98 -13.74 -11.04 45.54
N PHE G 99 -14.44 -10.04 46.09
CA PHE G 99 -14.83 -8.83 45.32
C PHE G 99 -14.45 -7.52 45.99
N ARG G 100 -13.54 -6.80 45.36
CA ARG G 100 -13.28 -5.39 45.63
C ARG G 100 -13.04 -4.76 44.25
N VAL G 101 -13.94 -3.85 43.86
CA VAL G 101 -14.09 -3.26 42.49
C VAL G 101 -14.59 -4.28 41.44
N PHE G 102 -13.90 -5.42 41.34
CA PHE G 102 -14.27 -6.58 40.50
C PHE G 102 -13.85 -7.86 41.21
N PHE G 103 -14.00 -9.02 40.55
CA PHE G 103 -13.61 -10.27 41.19
C PHE G 103 -12.07 -10.50 41.14
N ASP G 104 -11.37 -9.90 42.11
CA ASP G 104 -9.88 -9.88 42.14
C ASP G 104 -9.18 -11.18 42.59
N VAL G 105 -9.80 -11.96 43.47
CA VAL G 105 -9.25 -13.27 43.88
C VAL G 105 -10.23 -14.38 43.50
N TRP G 106 -9.77 -15.36 42.72
CA TRP G 106 -10.62 -16.48 42.34
C TRP G 106 -10.14 -17.74 43.02
N GLY G 107 -11.10 -18.56 43.43
CA GLY G 107 -10.81 -19.81 44.12
C GLY G 107 -10.25 -20.89 43.22
N THR G 108 -9.91 -22.02 43.82
CA THR G 108 -9.31 -23.18 43.13
C THR G 108 -10.30 -23.92 42.21
N GLY G 109 -11.60 -23.67 42.39
CA GLY G 109 -12.66 -24.32 41.60
C GLY G 109 -13.07 -25.60 42.28
N THR G 110 -14.36 -25.92 42.27
CA THR G 110 -14.86 -27.20 42.77
C THR G 110 -15.74 -27.83 41.69
N THR G 111 -15.35 -28.98 41.16
CA THR G 111 -16.19 -29.67 40.19
C THR G 111 -17.32 -30.39 40.92
N VAL G 112 -18.54 -30.30 40.40
CA VAL G 112 -19.65 -31.07 40.95
C VAL G 112 -20.36 -31.78 39.82
N THR G 113 -20.27 -33.10 39.81
CA THR G 113 -20.94 -33.95 38.84
C THR G 113 -22.22 -34.52 39.44
N VAL G 114 -23.29 -34.54 38.64
CA VAL G 114 -24.59 -35.04 39.07
C VAL G 114 -24.99 -36.21 38.16
N SER G 115 -24.78 -37.42 38.68
CA SER G 115 -25.15 -38.68 38.04
C SER G 115 -25.67 -39.59 39.15
N SER G 116 -26.56 -40.52 38.83
CA SER G 116 -26.98 -41.51 39.82
C SER G 116 -25.98 -42.67 39.92
N ALA G 117 -25.01 -42.75 39.01
CA ALA G 117 -23.99 -43.80 39.03
C ALA G 117 -22.93 -43.60 40.14
N SER G 118 -22.37 -44.69 40.66
CA SER G 118 -21.41 -44.66 41.79
C SER G 118 -19.97 -44.44 41.33
N THR G 119 -19.12 -44.01 42.28
CA THR G 119 -17.70 -43.69 42.01
C THR G 119 -16.98 -44.95 41.56
N LYS G 120 -16.20 -44.82 40.49
CA LYS G 120 -15.32 -45.87 39.97
C LYS G 120 -13.89 -45.30 39.98
N GLY G 121 -12.94 -46.01 40.59
CA GLY G 121 -11.54 -45.58 40.58
C GLY G 121 -10.91 -45.92 39.24
N PRO G 122 -9.84 -45.22 38.83
CA PRO G 122 -9.21 -45.49 37.54
C PRO G 122 -8.23 -46.67 37.56
N SER G 123 -8.30 -47.55 36.56
CA SER G 123 -7.26 -48.56 36.34
C SER G 123 -6.13 -47.92 35.52
N VAL G 124 -4.88 -48.04 35.97
CA VAL G 124 -3.73 -47.36 35.36
C VAL G 124 -2.75 -48.34 34.74
N PHE G 125 -2.52 -48.20 33.43
CA PHE G 125 -1.71 -49.14 32.64
C PHE G 125 -0.54 -48.43 31.91
N PRO G 126 0.65 -49.05 31.84
CA PRO G 126 1.74 -48.37 31.16
C PRO G 126 1.61 -48.33 29.62
N LEU G 127 2.01 -47.19 29.05
CA LEU G 127 2.27 -47.07 27.63
C LEU G 127 3.80 -47.07 27.52
N ALA G 128 4.36 -48.24 27.23
CA ALA G 128 5.80 -48.45 27.38
C ALA G 128 6.61 -47.95 26.19
N PRO G 129 7.76 -47.33 26.45
CA PRO G 129 8.60 -46.85 25.37
C PRO G 129 9.27 -48.01 24.64
N SER G 130 9.52 -47.87 23.34
CA SER G 130 10.18 -48.90 22.52
C SER G 130 10.69 -48.28 21.20
N SER G 131 11.23 -49.09 20.28
CA SER G 131 11.59 -48.60 18.90
C SER G 131 10.44 -47.94 18.13
N LYS G 132 9.27 -48.58 18.19
CA LYS G 132 8.00 -48.11 17.59
C LYS G 132 7.40 -46.89 18.31
N SER G 133 8.00 -46.46 19.42
CA SER G 133 7.65 -45.22 20.12
C SER G 133 8.87 -44.31 20.40
N THR G 134 9.86 -44.31 19.49
CA THR G 134 10.95 -43.29 19.47
C THR G 134 10.99 -42.60 18.10
N SER G 135 11.12 -41.28 18.10
CA SER G 135 11.45 -40.50 16.90
C SER G 135 12.52 -39.48 17.29
N GLY G 136 13.56 -39.33 16.47
CA GLY G 136 14.66 -38.41 16.76
C GLY G 136 15.53 -38.92 17.89
N GLY G 137 15.90 -38.04 18.82
CA GLY G 137 16.67 -38.44 20.01
C GLY G 137 15.85 -38.59 21.28
N THR G 138 14.51 -38.60 21.14
CA THR G 138 13.58 -38.63 22.26
C THR G 138 12.66 -39.84 22.13
N ALA G 139 12.21 -40.37 23.27
CA ALA G 139 11.32 -41.52 23.33
C ALA G 139 10.01 -41.08 24.01
N ALA G 140 8.87 -41.40 23.40
CA ALA G 140 7.55 -41.18 24.00
C ALA G 140 7.17 -42.36 24.90
N LEU G 141 6.78 -42.06 26.15
CA LEU G 141 6.17 -43.04 27.08
C LEU G 141 4.94 -42.39 27.75
N GLY G 142 4.08 -43.18 28.40
CA GLY G 142 2.91 -42.63 29.14
C GLY G 142 2.17 -43.63 30.02
N CYS G 143 1.11 -43.20 30.70
CA CYS G 143 0.21 -44.15 31.37
C CYS G 143 -1.23 -43.83 30.98
N LEU G 144 -1.94 -44.85 30.48
CA LEU G 144 -3.37 -44.77 30.12
C LEU G 144 -4.20 -44.94 31.39
N VAL G 145 -5.04 -43.94 31.72
CA VAL G 145 -5.96 -43.95 32.88
C VAL G 145 -7.37 -44.36 32.41
N LYS G 146 -7.76 -45.61 32.65
CA LYS G 146 -8.94 -46.24 32.03
C LYS G 146 -10.12 -46.35 33.03
N ASP G 147 -11.34 -46.24 32.52
CA ASP G 147 -12.56 -46.58 33.25
C ASP G 147 -12.71 -45.95 34.67
N TYR G 148 -12.88 -44.62 34.76
CA TYR G 148 -13.01 -43.93 36.05
C TYR G 148 -14.15 -42.89 36.00
N PHE G 149 -14.88 -42.73 37.09
CA PHE G 149 -16.03 -41.80 37.19
C PHE G 149 -16.19 -41.30 38.63
N PRO G 150 -16.56 -40.05 38.86
CA PRO G 150 -16.71 -38.99 37.86
C PRO G 150 -15.41 -38.25 37.64
N GLU G 151 -15.51 -37.10 37.00
CA GLU G 151 -14.37 -36.22 36.82
C GLU G 151 -14.08 -35.49 38.12
N PRO G 152 -12.81 -35.23 38.42
CA PRO G 152 -11.73 -35.38 37.45
C PRO G 152 -10.50 -36.04 38.05
N VAL G 153 -9.53 -36.30 37.19
CA VAL G 153 -8.25 -36.87 37.60
C VAL G 153 -7.18 -35.86 37.29
N THR G 154 -6.15 -35.84 38.12
CA THR G 154 -5.00 -34.98 37.95
C THR G 154 -3.79 -35.90 37.82
N VAL G 155 -2.89 -35.59 36.90
CA VAL G 155 -1.73 -36.45 36.66
C VAL G 155 -0.46 -35.63 36.72
N SER G 156 0.49 -36.11 37.52
CA SER G 156 1.83 -35.53 37.57
C SER G 156 2.88 -36.64 37.39
N TRP G 157 4.03 -36.28 36.81
CA TRP G 157 5.12 -37.24 36.59
C TRP G 157 6.16 -36.99 37.66
N ASN G 158 6.74 -38.06 38.19
CA ASN G 158 7.83 -38.02 39.18
C ASN G 158 7.58 -37.06 40.34
N SER G 159 6.37 -37.06 40.88
CA SER G 159 5.99 -36.19 42.00
C SER G 159 6.16 -34.70 41.68
N GLY G 160 5.80 -34.34 40.45
CA GLY G 160 5.91 -32.97 39.95
C GLY G 160 7.31 -32.51 39.54
N ALA G 161 8.24 -33.47 39.41
CA ALA G 161 9.63 -33.18 39.05
C ALA G 161 9.86 -33.16 37.53
N LEU G 162 8.97 -33.82 36.78
CA LEU G 162 9.04 -33.88 35.33
C LEU G 162 7.86 -33.10 34.73
N THR G 163 8.01 -31.77 34.65
CA THR G 163 6.99 -30.92 34.03
C THR G 163 7.12 -30.95 32.51
N SER G 164 8.34 -30.82 32.00
CA SER G 164 8.55 -30.56 30.55
C SER G 164 8.18 -31.75 29.68
N GLY G 165 7.45 -31.48 28.61
CA GLY G 165 7.04 -32.52 27.67
C GLY G 165 5.76 -33.28 27.99
N VAL G 166 5.15 -33.06 29.16
CA VAL G 166 3.94 -33.82 29.55
C VAL G 166 2.72 -33.25 28.84
N HIS G 167 1.88 -34.14 28.30
CA HIS G 167 0.58 -33.82 27.70
C HIS G 167 -0.46 -34.77 28.28
N THR G 168 -1.11 -34.31 29.35
CA THR G 168 -2.20 -35.02 29.96
C THR G 168 -3.42 -34.59 29.15
N PHE G 169 -4.04 -35.54 28.45
CA PHE G 169 -5.15 -35.21 27.54
C PHE G 169 -6.46 -35.00 28.30
N PRO G 170 -7.46 -34.37 27.63
CA PRO G 170 -8.79 -34.26 28.26
C PRO G 170 -9.48 -35.61 28.30
N ALA G 171 -10.40 -35.76 29.23
CA ALA G 171 -11.09 -37.02 29.38
C ALA G 171 -12.21 -37.13 28.37
N VAL G 172 -12.24 -38.24 27.65
CA VAL G 172 -13.31 -38.54 26.71
C VAL G 172 -14.35 -39.41 27.41
N LEU G 173 -15.63 -39.14 27.17
CA LEU G 173 -16.72 -39.97 27.71
C LEU G 173 -16.96 -41.22 26.85
N GLN G 174 -16.73 -42.40 27.42
CA GLN G 174 -16.87 -43.68 26.71
C GLN G 174 -18.31 -44.15 26.76
N SER G 175 -18.65 -45.18 25.99
CA SER G 175 -20.04 -45.63 25.84
C SER G 175 -20.58 -46.30 27.12
N SER G 176 -19.67 -46.89 27.91
CA SER G 176 -20.00 -47.42 29.24
C SER G 176 -20.26 -46.35 30.29
N GLY G 177 -19.94 -45.08 29.97
CA GLY G 177 -20.18 -43.94 30.86
C GLY G 177 -18.98 -43.52 31.68
N LEU G 178 -17.87 -44.26 31.55
CA LEU G 178 -16.67 -44.04 32.34
C LEU G 178 -15.67 -43.26 31.51
N TYR G 179 -15.03 -42.26 32.11
CA TYR G 179 -14.05 -41.40 31.44
C TYR G 179 -12.70 -42.15 31.28
N SER G 180 -11.91 -41.75 30.29
CA SER G 180 -10.64 -42.40 29.97
C SER G 180 -9.64 -41.35 29.47
N LEU G 181 -8.41 -41.35 29.97
CA LEU G 181 -7.38 -40.43 29.46
C LEU G 181 -5.97 -40.96 29.60
N SER G 182 -5.08 -40.38 28.81
CA SER G 182 -3.66 -40.73 28.78
C SER G 182 -2.82 -39.53 29.22
N SER G 183 -1.61 -39.77 29.70
CA SER G 183 -0.64 -38.69 29.93
C SER G 183 0.65 -39.19 29.31
N VAL G 184 1.14 -38.45 28.31
CA VAL G 184 2.29 -38.86 27.50
C VAL G 184 3.42 -37.89 27.78
N VAL G 185 4.61 -38.37 28.11
CA VAL G 185 5.78 -37.53 28.35
C VAL G 185 6.88 -37.97 27.37
N THR G 186 7.58 -37.02 26.75
CA THR G 186 8.69 -37.26 25.79
C THR G 186 10.03 -36.98 26.51
N VAL G 187 10.96 -37.95 26.46
CA VAL G 187 12.23 -37.92 27.22
C VAL G 187 13.41 -38.34 26.32
N PRO G 188 14.67 -37.96 26.66
CA PRO G 188 15.80 -38.39 25.82
C PRO G 188 16.01 -39.92 25.80
N SER G 189 16.31 -40.51 24.63
CA SER G 189 16.60 -41.96 24.55
C SER G 189 17.79 -42.37 25.40
N SER G 190 18.75 -41.47 25.58
CA SER G 190 19.88 -41.66 26.50
C SER G 190 19.40 -42.15 27.87
N SER G 191 18.44 -41.42 28.45
CA SER G 191 17.91 -41.62 29.82
C SER G 191 17.34 -43.02 30.14
N LEU G 192 16.55 -43.60 29.23
CA LEU G 192 15.95 -44.93 29.44
C LEU G 192 17.03 -45.91 29.92
N GLY G 193 16.89 -46.45 31.13
CA GLY G 193 17.90 -47.35 31.72
C GLY G 193 18.64 -46.76 32.91
N THR G 194 18.99 -45.48 32.81
CA THR G 194 19.49 -44.71 33.97
C THR G 194 18.39 -43.91 34.67
N GLN G 195 17.21 -43.79 34.04
CA GLN G 195 16.10 -42.98 34.58
C GLN G 195 14.79 -43.76 34.69
N THR G 196 14.08 -43.58 35.82
CA THR G 196 12.75 -44.20 36.03
C THR G 196 11.63 -43.16 35.94
N TYR G 197 10.54 -43.58 35.31
CA TYR G 197 9.41 -42.72 35.05
C TYR G 197 8.19 -43.28 35.77
N ILE G 198 7.69 -42.51 36.72
CA ILE G 198 6.51 -42.87 37.48
C ILE G 198 5.49 -41.80 37.28
N CYS G 199 4.27 -42.17 36.89
CA CYS G 199 3.20 -41.19 36.86
C CYS G 199 2.40 -41.37 38.12
N ASN G 200 2.02 -40.25 38.72
CA ASN G 200 1.21 -40.26 39.93
C ASN G 200 -0.17 -39.81 39.49
N VAL G 201 -1.10 -40.75 39.40
CA VAL G 201 -2.48 -40.44 38.99
C VAL G 201 -3.28 -40.40 40.28
N ASN G 202 -4.04 -39.32 40.49
CA ASN G 202 -4.84 -39.17 41.69
C ASN G 202 -6.29 -38.92 41.34
N HIS G 203 -7.19 -39.73 41.88
CA HIS G 203 -8.61 -39.56 41.63
C HIS G 203 -9.24 -39.27 42.99
N LYS G 204 -9.52 -38.00 43.25
CA LYS G 204 -10.01 -37.58 44.55
C LYS G 204 -11.43 -38.08 44.90
N PRO G 205 -12.36 -38.04 43.94
CA PRO G 205 -13.73 -38.50 44.19
C PRO G 205 -13.85 -39.88 44.80
N SER G 206 -13.06 -40.83 44.31
CA SER G 206 -13.06 -42.21 44.81
C SER G 206 -11.92 -42.51 45.79
N ASN G 207 -11.25 -41.47 46.26
CA ASN G 207 -10.17 -41.60 47.26
C ASN G 207 -9.09 -42.60 46.82
N THR G 208 -8.81 -42.62 45.50
CA THR G 208 -7.91 -43.58 44.83
C THR G 208 -6.70 -42.84 44.29
N LYS G 209 -5.55 -43.02 44.93
CA LYS G 209 -4.28 -42.48 44.44
C LYS G 209 -3.41 -43.65 44.00
N VAL G 210 -3.08 -43.68 42.70
CA VAL G 210 -2.21 -44.71 42.09
C VAL G 210 -0.89 -44.13 41.57
N ASP G 211 0.23 -44.73 41.95
CA ASP G 211 1.53 -44.31 41.46
C ASP G 211 2.14 -45.45 40.68
N LYS G 212 2.09 -45.36 39.35
CA LYS G 212 2.58 -46.41 38.45
C LYS G 212 3.86 -46.02 37.69
N LYS G 213 4.79 -46.96 37.67
CA LYS G 213 6.08 -46.81 36.99
C LYS G 213 6.01 -47.44 35.59
N VAL G 214 6.47 -46.67 34.59
CA VAL G 214 6.58 -47.13 33.20
C VAL G 214 8.02 -47.57 32.97
N GLU G 215 8.18 -48.80 32.50
CA GLU G 215 9.47 -49.42 32.20
C GLU G 215 9.48 -49.87 30.74
N PRO G 216 10.65 -49.82 30.04
CA PRO G 216 10.80 -50.24 28.62
C PRO G 216 10.33 -51.66 28.20
N LYS G 217 9.77 -51.79 26.99
CA LYS G 217 9.56 -53.10 26.34
C LYS G 217 10.83 -53.51 25.61
N GLU H 1 -50.42 51.06 -27.97
CA GLU H 1 -51.88 50.71 -28.02
C GLU H 1 -52.22 49.47 -27.18
N PHE H 2 -52.43 48.31 -27.81
CA PHE H 2 -52.94 47.13 -27.10
C PHE H 2 -54.08 47.50 -26.13
N GLN H 3 -55.21 47.96 -26.67
CA GLN H 3 -56.44 48.22 -25.88
C GLN H 3 -57.47 47.09 -26.05
N LEU H 4 -58.20 46.80 -24.97
CA LEU H 4 -59.35 45.86 -24.97
C LEU H 4 -60.61 46.61 -24.50
N GLN H 5 -61.50 47.00 -25.42
CA GLN H 5 -62.59 47.89 -25.05
C GLN H 5 -63.83 47.15 -24.58
N GLN H 6 -64.15 47.33 -23.30
CA GLN H 6 -65.22 46.59 -22.65
C GLN H 6 -66.49 47.42 -22.69
N SER H 7 -67.62 46.73 -22.67
CA SER H 7 -68.93 47.38 -22.72
C SER H 7 -69.22 48.15 -21.44
N GLY H 8 -70.27 48.96 -21.47
CA GLY H 8 -70.57 49.87 -20.37
C GLY H 8 -71.03 49.21 -19.07
N PRO H 9 -71.26 50.01 -18.02
CA PRO H 9 -71.75 49.50 -16.77
C PRO H 9 -73.20 49.07 -16.91
N GLU H 10 -73.66 48.22 -15.98
CA GLU H 10 -74.91 47.46 -16.13
C GLU H 10 -75.66 47.27 -14.79
N LEU H 11 -76.91 47.68 -14.73
CA LEU H 11 -77.83 47.33 -13.64
C LEU H 11 -78.67 46.12 -14.11
N VAL H 12 -78.55 45.00 -13.38
CA VAL H 12 -79.16 43.71 -13.72
C VAL H 12 -80.11 43.42 -12.56
N LYS H 13 -81.32 42.90 -12.85
CA LYS H 13 -82.26 42.49 -11.78
C LYS H 13 -81.91 41.06 -11.28
N PRO H 14 -82.17 40.75 -9.98
CA PRO H 14 -81.86 39.38 -9.49
C PRO H 14 -82.61 38.28 -10.27
N GLY H 15 -81.88 37.29 -10.77
CA GLY H 15 -82.44 36.27 -11.69
C GLY H 15 -82.14 36.54 -13.15
N ALA H 16 -82.23 37.82 -13.55
CA ALA H 16 -81.89 38.23 -14.93
C ALA H 16 -80.39 38.09 -15.21
N SER H 17 -80.04 37.79 -16.46
CA SER H 17 -78.63 37.60 -16.90
C SER H 17 -78.13 38.72 -17.84
N VAL H 18 -76.86 39.11 -17.71
CA VAL H 18 -76.24 40.17 -18.57
C VAL H 18 -75.05 39.64 -19.36
N LYS H 19 -74.84 40.18 -20.56
CA LYS H 19 -73.74 39.81 -21.48
C LYS H 19 -72.79 40.97 -21.75
N ILE H 20 -71.53 40.82 -21.30
CA ILE H 20 -70.51 41.86 -21.39
C ILE H 20 -69.60 41.59 -22.58
N SER H 21 -69.26 42.65 -23.30
CA SER H 21 -68.42 42.56 -24.50
C SER H 21 -67.05 43.19 -24.25
N CYS H 22 -66.04 42.71 -24.98
CA CYS H 22 -64.64 43.15 -24.88
C CYS H 22 -64.05 43.15 -26.29
N LYS H 23 -63.59 44.31 -26.78
CA LYS H 23 -63.19 44.43 -28.19
C LYS H 23 -61.72 44.69 -28.39
N ALA H 24 -61.05 43.76 -29.06
CA ALA H 24 -59.59 43.79 -29.22
C ALA H 24 -59.14 44.76 -30.31
N SER H 25 -58.07 45.50 -30.02
CA SER H 25 -57.50 46.51 -30.93
C SER H 25 -55.97 46.57 -30.84
N GLY H 26 -55.29 46.78 -31.96
CA GLY H 26 -53.83 46.96 -31.98
C GLY H 26 -52.97 45.70 -31.83
N TYR H 27 -53.58 44.51 -31.91
CA TYR H 27 -52.84 43.23 -32.02
C TYR H 27 -53.68 42.19 -32.76
N SER H 28 -53.08 41.08 -33.16
CA SER H 28 -53.85 40.02 -33.82
C SER H 28 -54.80 39.30 -32.81
N PHE H 29 -56.08 39.65 -32.82
CA PHE H 29 -57.05 39.08 -31.88
C PHE H 29 -57.06 37.55 -31.86
N THR H 30 -56.90 36.95 -33.03
CA THR H 30 -56.90 35.48 -33.19
C THR H 30 -55.75 34.74 -32.48
N ASP H 31 -54.60 35.40 -32.30
CA ASP H 31 -53.35 34.74 -31.87
C ASP H 31 -53.00 34.72 -30.36
N TYR H 32 -53.87 35.26 -29.49
CA TYR H 32 -53.69 35.19 -28.01
C TYR H 32 -55.01 34.81 -27.31
N ASN H 33 -54.94 34.10 -26.19
CA ASN H 33 -56.16 33.68 -25.45
C ASN H 33 -56.76 34.83 -24.63
N ILE H 34 -58.09 34.84 -24.46
CA ILE H 34 -58.81 35.86 -23.68
C ILE H 34 -59.26 35.24 -22.37
N ASN H 35 -58.91 35.88 -21.23
CA ASN H 35 -59.29 35.44 -19.86
C ASN H 35 -60.10 36.50 -19.10
N TRP H 36 -60.86 36.06 -18.10
CA TRP H 36 -61.76 36.96 -17.33
C TRP H 36 -61.56 36.86 -15.81
N MET H 37 -61.65 38.01 -15.13
CA MET H 37 -61.47 38.11 -13.66
C MET H 37 -62.64 38.81 -13.01
N LYS H 38 -62.78 38.64 -11.70
CA LYS H 38 -63.82 39.30 -10.95
C LYS H 38 -63.31 39.88 -9.63
N GLN H 39 -63.43 41.20 -9.47
CA GLN H 39 -63.13 41.89 -8.22
C GLN H 39 -64.40 42.23 -7.48
N SER H 40 -64.59 41.62 -6.31
CA SER H 40 -65.82 41.75 -5.54
C SER H 40 -66.01 43.11 -4.84
N ASN H 41 -64.97 43.57 -4.14
CA ASN H 41 -65.07 44.80 -3.33
C ASN H 41 -63.82 45.67 -3.53
N GLY H 42 -63.33 45.69 -4.76
CA GLY H 42 -62.12 46.40 -5.14
C GLY H 42 -60.83 45.70 -4.76
N LYS H 43 -60.87 44.38 -4.56
CA LYS H 43 -59.70 43.62 -4.09
C LYS H 43 -59.96 42.12 -4.18
N SER H 44 -58.93 41.31 -3.91
CA SER H 44 -59.04 39.85 -3.88
C SER H 44 -59.81 39.28 -5.08
N LEU H 45 -59.26 39.51 -6.27
CA LEU H 45 -59.94 39.09 -7.50
C LEU H 45 -59.67 37.62 -7.91
N GLU H 46 -60.66 37.00 -8.55
CA GLU H 46 -60.64 35.58 -8.88
C GLU H 46 -60.88 35.33 -10.37
N TRP H 47 -60.25 34.29 -10.88
CA TRP H 47 -60.28 33.97 -12.29
C TRP H 47 -61.59 33.29 -12.64
N ILE H 48 -62.07 33.51 -13.86
CA ILE H 48 -63.35 32.95 -14.29
C ILE H 48 -63.18 31.84 -15.30
N GLY H 49 -62.49 32.12 -16.38
CA GLY H 49 -62.36 31.16 -17.46
C GLY H 49 -61.58 31.73 -18.59
N VAL H 50 -61.51 31.00 -19.70
CA VAL H 50 -60.65 31.39 -20.83
C VAL H 50 -61.19 30.80 -22.16
N VAL H 51 -60.90 31.48 -23.28
CA VAL H 51 -61.28 31.07 -24.65
C VAL H 51 -60.07 31.22 -25.58
N ILE H 52 -59.90 30.27 -26.51
CA ILE H 52 -58.98 30.47 -27.64
C ILE H 52 -59.82 31.14 -28.71
N PRO H 53 -59.58 32.42 -29.03
CA PRO H 53 -60.44 33.04 -30.07
C PRO H 53 -60.47 32.37 -31.45
N LYS H 54 -59.34 31.84 -31.91
CA LYS H 54 -59.26 31.14 -33.20
C LYS H 54 -60.34 30.04 -33.33
N TYR H 55 -60.45 29.16 -32.32
CA TYR H 55 -61.35 27.98 -32.35
C TYR H 55 -62.56 28.04 -31.40
N GLY H 56 -62.56 28.96 -30.43
CA GLY H 56 -63.61 29.02 -29.39
C GLY H 56 -63.58 27.88 -28.37
N THR H 57 -62.40 27.28 -28.18
CA THR H 57 -62.16 26.28 -27.13
C THR H 57 -62.17 26.94 -25.74
N THR H 58 -63.12 26.55 -24.89
CA THR H 58 -63.29 27.17 -23.56
C THR H 58 -62.87 26.27 -22.38
N ASN H 59 -62.26 26.86 -21.35
CA ASN H 59 -62.11 26.20 -20.02
C ASN H 59 -62.45 27.15 -18.86
N TYR H 60 -63.29 26.71 -17.94
CA TYR H 60 -63.84 27.56 -16.87
C TYR H 60 -63.36 27.14 -15.49
N ASN H 61 -63.44 28.06 -14.53
CA ASN H 61 -63.26 27.75 -13.10
C ASN H 61 -64.44 26.89 -12.66
N GLN H 62 -64.21 26.01 -11.69
CA GLN H 62 -65.26 25.10 -11.20
C GLN H 62 -66.45 25.90 -10.64
N LYS H 63 -66.12 26.99 -9.94
CA LYS H 63 -67.10 27.86 -9.26
C LYS H 63 -67.97 28.59 -10.26
N PHE H 64 -67.39 28.97 -11.40
CA PHE H 64 -68.11 29.68 -12.44
C PHE H 64 -68.56 28.76 -13.57
N GLN H 65 -68.58 27.45 -13.36
CA GLN H 65 -68.77 26.51 -14.48
C GLN H 65 -70.08 26.78 -15.23
N GLY H 66 -71.20 26.82 -14.49
CA GLY H 66 -72.54 27.09 -15.05
C GLY H 66 -72.89 28.56 -15.10
N LYS H 67 -72.38 29.30 -14.12
CA LYS H 67 -72.58 30.74 -14.02
C LYS H 67 -71.97 31.57 -15.17
N ALA H 68 -70.88 31.12 -15.79
CA ALA H 68 -70.26 31.88 -16.88
C ALA H 68 -70.26 31.06 -18.18
N THR H 69 -70.71 31.70 -19.27
CA THR H 69 -70.51 31.19 -20.62
C THR H 69 -69.65 32.16 -21.41
N LEU H 70 -68.51 31.70 -21.93
CA LEU H 70 -67.64 32.55 -22.72
C LEU H 70 -67.79 32.23 -24.21
N THR H 71 -67.87 33.31 -24.99
CA THR H 71 -68.00 33.25 -26.43
C THR H 71 -67.09 34.28 -27.12
N VAL H 72 -66.93 34.08 -28.42
CA VAL H 72 -66.00 34.84 -29.24
C VAL H 72 -66.62 35.04 -30.63
N ASP H 73 -66.59 36.29 -31.11
CA ASP H 73 -66.85 36.63 -32.51
C ASP H 73 -65.51 36.99 -33.15
N GLN H 74 -64.93 36.09 -33.94
CA GLN H 74 -63.58 36.34 -34.55
C GLN H 74 -63.61 37.39 -35.69
N SER H 75 -64.75 37.44 -36.38
CA SER H 75 -65.00 38.36 -37.49
C SER H 75 -65.00 39.83 -37.08
N SER H 76 -65.68 40.10 -35.96
CA SER H 76 -65.81 41.45 -35.38
C SER H 76 -64.72 41.80 -34.38
N SER H 77 -63.79 40.86 -34.15
CA SER H 77 -62.73 41.02 -33.16
C SER H 77 -63.24 41.32 -31.73
N THR H 78 -64.33 40.66 -31.30
CA THR H 78 -64.90 40.93 -29.98
C THR H 78 -65.22 39.64 -29.24
N ALA H 79 -64.92 39.60 -27.95
CA ALA H 79 -65.30 38.46 -27.08
C ALA H 79 -66.40 38.86 -26.10
N TYR H 80 -67.12 37.85 -25.59
CA TYR H 80 -68.25 38.07 -24.67
C TYR H 80 -68.22 37.11 -23.49
N ILE H 81 -68.80 37.54 -22.38
CA ILE H 81 -69.05 36.70 -21.19
C ILE H 81 -70.50 36.90 -20.78
N GLN H 82 -71.28 35.82 -20.73
CA GLN H 82 -72.68 35.89 -20.28
C GLN H 82 -72.70 35.39 -18.85
N LEU H 83 -72.98 36.30 -17.90
CA LEU H 83 -73.17 35.92 -16.50
C LEU H 83 -74.67 35.71 -16.27
N ASN H 84 -75.03 34.52 -15.78
CA ASN H 84 -76.41 34.04 -15.76
C ASN H 84 -76.94 33.98 -14.33
N SER H 85 -78.25 34.14 -14.17
CA SER H 85 -78.93 33.96 -12.90
C SER H 85 -78.33 34.84 -11.82
N LEU H 86 -78.21 36.15 -12.10
CA LEU H 86 -77.45 37.04 -11.21
C LEU H 86 -78.03 37.11 -9.79
N THR H 87 -77.12 37.19 -8.81
CA THR H 87 -77.46 37.37 -7.38
C THR H 87 -76.63 38.52 -6.82
N SER H 88 -76.82 38.87 -5.55
CA SER H 88 -76.06 39.97 -4.95
C SER H 88 -74.55 39.68 -4.88
N GLU H 89 -74.18 38.40 -4.74
CA GLU H 89 -72.78 37.95 -4.83
C GLU H 89 -72.09 38.26 -6.17
N ASP H 90 -72.87 38.38 -7.24
CA ASP H 90 -72.34 38.72 -8.58
C ASP H 90 -71.96 40.19 -8.78
N SER H 91 -72.43 41.09 -7.93
CA SER H 91 -72.03 42.48 -8.01
C SER H 91 -70.51 42.57 -7.83
N ALA H 92 -69.86 42.94 -8.91
CA ALA H 92 -68.40 42.98 -8.99
C ALA H 92 -67.96 43.83 -10.19
N VAL H 93 -66.66 44.05 -10.31
CA VAL H 93 -66.11 44.66 -11.51
C VAL H 93 -65.44 43.53 -12.27
N TYR H 94 -65.95 43.21 -13.45
CA TYR H 94 -65.46 42.09 -14.25
C TYR H 94 -64.49 42.63 -15.28
N TYR H 95 -63.26 42.11 -15.25
CA TYR H 95 -62.23 42.47 -16.24
C TYR H 95 -62.07 41.41 -17.33
N CYS H 96 -61.63 41.89 -18.48
CA CYS H 96 -61.27 41.08 -19.63
C CYS H 96 -59.76 41.24 -19.78
N THR H 97 -59.02 40.14 -19.93
CA THR H 97 -57.55 40.21 -20.09
C THR H 97 -57.03 39.32 -21.21
N ARG H 98 -55.83 39.65 -21.69
CA ARG H 98 -55.14 38.86 -22.69
C ARG H 98 -54.00 38.11 -21.98
N PHE H 99 -53.74 36.89 -22.46
CA PHE H 99 -52.70 36.03 -21.88
C PHE H 99 -51.50 35.82 -22.81
N ARG H 100 -50.35 36.37 -22.42
CA ARG H 100 -49.07 36.07 -23.09
C ARG H 100 -47.99 35.94 -22.01
N VAL H 101 -47.90 34.71 -21.46
CA VAL H 101 -47.03 34.29 -20.31
C VAL H 101 -47.68 34.66 -18.96
N PHE H 102 -48.44 35.74 -18.95
CA PHE H 102 -49.29 36.16 -17.84
C PHE H 102 -50.31 37.15 -18.42
N PHE H 103 -51.04 37.86 -17.57
CA PHE H 103 -52.06 38.76 -18.05
C PHE H 103 -51.45 40.13 -18.43
N ASP H 104 -50.90 40.19 -19.65
CA ASP H 104 -50.13 41.37 -20.11
C ASP H 104 -50.98 42.58 -20.57
N VAL H 105 -52.21 42.33 -21.01
CA VAL H 105 -53.14 43.42 -21.36
C VAL H 105 -54.42 43.23 -20.56
N TRP H 106 -54.83 44.26 -19.85
CA TRP H 106 -56.07 44.22 -19.09
C TRP H 106 -57.05 45.24 -19.65
N GLY H 107 -58.31 44.81 -19.75
CA GLY H 107 -59.38 45.66 -20.22
C GLY H 107 -59.84 46.79 -19.30
N THR H 108 -60.77 47.56 -19.85
CA THR H 108 -61.35 48.77 -19.26
C THR H 108 -61.97 48.55 -17.89
N GLY H 109 -62.62 47.39 -17.74
CA GLY H 109 -63.38 47.02 -16.55
C GLY H 109 -64.85 47.38 -16.70
N THR H 110 -65.72 46.45 -16.34
CA THR H 110 -67.17 46.64 -16.40
C THR H 110 -67.77 46.43 -15.01
N THR H 111 -68.47 47.44 -14.50
CA THR H 111 -69.12 47.36 -13.20
C THR H 111 -70.52 46.78 -13.33
N VAL H 112 -70.86 45.74 -12.55
CA VAL H 112 -72.18 45.14 -12.61
C VAL H 112 -72.80 45.19 -11.23
N THR H 113 -73.92 45.89 -11.08
CA THR H 113 -74.65 46.00 -9.81
C THR H 113 -75.95 45.20 -9.95
N VAL H 114 -76.13 44.20 -9.08
CA VAL H 114 -77.34 43.36 -9.06
C VAL H 114 -78.24 43.93 -7.95
N SER H 115 -79.43 44.37 -8.34
CA SER H 115 -80.37 44.98 -7.40
C SER H 115 -81.76 45.05 -8.05
N SER H 116 -82.79 45.02 -7.20
CA SER H 116 -84.16 45.14 -7.69
C SER H 116 -84.56 46.60 -7.88
N ALA H 117 -83.75 47.55 -7.36
CA ALA H 117 -84.06 48.98 -7.39
C ALA H 117 -83.91 49.58 -8.78
N SER H 118 -84.61 50.69 -9.02
CA SER H 118 -84.58 51.40 -10.30
C SER H 118 -83.42 52.40 -10.43
N THR H 119 -82.85 52.48 -11.62
CA THR H 119 -81.82 53.47 -11.93
C THR H 119 -82.36 54.89 -11.76
N LYS H 120 -81.70 55.68 -10.89
CA LYS H 120 -81.99 57.11 -10.74
C LYS H 120 -80.73 57.91 -11.13
N GLY H 121 -80.91 58.94 -11.96
CA GLY H 121 -79.81 59.79 -12.38
C GLY H 121 -79.48 60.82 -11.32
N PRO H 122 -78.23 61.32 -11.30
CA PRO H 122 -77.80 62.29 -10.28
C PRO H 122 -78.47 63.65 -10.41
N SER H 123 -78.80 64.26 -9.27
CA SER H 123 -79.32 65.63 -9.20
C SER H 123 -78.12 66.48 -8.82
N VAL H 124 -77.53 67.19 -9.78
CA VAL H 124 -76.19 67.85 -9.60
C VAL H 124 -76.21 69.34 -9.21
N PHE H 125 -75.72 69.66 -8.01
CA PHE H 125 -75.76 71.02 -7.42
C PHE H 125 -74.35 71.58 -7.25
N PRO H 126 -74.17 72.93 -7.25
CA PRO H 126 -72.85 73.51 -7.02
C PRO H 126 -72.42 73.59 -5.54
N LEU H 127 -71.11 73.60 -5.31
CA LEU H 127 -70.51 73.93 -4.01
C LEU H 127 -69.72 75.19 -4.27
N ALA H 128 -70.44 76.31 -4.29
CA ALA H 128 -69.89 77.60 -4.76
C ALA H 128 -68.70 78.14 -3.94
N PRO H 129 -67.70 78.72 -4.62
CA PRO H 129 -66.62 79.38 -3.90
C PRO H 129 -67.09 80.63 -3.14
N SER H 130 -66.40 80.95 -2.05
CA SER H 130 -66.67 82.17 -1.28
C SER H 130 -65.50 82.50 -0.33
N SER H 131 -65.65 83.56 0.47
CA SER H 131 -64.68 83.90 1.55
C SER H 131 -64.47 82.71 2.51
N LYS H 132 -65.59 82.06 2.86
CA LYS H 132 -65.63 80.84 3.69
C LYS H 132 -64.95 79.59 3.08
N SER H 133 -64.81 79.56 1.75
CA SER H 133 -64.03 78.50 1.08
C SER H 133 -62.74 79.03 0.43
N THR H 134 -62.02 79.91 1.14
CA THR H 134 -60.69 80.43 0.70
C THR H 134 -59.59 80.05 1.69
N SER H 135 -58.45 79.60 1.16
CA SER H 135 -57.26 79.29 1.97
C SER H 135 -55.99 79.65 1.20
N GLY H 136 -55.11 80.43 1.82
CA GLY H 136 -53.84 80.85 1.16
C GLY H 136 -54.12 81.67 -0.09
N GLY H 137 -53.67 81.19 -1.25
CA GLY H 137 -54.00 81.83 -2.55
C GLY H 137 -55.14 81.21 -3.33
N THR H 138 -55.94 80.35 -2.68
CA THR H 138 -56.81 79.40 -3.37
C THR H 138 -58.25 79.47 -2.89
N ALA H 139 -59.19 79.25 -3.81
CA ALA H 139 -60.62 79.18 -3.47
C ALA H 139 -61.11 77.76 -3.77
N ALA H 140 -61.53 77.04 -2.73
CA ALA H 140 -62.08 75.68 -2.91
C ALA H 140 -63.48 75.76 -3.47
N LEU H 141 -63.74 75.03 -4.55
CA LEU H 141 -65.06 74.99 -5.21
C LEU H 141 -65.35 73.56 -5.68
N GLY H 142 -66.63 73.20 -5.86
CA GLY H 142 -67.00 71.87 -6.38
C GLY H 142 -68.42 71.73 -6.89
N CYS H 143 -68.88 70.49 -7.07
CA CYS H 143 -70.30 70.21 -7.36
C CYS H 143 -70.76 68.86 -6.72
N LEU H 144 -71.83 68.90 -5.91
CA LEU H 144 -72.38 67.69 -5.25
C LEU H 144 -73.24 66.88 -6.23
N VAL H 145 -73.13 65.55 -6.20
CA VAL H 145 -73.85 64.62 -7.07
C VAL H 145 -74.77 63.79 -6.14
N LYS H 146 -75.88 64.40 -5.67
CA LYS H 146 -76.57 63.93 -4.44
C LYS H 146 -77.36 62.59 -4.37
N ASP H 147 -78.11 62.17 -5.40
CA ASP H 147 -79.07 61.02 -5.23
C ASP H 147 -79.14 60.03 -6.43
N TYR H 148 -78.04 59.33 -6.71
CA TYR H 148 -77.92 58.50 -7.90
C TYR H 148 -77.66 57.04 -7.57
N PHE H 149 -78.27 56.14 -8.36
CA PHE H 149 -78.10 54.67 -8.30
C PHE H 149 -78.22 54.14 -9.74
N PRO H 150 -77.47 53.12 -10.16
CA PRO H 150 -76.39 52.43 -9.44
C PRO H 150 -75.01 53.13 -9.60
N GLU H 151 -73.93 52.44 -9.28
CA GLU H 151 -72.57 52.90 -9.64
C GLU H 151 -72.32 52.59 -11.13
N PRO H 152 -71.34 53.24 -11.80
CA PRO H 152 -70.55 54.33 -11.27
C PRO H 152 -70.90 55.65 -11.93
N VAL H 153 -70.59 56.74 -11.22
CA VAL H 153 -70.64 58.10 -11.73
C VAL H 153 -69.19 58.53 -11.96
N THR H 154 -68.89 59.15 -13.10
CA THR H 154 -67.57 59.71 -13.40
C THR H 154 -67.68 61.24 -13.43
N VAL H 155 -66.60 61.93 -13.04
CA VAL H 155 -66.55 63.40 -12.93
C VAL H 155 -65.22 63.94 -13.46
N SER H 156 -65.27 64.82 -14.46
CA SER H 156 -64.09 65.58 -14.93
C SER H 156 -64.37 67.07 -14.70
N TRP H 157 -63.42 67.95 -15.06
CA TRP H 157 -63.57 69.40 -14.91
C TRP H 157 -63.13 70.12 -16.18
N ASN H 158 -63.91 71.11 -16.59
CA ASN H 158 -63.71 71.82 -17.85
C ASN H 158 -63.43 70.85 -18.97
N SER H 159 -64.28 69.84 -19.09
CA SER H 159 -64.23 68.89 -20.22
C SER H 159 -62.88 68.18 -20.38
N GLY H 160 -62.23 67.86 -19.26
CA GLY H 160 -60.89 67.27 -19.27
C GLY H 160 -59.70 68.21 -19.12
N ALA H 161 -59.88 69.52 -19.35
CA ALA H 161 -58.76 70.50 -19.26
C ALA H 161 -58.19 70.75 -17.84
N LEU H 162 -59.05 70.70 -16.82
CA LEU H 162 -58.66 70.94 -15.43
C LEU H 162 -58.51 69.60 -14.70
N THR H 163 -57.30 69.27 -14.25
CA THR H 163 -57.04 68.03 -13.46
C THR H 163 -56.24 68.26 -12.16
N SER H 164 -55.27 69.15 -12.17
CA SER H 164 -54.57 69.55 -10.95
C SER H 164 -55.59 70.13 -9.99
N GLY H 165 -55.53 69.71 -8.73
CA GLY H 165 -56.44 70.19 -7.69
C GLY H 165 -57.64 69.31 -7.41
N VAL H 166 -58.00 68.47 -8.39
CA VAL H 166 -59.27 67.75 -8.38
C VAL H 166 -59.24 66.55 -7.43
N HIS H 167 -60.32 66.39 -6.64
CA HIS H 167 -60.54 65.24 -5.74
C HIS H 167 -61.98 64.73 -5.87
N THR H 168 -62.22 63.91 -6.87
CA THR H 168 -63.47 63.19 -6.96
C THR H 168 -63.45 62.16 -5.83
N PHE H 169 -64.37 62.30 -4.87
CA PHE H 169 -64.41 61.46 -3.67
C PHE H 169 -65.11 60.12 -3.96
N PRO H 170 -64.69 59.03 -3.26
CA PRO H 170 -65.45 57.77 -3.37
C PRO H 170 -66.90 57.88 -2.91
N ALA H 171 -67.77 57.14 -3.58
CA ALA H 171 -69.19 57.17 -3.30
C ALA H 171 -69.46 56.51 -1.94
N VAL H 172 -70.37 57.11 -1.17
CA VAL H 172 -70.77 56.62 0.14
C VAL H 172 -72.27 56.33 0.11
N LEU H 173 -72.65 55.08 0.35
CA LEU H 173 -74.08 54.69 0.48
C LEU H 173 -74.82 55.49 1.56
N GLN H 174 -75.99 56.03 1.20
CA GLN H 174 -76.85 56.78 2.12
C GLN H 174 -77.94 55.87 2.69
N SER H 175 -78.60 56.37 3.74
CA SER H 175 -79.75 55.73 4.38
C SER H 175 -80.81 55.27 3.37
N SER H 176 -81.14 56.15 2.42
CA SER H 176 -82.12 55.88 1.37
C SER H 176 -81.71 54.87 0.27
N GLY H 177 -80.52 54.28 0.35
CA GLY H 177 -80.06 53.33 -0.67
C GLY H 177 -79.53 53.94 -1.97
N LEU H 178 -79.39 55.27 -2.02
CA LEU H 178 -78.82 55.94 -3.18
C LEU H 178 -77.37 56.34 -2.84
N TYR H 179 -76.45 56.18 -3.79
CA TYR H 179 -75.04 56.58 -3.62
C TYR H 179 -74.92 58.11 -3.77
N SER H 180 -73.95 58.72 -3.08
CA SER H 180 -73.72 60.18 -3.11
C SER H 180 -72.21 60.48 -3.08
N LEU H 181 -71.72 61.44 -3.86
CA LEU H 181 -70.30 61.83 -3.85
C LEU H 181 -70.09 63.31 -4.18
N SER H 182 -68.99 63.90 -3.74
CA SER H 182 -68.62 65.27 -4.10
C SER H 182 -67.35 65.26 -4.94
N SER H 183 -67.17 66.28 -5.78
CA SER H 183 -65.91 66.48 -6.51
C SER H 183 -65.50 67.93 -6.31
N VAL H 184 -64.38 68.14 -5.63
CA VAL H 184 -63.87 69.47 -5.29
C VAL H 184 -62.60 69.72 -6.12
N VAL H 185 -62.27 70.99 -6.35
CA VAL H 185 -61.07 71.38 -7.10
C VAL H 185 -60.64 72.71 -6.49
N THR H 186 -59.38 72.83 -6.05
CA THR H 186 -58.82 74.11 -5.55
C THR H 186 -58.17 74.86 -6.72
N VAL H 187 -58.37 76.18 -6.77
CA VAL H 187 -58.04 77.04 -7.93
C VAL H 187 -57.56 78.43 -7.49
N PRO H 188 -56.76 79.14 -8.33
CA PRO H 188 -56.36 80.52 -8.01
C PRO H 188 -57.54 81.48 -7.73
N SER H 189 -57.46 82.24 -6.64
CA SER H 189 -58.49 83.22 -6.27
C SER H 189 -58.66 84.34 -7.31
N SER H 190 -57.53 84.78 -7.85
CA SER H 190 -57.50 85.78 -8.93
C SER H 190 -58.25 85.34 -10.19
N SER H 191 -58.19 84.04 -10.48
CA SER H 191 -58.93 83.42 -11.59
C SER H 191 -60.47 83.53 -11.51
N LEU H 192 -61.07 83.44 -10.32
CA LEU H 192 -62.53 83.65 -10.16
C LEU H 192 -62.87 85.02 -10.75
N GLY H 193 -63.78 85.05 -11.73
CA GLY H 193 -64.02 86.25 -12.56
C GLY H 193 -63.36 86.24 -13.94
N THR H 194 -62.23 85.53 -14.07
CA THR H 194 -61.53 85.32 -15.35
C THR H 194 -61.89 83.98 -16.03
N GLN H 195 -62.18 82.93 -15.25
CA GLN H 195 -62.43 81.58 -15.76
C GLN H 195 -63.72 81.02 -15.14
N THR H 196 -64.52 80.30 -15.94
CA THR H 196 -65.78 79.67 -15.45
C THR H 196 -65.59 78.15 -15.34
N TYR H 197 -65.85 77.61 -14.15
CA TYR H 197 -65.56 76.22 -13.82
C TYR H 197 -66.83 75.36 -13.93
N ILE H 198 -66.85 74.42 -14.89
CA ILE H 198 -68.01 73.54 -15.11
C ILE H 198 -67.54 72.14 -14.73
N CYS H 199 -68.34 71.40 -13.95
CA CYS H 199 -68.08 69.97 -13.74
C CYS H 199 -68.94 69.19 -14.70
N ASN H 200 -68.34 68.30 -15.47
CA ASN H 200 -69.08 67.42 -16.36
C ASN H 200 -69.34 66.13 -15.59
N VAL H 201 -70.58 65.94 -15.12
CA VAL H 201 -71.02 64.71 -14.43
C VAL H 201 -71.63 63.75 -15.47
N ASN H 202 -71.16 62.50 -15.53
CA ASN H 202 -71.72 61.49 -16.45
C ASN H 202 -72.16 60.26 -15.66
N HIS H 203 -73.43 59.88 -15.76
CA HIS H 203 -73.94 58.64 -15.17
C HIS H 203 -74.53 57.74 -16.27
N LYS H 204 -73.72 56.84 -16.84
CA LYS H 204 -74.13 56.01 -18.00
C LYS H 204 -75.38 55.10 -17.83
N PRO H 205 -75.54 54.48 -16.63
CA PRO H 205 -76.72 53.62 -16.37
C PRO H 205 -78.10 54.28 -16.54
N SER H 206 -78.24 55.58 -16.20
CA SER H 206 -79.47 56.35 -16.40
C SER H 206 -79.46 57.23 -17.66
N ASN H 207 -78.44 57.05 -18.51
CA ASN H 207 -78.26 57.79 -19.75
C ASN H 207 -78.31 59.32 -19.46
N THR H 208 -77.54 59.77 -18.45
CA THR H 208 -77.56 61.14 -17.86
C THR H 208 -76.19 61.89 -17.88
N LYS H 209 -75.84 62.57 -18.97
CA LYS H 209 -74.66 63.46 -18.97
C LYS H 209 -75.12 64.88 -18.66
N VAL H 210 -74.68 65.42 -17.52
CA VAL H 210 -75.03 66.76 -17.01
C VAL H 210 -73.77 67.63 -16.80
N ASP H 211 -73.75 68.84 -17.34
CA ASP H 211 -72.72 69.82 -17.05
C ASP H 211 -73.38 70.97 -16.27
N LYS H 212 -72.83 71.30 -15.09
CA LYS H 212 -73.33 72.41 -14.24
C LYS H 212 -72.18 73.41 -13.94
N LYS H 213 -72.33 74.67 -14.36
CA LYS H 213 -71.36 75.73 -14.07
C LYS H 213 -71.44 76.14 -12.61
N VAL H 214 -70.29 76.19 -11.94
CA VAL H 214 -70.18 76.59 -10.54
C VAL H 214 -69.77 78.07 -10.52
N GLU H 215 -70.69 78.92 -10.07
CA GLU H 215 -70.57 80.37 -10.13
C GLU H 215 -70.16 80.90 -8.77
N PRO H 216 -69.15 81.80 -8.71
CA PRO H 216 -68.80 82.38 -7.40
C PRO H 216 -69.92 83.25 -6.83
N LYS H 217 -70.14 83.17 -5.51
CA LYS H 217 -71.04 84.03 -4.75
C LYS H 217 -70.21 85.16 -4.11
N GLN I 1 41.18 13.04 -9.65
CA GLN I 1 39.84 13.46 -10.17
C GLN I 1 39.27 12.33 -11.03
N ILE I 2 37.98 12.08 -10.85
CA ILE I 2 37.27 11.02 -11.56
C ILE I 2 36.62 11.64 -12.80
N VAL I 3 36.89 11.09 -13.99
CA VAL I 3 36.17 11.53 -15.20
C VAL I 3 34.94 10.65 -15.27
N LEU I 4 33.76 11.28 -15.30
CA LEU I 4 32.50 10.56 -15.52
C LEU I 4 32.21 10.76 -16.99
N SER I 5 32.18 9.67 -17.74
CA SER I 5 32.01 9.75 -19.20
C SER I 5 30.65 9.16 -19.55
N GLN I 6 29.86 9.88 -20.36
CA GLN I 6 28.46 9.52 -20.65
C GLN I 6 28.21 9.03 -22.09
N SER I 7 27.33 8.03 -22.21
CA SER I 7 26.85 7.47 -23.48
C SER I 7 25.32 7.54 -23.52
N PRO I 8 24.70 7.83 -24.67
CA PRO I 8 25.35 8.38 -25.87
C PRO I 8 25.57 9.89 -25.72
N ALA I 9 26.28 10.52 -26.65
CA ALA I 9 26.37 11.99 -26.68
C ALA I 9 24.97 12.61 -26.81
N ILE I 10 24.20 12.10 -27.78
CA ILE I 10 22.80 12.49 -28.04
C ILE I 10 22.02 11.27 -28.55
N LEU I 11 20.84 10.99 -27.99
CA LEU I 11 20.07 9.77 -28.30
C LEU I 11 18.70 10.06 -28.95
N SER I 12 18.02 9.01 -29.44
CA SER I 12 16.75 9.11 -30.24
C SER I 12 15.47 8.75 -29.45
N ALA I 13 14.51 9.67 -29.35
CA ALA I 13 13.31 9.50 -28.48
C ALA I 13 11.95 9.41 -29.21
N SER I 14 11.36 8.21 -29.21
CA SER I 14 10.02 7.98 -29.74
C SER I 14 9.02 8.07 -28.58
N PRO I 15 8.16 9.12 -28.58
CA PRO I 15 7.27 9.33 -27.42
C PRO I 15 6.23 8.23 -27.25
N LYS I 18 11.17 3.84 -23.94
CA LYS I 18 12.04 2.82 -23.33
C LYS I 18 13.51 3.10 -23.63
N VAL I 19 14.07 4.09 -22.93
CA VAL I 19 15.40 4.66 -23.20
C VAL I 19 16.33 4.55 -21.95
N THR I 20 17.58 4.14 -22.16
CA THR I 20 18.65 4.11 -21.12
C THR I 20 19.82 5.00 -21.56
N MET I 21 20.40 5.75 -20.63
CA MET I 21 21.57 6.59 -20.87
C MET I 21 22.54 6.30 -19.74
N THR I 22 23.82 6.05 -20.06
CA THR I 22 24.79 5.50 -19.08
C THR I 22 25.86 6.53 -18.65
N CYS I 23 26.68 6.15 -17.67
CA CYS I 23 27.76 6.98 -17.09
C CYS I 23 28.92 6.05 -16.60
N ARG I 24 29.94 5.88 -17.45
CA ARG I 24 31.10 5.02 -17.13
C ARG I 24 32.09 5.89 -16.33
N ALA I 25 32.62 5.37 -15.21
CA ALA I 25 33.53 6.11 -14.33
C ALA I 25 34.94 5.52 -14.31
N SER I 26 35.96 6.38 -14.34
CA SER I 26 37.36 5.95 -14.36
C SER I 26 37.76 5.07 -13.16
N SER I 27 37.23 5.39 -11.98
CA SER I 27 37.47 4.58 -10.75
C SER I 27 36.15 4.37 -10.06
N SER I 28 36.16 3.63 -8.95
CA SER I 28 34.91 3.24 -8.30
C SER I 28 34.25 4.44 -7.60
N VAL I 29 32.91 4.40 -7.58
CA VAL I 29 32.04 5.43 -7.01
C VAL I 29 30.87 4.71 -6.31
N CYS I 30 30.35 5.27 -5.20
CA CYS I 30 29.24 4.65 -4.44
C CYS I 30 27.88 5.03 -4.98
N ASN I 31 27.65 6.35 -5.00
CA ASN I 31 26.35 6.98 -5.32
C ASN I 31 26.50 8.00 -6.47
N MET I 32 25.72 7.81 -7.55
CA MET I 32 25.75 8.67 -8.74
C MET I 32 24.52 9.59 -8.80
N HIS I 33 24.76 10.90 -8.76
CA HIS I 33 23.69 11.90 -8.69
C HIS I 33 23.39 12.41 -10.09
N TRP I 34 22.12 12.38 -10.50
CA TRP I 34 21.69 12.88 -11.82
C TRP I 34 20.95 14.24 -11.69
N TYR I 35 21.05 15.08 -12.73
CA TYR I 35 20.36 16.40 -12.84
C TYR I 35 19.79 16.60 -14.25
N GLN I 36 18.59 17.15 -14.34
CA GLN I 36 17.92 17.47 -15.62
C GLN I 36 17.99 18.98 -15.89
N GLN I 37 18.40 19.37 -17.09
CA GLN I 37 18.49 20.79 -17.49
C GLN I 37 17.91 21.02 -18.90
N LYS I 38 17.17 22.11 -19.07
CA LYS I 38 16.74 22.62 -20.38
C LYS I 38 17.55 23.89 -20.67
N PRO I 39 17.79 24.20 -21.95
CA PRO I 39 18.67 25.34 -22.22
C PRO I 39 17.99 26.63 -21.79
N GLY I 40 18.70 27.47 -21.01
CA GLY I 40 18.14 28.72 -20.47
C GLY I 40 17.72 28.63 -19.00
N SER I 41 17.03 27.54 -18.64
CA SER I 41 16.64 27.27 -17.24
C SER I 41 17.83 26.70 -16.44
N SER I 42 17.80 26.88 -15.12
CA SER I 42 18.79 26.27 -14.19
C SER I 42 18.64 24.74 -14.14
N PRO I 43 19.75 24.00 -13.97
CA PRO I 43 19.61 22.55 -13.86
C PRO I 43 18.95 22.21 -12.53
N LYS I 44 18.02 21.24 -12.55
CA LYS I 44 17.21 20.82 -11.37
C LYS I 44 17.39 19.33 -11.00
N PRO I 45 17.81 19.01 -9.75
CA PRO I 45 18.03 17.61 -9.31
C PRO I 45 16.93 16.59 -9.62
N TRP I 46 17.31 15.48 -10.27
CA TRP I 46 16.39 14.44 -10.74
C TRP I 46 16.55 13.13 -9.94
N LEU I 47 17.79 12.76 -9.59
CA LEU I 47 18.04 11.61 -8.70
C LEU I 47 19.24 11.89 -7.75
N HIS I 48 19.17 11.33 -6.54
CA HIS I 48 20.32 11.27 -5.59
C HIS I 48 20.60 9.80 -5.27
N GLY I 49 21.62 9.50 -4.47
CA GLY I 49 21.99 8.08 -4.20
C GLY I 49 22.36 7.43 -5.52
N THR I 50 21.80 6.25 -5.80
CA THR I 50 21.76 5.74 -7.18
C THR I 50 20.29 5.55 -7.61
N SER I 51 19.56 4.76 -6.83
CA SER I 51 18.15 4.45 -7.09
C SER I 51 17.18 5.55 -6.67
N ASN I 52 17.48 6.29 -5.59
CA ASN I 52 16.55 7.31 -5.05
C ASN I 52 16.28 8.41 -6.08
N LEU I 53 15.06 8.91 -6.11
CA LEU I 53 14.62 9.91 -7.11
C LEU I 53 14.08 11.13 -6.37
N ALA I 54 14.49 12.32 -6.80
CA ALA I 54 14.32 13.55 -6.00
C ALA I 54 12.87 14.05 -6.00
N SER I 55 12.62 15.04 -5.15
CA SER I 55 11.41 15.86 -5.23
C SER I 55 11.58 16.85 -6.38
N GLY I 56 10.46 17.23 -6.99
CA GLY I 56 10.42 18.00 -8.24
C GLY I 56 9.60 17.39 -9.37
N VAL I 57 8.61 16.55 -9.02
CA VAL I 57 7.78 15.79 -9.96
C VAL I 57 8.58 15.01 -11.02
N PRO I 58 9.44 14.06 -10.58
CA PRO I 58 9.86 12.99 -11.46
C PRO I 58 9.13 11.68 -11.10
N VAL I 59 8.55 11.02 -12.10
CA VAL I 59 8.17 9.61 -11.99
C VAL I 59 8.72 8.96 -13.26
N ARG I 60 8.70 7.62 -13.31
CA ARG I 60 9.11 6.84 -14.50
C ARG I 60 10.60 6.99 -14.89
N PHE I 61 11.44 7.45 -13.94
CA PHE I 61 12.89 7.63 -14.10
C PHE I 61 13.66 6.75 -13.07
N SER I 62 13.81 5.46 -13.38
CA SER I 62 14.54 4.52 -12.49
C SER I 62 16.05 4.81 -12.49
N GLY I 63 16.72 4.45 -11.39
CA GLY I 63 18.18 4.52 -11.28
C GLY I 63 18.76 3.17 -10.91
N SER I 64 19.85 2.76 -11.57
CA SER I 64 20.58 1.52 -11.25
C SER I 64 22.09 1.73 -11.45
N GLY I 65 22.91 0.91 -10.78
CA GLY I 65 24.38 0.93 -10.97
C GLY I 65 25.23 0.69 -9.73
N SER I 66 26.50 0.33 -9.97
CA SER I 66 27.54 0.20 -8.93
C SER I 66 28.92 0.15 -9.57
N GLY I 67 29.98 0.23 -8.75
CA GLY I 67 31.35 0.23 -9.24
C GLY I 67 31.61 1.39 -10.17
N THR I 68 32.01 1.10 -11.42
CA THR I 68 32.32 2.13 -12.44
C THR I 68 31.21 2.44 -13.43
N SER I 69 30.26 1.52 -13.60
CA SER I 69 29.16 1.63 -14.59
C SER I 69 27.85 2.06 -13.88
N PHE I 70 27.27 3.20 -14.29
CA PHE I 70 26.04 3.77 -13.67
C PHE I 70 25.00 4.23 -14.71
N SER I 71 23.81 3.62 -14.71
CA SER I 71 22.74 3.94 -15.69
C SER I 71 21.59 4.78 -15.12
N LEU I 72 20.94 5.56 -16.01
CA LEU I 72 19.65 6.23 -15.74
C LEU I 72 18.54 5.61 -16.62
N THR I 73 17.72 4.75 -16.02
CA THR I 73 16.63 4.02 -16.71
C THR I 73 15.24 4.54 -16.32
N ARG I 76 8.35 4.39 -22.25
CA ARG I 76 8.82 5.23 -21.15
C ARG I 76 8.85 6.74 -21.50
N VAL I 77 9.73 7.15 -22.43
CA VAL I 77 9.92 8.60 -22.75
C VAL I 77 8.63 9.31 -23.13
N GLU I 78 8.57 10.59 -22.76
CA GLU I 78 7.51 11.51 -23.20
C GLU I 78 8.13 12.80 -23.75
N ALA I 79 7.32 13.64 -24.41
CA ALA I 79 7.81 14.89 -25.00
C ALA I 79 8.51 15.74 -23.94
N GLU I 80 7.85 15.88 -22.80
CA GLU I 80 8.27 16.82 -21.73
C GLU I 80 9.66 16.55 -21.10
N ASP I 81 10.28 15.38 -21.38
CA ASP I 81 11.59 15.02 -20.78
C ASP I 81 12.83 15.50 -21.59
N ALA I 82 12.65 16.41 -22.57
CA ALA I 82 13.72 16.85 -23.50
C ALA I 82 14.77 17.78 -22.88
N ALA I 83 15.91 17.20 -22.54
CA ALA I 83 16.77 17.74 -21.51
C ALA I 83 18.04 16.91 -21.41
N THR I 84 19.09 17.49 -20.83
CA THR I 84 20.40 16.85 -20.62
C THR I 84 20.50 16.25 -19.21
N TYR I 85 21.01 15.02 -19.10
CA TYR I 85 21.18 14.39 -17.80
C TYR I 85 22.69 14.29 -17.47
N PHE I 86 23.14 15.17 -16.58
CA PHE I 86 24.52 15.18 -16.10
C PHE I 86 24.58 14.24 -14.93
N CYS I 87 25.58 13.36 -14.91
CA CYS I 87 25.89 12.55 -13.73
C CYS I 87 26.96 13.29 -12.89
N GLN I 88 26.98 13.06 -11.57
CA GLN I 88 27.88 13.75 -10.62
C GLN I 88 28.21 12.81 -9.44
N GLN I 89 29.50 12.65 -9.10
CA GLN I 89 29.88 11.86 -7.89
C GLN I 89 30.37 12.76 -6.78
N TRP I 90 30.20 12.31 -5.53
CA TRP I 90 31.04 12.80 -4.45
C TRP I 90 31.51 11.69 -3.48
N SER I 91 31.92 10.54 -4.02
CA SER I 91 32.69 9.51 -3.28
C SER I 91 34.19 9.83 -3.29
N ASN I 92 34.67 10.33 -4.42
CA ASN I 92 36.05 10.79 -4.57
C ASN I 92 35.97 12.31 -4.47
N HIS I 93 37.02 12.96 -3.95
CA HIS I 93 37.16 14.43 -3.96
C HIS I 93 38.40 14.80 -4.81
N PRO I 94 38.32 15.78 -5.72
CA PRO I 94 37.23 16.74 -5.91
C PRO I 94 36.04 16.20 -6.67
N PRO I 95 34.81 16.66 -6.34
CA PRO I 95 33.64 16.13 -7.05
C PRO I 95 33.61 16.60 -8.50
N THR I 96 33.16 15.74 -9.40
CA THR I 96 33.17 16.00 -10.85
C THR I 96 31.83 15.62 -11.46
N PHE I 97 31.42 16.35 -12.51
CA PHE I 97 30.18 16.06 -13.28
C PHE I 97 30.45 15.24 -14.54
N GLY I 98 29.37 14.79 -15.19
CA GLY I 98 29.43 14.08 -16.46
C GLY I 98 29.27 15.02 -17.64
N GLY I 99 29.70 14.57 -18.82
CA GLY I 99 29.69 15.41 -20.04
C GLY I 99 28.33 15.80 -20.58
N GLY I 100 27.31 14.97 -20.34
CA GLY I 100 25.92 15.29 -20.65
C GLY I 100 25.37 14.54 -21.84
N THR I 101 24.21 13.94 -21.67
CA THR I 101 23.53 13.10 -22.68
C THR I 101 22.19 13.76 -23.08
N LYS I 102 22.19 14.58 -24.15
CA LYS I 102 20.99 15.30 -24.62
C LYS I 102 19.91 14.30 -25.05
N LEU I 103 18.68 14.45 -24.53
CA LEU I 103 17.52 13.64 -24.98
C LEU I 103 16.66 14.50 -25.90
N GLU I 104 16.38 13.99 -27.10
CA GLU I 104 15.54 14.67 -28.10
C GLU I 104 14.52 13.70 -28.72
N PHE J 2 14.49 26.80 -0.06
CA PHE J 2 14.33 26.02 -1.33
C PHE J 2 14.16 26.90 -2.60
N GLN J 3 14.49 28.19 -2.51
CA GLN J 3 14.72 29.08 -3.65
C GLN J 3 15.98 29.91 -3.34
N LEU J 4 16.80 30.18 -4.36
CA LEU J 4 18.01 30.99 -4.19
C LEU J 4 18.19 32.02 -5.33
N GLN J 5 17.65 33.23 -5.13
CA GLN J 5 17.80 34.34 -6.09
C GLN J 5 19.25 34.74 -6.18
N GLN J 6 19.76 34.84 -7.41
CA GLN J 6 21.17 35.18 -7.70
C GLN J 6 21.25 36.59 -8.28
N SER J 7 22.42 37.20 -8.15
CA SER J 7 22.73 38.54 -8.70
C SER J 7 22.58 38.66 -10.23
N GLY J 8 22.59 39.89 -10.74
CA GLY J 8 22.42 40.16 -12.17
C GLY J 8 23.68 39.86 -12.98
N PRO J 9 23.53 39.58 -14.31
CA PRO J 9 24.69 39.38 -15.21
C PRO J 9 25.69 40.55 -15.20
N GLU J 10 26.99 40.25 -15.18
CA GLU J 10 28.06 41.27 -15.06
C GLU J 10 29.09 41.19 -16.18
N LEU J 11 29.03 42.13 -17.13
CA LEU J 11 30.12 42.31 -18.08
C LEU J 11 31.29 42.92 -17.29
N VAL J 12 32.48 42.31 -17.40
CA VAL J 12 33.67 42.68 -16.61
C VAL J 12 34.94 42.69 -17.46
N LYS J 13 35.70 43.80 -17.42
CA LYS J 13 36.91 43.93 -18.25
C LYS J 13 37.99 42.88 -17.90
N PRO J 14 38.73 42.36 -18.91
CA PRO J 14 39.88 41.47 -18.67
C PRO J 14 40.91 42.02 -17.67
N GLY J 15 41.21 41.22 -16.64
CA GLY J 15 42.14 41.60 -15.57
C GLY J 15 41.45 42.07 -14.29
N ALA J 16 40.25 42.66 -14.42
CA ALA J 16 39.47 43.12 -13.27
C ALA J 16 38.74 41.99 -12.60
N SER J 17 38.22 42.27 -11.40
CA SER J 17 37.50 41.31 -10.56
C SER J 17 35.99 41.68 -10.50
N VAL J 18 35.14 40.70 -10.16
CA VAL J 18 33.68 40.88 -9.93
C VAL J 18 33.25 40.15 -8.66
N LYS J 19 32.22 40.65 -7.97
CA LYS J 19 31.59 39.94 -6.83
C LYS J 19 30.13 39.66 -7.15
N ILE J 20 29.72 38.39 -7.08
CA ILE J 20 28.34 37.98 -7.42
C ILE J 20 27.72 37.36 -6.15
N SER J 21 26.42 37.60 -5.90
CA SER J 21 25.73 37.18 -4.67
C SER J 21 24.59 36.16 -4.90
N CYS J 22 24.29 35.37 -3.85
CA CYS J 22 23.17 34.41 -3.83
C CYS J 22 22.38 34.44 -2.50
N LYS J 23 21.36 35.29 -2.43
CA LYS J 23 20.49 35.34 -1.25
C LYS J 23 19.69 34.03 -1.12
N ALA J 24 19.58 33.52 0.10
CA ALA J 24 18.85 32.27 0.37
C ALA J 24 17.53 32.53 1.08
N SER J 25 16.47 31.88 0.61
CA SER J 25 15.12 32.04 1.16
C SER J 25 14.34 30.73 1.04
N GLY J 26 13.39 30.50 1.95
CA GLY J 26 12.61 29.25 2.03
C GLY J 26 13.20 28.22 2.98
N TYR J 27 14.45 28.43 3.39
CA TYR J 27 15.18 27.53 4.29
C TYR J 27 16.19 28.36 5.10
N SER J 28 16.47 27.93 6.32
CA SER J 28 17.42 28.62 7.18
C SER J 28 18.84 28.49 6.59
N PHE J 29 19.40 29.62 6.18
CA PHE J 29 20.68 29.67 5.45
C PHE J 29 21.87 28.95 6.12
N THR J 30 22.02 29.09 7.44
CA THR J 30 23.17 28.51 8.17
C THR J 30 23.17 26.99 8.32
N ASP J 31 22.00 26.37 8.11
CA ASP J 31 21.84 24.91 8.30
C ASP J 31 22.65 24.01 7.36
N TYR J 32 22.85 24.43 6.12
CA TYR J 32 23.52 23.60 5.11
C TYR J 32 24.68 24.34 4.45
N ASN J 33 25.63 23.60 3.89
CA ASN J 33 26.78 24.20 3.21
C ASN J 33 26.36 24.78 1.86
N ILE J 34 27.04 25.86 1.45
CA ILE J 34 26.84 26.48 0.13
C ILE J 34 28.06 26.17 -0.72
N ASN J 35 27.83 25.61 -1.92
CA ASN J 35 28.91 25.35 -2.89
C ASN J 35 28.61 26.13 -4.19
N TRP J 36 29.51 26.07 -5.18
CA TRP J 36 29.42 26.86 -6.44
C TRP J 36 29.92 26.12 -7.71
N MET J 37 29.08 26.00 -8.76
CA MET J 37 29.48 25.45 -10.08
C MET J 37 29.69 26.53 -11.15
N LYS J 38 30.64 26.29 -12.06
CA LYS J 38 30.82 27.09 -13.30
C LYS J 38 30.44 26.26 -14.56
N GLN J 39 29.35 26.64 -15.27
CA GLN J 39 28.93 25.98 -16.55
C GLN J 39 29.33 26.81 -17.79
N SER J 40 30.38 26.39 -18.50
CA SER J 40 30.88 27.14 -19.68
C SER J 40 30.01 26.87 -20.92
N ASN J 41 30.33 27.52 -22.05
CA ASN J 41 29.59 27.32 -23.32
C ASN J 41 29.19 25.85 -23.57
N GLY J 42 30.18 24.95 -23.61
CA GLY J 42 29.91 23.52 -23.63
C GLY J 42 29.33 23.16 -22.28
N LYS J 43 28.24 22.40 -22.27
CA LYS J 43 27.53 22.06 -21.04
C LYS J 43 28.42 21.16 -20.17
N SER J 44 29.35 21.77 -19.43
CA SER J 44 30.35 21.07 -18.61
C SER J 44 30.48 21.73 -17.23
N LEU J 45 29.79 21.18 -16.25
CA LEU J 45 29.74 21.83 -14.94
C LEU J 45 30.99 21.42 -14.16
N GLU J 46 31.72 22.41 -13.61
CA GLU J 46 32.94 22.21 -12.79
C GLU J 46 32.73 22.78 -11.40
N TRP J 47 33.01 21.99 -10.37
CA TRP J 47 32.85 22.44 -8.99
C TRP J 47 33.99 23.36 -8.57
N ILE J 48 33.64 24.55 -8.09
CA ILE J 48 34.61 25.60 -7.75
C ILE J 48 35.04 25.54 -6.29
N GLY J 49 34.07 25.44 -5.38
CA GLY J 49 34.37 25.38 -3.95
C GLY J 49 33.17 25.33 -3.04
N VAL J 50 33.45 25.09 -1.75
CA VAL J 50 32.46 24.98 -0.66
C VAL J 50 32.65 26.16 0.33
N VAL J 51 31.54 26.65 0.92
CA VAL J 51 31.55 27.56 2.10
C VAL J 51 30.64 26.93 3.17
N ILE J 52 31.08 26.92 4.44
CA ILE J 52 30.19 26.64 5.58
C ILE J 52 29.66 27.99 6.12
N PRO J 53 28.35 28.28 5.98
CA PRO J 53 27.77 29.49 6.56
C PRO J 53 28.16 29.81 8.01
N LYS J 54 27.99 28.85 8.92
CA LYS J 54 28.22 29.12 10.34
C LYS J 54 29.64 29.60 10.67
N TYR J 55 30.66 28.97 10.11
CA TYR J 55 32.08 29.26 10.44
C TYR J 55 32.91 29.92 9.33
N GLY J 56 32.36 30.05 8.12
CA GLY J 56 33.12 30.51 6.96
C GLY J 56 34.32 29.64 6.60
N THR J 57 34.23 28.34 6.87
CA THR J 57 35.31 27.39 6.50
C THR J 57 35.16 27.08 5.03
N THR J 58 36.22 27.31 4.26
CA THR J 58 36.22 27.15 2.82
C THR J 58 37.03 25.93 2.37
N ASN J 59 36.65 25.32 1.24
CA ASN J 59 37.48 24.32 0.52
C ASN J 59 37.32 24.54 -0.98
N TYR J 60 38.42 24.70 -1.71
CA TYR J 60 38.38 24.94 -3.17
C TYR J 60 38.97 23.76 -3.99
N ASN J 61 38.45 23.57 -5.21
CA ASN J 61 39.11 22.72 -6.22
C ASN J 61 40.46 23.36 -6.55
N GLN J 62 41.49 22.53 -6.71
CA GLN J 62 42.81 23.03 -7.11
C GLN J 62 42.79 23.87 -8.39
N LYS J 63 41.92 23.54 -9.34
CA LYS J 63 41.74 24.31 -10.57
C LYS J 63 41.42 25.80 -10.34
N PHE J 64 40.61 26.12 -9.31
CA PHE J 64 40.17 27.50 -9.02
C PHE J 64 40.48 28.02 -7.61
N GLN J 65 41.61 27.63 -7.02
CA GLN J 65 41.97 28.07 -5.66
C GLN J 65 42.20 29.58 -5.60
N GLY J 66 43.02 30.08 -6.52
CA GLY J 66 43.34 31.50 -6.57
C GLY J 66 42.25 32.42 -7.10
N LYS J 67 41.48 31.95 -8.10
CA LYS J 67 40.41 32.72 -8.76
C LYS J 67 39.02 32.66 -8.10
N ALA J 68 38.90 32.08 -6.91
CA ALA J 68 37.66 32.17 -6.16
C ALA J 68 38.03 32.41 -4.70
N THR J 69 37.42 33.42 -4.10
CA THR J 69 37.47 33.67 -2.66
C THR J 69 36.02 33.64 -2.20
N LEU J 70 35.71 32.76 -1.25
CA LEU J 70 34.32 32.46 -0.88
C LEU J 70 34.01 32.98 0.52
N THR J 71 32.86 33.65 0.67
CA THR J 71 32.47 34.31 1.93
C THR J 71 30.94 34.33 2.07
N VAL J 72 30.47 34.70 3.26
CA VAL J 72 29.02 34.76 3.56
C VAL J 72 28.62 36.01 4.40
N ASP J 73 27.41 36.54 4.12
CA ASP J 73 26.75 37.54 4.96
C ASP J 73 25.87 36.81 5.99
N GLN J 74 26.46 36.44 7.14
CA GLN J 74 25.71 35.67 8.16
C GLN J 74 24.46 36.46 8.60
N SER J 75 24.66 37.77 8.84
CA SER J 75 23.59 38.70 9.22
C SER J 75 22.47 38.79 8.17
N SER J 76 22.80 39.11 6.91
CA SER J 76 21.80 39.24 5.83
C SER J 76 21.42 37.93 5.10
N SER J 77 21.93 36.79 5.58
CA SER J 77 21.61 35.47 5.03
C SER J 77 21.81 35.37 3.50
N THR J 78 22.95 35.90 3.01
CA THR J 78 23.38 35.75 1.60
C THR J 78 24.81 35.19 1.54
N ALA J 79 25.18 34.67 0.37
CA ALA J 79 26.52 34.10 0.10
C ALA J 79 27.14 34.79 -1.11
N TYR J 80 28.48 34.93 -1.09
CA TYR J 80 29.23 35.60 -2.16
C TYR J 80 30.34 34.72 -2.78
N ILE J 81 30.52 34.86 -4.09
CA ILE J 81 31.62 34.25 -4.86
C ILE J 81 32.36 35.42 -5.50
N GLN J 82 33.65 35.59 -5.20
CA GLN J 82 34.46 36.68 -5.77
C GLN J 82 35.45 36.16 -6.81
N LEU J 83 34.96 35.96 -8.04
CA LEU J 83 35.79 35.52 -9.18
C LEU J 83 36.87 36.57 -9.42
N ASN J 84 38.14 36.20 -9.49
CA ASN J 84 39.26 37.18 -9.57
C ASN J 84 40.09 37.14 -10.85
N SER J 85 40.56 38.33 -11.27
CA SER J 85 41.46 38.47 -12.43
C SER J 85 40.93 37.76 -13.68
N LEU J 86 39.73 38.16 -14.10
CA LEU J 86 38.98 37.46 -15.15
C LEU J 86 39.64 37.51 -16.54
N THR J 87 39.23 36.56 -17.38
CA THR J 87 39.66 36.45 -18.77
C THR J 87 38.61 35.67 -19.58
N SER J 88 38.84 35.53 -20.89
CA SER J 88 37.89 34.84 -21.77
C SER J 88 37.58 33.41 -21.31
N GLU J 89 38.63 32.69 -20.91
CA GLU J 89 38.53 31.28 -20.49
C GLU J 89 37.72 31.14 -19.19
N ASP J 90 37.76 32.15 -18.31
CA ASP J 90 36.94 32.22 -17.08
C ASP J 90 35.73 33.15 -17.31
N SER J 91 34.81 32.68 -18.15
CA SER J 91 33.54 33.38 -18.39
C SER J 91 32.45 32.33 -18.57
N ALA J 92 31.38 32.41 -17.77
CA ALA J 92 30.35 31.34 -17.68
C ALA J 92 29.06 31.74 -16.95
N VAL J 93 28.07 30.86 -17.00
CA VAL J 93 26.88 30.93 -16.13
C VAL J 93 27.28 30.31 -14.79
N TYR J 94 27.58 31.13 -13.77
CA TYR J 94 27.96 30.60 -12.44
C TYR J 94 26.69 30.31 -11.64
N TYR J 95 26.58 29.13 -11.02
CA TYR J 95 25.39 28.70 -10.24
C TYR J 95 25.68 28.55 -8.74
N CYS J 96 24.76 29.04 -7.88
CA CYS J 96 24.85 28.86 -6.41
C CYS J 96 24.06 27.62 -6.02
N THR J 97 24.69 26.71 -5.27
CA THR J 97 24.12 25.40 -4.92
C THR J 97 24.13 25.20 -3.40
N ARG J 98 23.08 24.61 -2.85
CA ARG J 98 23.05 24.15 -1.45
C ARG J 98 23.32 22.63 -1.45
N PHE J 99 24.17 22.15 -0.53
CA PHE J 99 24.47 20.71 -0.38
C PHE J 99 23.72 20.05 0.80
N ARG J 100 22.63 19.33 0.52
CA ARG J 100 21.94 18.51 1.56
C ARG J 100 22.44 17.05 1.58
N VAL J 101 22.31 16.37 0.45
CA VAL J 101 22.87 15.02 0.18
C VAL J 101 23.73 15.08 -1.09
N PHE J 102 23.14 15.77 -2.07
CA PHE J 102 23.70 16.19 -3.35
C PHE J 102 23.35 17.68 -3.45
N PHE J 103 23.31 18.26 -4.66
CA PHE J 103 22.97 19.68 -4.85
C PHE J 103 21.46 19.87 -5.08
N ASP J 104 20.68 19.77 -4.01
CA ASP J 104 19.19 19.78 -4.09
C ASP J 104 18.51 21.12 -4.42
N VAL J 105 19.19 22.25 -4.23
CA VAL J 105 18.65 23.57 -4.58
C VAL J 105 19.75 24.30 -5.36
N TRP J 106 19.47 24.66 -6.63
CA TRP J 106 20.41 25.46 -7.46
C TRP J 106 19.94 26.92 -7.61
N GLY J 107 20.88 27.81 -7.90
CA GLY J 107 20.60 29.24 -8.06
C GLY J 107 20.03 29.62 -9.43
N THR J 108 19.66 30.89 -9.59
CA THR J 108 19.15 31.42 -10.86
C THR J 108 20.20 31.37 -11.96
N GLY J 109 21.44 31.71 -11.58
CA GLY J 109 22.57 31.80 -12.52
C GLY J 109 22.91 33.24 -12.87
N THR J 110 24.20 33.52 -12.99
CA THR J 110 24.74 34.87 -13.28
C THR J 110 25.72 34.83 -14.47
N THR J 111 25.26 35.12 -15.69
CA THR J 111 26.18 35.11 -16.85
C THR J 111 27.22 36.23 -16.73
N VAL J 112 28.49 35.85 -16.66
CA VAL J 112 29.62 36.76 -16.59
C VAL J 112 30.41 36.57 -17.89
N THR J 113 30.30 37.53 -18.82
CA THR J 113 31.10 37.49 -20.06
C THR J 113 32.23 38.49 -19.90
N VAL J 114 33.48 38.07 -19.98
CA VAL J 114 34.60 39.04 -20.06
C VAL J 114 34.55 39.72 -21.44
N SER J 115 34.91 41.00 -21.50
CA SER J 115 35.03 41.74 -22.78
C SER J 115 35.71 43.10 -22.58
N SER J 116 36.70 43.41 -23.42
CA SER J 116 37.42 44.70 -23.35
C SER J 116 36.75 45.80 -24.20
N GLN K 1 65.80 -37.11 -22.60
CA GLN K 1 65.50 -35.73 -22.14
C GLN K 1 64.20 -35.56 -21.33
N ILE K 2 63.36 -36.59 -21.27
CA ILE K 2 62.27 -36.61 -20.28
C ILE K 2 62.83 -37.27 -19.02
N VAL K 3 62.53 -36.69 -17.86
CA VAL K 3 63.01 -37.17 -16.54
C VAL K 3 61.82 -37.70 -15.77
N LEU K 4 61.78 -39.01 -15.55
CA LEU K 4 60.79 -39.63 -14.67
C LEU K 4 61.37 -39.63 -13.26
N SER K 5 60.66 -39.01 -12.31
CA SER K 5 61.05 -38.99 -10.88
C SER K 5 59.97 -39.67 -10.04
N GLN K 6 60.33 -40.74 -9.32
CA GLN K 6 59.36 -41.55 -8.53
C GLN K 6 59.42 -41.11 -7.07
N SER K 7 58.29 -40.62 -6.54
CA SER K 7 58.26 -39.99 -5.19
C SER K 7 58.76 -40.85 -4.02
N PRO K 8 58.18 -42.04 -3.80
CA PRO K 8 58.34 -42.66 -2.45
C PRO K 8 59.72 -43.24 -2.06
N ALA K 9 60.33 -44.06 -2.92
CA ALA K 9 61.51 -44.90 -2.52
C ALA K 9 61.32 -45.74 -1.20
N ILE K 10 60.07 -46.19 -0.97
CA ILE K 10 59.67 -47.09 0.15
C ILE K 10 60.51 -48.37 0.14
N LYS K 18 47.05 -51.40 0.46
CA LYS K 18 47.33 -51.05 -0.93
C LYS K 18 48.34 -49.91 -1.08
N VAL K 19 49.61 -50.27 -1.03
CA VAL K 19 50.72 -49.31 -1.19
C VAL K 19 50.72 -48.84 -2.64
N THR K 20 50.96 -47.54 -2.86
CA THR K 20 50.94 -46.94 -4.22
C THR K 20 52.15 -46.03 -4.52
N MET K 21 53.09 -46.48 -5.36
CA MET K 21 54.15 -45.58 -5.85
C MET K 21 53.61 -44.71 -6.98
N THR K 22 54.28 -43.58 -7.23
CA THR K 22 53.94 -42.64 -8.32
C THR K 22 55.12 -42.43 -9.27
N CYS K 23 54.84 -41.88 -10.45
CA CYS K 23 55.85 -41.29 -11.38
C CYS K 23 55.37 -39.90 -11.81
N ARG K 24 56.22 -38.89 -11.67
CA ARG K 24 55.95 -37.55 -12.22
C ARG K 24 56.96 -37.33 -13.32
N ALA K 25 56.47 -37.08 -14.53
CA ALA K 25 57.31 -36.81 -15.69
C ALA K 25 57.53 -35.31 -15.86
N SER K 26 58.75 -34.95 -16.26
CA SER K 26 59.11 -33.56 -16.58
C SER K 26 58.26 -32.96 -17.71
N SER K 27 57.74 -33.79 -18.63
CA SER K 27 56.81 -33.37 -19.71
C SER K 27 55.74 -34.44 -19.92
N SER K 28 54.72 -34.14 -20.72
CA SER K 28 53.61 -35.11 -20.95
C SER K 28 54.04 -36.32 -21.77
N VAL K 29 53.81 -37.52 -21.21
CA VAL K 29 54.08 -38.79 -21.86
C VAL K 29 52.72 -39.40 -22.22
N CYS K 30 52.61 -40.00 -23.40
CA CYS K 30 51.35 -40.64 -23.85
C CYS K 30 50.99 -41.84 -22.96
N ASN K 31 51.96 -42.73 -22.76
CA ASN K 31 51.79 -44.01 -22.02
C ASN K 31 53.06 -44.29 -21.18
N MET K 32 52.90 -44.99 -20.04
CA MET K 32 54.00 -45.33 -19.12
C MET K 32 54.14 -46.83 -18.90
N HIS K 33 55.36 -47.35 -18.99
CA HIS K 33 55.63 -48.77 -18.81
C HIS K 33 56.32 -49.03 -17.47
N TRP K 34 56.08 -50.19 -16.86
CA TRP K 34 56.62 -50.51 -15.55
C TRP K 34 57.38 -51.83 -15.58
N TYR K 35 58.54 -51.86 -14.92
CA TYR K 35 59.36 -53.05 -14.85
C TYR K 35 59.72 -53.37 -13.41
N GLN K 36 59.36 -54.56 -12.94
CA GLN K 36 59.72 -54.99 -11.59
C GLN K 36 61.06 -55.72 -11.63
N GLN K 37 61.93 -55.41 -10.68
CA GLN K 37 63.26 -56.03 -10.59
C GLN K 37 63.52 -56.47 -9.13
N LYS K 38 64.41 -57.46 -8.94
CA LYS K 38 64.90 -57.91 -7.61
C LYS K 38 66.43 -58.03 -7.69
N PRO K 39 67.14 -58.12 -6.55
CA PRO K 39 68.60 -58.05 -6.67
C PRO K 39 69.16 -59.32 -7.34
N GLY K 40 70.10 -59.13 -8.27
CA GLY K 40 70.74 -60.24 -8.99
C GLY K 40 70.04 -60.76 -10.25
N SER K 41 68.75 -60.44 -10.41
CA SER K 41 67.88 -61.02 -11.46
C SER K 41 67.41 -59.99 -12.50
N SER K 42 67.51 -60.34 -13.80
CA SER K 42 67.06 -59.46 -14.90
C SER K 42 65.54 -59.11 -14.82
N PRO K 43 65.19 -57.83 -15.10
CA PRO K 43 63.80 -57.39 -14.92
C PRO K 43 62.86 -57.96 -15.95
N LYS K 44 61.60 -58.08 -15.57
CA LYS K 44 60.56 -58.60 -16.44
C LYS K 44 59.47 -57.54 -16.60
N PRO K 45 58.79 -57.54 -17.74
CA PRO K 45 57.67 -56.63 -17.98
C PRO K 45 56.52 -56.80 -16.98
N TRP K 46 56.12 -55.72 -16.30
CA TRP K 46 55.00 -55.81 -15.36
C TRP K 46 53.77 -55.00 -15.76
N LEU K 47 53.96 -53.81 -16.31
CA LEU K 47 52.83 -53.00 -16.74
C LEU K 47 53.18 -52.17 -17.97
N HIS K 48 52.26 -52.07 -18.92
CA HIS K 48 52.46 -51.29 -20.16
C HIS K 48 51.20 -50.53 -20.57
N GLY K 49 51.33 -49.66 -21.57
CA GLY K 49 50.23 -48.79 -22.00
C GLY K 49 49.43 -48.14 -20.88
N THR K 50 50.15 -47.54 -19.92
CA THR K 50 49.60 -46.87 -18.72
C THR K 50 49.08 -47.83 -17.63
N SER K 51 48.06 -48.62 -17.97
CA SER K 51 47.29 -49.48 -17.03
C SER K 51 47.24 -51.00 -17.31
N ASN K 52 47.69 -51.46 -18.47
CA ASN K 52 47.56 -52.89 -18.85
C ASN K 52 48.51 -53.78 -18.06
N LEU K 53 47.97 -54.79 -17.39
CA LEU K 53 48.78 -55.73 -16.60
C LEU K 53 49.53 -56.67 -17.53
N ALA K 54 50.86 -56.70 -17.45
CA ALA K 54 51.65 -57.60 -18.30
C ALA K 54 51.39 -59.05 -17.91
N SER K 55 51.51 -59.95 -18.87
CA SER K 55 51.29 -61.37 -18.61
C SER K 55 52.36 -61.89 -17.63
N GLY K 56 51.95 -62.83 -16.76
CA GLY K 56 52.83 -63.36 -15.71
C GLY K 56 52.82 -62.55 -14.42
N VAL K 57 51.93 -61.57 -14.34
CA VAL K 57 51.84 -60.69 -13.18
C VAL K 57 50.47 -60.82 -12.54
N PRO K 58 50.44 -61.06 -11.21
CA PRO K 58 49.18 -61.18 -10.47
C PRO K 58 48.18 -60.02 -10.63
N VAL K 59 46.89 -60.34 -10.49
CA VAL K 59 45.77 -59.45 -10.87
C VAL K 59 45.57 -58.26 -9.90
N ARG K 60 46.19 -58.32 -8.71
CA ARG K 60 46.09 -57.24 -7.72
C ARG K 60 46.59 -55.89 -8.29
N PHE K 61 47.59 -55.95 -9.17
CA PHE K 61 48.27 -54.74 -9.68
C PHE K 61 47.43 -53.89 -10.63
N SER K 62 47.62 -52.57 -10.52
CA SER K 62 46.91 -51.59 -11.35
C SER K 62 47.86 -50.49 -11.83
N GLY K 63 47.40 -49.75 -12.83
CA GLY K 63 48.06 -48.53 -13.33
C GLY K 63 47.01 -47.48 -13.66
N SER K 64 47.34 -46.21 -13.44
CA SER K 64 46.42 -45.10 -13.68
C SER K 64 47.15 -43.77 -13.83
N GLY K 65 46.44 -42.77 -14.35
CA GLY K 65 46.96 -41.40 -14.45
C GLY K 65 47.54 -41.04 -15.81
N SER K 66 47.18 -39.86 -16.32
CA SER K 66 47.60 -39.40 -17.64
C SER K 66 48.15 -37.98 -17.53
N GLY K 67 49.23 -37.71 -18.28
CA GLY K 67 49.85 -36.40 -18.37
C GLY K 67 51.27 -36.49 -17.87
N THR K 68 51.57 -35.80 -16.77
CA THR K 68 52.84 -35.94 -16.10
C THR K 68 52.71 -36.95 -14.94
N SER K 69 51.59 -36.89 -14.21
CA SER K 69 51.40 -37.71 -13.00
C SER K 69 50.75 -39.05 -13.34
N PHE K 70 51.57 -40.10 -13.32
CA PHE K 70 51.12 -41.50 -13.43
C PHE K 70 51.25 -42.14 -12.06
N SER K 71 50.51 -43.22 -11.84
CA SER K 71 50.49 -43.93 -10.54
C SER K 71 50.36 -45.44 -10.74
N LEU K 72 51.05 -46.21 -9.89
CA LEU K 72 50.95 -47.68 -9.89
C LEU K 72 50.38 -48.17 -8.53
N THR K 73 49.20 -48.82 -8.57
CA THR K 73 48.45 -49.23 -7.34
C THR K 73 48.50 -50.77 -7.13
N ILE K 74 49.35 -51.26 -6.22
CA ILE K 74 49.34 -52.70 -5.84
C ILE K 74 48.26 -52.93 -4.77
N SER K 75 47.13 -53.52 -5.15
CA SER K 75 46.04 -53.77 -4.19
C SER K 75 46.47 -54.85 -3.19
N ARG K 76 46.11 -54.67 -1.92
CA ARG K 76 46.35 -55.65 -0.86
C ARG K 76 47.75 -56.31 -0.93
N VAL K 77 48.78 -55.46 -0.95
CA VAL K 77 50.21 -55.87 -0.96
C VAL K 77 50.58 -57.21 -0.27
N GLU K 78 51.28 -58.10 -1.01
CA GLU K 78 51.84 -59.36 -0.47
C GLU K 78 53.20 -59.70 -1.12
N ALA K 79 54.04 -60.45 -0.39
CA ALA K 79 55.32 -60.94 -0.92
C ALA K 79 55.18 -62.41 -1.32
N THR K 84 61.08 -53.41 -6.43
CA THR K 84 62.01 -52.39 -6.89
C THR K 84 61.54 -51.82 -8.22
N TYR K 85 60.28 -51.42 -8.29
CA TYR K 85 59.59 -51.19 -9.59
C TYR K 85 60.04 -49.90 -10.30
N PHE K 86 60.55 -50.03 -11.52
CA PHE K 86 60.96 -48.86 -12.32
C PHE K 86 59.84 -48.49 -13.29
N CYS K 87 59.77 -47.21 -13.66
CA CYS K 87 58.78 -46.72 -14.62
C CYS K 87 59.55 -46.13 -15.81
N GLN K 88 59.23 -46.56 -17.04
CA GLN K 88 59.91 -46.08 -18.26
C GLN K 88 58.89 -45.62 -19.31
N GLN K 89 59.27 -44.59 -20.07
CA GLN K 89 58.44 -44.02 -21.15
C GLN K 89 59.16 -44.09 -22.49
N TRP K 90 58.41 -44.27 -23.59
CA TRP K 90 58.94 -44.00 -24.94
C TRP K 90 58.03 -43.12 -25.84
N SER K 91 57.20 -42.27 -25.25
CA SER K 91 56.44 -41.29 -26.02
C SER K 91 57.31 -40.12 -26.53
N ASN K 92 58.41 -39.87 -25.82
CA ASN K 92 59.42 -38.89 -26.22
C ASN K 92 60.74 -39.66 -26.39
N HIS K 93 61.55 -39.23 -27.35
CA HIS K 93 62.86 -39.81 -27.64
C HIS K 93 63.98 -38.94 -27.05
N PRO K 94 65.00 -39.49 -26.38
CA PRO K 94 65.20 -40.93 -26.19
C PRO K 94 64.38 -41.49 -25.01
N PRO K 95 64.26 -42.83 -24.93
CA PRO K 95 63.49 -43.46 -23.87
C PRO K 95 64.24 -43.41 -22.55
N THR K 96 63.49 -43.30 -21.45
CA THR K 96 64.05 -43.05 -20.13
C THR K 96 63.32 -43.82 -19.04
N PHE K 97 64.08 -44.13 -17.97
CA PHE K 97 63.63 -44.93 -16.83
C PHE K 97 63.57 -44.09 -15.55
N GLY K 98 62.69 -44.49 -14.64
CA GLY K 98 62.62 -43.87 -13.31
C GLY K 98 63.67 -44.45 -12.38
N GLY K 99 64.01 -43.69 -11.33
CA GLY K 99 65.01 -44.11 -10.33
C GLY K 99 64.77 -45.45 -9.65
N GLY K 100 63.55 -45.70 -9.17
CA GLY K 100 63.17 -46.99 -8.56
C GLY K 100 62.27 -46.86 -7.35
N PHE L 2 59.33 -66.81 -24.78
CA PHE L 2 60.55 -66.40 -25.58
C PHE L 2 61.68 -66.10 -24.61
N GLN L 3 62.88 -66.59 -24.91
CA GLN L 3 64.05 -66.36 -24.03
C GLN L 3 65.31 -65.99 -24.82
N LEU L 4 66.21 -65.24 -24.18
CA LEU L 4 67.43 -64.76 -24.84
C LEU L 4 68.69 -65.03 -23.98
N GLN L 5 69.33 -66.16 -24.25
CA GLN L 5 70.48 -66.63 -23.46
C GLN L 5 71.70 -65.75 -23.76
N GLN L 6 71.87 -64.74 -22.93
CA GLN L 6 72.93 -63.75 -23.10
C GLN L 6 74.31 -64.37 -22.83
N SER L 7 75.38 -63.83 -23.43
CA SER L 7 76.74 -64.41 -23.27
C SER L 7 77.29 -64.27 -21.83
N GLY L 8 78.31 -65.06 -21.48
CA GLY L 8 78.90 -65.02 -20.13
C GLY L 8 79.65 -63.72 -19.83
N PRO L 9 79.77 -63.33 -18.53
CA PRO L 9 80.48 -62.09 -18.13
C PRO L 9 81.95 -62.01 -18.54
N GLU L 10 82.43 -60.79 -18.81
CA GLU L 10 83.75 -60.54 -19.38
C GLU L 10 84.50 -59.49 -18.56
N LEU L 11 85.83 -59.58 -18.56
CA LEU L 11 86.69 -58.62 -17.86
C LEU L 11 87.42 -57.81 -18.92
N VAL L 12 87.43 -56.47 -18.75
CA VAL L 12 88.13 -55.55 -19.67
C VAL L 12 88.87 -54.48 -18.84
N LYS L 13 89.97 -53.96 -19.40
CA LYS L 13 90.82 -52.94 -18.75
C LYS L 13 90.90 -51.67 -19.65
N PRO L 14 91.49 -50.55 -19.12
CA PRO L 14 91.64 -49.28 -19.87
C PRO L 14 92.04 -49.34 -21.35
N GLY L 15 91.30 -48.64 -22.21
CA GLY L 15 91.62 -48.50 -23.64
C GLY L 15 91.04 -49.53 -24.61
N ALA L 16 90.52 -50.66 -24.10
CA ALA L 16 90.13 -51.82 -24.92
C ALA L 16 88.65 -51.83 -25.33
N SER L 17 88.32 -52.73 -26.27
CA SER L 17 86.99 -52.87 -26.87
C SER L 17 86.49 -54.30 -26.66
N VAL L 18 85.25 -54.47 -26.20
CA VAL L 18 84.66 -55.79 -25.91
C VAL L 18 83.35 -56.02 -26.69
N LYS L 19 83.07 -57.25 -27.09
CA LYS L 19 81.87 -57.60 -27.88
C LYS L 19 81.01 -58.55 -27.04
N ILE L 20 79.67 -58.40 -27.11
CA ILE L 20 78.70 -59.16 -26.27
C ILE L 20 77.52 -59.68 -27.11
N SER L 21 77.05 -60.92 -26.86
CA SER L 21 76.03 -61.61 -27.69
C SER L 21 74.72 -61.95 -26.95
N CYS L 22 73.56 -61.45 -27.45
CA CYS L 22 72.25 -61.67 -26.76
C CYS L 22 71.68 -63.10 -26.95
N LYS L 23 71.90 -63.69 -28.12
CA LYS L 23 71.39 -65.04 -28.46
C LYS L 23 69.86 -65.27 -28.21
N ALA L 24 69.07 -64.35 -28.75
CA ALA L 24 67.61 -64.53 -28.92
C ALA L 24 67.19 -65.90 -29.49
N SER L 25 66.12 -66.48 -28.92
CA SER L 25 65.49 -67.69 -29.46
C SER L 25 64.03 -67.86 -29.02
N GLY L 26 63.31 -68.74 -29.72
CA GLY L 26 61.93 -69.10 -29.35
C GLY L 26 60.82 -68.18 -29.83
N TYR L 27 61.20 -67.15 -30.60
CA TYR L 27 60.28 -66.15 -31.17
C TYR L 27 60.74 -65.77 -32.59
N SER L 28 59.84 -65.15 -33.36
CA SER L 28 60.12 -64.80 -34.76
C SER L 28 61.07 -63.59 -34.90
N PHE L 29 62.35 -63.81 -34.58
CA PHE L 29 63.44 -62.82 -34.74
C PHE L 29 63.42 -62.35 -36.21
N THR L 30 63.47 -61.03 -36.43
CA THR L 30 63.39 -60.33 -37.76
C THR L 30 62.05 -59.61 -37.91
N ASN L 33 62.52 -55.81 -33.36
CA ASN L 33 63.63 -54.92 -32.99
C ASN L 33 64.31 -55.33 -31.68
N ILE L 34 65.59 -54.99 -31.55
CA ILE L 34 66.42 -55.40 -30.41
C ILE L 34 67.16 -54.17 -29.86
N ASN L 35 67.11 -53.94 -28.53
CA ASN L 35 67.76 -52.77 -27.86
C ASN L 35 68.62 -53.22 -26.66
N TRP L 36 69.67 -52.45 -26.37
CA TRP L 36 70.58 -52.68 -25.20
C TRP L 36 70.44 -51.54 -24.18
N MET L 37 70.32 -51.86 -22.89
CA MET L 37 70.31 -50.85 -21.81
C MET L 37 71.47 -51.10 -20.88
N LYS L 38 72.23 -50.06 -20.56
CA LYS L 38 73.35 -50.19 -19.60
C LYS L 38 72.85 -49.92 -18.19
N GLN L 39 73.02 -50.88 -17.30
CA GLN L 39 72.68 -50.71 -15.87
C GLN L 39 73.95 -50.73 -15.04
N SER L 40 74.25 -49.59 -14.43
CA SER L 40 75.33 -49.47 -13.45
C SER L 40 74.82 -49.90 -12.08
N ASN L 41 75.73 -50.42 -11.25
CA ASN L 41 75.34 -51.03 -9.99
C ASN L 41 74.92 -49.94 -9.00
N GLY L 42 73.79 -50.18 -8.33
CA GLY L 42 73.20 -49.23 -7.38
C GLY L 42 72.41 -48.09 -8.02
N LYS L 43 72.21 -48.14 -9.33
CA LYS L 43 71.61 -47.04 -10.10
C LYS L 43 70.69 -47.60 -11.18
N SER L 44 69.92 -46.70 -11.79
CA SER L 44 68.85 -47.05 -12.72
C SER L 44 69.34 -47.43 -14.11
N LEU L 45 68.39 -47.82 -14.96
CA LEU L 45 68.65 -48.20 -16.35
C LEU L 45 68.71 -47.01 -17.33
N GLU L 46 69.56 -47.13 -18.36
CA GLU L 46 69.86 -46.07 -19.32
C GLU L 46 69.94 -46.71 -20.72
N TRP L 47 69.21 -46.18 -21.70
CA TRP L 47 69.07 -46.78 -23.04
C TRP L 47 70.23 -46.42 -23.95
N ILE L 48 70.85 -47.45 -24.55
CA ILE L 48 72.05 -47.30 -25.37
C ILE L 48 71.68 -47.08 -26.85
N GLY L 49 70.83 -47.95 -27.40
CA GLY L 49 70.46 -47.90 -28.83
C GLY L 49 69.50 -48.99 -29.32
N VAL L 50 69.16 -48.92 -30.61
CA VAL L 50 68.25 -49.91 -31.28
C VAL L 50 68.79 -50.40 -32.64
N VAL L 51 68.65 -51.71 -32.91
CA VAL L 51 68.91 -52.35 -34.21
C VAL L 51 67.63 -53.04 -34.68
N ILE L 52 67.27 -52.90 -35.96
CA ILE L 52 66.10 -53.61 -36.54
C ILE L 52 66.70 -54.83 -37.26
N PRO L 53 66.54 -56.07 -36.74
CA PRO L 53 67.30 -57.22 -37.30
C PRO L 53 67.21 -57.52 -38.82
N LYS L 54 66.09 -57.22 -39.48
CA LYS L 54 65.98 -57.48 -40.92
C LYS L 54 67.08 -56.76 -41.75
N TYR L 55 67.32 -55.47 -41.46
CA TYR L 55 68.34 -54.63 -42.16
C TYR L 55 69.44 -54.20 -41.19
N GLY L 56 70.34 -53.31 -41.61
CA GLY L 56 71.41 -52.81 -40.71
C GLY L 56 71.05 -51.52 -39.98
N THR L 57 69.74 -51.20 -39.88
CA THR L 57 69.28 -49.89 -39.46
C THR L 57 69.51 -49.75 -37.98
N THR L 58 70.32 -48.75 -37.61
CA THR L 58 70.68 -48.44 -36.22
C THR L 58 70.31 -47.02 -35.84
N ASN L 59 69.77 -46.82 -34.64
CA ASN L 59 69.59 -45.49 -34.03
C ASN L 59 70.23 -45.50 -32.66
N TYR L 60 71.05 -44.49 -32.35
CA TYR L 60 71.77 -44.39 -31.07
C TYR L 60 71.36 -43.14 -30.27
N ASN L 61 71.64 -43.20 -28.97
CA ASN L 61 71.44 -42.11 -27.99
C ASN L 61 72.50 -41.02 -28.16
N GLN L 62 72.18 -39.79 -27.74
CA GLN L 62 73.14 -38.69 -27.82
C GLN L 62 74.39 -39.06 -27.02
N LYS L 63 75.53 -38.87 -27.68
CA LYS L 63 76.86 -39.15 -27.11
C LYS L 63 77.22 -40.60 -26.74
N PHE L 64 76.43 -41.59 -27.20
CA PHE L 64 76.90 -42.98 -27.37
C PHE L 64 77.27 -43.22 -28.85
N GLN L 65 77.68 -42.17 -29.55
CA GLN L 65 78.46 -42.30 -30.78
C GLN L 65 79.89 -42.70 -30.39
N GLY L 66 80.43 -43.68 -31.11
CA GLY L 66 81.78 -44.20 -30.84
C GLY L 66 81.68 -45.45 -30.01
N LYS L 67 81.10 -45.31 -28.81
CA LYS L 67 80.81 -46.44 -27.93
C LYS L 67 79.62 -47.19 -28.51
N ALA L 68 79.43 -48.42 -28.05
CA ALA L 68 78.31 -49.27 -28.47
C ALA L 68 78.00 -49.24 -29.98
N THR L 69 78.88 -49.81 -30.81
CA THR L 69 78.60 -50.03 -32.24
C THR L 69 77.71 -51.27 -32.28
N LEU L 70 76.44 -51.09 -32.64
CA LEU L 70 75.46 -52.17 -32.70
C LEU L 70 75.29 -52.64 -34.13
N THR L 71 75.59 -53.90 -34.37
CA THR L 71 75.42 -54.55 -35.68
C THR L 71 74.73 -55.90 -35.46
N VAL L 72 74.00 -56.38 -36.47
CA VAL L 72 73.34 -57.71 -36.45
C VAL L 72 73.62 -58.40 -37.80
N ASP L 73 74.00 -59.68 -37.74
CA ASP L 73 73.98 -60.58 -38.93
C ASP L 73 73.06 -61.78 -38.58
N GLN L 74 72.01 -61.96 -39.38
CA GLN L 74 70.81 -62.72 -38.96
C GLN L 74 71.02 -64.21 -38.88
N SER L 75 71.88 -64.73 -39.77
CA SER L 75 72.18 -66.16 -39.93
C SER L 75 72.47 -66.81 -38.57
N SER L 76 73.46 -66.24 -37.89
CA SER L 76 73.74 -66.56 -36.50
C SER L 76 72.55 -66.07 -35.70
N SER L 77 72.02 -66.90 -34.82
CA SER L 77 70.87 -66.51 -34.00
C SER L 77 71.35 -65.62 -32.83
N THR L 78 71.72 -64.36 -33.12
CA THR L 78 72.25 -63.43 -32.10
C THR L 78 72.41 -61.96 -32.58
N ALA L 79 72.63 -61.07 -31.62
CA ALA L 79 72.92 -59.64 -31.87
C ALA L 79 74.17 -59.25 -31.09
N TYR L 80 75.04 -58.45 -31.71
CA TYR L 80 76.36 -58.09 -31.16
C TYR L 80 76.44 -56.59 -30.83
N ILE L 81 76.87 -56.26 -29.60
CA ILE L 81 77.08 -54.87 -29.12
C ILE L 81 78.57 -54.73 -28.78
N GLN L 82 79.32 -53.99 -29.59
CA GLN L 82 80.73 -53.75 -29.32
C GLN L 82 80.89 -52.43 -28.56
N LEU L 83 81.12 -52.51 -27.25
CA LEU L 83 81.51 -51.34 -26.44
C LEU L 83 83.00 -51.08 -26.63
N ASN L 84 83.40 -49.82 -26.81
CA ASN L 84 84.79 -49.44 -27.13
C ASN L 84 85.45 -48.55 -26.07
N SER L 85 86.77 -48.73 -25.93
CA SER L 85 87.62 -47.90 -25.08
C SER L 85 87.15 -47.80 -23.61
N LEU L 86 86.86 -48.95 -23.02
CA LEU L 86 86.18 -49.02 -21.72
C LEU L 86 87.00 -48.36 -20.60
N THR L 87 86.31 -47.58 -19.77
CA THR L 87 86.82 -47.04 -18.52
C THR L 87 85.98 -47.55 -17.33
N SER L 88 86.26 -47.06 -16.13
CA SER L 88 85.47 -47.39 -14.91
C SER L 88 83.96 -47.19 -15.08
N GLU L 89 83.58 -46.07 -15.70
CA GLU L 89 82.17 -45.74 -15.94
C GLU L 89 81.49 -46.81 -16.82
N ASP L 90 82.20 -47.29 -17.85
CA ASP L 90 81.67 -48.33 -18.75
C ASP L 90 81.46 -49.69 -18.06
N SER L 91 82.10 -49.95 -16.93
CA SER L 91 81.79 -51.16 -16.17
C SER L 91 80.36 -51.07 -15.65
N ALA L 92 79.55 -52.07 -16.01
CA ALA L 92 78.12 -52.08 -15.69
C ALA L 92 77.45 -53.41 -16.07
N VAL L 93 76.24 -53.63 -15.57
CA VAL L 93 75.35 -54.66 -16.12
C VAL L 93 74.95 -54.12 -17.52
N TYR L 94 75.00 -54.96 -18.56
CA TYR L 94 74.48 -54.63 -19.90
C TYR L 94 73.45 -55.68 -20.37
N TYR L 95 72.17 -55.40 -20.18
CA TYR L 95 71.09 -56.28 -20.67
C TYR L 95 70.83 -56.09 -22.19
N CYS L 96 70.28 -57.13 -22.84
CA CYS L 96 69.63 -57.03 -24.17
C CYS L 96 68.11 -57.07 -23.98
N THR L 97 67.36 -56.62 -24.99
CA THR L 97 65.89 -56.67 -24.96
C THR L 97 65.28 -56.77 -26.31
N ARG L 98 64.01 -57.15 -26.32
CA ARG L 98 63.23 -57.20 -27.52
C ARG L 98 62.18 -56.12 -27.42
N PHE L 99 61.98 -55.36 -28.50
CA PHE L 99 60.97 -54.30 -28.51
C PHE L 99 59.72 -54.60 -29.33
N ARG L 100 58.65 -54.96 -28.63
CA ARG L 100 57.34 -55.06 -29.23
C ARG L 100 56.43 -54.36 -28.25
N VAL L 101 56.08 -53.10 -28.56
CA VAL L 101 55.21 -52.17 -27.78
C VAL L 101 55.90 -51.49 -26.59
N PHE L 102 56.83 -52.23 -25.97
CA PHE L 102 57.75 -51.80 -24.90
C PHE L 102 58.81 -52.91 -24.77
N PHE L 103 59.50 -53.03 -23.63
CA PHE L 103 60.50 -54.11 -23.50
C PHE L 103 59.90 -55.44 -23.03
N ASP L 104 59.28 -56.12 -24.00
CA ASP L 104 58.64 -57.45 -23.88
C ASP L 104 59.39 -58.57 -23.17
N VAL L 105 60.67 -58.77 -23.49
CA VAL L 105 61.49 -59.80 -22.85
C VAL L 105 62.89 -59.28 -22.69
N TRP L 106 63.58 -59.74 -21.65
CA TRP L 106 64.91 -59.26 -21.32
C TRP L 106 65.94 -60.40 -21.23
N GLY L 107 67.17 -60.09 -21.69
CA GLY L 107 68.32 -60.99 -21.55
C GLY L 107 68.88 -61.00 -20.14
N THR L 108 69.62 -62.06 -19.80
CA THR L 108 70.08 -62.28 -18.41
C THR L 108 71.21 -61.35 -17.92
N GLY L 109 71.80 -60.57 -18.82
CA GLY L 109 72.87 -59.63 -18.48
C GLY L 109 74.29 -60.18 -18.49
N THR L 110 75.24 -59.35 -18.89
CA THR L 110 76.69 -59.59 -18.76
C THR L 110 77.25 -58.52 -17.81
N THR L 111 77.98 -58.92 -16.77
CA THR L 111 78.62 -57.94 -15.87
C THR L 111 80.01 -57.54 -16.38
N VAL L 112 80.07 -56.75 -17.45
CA VAL L 112 81.36 -56.20 -17.94
C VAL L 112 82.07 -55.42 -16.83
N THR L 113 83.37 -55.69 -16.62
CA THR L 113 84.22 -55.02 -15.60
C THR L 113 85.24 -54.11 -16.31
#